data_9GGQ
#
_entry.id   9GGQ
#
_cell.length_a   1.00
_cell.length_b   1.00
_cell.length_c   1.00
_cell.angle_alpha   90.00
_cell.angle_beta   90.00
_cell.angle_gamma   90.00
#
_symmetry.space_group_name_H-M   'P 1'
#
loop_
_entity.id
_entity.type
_entity.pdbx_description
1 polymer 'DNA gyrase subunit A'
2 polymer 'DNA gyrase subunit B'
3 polymer Mu217R
4 polymer Mu217F
5 non-polymer 'MAGNESIUM ION'
6 non-polymer '1-cyclopropyl-6-fluoro-8-methoxy-7-[(4aS,7aS)-octahydro-6H-pyrrolo[3,4-b]pyridin-6-yl]-4-oxo-1,4-dihydroquinoline-3-carboxylic acid'
7 water water
#
loop_
_entity_poly.entity_id
_entity_poly.type
_entity_poly.pdbx_seq_one_letter_code
_entity_poly.pdbx_strand_id
1 'polypeptide(L)'
;SSDLAREITPVNIEEELKSSYLDYAMSVIVGRALPDVRDGLKPVHRRVLYAMNVLGNDWNKAYKKSARVVGDVIGKYHPH
GDSAVYDTIVRMAQPFSLRYMLVDGQGNFGSIDGDSAAAMR(PTR)TEIRLAKIAHELMADLEKETVDFVDNYDGTEKIP
DVMPTKIPNLLVNGSSGIAVGMATNIPPHNLTEVINGCLAYIDDEDISIEGLMEHIPGPDFPTAAIINGRRGIEEAYRTG
RGKVYIRARAEVEVDAKTGRETIIVHEIPYQVNKARLIEKIAELVKEKRVEGISALRDESDKDGMRIVIEVKRDAVGEVV
LNNLYSQTQLQVSFGINMVALHHGQPKIMNLKDIIAAFVRHRREVVTRRTIFELRKARDRAHILEALAVALANIDPIIEL
IRHAPTPAEAKTALVANPWQLGNVAAMLERAGDDAARPEWLEPEFGVRDGLYYLTEQQAQAILDLRLQKLTGLEHEKLLD
EYKELLDQIAELLRILGSADRLMEVIREELELVREQFGDKRRTEITANSADINLEDLITQEDVVVTLSHQGYVKYQPLSE
YEAQRRGGKGKSAARIKEEDFIDRLLVANTHDHILCFSSRGRVYSMKVYQLPEATRGARGRPIVNLLPLEQDERITAILP
VTEFEEGVKVFMATANGTVKKTVLTEFNRLRTAGKVAIKLVDGDELIGVDLTSGEDEVMLFSAEGKVVRFKESSVRAMGC
NTTGVRGIRLGEGDKVVSLIVPRGDGAILTATQNGYGKRTAVAEYPTKSRATKGVISIKVTERNGLVVGAVQVDDCDQIM
MITDAGTLVRTRVSEISIVGRNTQGVILIRTAEDENVVGLQRVAEPVDEEDLDTIDGSAAEGDDEIAPEVDVDDEPEEEL
EVLFQ
;
A,C
2 'polypeptide(L)'
;GPSNSYDSSSIKVLKGLDAVRKRPGMYIGDTDDGTGLHHMVFEVVDNAIDEALAGHCKEIIVTIHADNSVSVQDDGRGIP
TGIHPEEGVSAAEVIMTVLHAGGKFDDNSYKVSGGLHGVGVSVVNALSQKLELVIQREGKIHRQIYEHGVPQAPLAVTGE
TEKTGTMVRFWPSLETFTNVTEFEYEILAKRLRELSFLNSGVSIRLRDKRDGKEDHFHYEGGIKAFVEYLNKNKTPIHPN
IFYFSTEKDGIGVEVALQWNDGFQENIYCFTNNIPQRDGGTHLAGFRAAMTRTLNAYMDKEGYSKKAKVSATGDDAREGL
IAVVSVKVPDPKFSSQTKDKLVSSEVKSAVEQQMNELLAEYLLENPTDAKIVVGKIIDAARAREAARRAREMTRRKGALD
LAGLPGKLADCQERDPALSELYLVEGDSAGGSAKQGRNRKNQAILPLKGKILNVEKARFDKMLSSQEVATLITALGCGIG
RDEYNPDKLRYHSIIIMTDADVDGSHIRTLLLTFFYRQMPEIVERGHVYIAQPPLYKVKKGKQEQYIKDDEAMDQYQISI
ALDGATLHTNASAPALAGEALEKLVSEYNATQKMINRMERRYPKAMLKELIYQPTLTEADLSDEQTVTRWVNALVSELND
KEQHGSQWKFDVHTNAEQNLFEPIVRVRTHGVDTDYPLDHEFITGGEYRRICTLGEKLRGLLEEDAFIERGERRQPVASF
EQALDWLVKESRRGLSIQRYKGLGEMNPEQLWETTMDPESRRMLRVTVKDAIAADQLFTTLMGDAVEPRRAFIEENALKA
ANIDIENLYFQ
;
B,D
3 'polydeoxyribonucleotide'
;(DT)(DT)(DC)(DC)(DT)(DG)(DC)(DG)(DC)(DG)(DT)(DC)(DC)(DT)(DT)(DA)(DT)(DA)(DT)(DG)
(DG)(DG)(DG)(DC)(DT)(DG)(DG)(DA)(DT)(DA)(DA)(DG)(DA)(DC)(DC)(DG)(DG)(DG)(DG)(DA)
(DA)(DC)(DA)(DG)(DG)(DA)(DA)(DA)(DT)(DT)(DT)(DT)(DT)(DG)(DA)(DT)(DG)(DC)(DC)(DA)
(DT)(DC)(DA)(DG)(DA)(DA)(DA)(DA)(DC)(DG)(DC)(DG)(DT)(DC)(DA)(DG)(DC)(DG)(DC)(DC)
(DG)(DC)(DT)(DC)(DT)(DG)(DA)(DG)(DG)(DC)(DA)(DA)(DT)(DA)(DA)(DA)(DC)(DA)(DG)(DA)
(DA)(DT)(DC)(DA)(DG)(DG)(DC)(DA)(DT)(DA)(DA)(DA)(DA)(DT)(DC)(DA)(DC)(DC)(DC)(DG)
(DC)(DA)(DC)(DA)(DG)(DA)(DT)(DT)(DT)(DT)(DT)(DT)(DA)(DA)(DA)(DA)(DC)(DG)(DC)(DG)
(DC)(DC)(DA)(DC)(DG)(DG)(DG)(DA)(DT)(DT)(DT)(DT)(DT)(DA)(DA)(DA)(DC)(DC)(DG)(DG)
(DT)(DA)(DT)(DT)(DT)(DA)(DA)(DC)(DG)(DG)(DT)(DG)(DT)(DA)(DT)(DG)(DA)(DA)(DT)(DC)
(DC)(DC)(DG)(DT)(DT)(DT)(DT)(DA)(DT)(DC)(DT)(DT)(DC)(DC)(DT)(DT)(DT)(DC)(DA)(DC)
(DT)(DT)(DT)(DC)(DT)(DT)(DT)(DC)(DT)(DC)(DC)(DA)(DG)(DT)
;
E,F
4 'polydeoxyribonucleotide'
;(DA)(DC)(DT)(DG)(DG)(DA)(DG)(DA)(DA)(DA)(DG)(DA)(DA)(DA)(DG)(DT)(DG)(DA)(DA)(DA)
(DG)(DG)(DA)(DA)(DG)(DA)(DT)(DA)(DA)(DA)(DA)(DC)(DG)(DG)(DG)(DA)(DT)(DT)(DC)(DA)
(DT)(DA)(DC)(DA)(DC)(DC)(DG)(DT)(DT)(DA)(DA)(DA)(DT)(DA)(DC)(DC)(DG)(DG)(DT)(DT)
(DT)(DA)(DA)(DA)(DA)(DA)(DT)(DC)(DC)(DC)(DG)(DT)(DG)(DG)(DC)(DG)(DC)(DG)(DT)(DT)
(DT)(DT)(DA)(DA)(DA)(DA)(DA)(DA)(DT)(DC)(DT)(DG)(DT)(DG)(DC)(DG)(DG)(DG)(DT)(DG)
(DA)(DT)(DT)(DT)(DT)(DA)(DT)(DG)(DC)(DC)(DT)(DG)(DA)(DT)(DT)(DC)(DT)(DG)(DT)(DT)
(DT)(DA)(DT)(DT)(DG)(DC)(DC)(DT)(DC)(DA)(DG)(DA)(DG)(DC)(DG)(DG)(DC)(DG)(DC)(DT)
(DG)(DA)(DC)(DG)(DC)(DG)(DT)(DT)(DT)(DT)(DC)(DT)(DG)(DA)(DT)(DG)(DG)(DC)(DA)(DT)
(DC)(DA)(DA)(DA)(DA)(DA)(DT)(DT)(DT)(DC)(DC)(DT)(DG)(DT)(DT)(DC)(DC)(DC)(DC)(DG)
(DG)(DT)(DC)(DT)(DT)(DA)(DT)(DC)(DC)(DA)(DG)(DC)(DC)(DC)(DC)(DA)(DT)(DA)(DT)(DA)
(DA)(DG)(DG)(DA)(DC)(DG)(DC)(DG)(DC)(DA)(DG)(DG)(DA)(DA)
;
H,G
#
loop_
_chem_comp.id
_chem_comp.type
_chem_comp.name
_chem_comp.formula
DA DNA linking 2'-DEOXYADENOSINE-5'-MONOPHOSPHATE 'C10 H14 N5 O6 P'
DC DNA linking 2'-DEOXYCYTIDINE-5'-MONOPHOSPHATE 'C9 H14 N3 O7 P'
DG DNA linking 2'-DEOXYGUANOSINE-5'-MONOPHOSPHATE 'C10 H14 N5 O7 P'
DT DNA linking THYMIDINE-5'-MONOPHOSPHATE 'C10 H15 N2 O8 P'
MFX non-polymer '1-cyclopropyl-6-fluoro-8-methoxy-7-[(4aS,7aS)-octahydro-6H-pyrrolo[3,4-b]pyridin-6-yl]-4-oxo-1,4-dihydroquinoline-3-carboxylic acid' 'C21 H24 F N3 O4'
MG non-polymer 'MAGNESIUM ION' 'Mg 2'
#
# COMPACT_ATOMS: atom_id res chain seq x y z
N GLU A 7 -5.75 36.99 -25.88
CA GLU A 7 -6.08 37.02 -27.29
C GLU A 7 -6.51 35.64 -27.78
N ILE A 8 -7.28 35.61 -28.86
CA ILE A 8 -7.83 34.37 -29.41
C ILE A 8 -7.13 34.06 -30.72
N THR A 9 -6.62 32.84 -30.86
CA THR A 9 -6.02 32.39 -32.11
C THR A 9 -6.74 31.14 -32.60
N PRO A 10 -7.00 31.04 -33.90
CA PRO A 10 -7.76 29.90 -34.42
C PRO A 10 -6.90 28.65 -34.57
N VAL A 11 -7.59 27.52 -34.71
CA VAL A 11 -6.94 26.22 -34.88
C VAL A 11 -7.89 25.32 -35.68
N ASN A 12 -7.31 24.47 -36.52
CA ASN A 12 -8.08 23.51 -37.29
C ASN A 12 -8.33 22.25 -36.48
N ILE A 13 -9.50 21.64 -36.70
CA ILE A 13 -9.91 20.51 -35.87
C ILE A 13 -9.09 19.26 -36.18
N GLU A 14 -8.65 19.09 -37.43
CA GLU A 14 -7.90 17.89 -37.80
C GLU A 14 -6.57 17.82 -37.07
N GLU A 15 -5.84 18.93 -37.02
CA GLU A 15 -4.54 18.94 -36.35
C GLU A 15 -4.68 18.65 -34.86
N GLU A 16 -5.67 19.27 -34.21
CA GLU A 16 -5.90 19.02 -32.80
C GLU A 16 -6.23 17.56 -32.54
N LEU A 17 -7.15 17.00 -33.32
CA LEU A 17 -7.50 15.59 -33.15
C LEU A 17 -6.28 14.70 -33.30
N LYS A 18 -5.51 14.91 -34.38
CA LYS A 18 -4.37 14.05 -34.66
C LYS A 18 -3.34 14.13 -33.55
N SER A 19 -2.98 15.35 -33.13
CA SER A 19 -1.94 15.50 -32.11
C SER A 19 -2.36 14.88 -30.79
N SER A 20 -3.59 15.18 -30.34
CA SER A 20 -4.04 14.65 -29.05
C SER A 20 -4.10 13.13 -29.06
N TYR A 21 -4.68 12.55 -30.11
CA TYR A 21 -4.83 11.11 -30.12
C TYR A 21 -3.48 10.41 -30.24
N LEU A 22 -2.55 10.96 -31.02
CA LEU A 22 -1.23 10.34 -31.12
C LEU A 22 -0.50 10.40 -29.79
N ASP A 23 -0.59 11.54 -29.09
CA ASP A 23 0.02 11.61 -27.76
C ASP A 23 -0.51 10.52 -26.85
N TYR A 24 -1.84 10.42 -26.75
CA TYR A 24 -2.44 9.44 -25.85
C TYR A 24 -2.04 8.02 -26.24
N ALA A 25 -2.12 7.69 -27.53
CA ALA A 25 -1.84 6.34 -27.98
C ALA A 25 -0.39 5.95 -27.71
N MET A 26 0.55 6.84 -28.04
CA MET A 26 1.96 6.50 -27.81
C MET A 26 2.26 6.36 -26.34
N SER A 27 1.72 7.24 -25.50
CA SER A 27 1.98 7.13 -24.07
C SER A 27 1.44 5.81 -23.52
N VAL A 28 0.23 5.43 -23.92
CA VAL A 28 -0.35 4.18 -23.41
C VAL A 28 0.42 2.97 -23.90
N ILE A 29 0.84 2.98 -25.17
CA ILE A 29 1.55 1.83 -25.72
C ILE A 29 2.91 1.66 -25.03
N VAL A 30 3.66 2.74 -24.87
CA VAL A 30 5.04 2.61 -24.41
C VAL A 30 5.18 2.62 -22.89
N GLY A 31 4.22 3.17 -22.15
CA GLY A 31 4.45 3.29 -20.73
C GLY A 31 3.35 2.83 -19.78
N ARG A 32 2.34 2.12 -20.25
CA ARG A 32 1.36 1.69 -19.27
C ARG A 32 0.99 0.22 -19.32
N ALA A 33 0.87 -0.37 -20.51
CA ALA A 33 0.13 -1.62 -20.66
C ALA A 33 0.91 -2.79 -21.22
N LEU A 34 2.14 -2.60 -21.69
CA LEU A 34 2.86 -3.73 -22.25
C LEU A 34 4.12 -4.02 -21.44
N PRO A 35 4.52 -5.27 -21.33
CA PRO A 35 5.71 -5.62 -20.54
C PRO A 35 7.00 -5.55 -21.34
N ASP A 36 8.09 -5.29 -20.63
CA ASP A 36 9.42 -5.36 -21.22
C ASP A 36 9.83 -6.81 -21.40
N VAL A 37 10.59 -7.07 -22.46
CA VAL A 37 10.96 -8.45 -22.78
C VAL A 37 12.12 -8.96 -21.94
N ARG A 38 12.82 -8.09 -21.23
CA ARG A 38 14.00 -8.50 -20.47
C ARG A 38 13.66 -8.93 -19.05
N ASP A 39 12.76 -8.24 -18.37
CA ASP A 39 12.34 -8.62 -17.03
C ASP A 39 10.88 -8.99 -16.91
N GLY A 40 10.04 -8.65 -17.88
CA GLY A 40 8.64 -9.05 -17.85
C GLY A 40 7.77 -8.28 -16.90
N LEU A 41 8.06 -7.01 -16.66
CA LEU A 41 7.30 -6.20 -15.73
C LEU A 41 6.77 -4.94 -16.41
N LYS A 42 5.62 -4.48 -15.96
CA LYS A 42 5.07 -3.18 -16.29
C LYS A 42 5.64 -2.13 -15.34
N PRO A 43 5.56 -0.85 -15.70
CA PRO A 43 6.16 0.18 -14.84
C PRO A 43 5.66 0.19 -13.41
N VAL A 44 4.39 -0.09 -13.18
CA VAL A 44 3.85 -0.03 -11.83
C VAL A 44 4.42 -1.14 -10.95
N HIS A 45 4.58 -2.35 -11.50
CA HIS A 45 5.20 -3.44 -10.75
C HIS A 45 6.62 -3.09 -10.36
N ARG A 46 7.38 -2.53 -11.30
CA ARG A 46 8.77 -2.17 -11.05
C ARG A 46 8.86 -1.11 -9.96
N ARG A 47 7.99 -0.10 -10.01
CA ARG A 47 8.02 0.95 -9.01
C ARG A 47 7.63 0.42 -7.63
N VAL A 48 6.63 -0.47 -7.56
CA VAL A 48 6.25 -1.04 -6.27
C VAL A 48 7.40 -1.84 -5.67
N LEU A 49 8.03 -2.69 -6.48
CA LEU A 49 9.14 -3.50 -5.98
C LEU A 49 10.30 -2.63 -5.53
N TYR A 50 10.63 -1.59 -6.30
CA TYR A 50 11.73 -0.72 -5.92
C TYR A 50 11.44 0.02 -4.62
N ALA A 51 10.21 0.50 -4.44
CA ALA A 51 9.86 1.18 -3.20
C ALA A 51 9.95 0.23 -2.00
N MET A 52 9.46 -1.00 -2.15
CA MET A 52 9.56 -1.95 -1.05
C MET A 52 11.01 -2.27 -0.73
N ASN A 53 11.86 -2.36 -1.75
CA ASN A 53 13.28 -2.61 -1.52
C ASN A 53 13.95 -1.45 -0.79
N VAL A 54 13.58 -0.21 -1.14
CA VAL A 54 14.18 0.96 -0.50
C VAL A 54 13.73 1.05 0.95
N LEU A 55 12.47 0.69 1.23
CA LEU A 55 11.98 0.76 2.62
C LEU A 55 12.69 -0.20 3.55
N GLY A 56 13.42 -1.18 3.03
CA GLY A 56 14.03 -2.18 3.86
C GLY A 56 13.08 -3.28 4.29
N ASN A 57 12.15 -3.66 3.43
CA ASN A 57 11.09 -4.61 3.76
C ASN A 57 11.49 -5.99 3.23
N ASP A 58 12.29 -6.70 4.02
CA ASP A 58 12.91 -7.94 3.58
C ASP A 58 12.04 -9.14 3.95
N TRP A 59 12.46 -10.33 3.49
CA TRP A 59 11.67 -11.55 3.65
C TRP A 59 11.83 -12.20 5.01
N ASN A 60 12.82 -11.80 5.80
CA ASN A 60 13.06 -12.40 7.11
C ASN A 60 12.98 -11.35 8.22
N LYS A 61 12.13 -10.34 8.04
CA LYS A 61 11.90 -9.30 9.03
C LYS A 61 10.39 -9.16 9.26
N ALA A 62 10.02 -8.19 10.08
CA ALA A 62 8.63 -8.01 10.45
C ALA A 62 7.82 -7.42 9.29
N TYR A 63 6.52 -7.63 9.34
CA TYR A 63 5.60 -7.09 8.35
C TYR A 63 5.44 -5.59 8.52
N LYS A 64 4.92 -4.95 7.47
CA LYS A 64 4.56 -3.54 7.51
C LYS A 64 3.15 -3.36 6.95
N LYS A 65 2.47 -2.31 7.41
CA LYS A 65 1.11 -2.07 6.96
C LYS A 65 1.09 -1.59 5.50
N SER A 66 0.03 -1.99 4.79
CA SER A 66 -0.05 -1.68 3.36
C SER A 66 -0.19 -0.19 3.10
N ALA A 67 -0.80 0.55 4.02
CA ALA A 67 -1.02 1.97 3.80
C ALA A 67 0.29 2.73 3.69
N ARG A 68 1.27 2.36 4.50
CA ARG A 68 2.59 3.01 4.44
C ARG A 68 3.24 2.83 3.08
N VAL A 69 3.21 1.59 2.57
CA VAL A 69 3.82 1.30 1.28
C VAL A 69 3.10 2.03 0.16
N VAL A 70 1.76 2.02 0.18
CA VAL A 70 1.00 2.72 -0.85
C VAL A 70 1.29 4.21 -0.81
N GLY A 71 1.38 4.78 0.39
CA GLY A 71 1.70 6.20 0.51
C GLY A 71 3.05 6.53 -0.07
N ASP A 72 4.07 5.72 0.25
CA ASP A 72 5.39 5.96 -0.34
C ASP A 72 5.35 5.86 -1.85
N VAL A 73 4.69 4.82 -2.38
CA VAL A 73 4.70 4.59 -3.82
C VAL A 73 4.04 5.75 -4.56
N ILE A 74 2.87 6.20 -4.09
CA ILE A 74 2.19 7.27 -4.82
C ILE A 74 2.69 8.66 -4.43
N GLY A 75 3.52 8.78 -3.40
CA GLY A 75 4.07 10.06 -3.05
C GLY A 75 5.47 10.30 -3.58
N LYS A 76 6.13 9.26 -4.10
CA LYS A 76 7.49 9.48 -4.59
C LYS A 76 7.71 9.02 -6.02
N TYR A 77 6.93 8.06 -6.52
CA TYR A 77 7.26 7.49 -7.83
C TYR A 77 6.11 7.47 -8.82
N HIS A 78 4.89 7.25 -8.35
CA HIS A 78 3.75 6.97 -9.22
C HIS A 78 2.67 8.04 -9.05
N PRO A 79 2.49 8.93 -10.02
CA PRO A 79 1.52 10.04 -9.87
C PRO A 79 0.10 9.70 -10.32
N HIS A 80 -0.52 8.74 -9.65
CA HIS A 80 -1.88 8.32 -10.00
C HIS A 80 -2.64 8.05 -8.71
N GLY A 81 -3.82 7.42 -8.84
CA GLY A 81 -4.64 7.11 -7.69
C GLY A 81 -4.10 5.93 -6.90
N ASP A 82 -4.61 5.79 -5.68
CA ASP A 82 -4.10 4.79 -4.74
C ASP A 82 -4.91 3.50 -4.71
N SER A 83 -6.20 3.55 -5.04
CA SER A 83 -7.01 2.34 -5.03
C SER A 83 -6.53 1.35 -6.08
N ALA A 84 -6.20 1.83 -7.28
CA ALA A 84 -5.68 0.95 -8.32
C ALA A 84 -4.33 0.37 -7.94
N VAL A 85 -3.49 1.16 -7.25
CA VAL A 85 -2.20 0.64 -6.80
C VAL A 85 -2.40 -0.47 -5.78
N TYR A 86 -3.33 -0.29 -4.85
CA TYR A 86 -3.60 -1.36 -3.89
C TYR A 86 -4.14 -2.60 -4.59
N ASP A 87 -5.00 -2.42 -5.59
CA ASP A 87 -5.50 -3.57 -6.35
C ASP A 87 -4.37 -4.29 -7.07
N THR A 88 -3.40 -3.53 -7.59
CA THR A 88 -2.24 -4.16 -8.23
C THR A 88 -1.41 -4.94 -7.23
N ILE A 89 -1.23 -4.39 -6.02
CA ILE A 89 -0.45 -5.08 -5.01
C ILE A 89 -1.14 -6.36 -4.56
N VAL A 90 -2.47 -6.35 -4.49
CA VAL A 90 -3.21 -7.52 -4.01
C VAL A 90 -3.02 -8.70 -4.95
N ARG A 91 -2.98 -8.46 -6.26
CA ARG A 91 -2.92 -9.55 -7.22
C ARG A 91 -1.58 -10.28 -7.19
N MET A 92 -0.51 -9.59 -6.79
CA MET A 92 0.82 -10.19 -6.76
C MET A 92 1.03 -11.11 -5.56
N ALA A 93 0.02 -11.30 -4.71
CA ALA A 93 0.14 -12.13 -3.52
C ALA A 93 -0.83 -13.28 -3.49
N GLN A 94 -1.64 -13.48 -4.53
CA GLN A 94 -2.65 -14.54 -4.54
C GLN A 94 -2.09 -15.80 -5.18
N PRO A 95 -2.16 -16.95 -4.50
CA PRO A 95 -1.58 -18.17 -5.07
C PRO A 95 -2.34 -18.71 -6.28
N PHE A 96 -3.57 -18.27 -6.51
CA PHE A 96 -4.35 -18.72 -7.65
C PHE A 96 -4.27 -17.75 -8.83
N SER A 97 -3.41 -16.74 -8.74
CA SER A 97 -3.18 -15.79 -9.83
C SER A 97 -1.78 -15.90 -10.41
N LEU A 98 -0.76 -15.94 -9.55
CA LEU A 98 0.63 -16.03 -9.98
C LEU A 98 1.18 -17.41 -9.71
N ARG A 99 1.93 -17.94 -10.68
CA ARG A 99 2.57 -19.24 -10.50
C ARG A 99 3.63 -19.19 -9.40
N TYR A 100 4.39 -18.09 -9.33
CA TYR A 100 5.36 -17.86 -8.27
C TYR A 100 5.11 -16.47 -7.70
N MET A 101 4.57 -16.41 -6.48
CA MET A 101 4.18 -15.14 -5.88
C MET A 101 5.40 -14.27 -5.60
N LEU A 102 5.21 -12.96 -5.69
CA LEU A 102 6.27 -11.99 -5.43
C LEU A 102 6.08 -11.21 -4.15
N VAL A 103 4.91 -11.29 -3.52
CA VAL A 103 4.63 -10.58 -2.27
C VAL A 103 4.12 -11.59 -1.26
N ASP A 104 4.44 -11.35 0.01
CA ASP A 104 4.03 -12.20 1.12
C ASP A 104 3.00 -11.46 1.96
N GLY A 105 1.81 -12.05 2.10
CA GLY A 105 0.70 -11.36 2.73
C GLY A 105 0.25 -11.94 4.07
N GLN A 106 -0.36 -11.09 4.89
CA GLN A 106 -0.84 -11.50 6.22
C GLN A 106 -2.22 -10.89 6.42
N GLY A 107 -3.26 -11.72 6.31
CA GLY A 107 -4.61 -11.24 6.47
C GLY A 107 -5.57 -11.83 5.45
N ASN A 108 -6.64 -11.10 5.14
CA ASN A 108 -7.66 -11.55 4.20
C ASN A 108 -7.37 -10.97 2.83
N PHE A 109 -6.88 -11.81 1.91
CA PHE A 109 -6.52 -11.38 0.57
C PHE A 109 -7.41 -11.99 -0.50
N GLY A 110 -8.60 -12.45 -0.15
CA GLY A 110 -9.51 -13.03 -1.11
C GLY A 110 -9.36 -14.54 -1.24
N SER A 111 -10.23 -15.12 -2.06
CA SER A 111 -10.25 -16.55 -2.24
C SER A 111 -10.66 -16.88 -3.68
N ILE A 112 -10.42 -18.13 -4.06
CA ILE A 112 -10.80 -18.59 -5.39
C ILE A 112 -12.31 -18.62 -5.56
N ASP A 113 -13.06 -18.60 -4.46
CA ASP A 113 -14.51 -18.61 -4.52
C ASP A 113 -15.08 -17.30 -5.06
N GLY A 114 -14.26 -16.27 -5.22
CA GLY A 114 -14.72 -14.99 -5.72
C GLY A 114 -14.84 -13.90 -4.68
N ASP A 115 -14.46 -14.16 -3.43
CA ASP A 115 -14.53 -13.14 -2.39
C ASP A 115 -13.48 -12.07 -2.62
N SER A 116 -13.79 -10.87 -2.17
CA SER A 116 -12.90 -9.72 -2.32
C SER A 116 -11.96 -9.61 -1.13
N ALA A 117 -10.88 -8.87 -1.32
CA ALA A 117 -9.92 -8.64 -0.26
C ALA A 117 -10.39 -7.52 0.67
N ALA A 118 -9.79 -7.47 1.86
CA ALA A 118 -10.10 -6.43 2.82
C ALA A 118 -9.42 -5.11 2.42
N ALA A 119 -9.90 -4.03 3.02
CA ALA A 119 -9.33 -2.72 2.78
C ALA A 119 -7.88 -2.66 3.27
N MET A 120 -7.17 -1.62 2.86
CA MET A 120 -5.74 -1.53 3.17
C MET A 120 -5.47 -1.05 4.58
N ARG A 121 -6.50 -0.80 5.38
CA ARG A 121 -6.31 -0.43 6.77
C ARG A 121 -6.23 -1.66 7.65
N PTR A 122 -6.37 -2.85 7.05
CA PTR A 122 -6.42 -4.09 7.81
C PTR A 122 -5.26 -5.05 7.58
O PTR A 122 -5.06 -5.95 8.39
CB PTR A 122 -7.72 -4.84 7.50
CG PTR A 122 -9.01 -4.10 7.80
CD1 PTR A 122 -9.45 -3.94 9.11
CD2 PTR A 122 -9.81 -3.61 6.79
CE1 PTR A 122 -10.63 -3.29 9.39
CE2 PTR A 122 -10.99 -2.95 7.06
CZ PTR A 122 -11.40 -2.79 8.36
OH PTR A 122 -12.51 -2.16 8.63
P PTR A 122 -13.96 -2.75 8.27
O1P PTR A 122 -14.21 -2.66 6.82
O2P PTR A 122 -14.05 -4.23 8.72
O3P PTR A 122 -15.04 -1.96 9.02
N THR A 123 -4.49 -4.88 6.51
CA THR A 123 -3.52 -5.91 6.09
C THR A 123 -2.04 -5.53 6.23
N GLU A 124 -1.16 -6.50 5.98
CA GLU A 124 0.29 -6.32 6.08
C GLU A 124 0.98 -7.14 5.01
N ILE A 125 2.16 -6.69 4.59
CA ILE A 125 2.89 -7.30 3.48
C ILE A 125 4.39 -7.24 3.73
N ARG A 126 5.13 -8.06 2.99
CA ARG A 126 6.59 -7.98 2.90
C ARG A 126 7.03 -8.73 1.65
N LEU A 127 8.31 -8.59 1.30
CA LEU A 127 8.83 -9.20 0.09
C LEU A 127 8.95 -10.71 0.23
N ALA A 128 8.75 -11.41 -0.88
CA ALA A 128 8.94 -12.85 -0.95
C ALA A 128 10.40 -13.18 -1.22
N LYS A 129 10.76 -14.44 -0.95
CA LYS A 129 12.16 -14.83 -1.03
C LYS A 129 12.66 -14.82 -2.47
N ILE A 130 11.81 -15.19 -3.43
CA ILE A 130 12.24 -15.21 -4.82
C ILE A 130 12.32 -13.80 -5.39
N ALA A 131 11.65 -12.83 -4.78
CA ALA A 131 11.71 -11.46 -5.27
C ALA A 131 13.06 -10.81 -5.04
N HIS A 132 13.90 -11.39 -4.18
CA HIS A 132 15.25 -10.86 -4.00
C HIS A 132 16.20 -11.25 -5.13
N GLU A 133 15.82 -12.24 -5.94
CA GLU A 133 16.62 -12.61 -7.10
C GLU A 133 16.32 -11.74 -8.32
N LEU A 134 15.22 -11.00 -8.32
CA LEU A 134 14.94 -10.06 -9.39
C LEU A 134 15.74 -8.76 -9.25
N MET A 135 16.25 -8.47 -8.06
CA MET A 135 16.95 -7.23 -7.78
C MET A 135 18.32 -7.50 -7.19
N ALA A 136 19.04 -8.48 -7.75
CA ALA A 136 20.37 -8.81 -7.27
C ALA A 136 21.41 -7.92 -7.92
N ASP A 137 22.40 -7.50 -7.13
CA ASP A 137 23.50 -6.66 -7.61
C ASP A 137 22.99 -5.33 -8.15
N LEU A 138 21.95 -4.79 -7.50
CA LEU A 138 21.38 -3.53 -7.95
C LEU A 138 22.26 -2.34 -7.61
N GLU A 139 23.19 -2.48 -6.67
CA GLU A 139 24.03 -1.39 -6.20
C GLU A 139 25.42 -1.40 -6.82
N LYS A 140 25.65 -2.19 -7.86
CA LYS A 140 26.96 -2.31 -8.49
C LYS A 140 26.94 -1.78 -9.92
N GLU A 141 26.06 -0.82 -10.20
CA GLU A 141 26.00 -0.13 -11.49
C GLU A 141 25.87 -1.10 -12.66
N THR A 142 24.77 -1.85 -12.64
CA THR A 142 24.48 -2.81 -13.68
C THR A 142 23.33 -2.39 -14.59
N VAL A 143 22.57 -1.37 -14.23
CA VAL A 143 21.47 -0.86 -15.03
C VAL A 143 21.48 0.66 -14.99
N ASP A 144 20.68 1.26 -15.86
CA ASP A 144 20.57 2.72 -15.95
C ASP A 144 19.42 3.22 -15.09
N PHE A 145 19.54 4.48 -14.66
CA PHE A 145 18.53 5.14 -13.84
C PHE A 145 17.95 6.33 -14.59
N VAL A 146 16.65 6.56 -14.39
CA VAL A 146 15.96 7.67 -15.04
C VAL A 146 15.33 8.56 -13.97
N ASP A 147 14.71 9.66 -14.39
CA ASP A 147 14.11 10.63 -13.49
C ASP A 147 12.63 10.34 -13.29
N ASN A 148 12.09 10.86 -12.19
CA ASN A 148 10.66 10.79 -11.92
C ASN A 148 9.98 12.02 -12.52
N TYR A 149 8.72 12.24 -12.17
CA TYR A 149 7.96 13.33 -12.76
C TYR A 149 8.39 14.70 -12.25
N ASP A 150 9.20 14.78 -11.20
CA ASP A 150 9.65 16.05 -10.66
C ASP A 150 11.15 16.29 -10.82
N GLY A 151 11.93 15.27 -11.11
CA GLY A 151 13.37 15.42 -11.12
C GLY A 151 13.99 15.44 -9.74
N THR A 152 13.35 14.82 -8.76
CA THR A 152 13.86 14.76 -7.40
C THR A 152 14.36 13.39 -6.98
N GLU A 153 13.80 12.32 -7.55
CA GLU A 153 14.21 10.95 -7.25
C GLU A 153 14.71 10.28 -8.52
N LYS A 154 15.21 9.06 -8.39
CA LYS A 154 15.65 8.27 -9.51
C LYS A 154 15.11 6.86 -9.42
N ILE A 155 14.77 6.29 -10.57
CA ILE A 155 14.14 4.97 -10.64
C ILE A 155 14.94 4.11 -11.61
N PRO A 156 15.10 2.81 -11.36
CA PRO A 156 15.79 1.96 -12.33
C PRO A 156 15.03 1.88 -13.64
N ASP A 157 15.77 1.68 -14.73
CA ASP A 157 15.16 1.53 -16.04
C ASP A 157 14.75 0.09 -16.32
N VAL A 158 15.46 -0.88 -15.74
CA VAL A 158 15.12 -2.29 -15.89
C VAL A 158 15.75 -3.03 -14.71
N MET A 159 15.25 -4.20 -14.41
CA MET A 159 15.82 -4.93 -13.28
C MET A 159 16.88 -5.92 -13.74
N PRO A 160 17.92 -6.13 -12.93
CA PRO A 160 18.96 -7.12 -13.26
C PRO A 160 18.60 -8.53 -12.78
N THR A 161 17.60 -9.12 -13.44
CA THR A 161 16.98 -10.34 -12.93
C THR A 161 17.79 -11.58 -13.28
N LYS A 162 17.74 -12.57 -12.38
CA LYS A 162 18.27 -13.89 -12.62
C LYS A 162 17.20 -14.90 -13.00
N ILE A 163 15.94 -14.49 -13.03
CA ILE A 163 14.81 -15.38 -13.29
C ILE A 163 14.19 -14.98 -14.62
N PRO A 164 13.92 -15.91 -15.52
CA PRO A 164 13.16 -15.56 -16.73
C PRO A 164 11.68 -15.35 -16.40
N ASN A 165 11.36 -14.15 -15.92
CA ASN A 165 10.05 -13.90 -15.31
C ASN A 165 8.92 -13.91 -16.33
N LEU A 166 9.17 -13.44 -17.55
CA LEU A 166 8.11 -13.32 -18.54
C LEU A 166 7.52 -14.68 -18.89
N LEU A 167 8.36 -15.69 -19.06
CA LEU A 167 7.85 -17.01 -19.43
C LEU A 167 7.22 -17.72 -18.23
N VAL A 168 7.77 -17.54 -17.03
CA VAL A 168 7.29 -18.31 -15.88
C VAL A 168 6.10 -17.68 -15.18
N ASN A 169 5.76 -16.42 -15.47
CA ASN A 169 4.58 -15.81 -14.88
C ASN A 169 3.56 -15.30 -15.87
N GLY A 170 3.91 -15.14 -17.14
CA GLY A 170 2.94 -14.68 -18.12
C GLY A 170 2.62 -13.21 -17.97
N SER A 171 1.65 -12.77 -18.77
CA SER A 171 1.22 -11.37 -18.77
C SER A 171 -0.06 -11.25 -19.59
N SER A 172 -0.76 -10.15 -19.39
CA SER A 172 -1.98 -9.86 -20.13
C SER A 172 -2.29 -8.38 -20.00
N GLY A 173 -2.46 -7.70 -21.14
CA GLY A 173 -2.75 -6.29 -21.13
C GLY A 173 -3.41 -5.84 -22.41
N ILE A 174 -4.14 -4.73 -22.31
CA ILE A 174 -4.90 -4.17 -23.43
C ILE A 174 -4.40 -2.77 -23.70
N ALA A 175 -4.03 -2.49 -24.95
CA ALA A 175 -3.54 -1.18 -25.35
C ALA A 175 -4.36 -0.65 -26.54
N VAL A 176 -3.91 0.44 -27.15
CA VAL A 176 -4.59 1.04 -28.28
C VAL A 176 -4.00 0.45 -29.55
N GLY A 177 -4.79 -0.36 -30.27
CA GLY A 177 -4.36 -0.99 -31.49
C GLY A 177 -3.76 -2.37 -31.34
N MET A 178 -3.52 -2.83 -30.12
CA MET A 178 -2.86 -4.11 -29.92
C MET A 178 -3.09 -4.58 -28.49
N ALA A 179 -2.79 -5.86 -28.25
CA ALA A 179 -2.96 -6.47 -26.93
C ALA A 179 -1.97 -7.61 -26.81
N THR A 180 -1.94 -8.25 -25.63
CA THR A 180 -1.02 -9.36 -25.37
C THR A 180 -1.70 -10.39 -24.47
N ASN A 181 -1.24 -11.64 -24.58
CA ASN A 181 -1.78 -12.73 -23.78
C ASN A 181 -0.75 -13.85 -23.74
N ILE A 182 -0.09 -14.04 -22.60
CA ILE A 182 0.98 -15.03 -22.48
C ILE A 182 0.71 -15.94 -21.29
N PRO A 183 0.78 -17.26 -21.45
CA PRO A 183 0.47 -18.18 -20.35
C PRO A 183 1.72 -18.49 -19.52
N PRO A 184 1.55 -18.91 -18.27
CA PRO A 184 2.71 -19.23 -17.42
C PRO A 184 3.28 -20.61 -17.70
N HIS A 185 4.51 -20.81 -17.24
CA HIS A 185 5.24 -22.06 -17.48
C HIS A 185 5.87 -22.60 -16.20
N ASN A 186 6.69 -23.65 -16.34
CA ASN A 186 7.36 -24.30 -15.22
C ASN A 186 8.83 -23.93 -15.22
N LEU A 187 9.38 -23.65 -14.03
CA LEU A 187 10.70 -23.04 -13.93
C LEU A 187 11.80 -24.00 -14.36
N THR A 188 11.73 -25.26 -13.93
CA THR A 188 12.79 -26.22 -14.25
C THR A 188 12.92 -26.43 -15.75
N GLU A 189 11.79 -26.55 -16.44
CA GLU A 189 11.83 -26.76 -17.88
C GLU A 189 12.43 -25.56 -18.61
N VAL A 190 12.09 -24.35 -18.18
CA VAL A 190 12.66 -23.16 -18.81
C VAL A 190 14.16 -23.09 -18.58
N ILE A 191 14.62 -23.44 -17.37
CA ILE A 191 16.06 -23.45 -17.11
C ILE A 191 16.76 -24.46 -17.99
N ASN A 192 16.18 -25.66 -18.13
CA ASN A 192 16.78 -26.67 -19.00
C ASN A 192 16.84 -26.18 -20.45
N GLY A 193 15.79 -25.52 -20.92
CA GLY A 193 15.81 -24.98 -22.27
C GLY A 193 16.89 -23.92 -22.46
N CYS A 194 17.06 -23.04 -21.46
CA CYS A 194 18.11 -22.03 -21.54
C CYS A 194 19.49 -22.67 -21.59
N LEU A 195 19.71 -23.69 -20.77
CA LEU A 195 21.00 -24.38 -20.80
C LEU A 195 21.25 -25.04 -22.16
N ALA A 196 20.21 -25.66 -22.73
CA ALA A 196 20.36 -26.26 -24.05
C ALA A 196 20.68 -25.22 -25.11
N TYR A 197 20.04 -24.05 -25.04
CA TYR A 197 20.35 -22.99 -26.00
C TYR A 197 21.78 -22.50 -25.85
N ILE A 198 22.25 -22.37 -24.60
CA ILE A 198 23.64 -21.97 -24.38
C ILE A 198 24.59 -23.00 -24.99
N ASP A 199 24.26 -24.28 -24.86
CA ASP A 199 25.11 -25.33 -25.41
C ASP A 199 25.13 -25.29 -26.94
N ASP A 200 23.97 -25.13 -27.57
CA ASP A 200 23.87 -25.34 -29.01
C ASP A 200 23.92 -24.06 -29.83
N GLU A 201 23.07 -23.08 -29.51
CA GLU A 201 23.04 -21.77 -30.16
C GLU A 201 22.45 -21.84 -31.57
N ASP A 202 22.18 -23.05 -32.07
CA ASP A 202 21.52 -23.24 -33.36
C ASP A 202 20.41 -24.27 -33.26
N ILE A 203 19.84 -24.47 -32.07
CA ILE A 203 18.80 -25.48 -31.88
C ILE A 203 17.49 -24.99 -32.49
N SER A 204 16.70 -25.93 -32.99
CA SER A 204 15.45 -25.62 -33.65
C SER A 204 14.30 -25.61 -32.64
N ILE A 205 13.08 -25.39 -33.16
CA ILE A 205 11.90 -25.39 -32.30
C ILE A 205 11.62 -26.80 -31.77
N GLU A 206 11.84 -27.82 -32.60
CA GLU A 206 11.62 -29.19 -32.15
C GLU A 206 12.59 -29.57 -31.05
N GLY A 207 13.83 -29.07 -31.11
CA GLY A 207 14.78 -29.35 -30.05
C GLY A 207 14.39 -28.72 -28.73
N LEU A 208 13.82 -27.52 -28.77
CA LEU A 208 13.43 -26.84 -27.54
C LEU A 208 12.21 -27.48 -26.90
N MET A 209 11.36 -28.14 -27.68
CA MET A 209 10.18 -28.79 -27.12
C MET A 209 10.49 -30.10 -26.43
N GLU A 210 11.72 -30.60 -26.55
CA GLU A 210 12.11 -31.75 -25.74
C GLU A 210 12.18 -31.40 -24.26
N HIS A 211 12.34 -30.13 -23.93
CA HIS A 211 12.43 -29.68 -22.55
C HIS A 211 11.22 -28.88 -22.09
N ILE A 212 10.53 -28.20 -22.99
CA ILE A 212 9.38 -27.38 -22.64
C ILE A 212 8.17 -27.90 -23.40
N PRO A 213 7.39 -28.82 -22.83
CA PRO A 213 6.27 -29.40 -23.58
C PRO A 213 5.06 -28.48 -23.70
N GLY A 214 4.86 -27.57 -22.74
CA GLY A 214 3.72 -26.69 -22.78
C GLY A 214 3.57 -25.85 -21.52
N PRO A 215 2.45 -25.15 -21.41
CA PRO A 215 2.23 -24.28 -20.24
C PRO A 215 1.93 -25.09 -18.98
N ASP A 216 1.82 -24.37 -17.87
CA ASP A 216 1.58 -24.98 -16.57
C ASP A 216 0.84 -23.96 -15.70
N PHE A 217 -0.47 -24.14 -15.56
CA PHE A 217 -1.30 -23.17 -14.87
C PHE A 217 -1.26 -23.39 -13.35
N PRO A 218 -1.48 -22.33 -12.56
CA PRO A 218 -1.46 -22.48 -11.10
C PRO A 218 -2.59 -23.35 -10.57
N THR A 219 -3.67 -23.56 -11.33
CA THR A 219 -4.85 -24.24 -10.86
C THR A 219 -5.01 -25.63 -11.46
N ALA A 220 -3.94 -26.19 -12.04
CA ALA A 220 -3.92 -27.55 -12.58
C ALA A 220 -4.87 -27.68 -13.77
N ALA A 221 -5.77 -28.67 -13.71
CA ALA A 221 -6.73 -29.01 -14.77
C ALA A 221 -6.06 -29.71 -15.94
N ILE A 222 -6.69 -29.68 -17.11
CA ILE A 222 -6.28 -30.49 -18.25
C ILE A 222 -6.25 -29.62 -19.50
N ILE A 223 -5.25 -29.86 -20.36
CA ILE A 223 -5.17 -29.25 -21.69
C ILE A 223 -5.60 -30.29 -22.71
N ASN A 224 -6.48 -29.90 -23.62
CA ASN A 224 -7.13 -30.81 -24.55
C ASN A 224 -6.61 -30.54 -25.96
N GLY A 225 -5.54 -31.24 -26.34
CA GLY A 225 -4.96 -31.09 -27.67
C GLY A 225 -3.55 -30.57 -27.66
N ARG A 226 -2.81 -30.75 -28.77
CA ARG A 226 -1.42 -30.34 -28.86
C ARG A 226 -1.09 -29.45 -30.05
N ARG A 227 -2.05 -29.21 -30.95
CA ARG A 227 -1.71 -28.49 -32.18
C ARG A 227 -1.52 -27.00 -31.93
N GLY A 228 -2.36 -26.41 -31.11
CA GLY A 228 -2.25 -24.99 -30.83
C GLY A 228 -0.95 -24.62 -30.15
N ILE A 229 -0.41 -25.51 -29.30
CA ILE A 229 0.84 -25.23 -28.62
C ILE A 229 1.98 -25.10 -29.62
N GLU A 230 2.08 -26.06 -30.54
CA GLU A 230 3.13 -26.01 -31.54
C GLU A 230 2.96 -24.81 -32.47
N GLU A 231 1.72 -24.52 -32.87
CA GLU A 231 1.48 -23.38 -33.74
C GLU A 231 1.87 -22.07 -33.06
N ALA A 232 1.58 -21.94 -31.76
CA ALA A 232 1.93 -20.72 -31.05
C ALA A 232 3.43 -20.59 -30.84
N TYR A 233 4.10 -21.69 -30.49
CA TYR A 233 5.55 -21.63 -30.29
C TYR A 233 6.29 -21.40 -31.59
N ARG A 234 5.70 -21.76 -32.74
CA ARG A 234 6.40 -21.57 -34.00
C ARG A 234 6.22 -20.18 -34.59
N THR A 235 5.03 -19.59 -34.46
CA THR A 235 4.74 -18.29 -35.04
C THR A 235 4.49 -17.20 -33.99
N GLY A 236 3.67 -17.48 -32.99
CA GLY A 236 3.38 -16.50 -31.98
C GLY A 236 1.91 -16.36 -31.65
N ARG A 237 1.06 -17.04 -32.42
CA ARG A 237 -0.39 -16.99 -32.22
C ARG A 237 -0.96 -18.39 -32.32
N GLY A 238 -1.78 -18.77 -31.36
CA GLY A 238 -2.42 -20.07 -31.36
C GLY A 238 -3.55 -20.11 -30.36
N LYS A 239 -4.28 -21.22 -30.37
CA LYS A 239 -5.47 -21.37 -29.53
C LYS A 239 -5.46 -22.74 -28.87
N VAL A 240 -5.75 -22.77 -27.57
CA VAL A 240 -5.78 -24.01 -26.80
C VAL A 240 -7.08 -24.08 -26.01
N TYR A 241 -7.41 -25.29 -25.56
CA TYR A 241 -8.62 -25.55 -24.80
C TYR A 241 -8.26 -26.08 -23.42
N ILE A 242 -8.84 -25.48 -22.38
CA ILE A 242 -8.63 -25.88 -21.00
C ILE A 242 -9.92 -26.51 -20.49
N ARG A 243 -9.82 -27.69 -19.90
CA ARG A 243 -10.97 -28.45 -19.47
C ARG A 243 -10.83 -28.84 -18.01
N ALA A 244 -11.94 -28.76 -17.28
CA ALA A 244 -11.95 -29.11 -15.87
C ALA A 244 -11.85 -30.61 -15.67
N ARG A 245 -11.48 -31.02 -14.46
CA ARG A 245 -11.35 -32.43 -14.10
C ARG A 245 -12.60 -32.85 -13.34
N ALA A 246 -13.44 -33.65 -13.99
CA ALA A 246 -14.68 -34.13 -13.40
C ALA A 246 -14.86 -35.60 -13.74
N GLU A 247 -15.66 -36.29 -12.94
CA GLU A 247 -15.88 -37.71 -13.13
C GLU A 247 -17.30 -38.07 -12.70
N VAL A 248 -17.78 -39.19 -13.22
CA VAL A 248 -19.12 -39.70 -12.94
C VAL A 248 -18.99 -41.01 -12.20
N GLU A 249 -19.71 -41.15 -11.09
CA GLU A 249 -19.68 -42.36 -10.29
C GLU A 249 -21.09 -42.84 -10.01
N VAL A 250 -21.24 -44.14 -9.85
CA VAL A 250 -22.54 -44.76 -9.63
C VAL A 250 -22.61 -45.29 -8.20
N ASP A 251 -23.84 -45.45 -7.72
CA ASP A 251 -24.08 -46.00 -6.40
C ASP A 251 -24.23 -47.51 -6.50
N ALA A 252 -23.53 -48.24 -5.63
CA ALA A 252 -23.52 -49.69 -5.72
C ALA A 252 -24.89 -50.29 -5.44
N LYS A 253 -25.69 -49.66 -4.58
CA LYS A 253 -26.97 -50.23 -4.18
C LYS A 253 -28.06 -49.94 -5.20
N THR A 254 -28.40 -48.67 -5.40
CA THR A 254 -29.54 -48.28 -6.21
C THR A 254 -29.16 -47.80 -7.60
N GLY A 255 -27.88 -47.79 -7.95
CA GLY A 255 -27.47 -47.36 -9.27
C GLY A 255 -27.74 -45.91 -9.57
N ARG A 256 -27.63 -45.04 -8.56
CA ARG A 256 -27.77 -43.60 -8.77
C ARG A 256 -26.42 -42.99 -9.10
N GLU A 257 -26.44 -41.89 -9.84
CA GLU A 257 -25.24 -41.26 -10.35
C GLU A 257 -25.11 -39.83 -9.84
N THR A 258 -23.87 -39.41 -9.63
CA THR A 258 -23.55 -38.04 -9.25
C THR A 258 -22.30 -37.62 -10.01
N ILE A 259 -22.10 -36.30 -10.08
CA ILE A 259 -20.95 -35.71 -10.76
C ILE A 259 -20.11 -34.96 -9.73
N ILE A 260 -18.82 -35.24 -9.70
CA ILE A 260 -17.89 -34.65 -8.74
C ILE A 260 -16.85 -33.85 -9.52
N VAL A 261 -16.69 -32.58 -9.17
CA VAL A 261 -15.74 -31.69 -9.81
C VAL A 261 -14.59 -31.44 -8.83
N HIS A 262 -13.36 -31.64 -9.30
CA HIS A 262 -12.17 -31.47 -8.47
C HIS A 262 -11.37 -30.22 -8.79
N GLU A 263 -11.26 -29.85 -10.06
CA GLU A 263 -10.48 -28.69 -10.47
C GLU A 263 -11.24 -27.93 -11.54
N ILE A 264 -10.98 -26.64 -11.64
CA ILE A 264 -11.65 -25.77 -12.62
C ILE A 264 -10.59 -25.01 -13.40
N PRO A 265 -10.94 -24.54 -14.59
CA PRO A 265 -9.95 -23.87 -15.45
C PRO A 265 -9.44 -22.57 -14.86
N TYR A 266 -8.46 -22.00 -15.57
CA TYR A 266 -7.76 -20.80 -15.14
C TYR A 266 -8.63 -19.56 -15.32
N GLN A 267 -8.58 -18.67 -14.33
CA GLN A 267 -9.29 -17.39 -14.35
C GLN A 267 -10.81 -17.56 -14.34
N VAL A 268 -11.29 -18.57 -13.62
CA VAL A 268 -12.72 -18.83 -13.44
C VAL A 268 -12.99 -18.91 -11.95
N ASN A 269 -14.05 -18.25 -11.50
CA ASN A 269 -14.43 -18.26 -10.09
C ASN A 269 -15.66 -19.13 -9.88
N LYS A 270 -15.73 -19.73 -8.69
CA LYS A 270 -16.68 -20.81 -8.43
C LYS A 270 -18.11 -20.29 -8.26
N ALA A 271 -18.28 -19.17 -7.56
CA ALA A 271 -19.62 -18.71 -7.22
C ALA A 271 -20.42 -18.34 -8.47
N ARG A 272 -19.78 -17.64 -9.42
CA ARG A 272 -20.46 -17.27 -10.64
C ARG A 272 -20.84 -18.50 -11.46
N LEU A 273 -19.96 -19.50 -11.49
CA LEU A 273 -20.26 -20.73 -12.21
C LEU A 273 -21.47 -21.44 -11.61
N ILE A 274 -21.53 -21.51 -10.27
CA ILE A 274 -22.65 -22.18 -9.62
C ILE A 274 -23.95 -21.41 -9.87
N GLU A 275 -23.88 -20.07 -9.82
CA GLU A 275 -25.07 -19.27 -10.11
C GLU A 275 -25.54 -19.49 -11.54
N LYS A 276 -24.60 -19.56 -12.49
CA LYS A 276 -24.98 -19.80 -13.88
C LYS A 276 -25.65 -21.15 -14.06
N ILE A 277 -25.10 -22.20 -13.41
CA ILE A 277 -25.72 -23.52 -13.53
C ILE A 277 -27.13 -23.50 -12.93
N ALA A 278 -27.30 -22.86 -11.77
CA ALA A 278 -28.62 -22.79 -11.17
C ALA A 278 -29.60 -22.04 -12.06
N GLU A 279 -29.15 -20.94 -12.67
CA GLU A 279 -30.02 -20.18 -13.55
C GLU A 279 -30.42 -20.98 -14.78
N LEU A 280 -29.49 -21.76 -15.34
CA LEU A 280 -29.83 -22.62 -16.46
C LEU A 280 -30.85 -23.68 -16.04
N VAL A 281 -30.68 -24.25 -14.86
CA VAL A 281 -31.63 -25.27 -14.38
C VAL A 281 -33.01 -24.67 -14.21
N LYS A 282 -33.09 -23.45 -13.66
CA LYS A 282 -34.39 -22.86 -13.37
C LYS A 282 -35.20 -22.60 -14.64
N GLU A 283 -34.54 -22.12 -15.70
CA GLU A 283 -35.22 -21.72 -16.92
C GLU A 283 -35.36 -22.85 -17.94
N LYS A 284 -35.20 -24.10 -17.50
CA LYS A 284 -35.43 -25.29 -18.32
C LYS A 284 -34.49 -25.38 -19.52
N ARG A 285 -33.38 -24.63 -19.51
CA ARG A 285 -32.44 -24.69 -20.62
C ARG A 285 -31.67 -26.00 -20.62
N VAL A 286 -31.44 -26.58 -19.45
CA VAL A 286 -30.73 -27.85 -19.31
C VAL A 286 -31.63 -28.80 -18.53
N GLU A 287 -31.67 -30.06 -18.96
CA GLU A 287 -32.52 -31.07 -18.34
C GLU A 287 -31.67 -32.21 -17.81
N GLY A 288 -32.08 -32.76 -16.66
CA GLY A 288 -31.42 -33.89 -16.05
C GLY A 288 -30.86 -33.65 -14.67
N ILE A 289 -30.94 -32.44 -14.12
CA ILE A 289 -30.33 -32.10 -12.84
C ILE A 289 -31.42 -32.01 -11.79
N SER A 290 -31.19 -32.62 -10.63
CA SER A 290 -32.14 -32.59 -9.53
C SER A 290 -31.61 -31.90 -8.28
N ALA A 291 -30.30 -31.75 -8.13
CA ALA A 291 -29.75 -31.10 -6.95
C ALA A 291 -28.42 -30.46 -7.30
N LEU A 292 -28.00 -29.50 -6.48
CA LEU A 292 -26.77 -28.77 -6.69
C LEU A 292 -26.26 -28.29 -5.34
N ARG A 293 -25.03 -28.65 -5.00
CA ARG A 293 -24.54 -28.43 -3.64
C ARG A 293 -23.03 -28.28 -3.67
N ASP A 294 -22.52 -27.41 -2.79
CA ASP A 294 -21.08 -27.17 -2.66
C ASP A 294 -20.61 -27.72 -1.33
N GLU A 295 -19.58 -28.59 -1.38
CA GLU A 295 -19.11 -29.28 -0.20
C GLU A 295 -17.59 -29.17 -0.06
N SER A 296 -17.01 -28.07 -0.53
CA SER A 296 -15.57 -27.88 -0.42
C SER A 296 -15.17 -27.73 1.04
N ASP A 297 -14.00 -28.26 1.38
CA ASP A 297 -13.51 -28.20 2.75
C ASP A 297 -11.98 -28.13 2.70
N LYS A 298 -11.34 -28.39 3.85
CA LYS A 298 -9.89 -28.28 3.94
C LYS A 298 -9.16 -29.36 3.18
N ASP A 299 -9.85 -30.42 2.74
CA ASP A 299 -9.23 -31.43 1.90
C ASP A 299 -9.18 -31.04 0.43
N GLY A 300 -9.90 -29.99 0.04
CA GLY A 300 -9.89 -29.55 -1.34
C GLY A 300 -11.26 -29.20 -1.88
N MET A 301 -11.31 -28.81 -3.15
CA MET A 301 -12.57 -28.46 -3.80
C MET A 301 -13.44 -29.69 -3.99
N ARG A 302 -14.75 -29.50 -3.91
CA ARG A 302 -15.70 -30.58 -4.12
C ARG A 302 -17.06 -29.99 -4.44
N ILE A 303 -17.55 -30.23 -5.65
CA ILE A 303 -18.86 -29.76 -6.09
C ILE A 303 -19.67 -30.99 -6.49
N VAL A 304 -20.91 -31.06 -6.02
CA VAL A 304 -21.77 -32.23 -6.19
C VAL A 304 -22.97 -31.85 -7.04
N ILE A 305 -23.20 -32.62 -8.11
CA ILE A 305 -24.34 -32.46 -8.99
C ILE A 305 -25.04 -33.80 -9.10
N GLU A 306 -26.35 -33.81 -8.88
CA GLU A 306 -27.13 -35.05 -8.86
C GLU A 306 -28.05 -35.11 -10.08
N VAL A 307 -28.11 -36.27 -10.71
CA VAL A 307 -28.82 -36.48 -11.96
C VAL A 307 -30.04 -37.37 -11.70
N LYS A 308 -31.14 -37.07 -12.39
CA LYS A 308 -32.38 -37.81 -12.22
C LYS A 308 -32.24 -39.23 -12.75
N ARG A 309 -33.32 -40.00 -12.62
CA ARG A 309 -33.36 -41.36 -13.14
C ARG A 309 -33.70 -41.43 -14.63
N ASP A 310 -34.13 -40.33 -15.23
CA ASP A 310 -34.52 -40.30 -16.63
C ASP A 310 -33.46 -39.64 -17.51
N ALA A 311 -32.20 -39.78 -17.16
CA ALA A 311 -31.12 -39.13 -17.89
C ALA A 311 -29.86 -39.98 -17.79
N VAL A 312 -28.86 -39.59 -18.56
CA VAL A 312 -27.55 -40.24 -18.56
C VAL A 312 -26.50 -39.21 -18.14
N GLY A 313 -25.58 -39.63 -17.28
CA GLY A 313 -24.59 -38.70 -16.76
C GLY A 313 -23.68 -38.13 -17.83
N GLU A 314 -23.32 -38.94 -18.83
CA GLU A 314 -22.42 -38.47 -19.87
C GLU A 314 -23.05 -37.35 -20.69
N VAL A 315 -24.35 -37.47 -21.00
CA VAL A 315 -25.00 -36.48 -21.85
C VAL A 315 -25.06 -35.13 -21.13
N VAL A 316 -25.47 -35.15 -19.85
CA VAL A 316 -25.53 -33.89 -19.11
C VAL A 316 -24.14 -33.33 -18.87
N LEU A 317 -23.13 -34.19 -18.68
CA LEU A 317 -21.77 -33.69 -18.53
C LEU A 317 -21.30 -32.99 -19.81
N ASN A 318 -21.60 -33.57 -20.97
CA ASN A 318 -21.22 -32.94 -22.23
C ASN A 318 -21.97 -31.61 -22.42
N ASN A 319 -23.24 -31.58 -22.07
CA ASN A 319 -23.99 -30.32 -22.18
C ASN A 319 -23.41 -29.25 -21.26
N LEU A 320 -22.99 -29.65 -20.06
CA LEU A 320 -22.35 -28.69 -19.15
C LEU A 320 -21.01 -28.21 -19.71
N TYR A 321 -20.25 -29.10 -20.34
CA TYR A 321 -19.03 -28.69 -21.02
C TYR A 321 -19.33 -27.65 -22.08
N SER A 322 -20.41 -27.85 -22.84
CA SER A 322 -20.69 -26.99 -23.98
C SER A 322 -21.27 -25.64 -23.56
N GLN A 323 -22.11 -25.61 -22.53
CA GLN A 323 -22.89 -24.41 -22.24
C GLN A 323 -22.35 -23.57 -21.09
N THR A 324 -21.50 -24.11 -20.23
CA THR A 324 -20.98 -23.36 -19.09
C THR A 324 -19.47 -23.20 -19.23
N GLN A 325 -18.85 -22.60 -18.21
CA GLN A 325 -17.41 -22.44 -18.20
C GLN A 325 -16.71 -23.61 -17.50
N LEU A 326 -17.06 -24.83 -17.91
CA LEU A 326 -16.27 -26.00 -17.56
C LEU A 326 -15.24 -26.30 -18.64
N GLN A 327 -15.27 -25.58 -19.75
CA GLN A 327 -14.25 -25.62 -20.77
C GLN A 327 -14.16 -24.25 -21.41
N VAL A 328 -12.94 -23.71 -21.49
CA VAL A 328 -12.73 -22.37 -22.01
C VAL A 328 -11.64 -22.40 -23.07
N SER A 329 -11.62 -21.36 -23.89
CA SER A 329 -10.58 -21.17 -24.89
C SER A 329 -9.57 -20.14 -24.38
N PHE A 330 -8.31 -20.33 -24.78
CA PHE A 330 -7.24 -19.42 -24.41
C PHE A 330 -6.47 -19.07 -25.67
N GLY A 331 -6.62 -17.83 -26.14
CA GLY A 331 -5.91 -17.38 -27.31
C GLY A 331 -4.55 -16.81 -27.00
N ILE A 332 -3.50 -17.42 -27.53
CA ILE A 332 -2.13 -17.00 -27.26
C ILE A 332 -1.75 -15.91 -28.24
N ASN A 333 -1.14 -14.84 -27.71
CA ASN A 333 -0.74 -13.70 -28.54
C ASN A 333 0.44 -13.04 -27.83
N MET A 334 1.65 -13.32 -28.31
CA MET A 334 2.88 -12.94 -27.60
C MET A 334 3.44 -11.65 -28.18
N VAL A 335 3.17 -10.54 -27.51
CA VAL A 335 3.63 -9.21 -27.91
C VAL A 335 4.34 -8.58 -26.73
N ALA A 336 5.52 -8.01 -26.98
CA ALA A 336 6.30 -7.39 -25.91
C ALA A 336 7.16 -6.27 -26.51
N LEU A 337 7.81 -5.52 -25.63
CA LEU A 337 8.63 -4.38 -26.02
C LEU A 337 10.08 -4.80 -26.21
N HIS A 338 10.62 -4.52 -27.39
CA HIS A 338 12.01 -4.84 -27.72
C HIS A 338 12.66 -3.59 -28.29
N HIS A 339 13.65 -3.05 -27.56
CA HIS A 339 14.29 -1.79 -27.93
C HIS A 339 13.29 -0.64 -28.03
N GLY A 340 12.27 -0.67 -27.18
CA GLY A 340 11.26 0.37 -27.18
C GLY A 340 10.24 0.29 -28.29
N GLN A 341 10.09 -0.86 -28.94
CA GLN A 341 9.12 -1.03 -30.00
C GLN A 341 8.30 -2.29 -29.78
N PRO A 342 7.02 -2.26 -30.09
CA PRO A 342 6.21 -3.49 -30.03
C PRO A 342 6.65 -4.49 -31.09
N LYS A 343 6.53 -5.77 -30.75
CA LYS A 343 6.95 -6.83 -31.65
C LYS A 343 6.19 -8.11 -31.32
N ILE A 344 6.18 -9.03 -32.28
CA ILE A 344 5.62 -10.36 -32.11
C ILE A 344 6.78 -11.35 -32.14
N MET A 345 6.89 -12.17 -31.09
CA MET A 345 8.06 -13.03 -30.90
C MET A 345 7.63 -14.47 -30.69
N ASN A 346 8.60 -15.37 -30.81
CA ASN A 346 8.43 -16.78 -30.49
C ASN A 346 9.39 -17.16 -29.36
N LEU A 347 9.47 -18.46 -29.08
CA LEU A 347 10.19 -18.94 -27.90
C LEU A 347 11.68 -18.60 -27.98
N LYS A 348 12.29 -18.84 -29.14
CA LYS A 348 13.74 -18.70 -29.27
C LYS A 348 14.18 -17.25 -29.09
N ASP A 349 13.39 -16.31 -29.58
CA ASP A 349 13.72 -14.89 -29.41
C ASP A 349 13.75 -14.50 -27.94
N ILE A 350 12.77 -14.98 -27.17
CA ILE A 350 12.73 -14.67 -25.75
C ILE A 350 13.94 -15.24 -25.03
N ILE A 351 14.28 -16.49 -25.34
CA ILE A 351 15.44 -17.10 -24.69
C ILE A 351 16.73 -16.35 -25.03
N ALA A 352 16.89 -15.97 -26.30
CA ALA A 352 18.08 -15.24 -26.72
C ALA A 352 18.18 -13.89 -26.01
N ALA A 353 17.05 -13.18 -25.90
CA ALA A 353 17.06 -11.89 -25.21
C ALA A 353 17.48 -12.05 -23.76
N PHE A 354 16.95 -13.07 -23.08
CA PHE A 354 17.35 -13.31 -21.68
C PHE A 354 18.84 -13.56 -21.57
N VAL A 355 19.40 -14.37 -22.45
CA VAL A 355 20.84 -14.68 -22.37
C VAL A 355 21.68 -13.43 -22.58
N ARG A 356 21.32 -12.61 -23.57
CA ARG A 356 22.10 -11.39 -23.81
C ARG A 356 22.05 -10.44 -22.61
N HIS A 357 20.86 -10.31 -22.01
CA HIS A 357 20.72 -9.48 -20.81
C HIS A 357 21.67 -9.96 -19.71
N ARG A 358 21.72 -11.28 -19.49
CA ARG A 358 22.59 -11.82 -18.45
C ARG A 358 24.06 -11.49 -18.74
N ARG A 359 24.49 -11.64 -19.99
CA ARG A 359 25.88 -11.36 -20.33
C ARG A 359 26.25 -9.91 -20.03
N GLU A 360 25.37 -8.98 -20.42
CA GLU A 360 25.64 -7.57 -20.18
C GLU A 360 25.75 -7.27 -18.69
N VAL A 361 24.83 -7.83 -17.88
CA VAL A 361 24.85 -7.57 -16.45
C VAL A 361 26.16 -8.05 -15.83
N VAL A 362 26.58 -9.26 -16.19
CA VAL A 362 27.80 -9.81 -15.60
C VAL A 362 29.01 -8.96 -15.96
N THR A 363 29.10 -8.52 -17.22
CA THR A 363 30.24 -7.70 -17.63
C THR A 363 30.31 -6.40 -16.83
N ARG A 364 29.18 -5.71 -16.68
CA ARG A 364 29.20 -4.45 -15.96
C ARG A 364 29.58 -4.64 -14.50
N ARG A 365 29.06 -5.70 -13.87
CA ARG A 365 29.42 -5.97 -12.48
C ARG A 365 30.92 -6.20 -12.32
N THR A 366 31.51 -6.96 -13.25
CA THR A 366 32.95 -7.22 -13.17
C THR A 366 33.75 -5.93 -13.28
N ILE A 367 33.37 -5.05 -14.20
CA ILE A 367 34.10 -3.79 -14.35
C ILE A 367 34.05 -2.97 -13.07
N PHE A 368 32.86 -2.87 -12.48
CA PHE A 368 32.71 -2.10 -11.24
C PHE A 368 33.63 -2.64 -10.14
N GLU A 369 33.63 -3.96 -9.96
CA GLU A 369 34.43 -4.53 -8.88
C GLU A 369 35.93 -4.33 -9.12
N LEU A 370 36.38 -4.46 -10.37
CA LEU A 370 37.79 -4.24 -10.65
C LEU A 370 38.22 -2.82 -10.32
N ARG A 371 37.40 -1.85 -10.71
CA ARG A 371 37.75 -0.45 -10.41
C ARG A 371 37.82 -0.23 -8.90
N LYS A 372 36.87 -0.77 -8.15
CA LYS A 372 36.89 -0.60 -6.70
C LYS A 372 38.16 -1.19 -6.08
N ALA A 373 38.54 -2.39 -6.53
CA ALA A 373 39.73 -3.03 -5.97
C ALA A 373 40.99 -2.21 -6.23
N ARG A 374 41.14 -1.68 -7.44
CA ARG A 374 42.33 -0.87 -7.72
C ARG A 374 42.35 0.38 -6.86
N ASP A 375 41.19 1.03 -6.69
CA ASP A 375 41.14 2.22 -5.84
C ASP A 375 41.56 1.91 -4.41
N ARG A 376 41.12 0.77 -3.88
CA ARG A 376 41.56 0.40 -2.53
C ARG A 376 43.06 0.15 -2.46
N ALA A 377 43.61 -0.54 -3.46
CA ALA A 377 45.03 -0.88 -3.42
C ALA A 377 45.91 0.36 -3.45
N HIS A 378 45.49 1.41 -4.16
CA HIS A 378 46.27 2.66 -4.17
C HIS A 378 46.47 3.19 -2.75
N ILE A 379 45.38 3.35 -2.01
CA ILE A 379 45.47 3.90 -0.66
C ILE A 379 46.23 2.95 0.26
N LEU A 380 46.07 1.64 0.06
CA LEU A 380 46.81 0.70 0.90
C LEU A 380 48.32 0.86 0.71
N GLU A 381 48.76 1.01 -0.54
CA GLU A 381 50.18 1.28 -0.79
C GLU A 381 50.62 2.57 -0.10
N ALA A 382 49.82 3.63 -0.24
CA ALA A 382 50.19 4.91 0.36
C ALA A 382 50.38 4.78 1.87
N LEU A 383 49.44 4.12 2.55
CA LEU A 383 49.54 3.96 3.99
C LEU A 383 50.73 3.07 4.37
N ALA A 384 50.97 2.00 3.60
CA ALA A 384 52.04 1.08 3.95
C ALA A 384 53.41 1.75 3.84
N VAL A 385 53.58 2.66 2.88
CA VAL A 385 54.88 3.30 2.73
C VAL A 385 55.21 4.20 3.93
N ALA A 386 54.21 4.84 4.50
CA ALA A 386 54.43 5.88 5.51
C ALA A 386 54.68 5.33 6.91
N LEU A 387 54.57 4.03 7.13
CA LEU A 387 54.86 3.45 8.42
C LEU A 387 56.34 3.09 8.59
N ALA A 388 57.16 3.33 7.57
CA ALA A 388 58.59 3.12 7.68
C ALA A 388 59.38 4.40 7.85
N ASN A 389 58.78 5.55 7.53
CA ASN A 389 59.39 6.86 7.73
C ASN A 389 58.65 7.65 8.79
N ILE A 390 58.27 6.98 9.88
CA ILE A 390 57.36 7.57 10.86
C ILE A 390 58.01 8.77 11.54
N ASP A 391 59.28 8.65 11.94
CA ASP A 391 59.94 9.75 12.64
C ASP A 391 60.08 11.00 11.79
N PRO A 392 60.60 10.95 10.55
CA PRO A 392 60.63 12.16 9.73
C PRO A 392 59.25 12.72 9.45
N ILE A 393 58.24 11.85 9.28
CA ILE A 393 56.88 12.33 9.03
C ILE A 393 56.38 13.13 10.23
N ILE A 394 56.55 12.59 11.44
CA ILE A 394 56.11 13.28 12.64
C ILE A 394 56.86 14.59 12.80
N GLU A 395 58.18 14.58 12.57
CA GLU A 395 58.96 15.80 12.71
C GLU A 395 58.51 16.86 11.72
N LEU A 396 58.21 16.46 10.48
CA LEU A 396 57.71 17.41 9.50
C LEU A 396 56.35 17.96 9.88
N ILE A 397 55.46 17.11 10.39
CA ILE A 397 54.10 17.54 10.70
C ILE A 397 54.10 18.48 11.90
N ARG A 398 54.94 18.22 12.89
CA ARG A 398 54.92 19.03 14.11
C ARG A 398 55.26 20.50 13.82
N HIS A 399 56.23 20.74 12.92
CA HIS A 399 56.64 22.10 12.64
C HIS A 399 55.68 22.83 11.70
N ALA A 400 54.80 22.11 11.04
CA ALA A 400 53.84 22.76 10.15
C ALA A 400 52.80 23.52 10.96
N PRO A 401 52.52 24.78 10.64
CA PRO A 401 51.52 25.53 11.41
C PRO A 401 50.09 25.26 10.97
N THR A 402 49.91 24.85 9.71
CA THR A 402 48.59 24.67 9.14
C THR A 402 48.52 23.33 8.43
N PRO A 403 47.40 22.60 8.52
CA PRO A 403 47.30 21.33 7.80
C PRO A 403 47.50 21.45 6.29
N ALA A 404 47.07 22.56 5.69
CA ALA A 404 47.31 22.75 4.25
C ALA A 404 48.80 22.82 3.96
N GLU A 405 49.55 23.52 4.81
CA GLU A 405 51.00 23.59 4.64
C GLU A 405 51.64 22.21 4.81
N ALA A 406 51.14 21.42 5.76
CA ALA A 406 51.66 20.06 5.93
C ALA A 406 51.38 19.21 4.69
N LYS A 407 50.18 19.34 4.12
CA LYS A 407 49.85 18.60 2.92
C LYS A 407 50.75 19.00 1.76
N THR A 408 51.00 20.32 1.61
CA THR A 408 51.89 20.78 0.56
C THR A 408 53.30 20.26 0.76
N ALA A 409 53.80 20.27 2.00
CA ALA A 409 55.16 19.81 2.27
C ALA A 409 55.28 18.31 2.10
N LEU A 410 54.19 17.56 2.29
CA LEU A 410 54.27 16.11 2.13
C LEU A 410 54.61 15.71 0.70
N VAL A 411 53.87 16.26 -0.27
CA VAL A 411 54.17 16.01 -1.69
C VAL A 411 55.12 17.14 -2.11
N ALA A 412 56.37 17.00 -1.73
CA ALA A 412 57.43 17.88 -2.19
C ALA A 412 58.66 17.11 -2.66
N ASN A 413 59.01 16.03 -1.98
CA ASN A 413 60.20 15.25 -2.26
C ASN A 413 59.87 13.77 -2.18
N PRO A 414 60.56 12.94 -2.94
CA PRO A 414 60.31 11.50 -2.88
C PRO A 414 60.77 10.91 -1.55
N TRP A 415 60.15 9.79 -1.19
CA TRP A 415 60.42 9.08 0.05
C TRP A 415 61.10 7.75 -0.26
N GLN A 416 62.06 7.37 0.58
CA GLN A 416 62.73 6.08 0.41
C GLN A 416 61.77 4.94 0.76
N LEU A 417 61.90 3.84 0.03
CA LEU A 417 60.95 2.75 0.18
C LEU A 417 61.14 2.00 1.49
N GLY A 418 62.38 1.69 1.84
CA GLY A 418 62.66 1.00 3.08
C GLY A 418 62.43 -0.50 3.03
N ASN A 419 61.53 -1.00 3.87
CA ASN A 419 61.31 -2.42 4.03
C ASN A 419 60.09 -2.93 3.28
N VAL A 420 59.49 -2.10 2.43
CA VAL A 420 58.29 -2.48 1.68
C VAL A 420 58.59 -2.64 0.19
N ALA A 421 59.86 -2.62 -0.20
CA ALA A 421 60.20 -2.79 -1.60
C ALA A 421 59.85 -4.17 -2.11
N ALA A 422 59.92 -5.18 -1.25
CA ALA A 422 59.65 -6.55 -1.68
C ALA A 422 58.21 -6.72 -2.14
N MET A 423 57.24 -6.30 -1.32
CA MET A 423 55.85 -6.48 -1.67
C MET A 423 55.43 -5.59 -2.83
N LEU A 424 56.14 -4.50 -3.07
CA LEU A 424 55.87 -3.69 -4.26
C LEU A 424 56.44 -4.34 -5.51
N GLU A 425 57.60 -4.98 -5.39
CA GLU A 425 58.16 -5.73 -6.52
C GLU A 425 57.31 -6.94 -6.86
N ARG A 426 56.69 -7.56 -5.87
CA ARG A 426 55.82 -8.71 -6.13
C ARG A 426 54.68 -8.34 -7.06
N ALA A 427 54.23 -7.09 -7.04
CA ALA A 427 53.23 -6.62 -7.98
C ALA A 427 53.87 -6.51 -9.36
N GLY A 428 53.35 -7.28 -10.32
CA GLY A 428 53.93 -7.31 -11.65
C GLY A 428 53.42 -6.21 -12.56
N ASP A 429 54.32 -5.35 -13.01
CA ASP A 429 54.01 -4.24 -13.93
C ASP A 429 52.97 -3.35 -13.26
N ASP A 430 51.85 -3.04 -13.91
CA ASP A 430 50.86 -2.10 -13.38
C ASP A 430 49.49 -2.76 -13.34
N ALA A 431 49.44 -3.99 -12.82
CA ALA A 431 48.16 -4.67 -12.70
C ALA A 431 47.27 -4.04 -11.63
N ALA A 432 47.88 -3.42 -10.62
CA ALA A 432 47.14 -2.79 -9.52
C ALA A 432 47.21 -1.27 -9.58
N ARG A 433 47.38 -0.72 -10.78
CA ARG A 433 47.54 0.72 -10.96
C ARG A 433 46.26 1.31 -11.53
N PRO A 434 45.66 2.32 -10.90
CA PRO A 434 44.45 2.92 -11.47
C PRO A 434 44.70 3.49 -12.85
N GLU A 435 43.67 3.43 -13.70
CA GLU A 435 43.81 3.82 -15.09
C GLU A 435 43.78 5.34 -15.30
N TRP A 436 43.49 6.12 -14.26
CA TRP A 436 43.52 7.57 -14.36
C TRP A 436 44.77 8.19 -13.74
N LEU A 437 45.79 7.38 -13.47
CA LEU A 437 46.98 7.84 -12.77
C LEU A 437 48.05 8.25 -13.78
N GLU A 438 48.62 9.43 -13.58
CA GLU A 438 49.65 9.95 -14.46
C GLU A 438 50.94 9.14 -14.32
N PRO A 439 51.77 9.11 -15.36
CA PRO A 439 52.97 8.25 -15.32
C PRO A 439 54.05 8.73 -14.37
N GLU A 440 54.04 10.00 -13.94
CA GLU A 440 55.11 10.48 -13.07
C GLU A 440 54.97 9.99 -11.64
N PHE A 441 53.74 9.81 -11.16
CA PHE A 441 53.53 9.38 -9.79
C PHE A 441 53.91 7.91 -9.63
N GLY A 442 53.87 7.44 -8.38
CA GLY A 442 54.23 6.07 -8.08
C GLY A 442 55.73 5.90 -7.97
N VAL A 443 56.15 4.64 -7.97
CA VAL A 443 57.57 4.30 -7.85
C VAL A 443 58.29 4.72 -9.13
N ARG A 444 59.42 5.42 -8.97
CA ARG A 444 60.23 5.84 -10.09
C ARG A 444 61.59 5.16 -10.10
N ASP A 445 62.39 5.34 -9.04
CA ASP A 445 63.65 4.61 -8.88
C ASP A 445 63.89 4.47 -7.38
N GLY A 446 63.43 3.35 -6.82
CA GLY A 446 63.56 3.09 -5.40
C GLY A 446 63.01 4.17 -4.49
N LEU A 447 62.30 5.15 -5.05
CA LEU A 447 61.78 6.29 -4.32
C LEU A 447 60.33 6.51 -4.73
N TYR A 448 59.45 6.61 -3.74
CA TYR A 448 58.02 6.71 -3.98
C TYR A 448 57.60 8.18 -4.08
N TYR A 449 56.72 8.47 -5.03
CA TYR A 449 56.16 9.79 -5.22
C TYR A 449 54.67 9.77 -4.89
N LEU A 450 54.24 10.64 -4.00
CA LEU A 450 52.86 10.67 -3.54
C LEU A 450 52.04 11.66 -4.35
N THR A 451 50.71 11.57 -4.17
CA THR A 451 49.77 12.54 -4.72
C THR A 451 49.00 13.17 -3.57
N GLU A 452 48.11 14.11 -3.91
CA GLU A 452 47.41 14.88 -2.89
C GLU A 452 46.49 14.00 -2.06
N GLN A 453 45.76 13.08 -2.69
CA GLN A 453 44.82 12.25 -1.96
C GLN A 453 45.55 11.29 -1.01
N GLN A 454 46.71 10.79 -1.44
CA GLN A 454 47.50 9.93 -0.55
C GLN A 454 48.00 10.71 0.66
N ALA A 455 48.42 11.96 0.46
CA ALA A 455 48.84 12.78 1.60
C ALA A 455 47.66 13.05 2.54
N GLN A 456 46.48 13.32 1.98
CA GLN A 456 45.30 13.54 2.81
C GLN A 456 44.97 12.29 3.61
N ALA A 457 45.09 11.11 2.98
CA ALA A 457 44.84 9.87 3.71
C ALA A 457 45.87 9.65 4.81
N ILE A 458 47.12 10.04 4.56
CA ILE A 458 48.14 9.94 5.59
C ILE A 458 47.80 10.82 6.78
N LEU A 459 47.34 12.05 6.52
CA LEU A 459 47.03 12.97 7.61
C LEU A 459 45.89 12.49 8.51
N ASP A 460 45.07 11.55 8.05
CA ASP A 460 43.93 11.08 8.82
C ASP A 460 44.20 9.79 9.58
N LEU A 461 45.46 9.38 9.68
CA LEU A 461 45.81 8.15 10.35
C LEU A 461 45.70 8.31 11.86
N ARG A 462 45.03 7.36 12.52
CA ARG A 462 44.87 7.40 13.96
C ARG A 462 46.11 6.83 14.65
N LEU A 463 46.26 7.18 15.93
CA LEU A 463 47.43 6.77 16.68
C LEU A 463 47.41 5.30 17.06
N GLN A 464 46.25 4.65 17.04
CA GLN A 464 46.17 3.26 17.44
C GLN A 464 46.69 2.30 16.38
N LYS A 465 47.02 2.79 15.19
CA LYS A 465 47.53 1.95 14.12
C LYS A 465 49.05 1.86 14.12
N LEU A 466 49.72 2.45 15.11
CA LEU A 466 51.17 2.35 15.24
C LEU A 466 51.59 1.10 16.00
N THR A 467 50.64 0.32 16.50
CA THR A 467 50.97 -0.91 17.21
C THR A 467 51.47 -1.98 16.25
N GLY A 468 52.13 -2.99 16.81
CA GLY A 468 52.69 -4.04 15.97
C GLY A 468 51.65 -4.88 15.26
N LEU A 469 50.58 -5.23 15.97
CA LEU A 469 49.58 -6.12 15.38
C LEU A 469 48.82 -5.46 14.23
N GLU A 470 48.42 -4.19 14.41
CA GLU A 470 47.68 -3.50 13.38
C GLU A 470 48.48 -3.31 12.10
N HIS A 471 49.82 -3.39 12.19
CA HIS A 471 50.65 -3.26 11.01
C HIS A 471 50.61 -4.49 10.11
N GLU A 472 50.29 -5.66 10.67
CA GLU A 472 50.34 -6.89 9.90
C GLU A 472 49.19 -7.03 8.91
N LYS A 473 48.07 -6.35 9.14
CA LYS A 473 46.90 -6.53 8.29
C LYS A 473 47.12 -5.99 6.87
N LEU A 474 48.02 -5.03 6.70
CA LEU A 474 48.23 -4.43 5.40
C LEU A 474 48.72 -5.45 4.38
N LEU A 475 49.69 -6.29 4.78
CA LEU A 475 50.23 -7.27 3.85
C LEU A 475 49.18 -8.29 3.43
N ASP A 476 48.39 -8.78 4.39
CA ASP A 476 47.35 -9.75 4.07
C ASP A 476 46.32 -9.14 3.13
N GLU A 477 45.88 -7.92 3.42
CA GLU A 477 44.89 -7.27 2.57
C GLU A 477 45.45 -7.03 1.17
N TYR A 478 46.73 -6.65 1.09
CA TYR A 478 47.34 -6.39 -0.21
C TYR A 478 47.42 -7.66 -1.05
N LYS A 479 47.85 -8.78 -0.45
CA LYS A 479 47.92 -10.02 -1.20
C LYS A 479 46.54 -10.49 -1.64
N GLU A 480 45.54 -10.36 -0.76
CA GLU A 480 44.18 -10.74 -1.14
C GLU A 480 43.69 -9.89 -2.29
N LEU A 481 43.96 -8.58 -2.26
CA LEU A 481 43.53 -7.71 -3.34
C LEU A 481 44.21 -8.08 -4.66
N LEU A 482 45.50 -8.43 -4.61
CA LEU A 482 46.19 -8.83 -5.84
C LEU A 482 45.56 -10.08 -6.44
N ASP A 483 45.26 -11.07 -5.59
CA ASP A 483 44.61 -12.29 -6.09
C ASP A 483 43.25 -11.98 -6.69
N GLN A 484 42.46 -11.13 -6.02
CA GLN A 484 41.14 -10.76 -6.55
C GLN A 484 41.27 -10.05 -7.89
N ILE A 485 42.27 -9.16 -8.02
CA ILE A 485 42.46 -8.44 -9.28
C ILE A 485 42.79 -9.40 -10.40
N ALA A 486 43.67 -10.37 -10.13
CA ALA A 486 44.01 -11.35 -11.16
C ALA A 486 42.77 -12.13 -11.60
N GLU A 487 41.98 -12.60 -10.63
CA GLU A 487 40.79 -13.37 -10.98
C GLU A 487 39.78 -12.54 -11.76
N LEU A 488 39.61 -11.27 -11.38
CA LEU A 488 38.70 -10.41 -12.13
C LEU A 488 39.20 -10.17 -13.55
N LEU A 489 40.51 -9.97 -13.72
CA LEU A 489 41.06 -9.76 -15.05
C LEU A 489 40.94 -10.99 -15.93
N ARG A 490 40.88 -12.18 -15.34
CA ARG A 490 40.73 -13.39 -16.17
C ARG A 490 39.38 -13.42 -16.88
N ILE A 491 38.32 -12.92 -16.24
CA ILE A 491 36.98 -13.01 -16.81
C ILE A 491 36.84 -12.12 -18.04
N LEU A 492 37.33 -10.88 -17.95
CA LEU A 492 37.10 -9.89 -19.01
C LEU A 492 37.84 -10.21 -20.30
N GLY A 493 38.79 -11.13 -20.29
CA GLY A 493 39.58 -11.40 -21.47
C GLY A 493 39.22 -12.65 -22.25
N SER A 494 38.30 -13.45 -21.71
CA SER A 494 37.90 -14.70 -22.34
C SER A 494 36.38 -14.74 -22.47
N ALA A 495 35.90 -15.45 -23.48
CA ALA A 495 34.48 -15.59 -23.73
C ALA A 495 33.87 -16.87 -23.19
N ASP A 496 34.69 -17.79 -22.67
CA ASP A 496 34.19 -19.03 -22.10
C ASP A 496 34.02 -18.96 -20.59
N ARG A 497 34.87 -18.17 -19.91
CA ARG A 497 34.70 -17.98 -18.47
C ARG A 497 33.37 -17.34 -18.15
N LEU A 498 32.94 -16.39 -18.98
CA LEU A 498 31.64 -15.74 -18.80
C LEU A 498 30.51 -16.75 -18.87
N MET A 499 30.56 -17.64 -19.87
CA MET A 499 29.51 -18.63 -20.00
C MET A 499 29.55 -19.65 -18.87
N GLU A 500 30.74 -19.99 -18.37
CA GLU A 500 30.82 -20.85 -17.20
C GLU A 500 30.13 -20.22 -16.00
N VAL A 501 30.37 -18.93 -15.77
CA VAL A 501 29.74 -18.24 -14.65
C VAL A 501 28.23 -18.24 -14.81
N ILE A 502 27.75 -17.96 -16.02
CA ILE A 502 26.31 -17.92 -16.25
C ILE A 502 25.68 -19.29 -16.03
N ARG A 503 26.32 -20.35 -16.53
CA ARG A 503 25.80 -21.70 -16.32
C ARG A 503 25.72 -22.04 -14.84
N GLU A 504 26.77 -21.70 -14.08
CA GLU A 504 26.77 -21.99 -12.66
C GLU A 504 25.62 -21.28 -11.95
N GLU A 505 25.41 -20.00 -12.27
CA GLU A 505 24.31 -19.26 -11.63
C GLU A 505 22.96 -19.87 -11.98
N LEU A 506 22.76 -20.23 -13.25
CA LEU A 506 21.48 -20.82 -13.64
C LEU A 506 21.23 -22.15 -12.94
N GLU A 507 22.26 -22.99 -12.82
CA GLU A 507 22.09 -24.26 -12.12
C GLU A 507 21.77 -24.05 -10.65
N LEU A 508 22.42 -23.07 -10.02
CA LEU A 508 22.10 -22.79 -8.61
C LEU A 508 20.65 -22.34 -8.45
N VAL A 509 20.17 -21.48 -9.35
CA VAL A 509 18.78 -21.04 -9.27
C VAL A 509 17.84 -22.23 -9.44
N ARG A 510 18.12 -23.10 -10.41
CA ARG A 510 17.25 -24.26 -10.63
C ARG A 510 17.22 -25.16 -9.41
N GLU A 511 18.38 -25.37 -8.77
CA GLU A 511 18.41 -26.18 -7.56
C GLU A 511 17.59 -25.55 -6.45
N GLN A 512 17.68 -24.23 -6.28
CA GLN A 512 17.05 -23.60 -5.13
C GLN A 512 15.53 -23.47 -5.27
N PHE A 513 15.03 -23.15 -6.47
CA PHE A 513 13.62 -22.75 -6.58
C PHE A 513 12.74 -23.68 -7.41
N GLY A 514 13.27 -24.75 -8.00
CA GLY A 514 12.45 -25.59 -8.84
C GLY A 514 11.44 -26.41 -8.08
N ASP A 515 10.37 -26.80 -8.77
CA ASP A 515 9.31 -27.61 -8.17
C ASP A 515 8.70 -28.49 -9.26
N LYS A 516 7.51 -29.03 -8.99
CA LYS A 516 6.92 -30.09 -9.80
C LYS A 516 5.74 -29.57 -10.62
N ARG A 517 5.46 -30.26 -11.73
CA ARG A 517 4.43 -29.86 -12.68
C ARG A 517 3.03 -30.19 -12.17
N ARG A 518 2.07 -29.33 -12.52
CA ARG A 518 0.69 -29.45 -12.07
C ARG A 518 -0.28 -29.83 -13.19
N THR A 519 -0.19 -29.16 -14.35
CA THR A 519 -1.15 -29.36 -15.42
C THR A 519 -0.77 -30.56 -16.28
N GLU A 520 -1.78 -31.28 -16.76
CA GLU A 520 -1.60 -32.47 -17.57
C GLU A 520 -1.98 -32.18 -19.02
N ILE A 521 -1.20 -32.69 -19.96
CA ILE A 521 -1.39 -32.46 -21.39
C ILE A 521 -1.73 -33.78 -22.04
N THR A 522 -2.86 -33.83 -22.75
CA THR A 522 -3.33 -35.03 -23.41
C THR A 522 -3.64 -34.73 -24.87
N ALA A 523 -3.92 -35.78 -25.62
CA ALA A 523 -4.37 -35.64 -27.00
C ALA A 523 -5.86 -35.31 -27.04
N ASN A 524 -6.33 -34.91 -28.22
CA ASN A 524 -7.71 -34.51 -28.38
C ASN A 524 -8.66 -35.68 -28.11
N SER A 525 -9.76 -35.38 -27.43
CA SER A 525 -10.71 -36.40 -27.01
C SER A 525 -11.87 -36.49 -28.01
N ALA A 526 -12.44 -37.69 -28.12
CA ALA A 526 -13.53 -37.96 -29.04
C ALA A 526 -14.84 -37.38 -28.51
N ASP A 527 -15.86 -37.40 -29.37
CA ASP A 527 -17.18 -36.90 -29.02
C ASP A 527 -18.05 -38.05 -28.54
N ILE A 528 -19.33 -37.77 -28.32
CA ILE A 528 -20.31 -38.76 -27.88
C ILE A 528 -21.54 -38.65 -28.77
N ASN A 529 -22.00 -39.78 -29.30
CA ASN A 529 -23.14 -39.82 -30.21
C ASN A 529 -24.38 -40.43 -29.57
N LEU A 530 -24.32 -40.76 -28.28
CA LEU A 530 -25.47 -41.21 -27.50
C LEU A 530 -25.90 -42.62 -27.88
N GLU A 531 -25.30 -43.17 -28.94
CA GLU A 531 -25.63 -44.53 -29.36
C GLU A 531 -24.65 -45.57 -28.84
N ASP A 532 -23.43 -45.16 -28.48
CA ASP A 532 -22.48 -46.07 -27.85
C ASP A 532 -22.72 -46.21 -26.36
N LEU A 533 -23.53 -45.34 -25.76
CA LEU A 533 -23.80 -45.36 -24.33
C LEU A 533 -25.01 -46.22 -23.96
N ILE A 534 -25.76 -46.70 -24.95
CA ILE A 534 -27.00 -47.43 -24.71
C ILE A 534 -26.84 -48.83 -25.30
N THR A 535 -27.07 -49.84 -24.46
CA THR A 535 -26.93 -51.22 -24.89
C THR A 535 -27.95 -51.56 -25.97
N GLN A 536 -27.53 -52.37 -26.94
CA GLN A 536 -28.42 -52.81 -28.01
C GLN A 536 -29.02 -54.17 -27.67
N GLU A 537 -30.34 -54.24 -27.68
CA GLU A 537 -31.06 -55.46 -27.32
C GLU A 537 -32.44 -55.40 -27.95
N ASP A 538 -33.33 -56.28 -27.53
CA ASP A 538 -34.68 -56.36 -28.04
C ASP A 538 -35.67 -56.09 -26.91
N VAL A 539 -36.69 -55.28 -27.19
CA VAL A 539 -37.67 -54.86 -26.19
C VAL A 539 -39.07 -55.04 -26.77
N VAL A 540 -40.07 -54.86 -25.91
CA VAL A 540 -41.47 -55.00 -26.27
C VAL A 540 -42.21 -53.73 -25.85
N VAL A 541 -43.05 -53.22 -26.74
CA VAL A 541 -43.73 -51.95 -26.55
C VAL A 541 -45.22 -52.18 -26.40
N THR A 542 -45.84 -51.47 -25.46
CA THR A 542 -47.27 -51.56 -25.22
C THR A 542 -47.89 -50.17 -25.25
N LEU A 543 -49.12 -50.08 -25.75
CA LEU A 543 -49.83 -48.81 -25.86
C LEU A 543 -51.25 -48.97 -25.34
N SER A 544 -51.75 -47.92 -24.71
CA SER A 544 -53.09 -47.91 -24.16
C SER A 544 -54.06 -47.20 -25.11
N HIS A 545 -55.35 -47.28 -24.77
CA HIS A 545 -56.37 -46.62 -25.57
C HIS A 545 -56.24 -45.10 -25.48
N GLN A 546 -56.06 -44.58 -24.27
CA GLN A 546 -55.80 -43.16 -24.10
C GLN A 546 -54.42 -42.78 -24.61
N GLY A 547 -53.49 -43.73 -24.66
CA GLY A 547 -52.17 -43.51 -25.20
C GLY A 547 -51.11 -43.37 -24.13
N TYR A 548 -50.42 -44.46 -23.83
CA TYR A 548 -49.36 -44.48 -22.83
C TYR A 548 -48.33 -45.51 -23.26
N VAL A 549 -47.11 -45.07 -23.53
CA VAL A 549 -46.08 -45.91 -24.13
C VAL A 549 -45.07 -46.31 -23.05
N LYS A 550 -44.44 -47.47 -23.28
CA LYS A 550 -43.41 -48.00 -22.41
C LYS A 550 -42.81 -49.22 -23.09
N TYR A 551 -41.52 -49.46 -22.86
CA TYR A 551 -40.84 -50.64 -23.35
C TYR A 551 -40.05 -51.27 -22.23
N GLN A 552 -39.94 -52.61 -22.29
CA GLN A 552 -39.31 -53.39 -21.24
C GLN A 552 -38.37 -54.42 -21.86
N PRO A 553 -37.33 -54.84 -21.12
CA PRO A 553 -36.42 -55.86 -21.66
C PRO A 553 -37.14 -57.17 -21.91
N LEU A 554 -36.70 -57.88 -22.95
CA LEU A 554 -37.33 -59.13 -23.35
C LEU A 554 -36.98 -60.28 -22.42
N SER A 555 -35.80 -60.24 -21.79
CA SER A 555 -35.34 -61.34 -20.95
C SER A 555 -36.16 -61.52 -19.69
N GLU A 556 -37.02 -60.55 -19.35
CA GLU A 556 -37.82 -60.62 -18.13
C GLU A 556 -38.89 -61.71 -18.20
N TYR A 557 -39.15 -62.28 -19.37
CA TYR A 557 -40.19 -63.27 -19.55
C TYR A 557 -39.59 -64.59 -20.00
N GLU A 558 -40.27 -65.69 -19.67
CA GLU A 558 -39.80 -67.02 -19.96
C GLU A 558 -40.91 -67.84 -20.59
N ALA A 559 -40.52 -68.75 -21.48
CA ALA A 559 -41.47 -69.59 -22.19
C ALA A 559 -42.03 -70.68 -21.27
N GLN A 560 -43.22 -71.16 -21.61
CA GLN A 560 -43.90 -72.18 -20.81
C GLN A 560 -44.73 -73.05 -21.75
N ARG A 561 -45.62 -73.85 -21.17
CA ARG A 561 -46.52 -74.70 -21.92
C ARG A 561 -47.84 -73.98 -22.15
N ARG A 562 -48.48 -74.30 -23.27
CA ARG A 562 -49.72 -73.62 -23.64
C ARG A 562 -50.83 -73.96 -22.65
N GLY A 563 -51.59 -72.94 -22.27
CA GLY A 563 -52.66 -73.08 -21.31
C GLY A 563 -52.43 -72.42 -19.96
N GLY A 564 -51.38 -71.62 -19.81
CA GLY A 564 -51.12 -70.94 -18.57
C GLY A 564 -51.93 -69.67 -18.42
N LYS A 565 -51.76 -69.03 -17.25
CA LYS A 565 -52.47 -67.78 -16.95
C LYS A 565 -51.68 -66.57 -17.45
N GLY A 566 -50.46 -66.40 -16.95
CA GLY A 566 -49.62 -65.30 -17.39
C GLY A 566 -49.71 -64.06 -16.51
N LYS A 567 -48.56 -63.48 -16.20
CA LYS A 567 -48.51 -62.26 -15.40
C LYS A 567 -48.94 -61.05 -16.21
N SER A 568 -49.36 -60.01 -15.50
CA SER A 568 -49.76 -58.76 -16.13
C SER A 568 -48.51 -57.97 -16.50
N ALA A 569 -48.40 -57.61 -17.79
CA ALA A 569 -47.21 -56.90 -18.24
C ALA A 569 -47.17 -55.46 -17.73
N ALA A 570 -48.32 -54.79 -17.72
CA ALA A 570 -48.39 -53.40 -17.29
C ALA A 570 -49.57 -53.22 -16.34
N ARG A 571 -49.40 -52.33 -15.36
CA ARG A 571 -50.47 -52.02 -14.42
C ARG A 571 -51.55 -51.27 -15.18
N ILE A 572 -52.65 -51.96 -15.47
CA ILE A 572 -53.72 -51.38 -16.28
C ILE A 572 -54.39 -50.23 -15.52
N LYS A 573 -54.87 -49.25 -16.27
CA LYS A 573 -55.59 -48.14 -15.69
C LYS A 573 -56.94 -48.61 -15.13
N GLU A 574 -57.65 -47.69 -14.49
CA GLU A 574 -59.00 -47.98 -14.02
C GLU A 574 -59.94 -48.20 -15.20
N GLU A 575 -59.88 -47.32 -16.20
CA GLU A 575 -60.72 -47.41 -17.40
C GLU A 575 -59.82 -47.25 -18.63
N ASP A 576 -59.23 -48.36 -19.08
CA ASP A 576 -58.37 -48.36 -20.26
C ASP A 576 -58.10 -49.80 -20.64
N PHE A 577 -57.53 -49.99 -21.82
CA PHE A 577 -57.18 -51.33 -22.29
C PHE A 577 -56.07 -51.21 -23.32
N ILE A 578 -55.31 -52.29 -23.47
CA ILE A 578 -54.19 -52.34 -24.41
C ILE A 578 -54.73 -52.69 -25.78
N ASP A 579 -54.35 -51.89 -26.78
CA ASP A 579 -54.82 -52.09 -28.15
C ASP A 579 -53.68 -52.27 -29.16
N ARG A 580 -52.42 -52.23 -28.73
CA ARG A 580 -51.30 -52.38 -29.64
C ARG A 580 -50.19 -53.18 -28.97
N LEU A 581 -49.35 -53.79 -29.79
CA LEU A 581 -48.22 -54.56 -29.31
C LEU A 581 -47.18 -54.64 -30.41
N LEU A 582 -45.90 -54.59 -30.04
CA LEU A 582 -44.83 -54.61 -31.03
C LEU A 582 -43.54 -55.09 -30.37
N VAL A 583 -42.75 -55.84 -31.14
CA VAL A 583 -41.43 -56.30 -30.71
C VAL A 583 -40.40 -55.77 -31.71
N ALA A 584 -39.40 -55.06 -31.21
CA ALA A 584 -38.41 -54.45 -32.10
C ALA A 584 -37.12 -54.21 -31.33
N ASN A 585 -36.06 -53.97 -32.09
CA ASN A 585 -34.74 -53.70 -31.54
C ASN A 585 -34.67 -52.26 -31.00
N THR A 586 -33.77 -52.05 -30.05
CA THR A 586 -33.62 -50.73 -29.44
C THR A 586 -33.16 -49.68 -30.46
N HIS A 587 -32.26 -50.07 -31.37
CA HIS A 587 -31.74 -49.15 -32.37
C HIS A 587 -32.49 -49.37 -33.68
N ASP A 588 -33.70 -48.84 -33.74
CA ASP A 588 -34.53 -48.92 -34.93
C ASP A 588 -35.34 -47.64 -35.08
N HIS A 589 -35.80 -47.41 -36.30
CA HIS A 589 -36.68 -46.28 -36.58
C HIS A 589 -38.13 -46.69 -36.39
N ILE A 590 -38.96 -45.71 -36.05
CA ILE A 590 -40.38 -45.92 -35.79
C ILE A 590 -41.19 -44.98 -36.67
N LEU A 591 -42.15 -45.54 -37.40
CA LEU A 591 -43.07 -44.76 -38.22
C LEU A 591 -44.45 -44.85 -37.61
N CYS A 592 -45.04 -43.70 -37.30
CA CYS A 592 -46.33 -43.62 -36.64
C CYS A 592 -47.38 -43.06 -37.59
N PHE A 593 -48.47 -43.80 -37.76
CA PHE A 593 -49.58 -43.37 -38.59
C PHE A 593 -50.75 -42.98 -37.69
N SER A 594 -51.24 -41.76 -37.85
CA SER A 594 -52.27 -41.22 -36.98
C SER A 594 -53.65 -41.52 -37.58
N SER A 595 -54.67 -40.90 -37.02
CA SER A 595 -56.04 -41.09 -37.49
C SER A 595 -56.37 -40.24 -38.72
N ARG A 596 -55.40 -39.51 -39.27
CA ARG A 596 -55.64 -38.65 -40.43
C ARG A 596 -54.56 -38.82 -41.49
N GLY A 597 -53.91 -39.98 -41.52
CA GLY A 597 -52.91 -40.23 -42.54
C GLY A 597 -51.60 -39.49 -42.37
N ARG A 598 -51.30 -39.01 -41.16
CA ARG A 598 -50.04 -38.33 -40.89
C ARG A 598 -48.96 -39.35 -40.55
N VAL A 599 -47.73 -39.02 -40.90
CA VAL A 599 -46.58 -39.90 -40.69
C VAL A 599 -45.51 -39.15 -39.91
N TYR A 600 -44.95 -39.80 -38.90
CA TYR A 600 -43.88 -39.24 -38.10
C TYR A 600 -42.79 -40.28 -37.91
N SER A 601 -41.56 -39.81 -37.68
CA SER A 601 -40.41 -40.68 -37.50
C SER A 601 -39.81 -40.47 -36.12
N MET A 602 -39.29 -41.55 -35.55
CA MET A 602 -38.77 -41.52 -34.19
C MET A 602 -37.89 -42.75 -33.96
N LYS A 603 -37.04 -42.66 -32.95
CA LYS A 603 -36.18 -43.76 -32.52
C LYS A 603 -36.84 -44.54 -31.39
N VAL A 604 -36.45 -45.82 -31.28
CA VAL A 604 -37.04 -46.68 -30.28
C VAL A 604 -36.59 -46.27 -28.87
N TYR A 605 -35.30 -46.00 -28.71
CA TYR A 605 -34.79 -45.68 -27.38
C TYR A 605 -35.22 -44.30 -26.89
N GLN A 606 -35.78 -43.47 -27.76
CA GLN A 606 -36.29 -42.18 -27.32
C GLN A 606 -37.59 -42.30 -26.54
N LEU A 607 -38.21 -43.47 -26.54
CA LEU A 607 -39.43 -43.69 -25.78
C LEU A 607 -39.14 -43.83 -24.30
N PRO A 608 -40.12 -43.54 -23.45
CA PRO A 608 -39.91 -43.69 -22.00
C PRO A 608 -39.61 -45.14 -21.63
N GLU A 609 -38.72 -45.30 -20.66
CA GLU A 609 -38.33 -46.61 -20.13
C GLU A 609 -38.78 -46.71 -18.70
N ALA A 610 -39.45 -47.81 -18.35
CA ALA A 610 -40.01 -47.98 -17.03
C ALA A 610 -39.98 -49.46 -16.66
N THR A 611 -40.65 -49.82 -15.57
CA THR A 611 -40.66 -51.17 -15.05
C THR A 611 -41.99 -51.86 -15.39
N ARG A 612 -42.12 -53.10 -14.92
CA ARG A 612 -43.33 -53.87 -15.17
C ARG A 612 -44.54 -53.24 -14.50
N GLY A 613 -44.39 -52.79 -13.25
CA GLY A 613 -45.50 -52.22 -12.52
C GLY A 613 -45.83 -50.78 -12.85
N ALA A 614 -45.00 -50.13 -13.65
CA ALA A 614 -45.23 -48.72 -13.97
C ALA A 614 -46.39 -48.58 -14.94
N ARG A 615 -46.93 -47.37 -14.99
CA ARG A 615 -48.08 -47.05 -15.84
C ARG A 615 -47.65 -46.64 -17.25
N GLY A 616 -46.70 -45.71 -17.35
CA GLY A 616 -46.21 -45.21 -18.62
C GLY A 616 -46.23 -43.71 -18.65
N ARG A 617 -46.04 -43.15 -19.84
CA ARG A 617 -46.05 -41.72 -20.05
C ARG A 617 -46.96 -41.37 -21.22
N PRO A 618 -47.60 -40.21 -21.19
CA PRO A 618 -48.47 -39.81 -22.30
C PRO A 618 -47.63 -39.46 -23.53
N ILE A 619 -47.99 -40.08 -24.66
CA ILE A 619 -47.24 -39.87 -25.89
C ILE A 619 -47.38 -38.47 -26.46
N VAL A 620 -48.32 -37.67 -25.92
CA VAL A 620 -48.50 -36.31 -26.40
C VAL A 620 -47.25 -35.47 -26.14
N ASN A 621 -46.46 -35.84 -25.12
CA ASN A 621 -45.23 -35.13 -24.85
C ASN A 621 -44.17 -35.36 -25.92
N LEU A 622 -44.32 -36.39 -26.76
CA LEU A 622 -43.33 -36.73 -27.76
C LEU A 622 -43.73 -36.37 -29.18
N LEU A 623 -45.02 -36.27 -29.48
CA LEU A 623 -45.47 -35.94 -30.82
C LEU A 623 -46.50 -34.83 -30.78
N PRO A 624 -46.46 -33.90 -31.74
CA PRO A 624 -47.42 -32.79 -31.77
C PRO A 624 -48.77 -33.19 -32.37
N LEU A 625 -49.42 -34.16 -31.75
CA LEU A 625 -50.70 -34.63 -32.24
C LEU A 625 -51.83 -33.70 -31.80
N GLU A 626 -53.02 -33.95 -32.32
CA GLU A 626 -54.20 -33.19 -31.94
C GLU A 626 -54.71 -33.68 -30.58
N GLN A 627 -55.85 -33.14 -30.15
CA GLN A 627 -56.42 -33.57 -28.87
C GLN A 627 -56.99 -34.98 -28.95
N ASP A 628 -57.56 -35.34 -30.10
CA ASP A 628 -58.16 -36.66 -30.29
C ASP A 628 -57.45 -37.46 -31.38
N GLU A 629 -56.24 -37.06 -31.75
CA GLU A 629 -55.46 -37.77 -32.75
C GLU A 629 -54.64 -38.85 -32.06
N ARG A 630 -54.81 -40.10 -32.50
CA ARG A 630 -54.18 -41.24 -31.86
C ARG A 630 -53.57 -42.16 -32.91
N ILE A 631 -52.45 -42.79 -32.56
CA ILE A 631 -51.77 -43.69 -33.47
C ILE A 631 -52.59 -44.95 -33.67
N THR A 632 -52.44 -45.57 -34.84
CA THR A 632 -53.14 -46.82 -35.15
C THR A 632 -52.27 -47.89 -35.77
N ALA A 633 -51.07 -47.57 -36.25
CA ALA A 633 -50.20 -48.56 -36.87
C ALA A 633 -48.77 -48.08 -36.79
N ILE A 634 -47.84 -49.01 -36.58
CA ILE A 634 -46.42 -48.71 -36.46
C ILE A 634 -45.64 -49.64 -37.37
N LEU A 635 -44.75 -49.06 -38.18
CA LEU A 635 -43.93 -49.83 -39.11
C LEU A 635 -42.45 -49.64 -38.77
N PRO A 636 -41.83 -50.60 -38.11
CA PRO A 636 -40.38 -50.49 -37.84
C PRO A 636 -39.59 -50.50 -39.15
N VAL A 637 -38.52 -49.70 -39.17
CA VAL A 637 -37.64 -49.59 -40.32
C VAL A 637 -36.20 -49.63 -39.83
N THR A 638 -35.38 -50.50 -40.43
CA THR A 638 -33.97 -50.56 -40.07
C THR A 638 -33.18 -49.44 -40.74
N GLU A 639 -33.18 -49.42 -42.07
CA GLU A 639 -32.55 -48.36 -42.82
C GLU A 639 -33.21 -48.26 -44.19
N PHE A 640 -33.00 -47.13 -44.85
CA PHE A 640 -33.59 -46.87 -46.15
C PHE A 640 -32.62 -47.25 -47.25
N GLU A 641 -33.10 -48.03 -48.22
CA GLU A 641 -32.25 -48.49 -49.31
C GLU A 641 -33.10 -48.75 -50.54
N GLU A 642 -32.48 -48.62 -51.71
CA GLU A 642 -33.13 -48.86 -53.00
C GLU A 642 -34.38 -48.00 -53.16
N GLY A 643 -35.30 -48.44 -54.01
CA GLY A 643 -36.55 -47.73 -54.23
C GLY A 643 -37.76 -48.61 -53.97
N VAL A 644 -37.65 -49.48 -52.96
CA VAL A 644 -38.77 -50.36 -52.63
C VAL A 644 -39.94 -49.54 -52.13
N LYS A 645 -41.12 -50.16 -52.18
CA LYS A 645 -42.38 -49.49 -51.86
C LYS A 645 -42.91 -49.95 -50.51
N VAL A 646 -43.91 -49.24 -50.02
CA VAL A 646 -44.60 -49.56 -48.77
C VAL A 646 -46.05 -49.86 -49.11
N PHE A 647 -46.48 -51.08 -48.81
CA PHE A 647 -47.86 -51.47 -49.04
C PHE A 647 -48.71 -51.08 -47.83
N MET A 648 -49.76 -50.32 -48.07
CA MET A 648 -50.64 -49.83 -47.02
C MET A 648 -52.01 -50.45 -47.19
N ALA A 649 -52.50 -51.11 -46.14
CA ALA A 649 -53.82 -51.72 -46.14
C ALA A 649 -54.65 -51.11 -45.03
N THR A 650 -55.82 -50.58 -45.39
CA THR A 650 -56.70 -49.91 -44.45
C THR A 650 -57.95 -50.76 -44.21
N ALA A 651 -58.87 -50.21 -43.43
CA ALA A 651 -60.17 -50.83 -43.27
C ALA A 651 -61.01 -50.64 -44.53
N ASN A 652 -62.12 -51.37 -44.61
CA ASN A 652 -63.03 -51.31 -45.74
C ASN A 652 -62.36 -51.72 -47.04
N GLY A 653 -61.30 -52.51 -46.95
CA GLY A 653 -60.66 -53.10 -48.12
C GLY A 653 -60.08 -52.10 -49.11
N THR A 654 -59.33 -51.12 -48.62
CA THR A 654 -58.66 -50.16 -49.48
C THR A 654 -57.16 -50.44 -49.47
N VAL A 655 -56.53 -50.29 -50.64
CA VAL A 655 -55.11 -50.56 -50.80
C VAL A 655 -54.43 -49.33 -51.40
N LYS A 656 -53.12 -49.24 -51.19
CA LYS A 656 -52.33 -48.13 -51.67
C LYS A 656 -50.86 -48.52 -51.67
N LYS A 657 -50.11 -48.03 -52.66
CA LYS A 657 -48.69 -48.29 -52.77
C LYS A 657 -47.96 -46.97 -53.01
N THR A 658 -46.88 -46.74 -52.25
CA THR A 658 -46.11 -45.50 -52.35
C THR A 658 -44.63 -45.84 -52.22
N VAL A 659 -43.79 -44.97 -52.79
CA VAL A 659 -42.35 -45.16 -52.75
C VAL A 659 -41.82 -44.77 -51.38
N LEU A 660 -40.88 -45.56 -50.86
CA LEU A 660 -40.38 -45.35 -49.50
C LEU A 660 -39.57 -44.06 -49.37
N THR A 661 -38.87 -43.65 -50.45
CA THR A 661 -37.95 -42.52 -50.35
C THR A 661 -38.66 -41.23 -49.98
N GLU A 662 -39.99 -41.16 -50.14
CA GLU A 662 -40.73 -39.97 -49.73
C GLU A 662 -40.71 -39.78 -48.22
N PHE A 663 -40.48 -40.85 -47.45
CA PHE A 663 -40.44 -40.77 -46.00
C PHE A 663 -39.01 -40.77 -45.45
N ASN A 664 -38.03 -40.46 -46.29
CA ASN A 664 -36.65 -40.47 -45.83
C ASN A 664 -36.34 -39.28 -44.92
N ARG A 665 -37.06 -38.18 -45.09
CA ARG A 665 -36.83 -36.97 -44.30
C ARG A 665 -38.17 -36.37 -43.90
N LEU A 666 -38.35 -36.15 -42.60
CA LEU A 666 -39.61 -35.64 -42.07
C LEU A 666 -39.35 -34.50 -41.11
N ARG A 667 -40.26 -33.53 -41.10
CA ARG A 667 -40.15 -32.39 -40.21
C ARG A 667 -40.85 -32.70 -38.89
N THR A 668 -41.01 -31.67 -38.04
CA THR A 668 -41.71 -31.88 -36.78
C THR A 668 -43.17 -32.25 -37.01
N ALA A 669 -43.82 -31.61 -37.97
CA ALA A 669 -45.20 -31.92 -38.34
C ALA A 669 -45.17 -32.84 -39.56
N GLY A 670 -45.96 -33.92 -39.48
CA GLY A 670 -45.93 -34.91 -40.54
C GLY A 670 -46.65 -34.45 -41.80
N LYS A 671 -46.36 -35.16 -42.88
CA LYS A 671 -47.01 -34.93 -44.17
C LYS A 671 -48.06 -36.00 -44.41
N VAL A 672 -49.15 -35.60 -45.09
CA VAL A 672 -50.22 -36.54 -45.38
C VAL A 672 -49.71 -37.61 -46.34
N ALA A 673 -49.97 -38.87 -46.00
CA ALA A 673 -49.53 -40.00 -46.81
C ALA A 673 -50.68 -40.79 -47.43
N ILE A 674 -51.92 -40.50 -47.05
CA ILE A 674 -53.08 -41.18 -47.62
C ILE A 674 -54.31 -40.34 -47.34
N LYS A 675 -55.21 -40.26 -48.33
CA LYS A 675 -56.45 -39.50 -48.19
C LYS A 675 -57.54 -40.45 -47.70
N LEU A 676 -57.77 -40.47 -46.40
CA LEU A 676 -58.80 -41.33 -45.83
C LEU A 676 -60.17 -40.65 -45.93
N VAL A 677 -61.21 -41.49 -45.88
CA VAL A 677 -62.60 -41.03 -45.96
C VAL A 677 -63.38 -41.64 -44.81
N ASP A 678 -64.09 -40.80 -44.07
CA ASP A 678 -64.98 -41.23 -42.99
C ASP A 678 -64.17 -41.99 -41.94
N GLY A 679 -64.77 -43.00 -41.32
CA GLY A 679 -64.11 -43.77 -40.29
C GLY A 679 -63.30 -44.94 -40.84
N ASP A 680 -62.38 -44.64 -41.75
CA ASP A 680 -61.48 -45.64 -42.32
C ASP A 680 -60.10 -45.45 -41.72
N GLU A 681 -59.48 -46.54 -41.27
CA GLU A 681 -58.22 -46.48 -40.56
C GLU A 681 -57.23 -47.49 -41.14
N LEU A 682 -55.95 -47.14 -41.07
CA LEU A 682 -54.90 -48.09 -41.42
C LEU A 682 -54.75 -49.12 -40.32
N ILE A 683 -54.73 -50.41 -40.70
CA ILE A 683 -54.64 -51.48 -39.72
C ILE A 683 -53.39 -52.31 -40.01
N GLY A 684 -52.97 -52.34 -41.26
CA GLY A 684 -51.81 -53.14 -41.63
C GLY A 684 -50.88 -52.45 -42.62
N VAL A 685 -49.61 -52.37 -42.27
CA VAL A 685 -48.59 -51.73 -43.11
C VAL A 685 -47.34 -52.59 -43.08
N ASP A 686 -46.74 -52.83 -44.25
CA ASP A 686 -45.50 -53.58 -44.32
C ASP A 686 -44.72 -53.14 -45.55
N LEU A 687 -43.40 -53.32 -45.48
CA LEU A 687 -42.51 -53.01 -46.59
C LEU A 687 -42.64 -54.07 -47.67
N THR A 688 -42.77 -53.64 -48.92
CA THR A 688 -42.99 -54.54 -50.04
C THR A 688 -41.95 -54.27 -51.12
N SER A 689 -41.33 -55.35 -51.61
CA SER A 689 -40.34 -55.25 -52.67
C SER A 689 -41.04 -55.12 -54.03
N GLY A 690 -40.27 -55.29 -55.10
CA GLY A 690 -40.84 -55.09 -56.43
C GLY A 690 -41.94 -56.09 -56.75
N GLU A 691 -41.70 -57.37 -56.47
CA GLU A 691 -42.67 -58.42 -56.79
C GLU A 691 -42.82 -59.34 -55.60
N ASP A 692 -44.04 -59.43 -55.06
CA ASP A 692 -44.36 -60.31 -53.94
C ASP A 692 -45.86 -60.56 -53.97
N GLU A 693 -46.38 -61.11 -52.88
CA GLU A 693 -47.80 -61.45 -52.75
C GLU A 693 -48.37 -60.78 -51.51
N VAL A 694 -49.67 -60.47 -51.56
CA VAL A 694 -50.37 -59.81 -50.47
C VAL A 694 -51.57 -60.68 -50.07
N MET A 695 -51.67 -60.98 -48.78
CA MET A 695 -52.78 -61.76 -48.24
C MET A 695 -53.55 -60.93 -47.24
N LEU A 696 -54.87 -60.85 -47.43
CA LEU A 696 -55.74 -60.12 -46.53
C LEU A 696 -56.64 -61.08 -45.76
N PHE A 697 -56.93 -60.73 -44.51
CA PHE A 697 -57.67 -61.60 -43.61
C PHE A 697 -58.78 -60.81 -42.92
N SER A 698 -59.81 -61.54 -42.51
CA SER A 698 -60.97 -60.96 -41.84
C SER A 698 -61.32 -61.78 -40.61
N ALA A 699 -62.07 -61.16 -39.70
CA ALA A 699 -62.49 -61.84 -38.48
C ALA A 699 -63.51 -62.94 -38.74
N GLU A 700 -64.10 -62.99 -39.94
CA GLU A 700 -65.09 -64.01 -40.29
C GLU A 700 -64.50 -65.14 -41.11
N GLY A 701 -63.18 -65.22 -41.22
CA GLY A 701 -62.55 -66.31 -41.94
C GLY A 701 -62.54 -66.11 -43.44
N LYS A 702 -61.89 -65.06 -43.90
CA LYS A 702 -61.78 -64.76 -45.33
C LYS A 702 -60.30 -64.56 -45.68
N VAL A 703 -59.85 -65.20 -46.74
CA VAL A 703 -58.49 -65.06 -47.23
C VAL A 703 -58.54 -64.63 -48.69
N VAL A 704 -57.73 -63.63 -49.04
CA VAL A 704 -57.64 -63.13 -50.41
C VAL A 704 -56.17 -62.96 -50.75
N ARG A 705 -55.72 -63.62 -51.81
CA ARG A 705 -54.35 -63.55 -52.27
C ARG A 705 -54.32 -63.07 -53.71
N PHE A 706 -53.47 -62.09 -54.00
CA PHE A 706 -53.33 -61.59 -55.36
C PHE A 706 -51.96 -60.97 -55.51
N LYS A 707 -51.48 -60.94 -56.76
CA LYS A 707 -50.17 -60.37 -57.05
C LYS A 707 -50.18 -58.86 -56.84
N GLU A 708 -49.07 -58.34 -56.28
CA GLU A 708 -48.94 -56.91 -56.08
C GLU A 708 -48.75 -56.14 -57.39
N SER A 709 -48.48 -56.84 -58.49
CA SER A 709 -48.29 -56.16 -59.77
C SER A 709 -49.57 -55.49 -60.24
N SER A 710 -50.73 -56.04 -59.89
CA SER A 710 -52.01 -55.47 -60.31
C SER A 710 -52.29 -54.11 -59.67
N VAL A 711 -51.53 -53.73 -58.64
CA VAL A 711 -51.71 -52.45 -57.96
C VAL A 711 -50.58 -51.53 -58.38
N ARG A 712 -50.92 -50.31 -58.78
CA ARG A 712 -49.96 -49.33 -59.26
C ARG A 712 -49.60 -48.35 -58.16
N ALA A 713 -48.41 -47.77 -58.28
CA ALA A 713 -47.98 -46.74 -57.34
C ALA A 713 -48.73 -45.43 -57.61
N MET A 714 -48.93 -44.65 -56.55
CA MET A 714 -49.66 -43.39 -56.65
C MET A 714 -48.90 -42.34 -55.85
N GLY A 715 -49.51 -41.16 -55.73
CA GLY A 715 -48.94 -40.09 -54.94
C GLY A 715 -49.26 -40.22 -53.47
N CYS A 716 -48.85 -39.20 -52.71
CA CYS A 716 -49.07 -39.22 -51.27
C CYS A 716 -50.55 -39.04 -50.94
N ASN A 717 -51.13 -37.91 -51.33
CA ASN A 717 -52.52 -37.59 -50.99
C ASN A 717 -53.45 -38.17 -52.06
N THR A 718 -53.50 -39.50 -52.09
CA THR A 718 -54.38 -40.23 -53.01
C THR A 718 -55.28 -41.16 -52.20
N THR A 719 -56.52 -41.29 -52.65
CA THR A 719 -57.50 -42.11 -51.93
C THR A 719 -57.13 -43.58 -51.96
N GLY A 720 -56.84 -44.11 -53.13
CA GLY A 720 -56.56 -45.53 -53.31
C GLY A 720 -57.69 -46.22 -54.04
N VAL A 721 -57.61 -47.56 -54.06
CA VAL A 721 -58.58 -48.39 -54.75
C VAL A 721 -58.90 -49.60 -53.86
N ARG A 722 -60.05 -50.22 -54.15
CA ARG A 722 -60.46 -51.42 -53.44
C ARG A 722 -59.71 -52.64 -54.00
N GLY A 723 -59.28 -53.52 -53.10
CA GLY A 723 -58.51 -54.68 -53.50
C GLY A 723 -59.11 -56.00 -53.08
N ILE A 724 -60.09 -55.97 -52.17
CA ILE A 724 -60.76 -57.18 -51.68
C ILE A 724 -62.26 -56.95 -51.70
N ARG A 725 -63.00 -57.94 -52.18
CA ARG A 725 -64.46 -57.89 -52.19
C ARG A 725 -64.96 -58.14 -50.76
N LEU A 726 -64.85 -57.10 -49.95
CA LEU A 726 -65.24 -57.21 -48.55
C LEU A 726 -66.75 -57.36 -48.42
N GLY A 727 -67.18 -58.18 -47.46
CA GLY A 727 -68.59 -58.38 -47.22
C GLY A 727 -69.19 -57.29 -46.34
N GLU A 728 -70.13 -57.66 -45.47
CA GLU A 728 -70.80 -56.73 -44.59
C GLU A 728 -70.64 -57.20 -43.14
N GLY A 729 -70.43 -56.24 -42.24
CA GLY A 729 -70.24 -56.58 -40.84
C GLY A 729 -68.90 -57.17 -40.51
N ASP A 730 -67.88 -56.93 -41.35
CA ASP A 730 -66.55 -57.48 -41.13
C ASP A 730 -65.51 -56.38 -41.35
N LYS A 731 -64.35 -56.56 -40.72
CA LYS A 731 -63.24 -55.63 -40.82
C LYS A 731 -61.96 -56.40 -41.12
N VAL A 732 -61.12 -55.82 -41.99
CA VAL A 732 -59.82 -56.40 -42.28
C VAL A 732 -58.93 -56.17 -41.05
N VAL A 733 -58.63 -57.23 -40.32
CA VAL A 733 -57.95 -57.12 -39.03
C VAL A 733 -56.52 -57.62 -39.08
N SER A 734 -56.06 -58.14 -40.21
CA SER A 734 -54.70 -58.64 -40.30
C SER A 734 -54.20 -58.53 -41.73
N LEU A 735 -52.88 -58.50 -41.87
CA LEU A 735 -52.22 -58.45 -43.16
C LEU A 735 -50.91 -59.21 -43.08
N ILE A 736 -50.68 -60.10 -44.04
CA ILE A 736 -49.46 -60.90 -44.11
C ILE A 736 -48.93 -60.84 -45.53
N VAL A 737 -47.63 -60.60 -45.66
CA VAL A 737 -46.93 -60.70 -46.94
C VAL A 737 -46.16 -62.02 -46.93
N PRO A 738 -46.60 -63.03 -47.68
CA PRO A 738 -45.92 -64.34 -47.61
C PRO A 738 -44.48 -64.27 -48.07
N ARG A 739 -43.63 -65.01 -47.36
CA ARG A 739 -42.21 -65.15 -47.68
C ARG A 739 -41.75 -66.48 -47.12
N GLY A 740 -40.89 -67.17 -47.88
CA GLY A 740 -40.55 -68.52 -47.48
C GLY A 740 -41.75 -69.44 -47.62
N ASP A 741 -41.79 -70.47 -46.78
CA ASP A 741 -42.85 -71.46 -46.84
C ASP A 741 -43.00 -72.11 -45.47
N GLY A 742 -44.12 -72.82 -45.29
CA GLY A 742 -44.34 -73.60 -44.09
C GLY A 742 -44.45 -72.80 -42.81
N ALA A 743 -45.24 -71.73 -42.84
CA ALA A 743 -45.40 -70.87 -41.67
C ALA A 743 -46.73 -70.14 -41.77
N ILE A 744 -47.68 -70.49 -40.91
CA ILE A 744 -48.98 -69.81 -40.84
C ILE A 744 -49.60 -70.09 -39.49
N LEU A 745 -50.20 -69.06 -38.89
CA LEU A 745 -50.85 -69.20 -37.60
C LEU A 745 -52.02 -68.21 -37.54
N THR A 746 -53.01 -68.56 -36.72
CA THR A 746 -54.19 -67.72 -36.53
C THR A 746 -54.48 -67.62 -35.04
N ALA A 747 -55.52 -66.85 -34.70
CA ALA A 747 -55.92 -66.69 -33.31
C ALA A 747 -57.38 -66.26 -33.26
N THR A 748 -57.98 -66.41 -32.08
CA THR A 748 -59.36 -66.03 -31.84
C THR A 748 -59.44 -65.23 -30.53
N GLN A 749 -60.65 -64.80 -30.19
CA GLN A 749 -60.85 -64.03 -28.98
C GLN A 749 -60.64 -64.86 -27.71
N ASN A 750 -60.63 -66.19 -27.83
CA ASN A 750 -60.48 -67.07 -26.69
C ASN A 750 -59.16 -67.85 -26.73
N GLY A 751 -58.22 -67.41 -27.55
CA GLY A 751 -56.93 -68.08 -27.64
C GLY A 751 -56.96 -69.44 -28.29
N TYR A 752 -57.66 -69.56 -29.41
CA TYR A 752 -57.71 -70.79 -30.19
C TYR A 752 -57.14 -70.53 -31.57
N GLY A 753 -56.20 -71.38 -31.99
CA GLY A 753 -55.52 -71.20 -33.26
C GLY A 753 -55.00 -72.52 -33.80
N LYS A 754 -54.43 -72.46 -35.00
CA LYS A 754 -53.95 -73.65 -35.68
C LYS A 754 -52.83 -73.26 -36.64
N ARG A 755 -52.06 -74.27 -37.03
CA ARG A 755 -50.98 -74.12 -38.01
C ARG A 755 -51.36 -74.87 -39.27
N THR A 756 -51.34 -74.18 -40.41
CA THR A 756 -51.66 -74.78 -41.70
C THR A 756 -50.57 -74.46 -42.71
N ALA A 757 -50.50 -75.27 -43.76
CA ALA A 757 -49.55 -75.04 -44.83
C ALA A 757 -49.91 -73.77 -45.60
N VAL A 758 -48.90 -73.04 -46.05
CA VAL A 758 -49.13 -71.80 -46.78
C VAL A 758 -49.70 -72.09 -48.16
N ALA A 759 -49.23 -73.15 -48.81
CA ALA A 759 -49.54 -73.41 -50.23
C ALA A 759 -50.98 -73.83 -50.47
N GLU A 760 -51.74 -74.18 -49.43
CA GLU A 760 -53.10 -74.66 -49.62
C GLU A 760 -54.14 -73.54 -49.60
N TYR A 761 -53.73 -72.31 -49.91
CA TYR A 761 -54.66 -71.18 -49.97
C TYR A 761 -54.83 -70.73 -51.41
N PRO A 762 -56.01 -70.89 -52.00
CA PRO A 762 -56.20 -70.51 -53.41
C PRO A 762 -56.06 -69.01 -53.61
N THR A 763 -55.58 -68.63 -54.80
CA THR A 763 -55.33 -67.25 -55.16
C THR A 763 -56.21 -66.87 -56.35
N LYS A 764 -56.88 -65.72 -56.24
CA LYS A 764 -57.66 -65.18 -57.35
C LYS A 764 -57.26 -63.74 -57.61
N SER A 765 -57.99 -63.05 -58.48
CA SER A 765 -57.74 -61.64 -58.73
C SER A 765 -58.21 -60.81 -57.54
N ARG A 766 -57.79 -59.55 -57.52
CA ARG A 766 -58.16 -58.66 -56.44
C ARG A 766 -59.66 -58.33 -56.51
N ALA A 767 -60.18 -57.83 -55.38
CA ALA A 767 -61.60 -57.50 -55.24
C ALA A 767 -62.47 -58.71 -55.55
N THR A 768 -62.09 -59.86 -55.00
CA THR A 768 -62.83 -61.11 -55.18
C THR A 768 -63.02 -61.79 -53.82
N LYS A 769 -64.09 -62.56 -53.72
CA LYS A 769 -64.40 -63.25 -52.47
C LYS A 769 -63.39 -64.36 -52.20
N GLY A 770 -63.19 -64.65 -50.91
CA GLY A 770 -62.29 -65.68 -50.48
C GLY A 770 -63.00 -66.91 -49.95
N VAL A 771 -62.22 -67.76 -49.28
CA VAL A 771 -62.74 -69.01 -48.72
C VAL A 771 -62.70 -68.94 -47.20
N ILE A 772 -63.23 -69.95 -46.54
CA ILE A 772 -63.23 -70.00 -45.09
C ILE A 772 -61.86 -70.45 -44.61
N SER A 773 -61.27 -69.68 -43.70
CA SER A 773 -59.92 -69.97 -43.22
C SER A 773 -59.93 -70.79 -41.93
N ILE A 774 -60.90 -70.56 -41.04
CA ILE A 774 -60.98 -71.29 -39.78
C ILE A 774 -62.43 -71.28 -39.32
N LYS A 775 -62.83 -72.36 -38.64
CA LYS A 775 -64.19 -72.49 -38.17
C LYS A 775 -64.49 -71.47 -37.08
N VAL A 776 -65.62 -70.78 -37.20
CA VAL A 776 -66.02 -69.81 -36.18
C VAL A 776 -66.42 -70.54 -34.90
N THR A 777 -67.27 -71.55 -35.02
CA THR A 777 -67.80 -72.33 -33.90
C THR A 777 -68.35 -71.38 -32.84
N GLU A 778 -68.29 -71.80 -31.57
CA GLU A 778 -68.69 -70.95 -30.45
C GLU A 778 -67.68 -70.95 -29.32
N ARG A 779 -66.67 -71.82 -29.34
CA ARG A 779 -65.62 -71.83 -28.33
C ARG A 779 -64.46 -70.92 -28.69
N ASN A 780 -64.51 -70.25 -29.85
CA ASN A 780 -63.39 -69.45 -30.34
C ASN A 780 -63.70 -67.96 -30.30
N GLY A 781 -64.78 -67.52 -30.92
CA GLY A 781 -65.11 -66.11 -30.98
C GLY A 781 -64.88 -65.52 -32.35
N LEU A 782 -64.01 -64.51 -32.43
CA LEU A 782 -63.70 -63.84 -33.69
C LEU A 782 -62.20 -63.88 -33.94
N VAL A 783 -61.83 -63.96 -35.22
CA VAL A 783 -60.42 -63.99 -35.59
C VAL A 783 -59.82 -62.61 -35.39
N VAL A 784 -58.70 -62.55 -34.67
CA VAL A 784 -58.06 -61.29 -34.31
C VAL A 784 -56.89 -60.97 -35.22
N GLY A 785 -55.96 -61.91 -35.37
CA GLY A 785 -54.79 -61.67 -36.20
C GLY A 785 -54.15 -62.96 -36.64
N ALA A 786 -53.26 -62.85 -37.63
CA ALA A 786 -52.55 -63.98 -38.19
C ALA A 786 -51.09 -63.64 -38.34
N VAL A 787 -50.22 -64.63 -38.12
CA VAL A 787 -48.79 -64.46 -38.23
C VAL A 787 -48.20 -65.60 -39.05
N GLN A 788 -47.05 -65.33 -39.66
CA GLN A 788 -46.32 -66.30 -40.47
C GLN A 788 -45.10 -66.74 -39.67
N VAL A 789 -45.28 -67.77 -38.84
CA VAL A 789 -44.24 -68.24 -37.92
C VAL A 789 -44.03 -69.72 -38.15
N ASP A 790 -42.77 -70.11 -38.37
CA ASP A 790 -42.38 -71.51 -38.48
C ASP A 790 -41.95 -72.01 -37.10
N ASP A 791 -41.33 -73.18 -37.07
CA ASP A 791 -40.88 -73.75 -35.80
C ASP A 791 -39.65 -72.99 -35.30
N CYS A 792 -39.15 -73.42 -34.13
CA CYS A 792 -37.99 -72.83 -33.47
C CYS A 792 -38.21 -71.37 -33.09
N ASP A 793 -39.46 -70.95 -32.96
CA ASP A 793 -39.81 -69.57 -32.60
C ASP A 793 -40.79 -69.60 -31.44
N GLN A 794 -41.14 -68.41 -30.95
CA GLN A 794 -42.09 -68.25 -29.88
C GLN A 794 -43.01 -67.08 -30.20
N ILE A 795 -44.19 -67.08 -29.56
CA ILE A 795 -45.20 -66.06 -29.79
C ILE A 795 -45.62 -65.47 -28.45
N MET A 796 -46.22 -64.27 -28.53
CA MET A 796 -46.73 -63.60 -27.35
C MET A 796 -48.18 -63.19 -27.59
N MET A 797 -49.01 -63.37 -26.57
CA MET A 797 -50.42 -63.02 -26.63
C MET A 797 -50.78 -62.18 -25.43
N ILE A 798 -51.42 -61.04 -25.66
CA ILE A 798 -51.81 -60.12 -24.60
C ILE A 798 -53.29 -59.78 -24.77
N THR A 799 -54.00 -59.74 -23.64
CA THR A 799 -55.41 -59.41 -23.64
C THR A 799 -55.61 -57.92 -23.34
N ASP A 800 -56.88 -57.50 -23.32
CA ASP A 800 -57.20 -56.10 -23.06
C ASP A 800 -56.90 -55.69 -21.63
N ALA A 801 -56.64 -56.64 -20.73
CA ALA A 801 -56.30 -56.35 -19.34
C ALA A 801 -54.93 -56.92 -18.99
N GLY A 802 -53.96 -56.74 -19.88
CA GLY A 802 -52.63 -57.25 -19.62
C GLY A 802 -52.57 -58.74 -19.86
N THR A 803 -52.11 -59.47 -18.84
CA THR A 803 -52.00 -60.93 -18.88
C THR A 803 -51.10 -61.38 -20.04
N LEU A 804 -49.85 -60.96 -19.98
CA LEU A 804 -48.87 -61.36 -20.98
C LEU A 804 -48.51 -62.83 -20.83
N VAL A 805 -48.23 -63.48 -21.95
CA VAL A 805 -47.87 -64.89 -21.98
C VAL A 805 -46.93 -65.12 -23.14
N ARG A 806 -46.05 -66.11 -23.00
CA ARG A 806 -45.07 -66.44 -24.03
C ARG A 806 -44.89 -67.95 -24.05
N THR A 807 -45.19 -68.57 -25.20
CA THR A 807 -45.06 -70.01 -25.36
C THR A 807 -44.41 -70.30 -26.71
N ARG A 808 -44.08 -71.58 -26.92
CA ARG A 808 -43.46 -72.03 -28.15
C ARG A 808 -44.51 -72.60 -29.10
N VAL A 809 -44.07 -72.91 -30.32
CA VAL A 809 -44.96 -73.39 -31.38
C VAL A 809 -44.79 -74.89 -31.62
N SER A 810 -44.00 -75.57 -30.80
CA SER A 810 -43.81 -77.00 -30.97
C SER A 810 -45.07 -77.78 -30.68
N GLU A 811 -45.90 -77.29 -29.75
CA GLU A 811 -47.10 -78.01 -29.33
C GLU A 811 -48.33 -77.72 -30.19
N ILE A 812 -48.13 -77.11 -31.35
CA ILE A 812 -49.21 -76.89 -32.31
C ILE A 812 -48.83 -77.62 -33.60
N SER A 813 -49.70 -78.49 -34.07
CA SER A 813 -49.43 -79.33 -35.23
C SER A 813 -50.02 -78.71 -36.49
N ILE A 814 -49.85 -79.42 -37.61
CA ILE A 814 -50.35 -78.98 -38.90
C ILE A 814 -51.69 -79.67 -39.16
N VAL A 815 -52.72 -78.87 -39.44
CA VAL A 815 -54.06 -79.38 -39.68
C VAL A 815 -54.58 -78.77 -40.99
N GLY A 816 -55.77 -79.20 -41.39
CA GLY A 816 -56.38 -78.65 -42.57
C GLY A 816 -56.98 -77.28 -42.33
N ARG A 817 -57.27 -76.58 -43.45
CA ARG A 817 -57.82 -75.24 -43.36
C ARG A 817 -59.19 -75.26 -42.70
N ASN A 818 -60.04 -76.21 -43.06
CA ASN A 818 -61.40 -76.29 -42.52
C ASN A 818 -61.39 -77.10 -41.22
N THR A 819 -60.75 -76.51 -40.21
CA THR A 819 -60.67 -77.09 -38.88
C THR A 819 -60.89 -76.00 -37.85
N GLN A 820 -61.36 -76.39 -36.67
CA GLN A 820 -61.60 -75.45 -35.59
C GLN A 820 -60.34 -75.30 -34.73
N GLY A 821 -60.35 -74.27 -33.89
CA GLY A 821 -59.20 -74.00 -33.05
C GLY A 821 -59.09 -74.93 -31.87
N VAL A 822 -57.87 -75.03 -31.34
CA VAL A 822 -57.57 -75.82 -30.16
C VAL A 822 -57.08 -74.87 -29.07
N ILE A 823 -57.12 -75.34 -27.84
CA ILE A 823 -56.77 -74.49 -26.69
C ILE A 823 -55.29 -74.12 -26.74
N LEU A 824 -55.02 -72.82 -26.68
CA LEU A 824 -53.65 -72.31 -26.60
C LEU A 824 -53.39 -71.61 -25.28
N ILE A 825 -54.19 -70.61 -24.91
CA ILE A 825 -54.02 -69.86 -23.68
C ILE A 825 -55.33 -69.92 -22.89
N ARG A 826 -55.22 -70.17 -21.60
CA ARG A 826 -56.39 -70.24 -20.73
C ARG A 826 -56.93 -68.83 -20.48
N THR A 827 -57.77 -68.34 -21.38
CA THR A 827 -58.35 -67.01 -21.22
C THR A 827 -59.28 -66.98 -20.02
N ALA A 828 -59.29 -65.85 -19.33
CA ALA A 828 -60.13 -65.68 -18.14
C ALA A 828 -61.44 -65.01 -18.51
N GLU A 829 -62.32 -64.87 -17.53
CA GLU A 829 -63.62 -64.23 -17.75
C GLU A 829 -63.44 -62.76 -18.07
N ASP A 830 -64.38 -62.23 -18.86
CA ASP A 830 -64.38 -60.82 -19.26
C ASP A 830 -63.07 -60.43 -19.93
N GLU A 831 -62.53 -61.35 -20.72
CA GLU A 831 -61.26 -61.13 -21.41
C GLU A 831 -61.36 -61.57 -22.86
N ASN A 832 -60.61 -60.89 -23.72
CA ASN A 832 -60.50 -61.25 -25.12
C ASN A 832 -59.07 -60.95 -25.58
N VAL A 833 -58.55 -61.81 -26.46
CA VAL A 833 -57.19 -61.64 -26.95
C VAL A 833 -57.14 -60.45 -27.90
N VAL A 834 -56.20 -59.53 -27.65
CA VAL A 834 -56.07 -58.34 -28.45
C VAL A 834 -54.76 -58.31 -29.24
N GLY A 835 -53.69 -58.91 -28.72
CA GLY A 835 -52.38 -58.84 -29.35
C GLY A 835 -51.87 -60.21 -29.74
N LEU A 836 -51.01 -60.22 -30.76
CA LEU A 836 -50.36 -61.45 -31.21
C LEU A 836 -49.11 -61.05 -31.96
N GLN A 837 -47.94 -61.34 -31.40
CA GLN A 837 -46.66 -60.98 -31.98
C GLN A 837 -45.77 -62.20 -32.07
N ARG A 838 -44.80 -62.15 -32.99
CA ARG A 838 -43.88 -63.24 -33.22
C ARG A 838 -42.51 -62.90 -32.63
N VAL A 839 -41.95 -63.86 -31.89
CA VAL A 839 -40.60 -63.73 -31.33
C VAL A 839 -39.71 -64.75 -32.03
N ALA A 840 -38.65 -64.26 -32.65
CA ALA A 840 -37.75 -65.12 -33.42
C ALA A 840 -36.87 -65.93 -32.48
N GLU A 841 -35.92 -66.67 -33.05
CA GLU A 841 -35.02 -67.51 -32.27
C GLU A 841 -34.02 -66.66 -31.49
N SER B 10 51.30 47.38 -22.13
CA SER B 10 52.23 47.52 -23.25
C SER B 10 51.95 46.49 -24.33
N ILE B 11 51.85 45.22 -23.93
CA ILE B 11 51.56 44.14 -24.85
C ILE B 11 50.21 43.50 -24.58
N LYS B 12 49.72 43.50 -23.34
CA LYS B 12 48.42 42.95 -23.03
C LYS B 12 47.31 43.71 -23.75
N VAL B 13 47.42 45.04 -23.79
CA VAL B 13 46.43 45.83 -24.49
C VAL B 13 46.43 45.51 -25.98
N LEU B 14 47.62 45.34 -26.57
CA LEU B 14 47.71 44.96 -27.97
C LEU B 14 47.05 43.62 -28.23
N LYS B 15 47.32 42.64 -27.37
CA LYS B 15 46.72 41.32 -27.54
C LYS B 15 45.20 41.38 -27.40
N GLY B 16 44.71 42.16 -26.44
CA GLY B 16 43.26 42.29 -26.30
C GLY B 16 42.61 42.95 -27.48
N LEU B 17 43.23 44.01 -28.02
CA LEU B 17 42.69 44.65 -29.21
C LEU B 17 42.69 43.71 -30.40
N ASP B 18 43.75 42.91 -30.55
CA ASP B 18 43.79 41.92 -31.62
C ASP B 18 42.69 40.88 -31.45
N ALA B 19 42.47 40.42 -30.21
CA ALA B 19 41.42 39.45 -29.95
C ALA B 19 40.04 40.01 -30.29
N VAL B 20 39.82 41.29 -29.95
CA VAL B 20 38.58 41.94 -30.35
C VAL B 20 38.46 42.00 -31.87
N ARG B 21 39.57 42.34 -32.55
CA ARG B 21 39.53 42.45 -34.00
C ARG B 21 39.28 41.09 -34.67
N LYS B 22 39.61 40.00 -33.99
CA LYS B 22 39.43 38.68 -34.60
C LYS B 22 37.96 38.41 -34.93
N ARG B 23 37.06 38.72 -33.99
CA ARG B 23 35.62 38.49 -34.15
C ARG B 23 34.87 39.77 -33.80
N PRO B 24 34.90 40.77 -34.69
CA PRO B 24 34.22 42.04 -34.37
C PRO B 24 32.73 41.91 -34.17
N GLY B 25 32.07 40.99 -34.88
CA GLY B 25 30.61 40.92 -34.81
C GLY B 25 30.10 40.61 -33.41
N MET B 26 30.77 39.72 -32.71
CA MET B 26 30.35 39.31 -31.38
C MET B 26 30.63 40.36 -30.31
N TYR B 27 31.05 41.57 -30.70
CA TYR B 27 31.29 42.62 -29.71
C TYR B 27 30.50 43.87 -30.05
N ILE B 28 30.17 44.07 -31.33
CA ILE B 28 29.44 45.24 -31.77
C ILE B 28 28.05 44.89 -32.32
N GLY B 29 27.92 43.76 -33.00
CA GLY B 29 26.65 43.34 -33.58
C GLY B 29 26.81 43.07 -35.07
N ASP B 30 25.82 43.51 -35.84
CA ASP B 30 25.82 43.29 -37.28
C ASP B 30 26.73 44.29 -37.98
N THR B 31 27.52 43.78 -38.93
CA THR B 31 28.40 44.61 -39.74
C THR B 31 27.95 44.69 -41.20
N ASP B 32 26.85 44.02 -41.55
CA ASP B 32 26.36 44.04 -42.92
C ASP B 32 25.33 45.15 -43.13
N ASP B 33 24.32 45.22 -42.26
CA ASP B 33 23.33 46.28 -42.34
C ASP B 33 23.78 47.59 -41.71
N GLY B 34 24.88 47.58 -40.97
CA GLY B 34 25.39 48.80 -40.36
C GLY B 34 24.79 49.13 -39.02
N THR B 35 24.14 48.18 -38.35
CA THR B 35 23.57 48.45 -37.03
C THR B 35 24.63 48.83 -36.03
N GLY B 36 25.77 48.12 -36.04
CA GLY B 36 26.84 48.46 -35.13
C GLY B 36 27.46 49.81 -35.41
N LEU B 37 27.44 50.23 -36.68
CA LEU B 37 27.95 51.56 -37.02
C LEU B 37 27.18 52.64 -36.29
N HIS B 38 25.85 52.53 -36.26
CA HIS B 38 25.04 53.46 -35.49
C HIS B 38 25.15 53.18 -34.00
N HIS B 39 25.44 51.93 -33.62
CA HIS B 39 25.52 51.57 -32.21
C HIS B 39 26.71 52.24 -31.54
N MET B 40 27.82 52.38 -32.27
CA MET B 40 28.98 53.09 -31.72
C MET B 40 28.62 54.54 -31.40
N VAL B 41 27.95 55.22 -32.35
CA VAL B 41 27.53 56.60 -32.13
C VAL B 41 26.56 56.67 -30.95
N PHE B 42 25.64 55.70 -30.86
CA PHE B 42 24.69 55.68 -29.75
C PHE B 42 25.41 55.52 -28.42
N GLU B 43 26.42 54.65 -28.36
CA GLU B 43 27.20 54.49 -27.14
C GLU B 43 27.89 55.80 -26.76
N VAL B 44 28.49 56.47 -27.75
CA VAL B 44 29.17 57.72 -27.47
C VAL B 44 28.20 58.78 -26.95
N VAL B 45 27.03 58.88 -27.60
CA VAL B 45 26.05 59.88 -27.20
C VAL B 45 25.49 59.57 -25.82
N ASP B 46 25.27 58.29 -25.51
CA ASP B 46 24.78 57.91 -24.20
C ASP B 46 25.80 58.25 -23.12
N ASN B 47 27.08 57.97 -23.38
CA ASN B 47 28.11 58.33 -22.41
C ASN B 47 28.17 59.85 -22.21
N ALA B 48 28.08 60.60 -23.31
CA ALA B 48 28.11 62.06 -23.20
C ALA B 48 26.93 62.59 -22.41
N ILE B 49 25.73 62.08 -22.68
CA ILE B 49 24.54 62.56 -21.97
C ILE B 49 24.58 62.13 -20.52
N ASP B 50 25.22 60.99 -20.21
CA ASP B 50 25.46 60.64 -18.82
C ASP B 50 26.38 61.67 -18.17
N GLU B 51 27.42 62.10 -18.89
CA GLU B 51 28.23 63.21 -18.40
C GLU B 51 27.43 64.49 -18.34
N ALA B 52 26.60 64.76 -19.35
CA ALA B 52 25.77 65.95 -19.34
C ALA B 52 24.60 65.85 -18.38
N LEU B 53 24.32 64.67 -17.83
CA LEU B 53 23.23 64.54 -16.86
C LEU B 53 23.51 65.35 -15.61
N ALA B 54 24.75 65.33 -15.13
CA ALA B 54 25.17 66.12 -13.99
C ALA B 54 25.89 67.40 -14.39
N GLY B 55 25.89 67.74 -15.68
CA GLY B 55 26.58 68.92 -16.14
C GLY B 55 25.94 70.20 -15.64
N HIS B 56 26.76 71.25 -15.59
CA HIS B 56 26.28 72.56 -15.15
C HIS B 56 25.18 73.07 -16.06
N CYS B 57 25.35 72.92 -17.36
CA CYS B 57 24.34 73.29 -18.35
C CYS B 57 23.91 72.04 -19.11
N LYS B 58 23.04 72.24 -20.10
CA LYS B 58 22.49 71.15 -20.90
C LYS B 58 22.73 71.51 -22.38
N GLU B 59 23.85 71.03 -22.92
CA GLU B 59 24.19 71.31 -24.31
C GLU B 59 25.07 70.19 -24.84
N ILE B 60 24.68 69.62 -25.97
CA ILE B 60 25.44 68.58 -26.65
C ILE B 60 25.46 68.88 -28.13
N ILE B 61 26.63 68.78 -28.74
CA ILE B 61 26.82 69.09 -30.16
C ILE B 61 27.06 67.79 -30.91
N VAL B 62 26.28 67.56 -31.95
CA VAL B 62 26.42 66.40 -32.82
C VAL B 62 26.59 66.90 -34.25
N THR B 63 27.63 66.41 -34.93
CA THR B 63 27.94 66.87 -36.28
C THR B 63 28.18 65.67 -37.19
N ILE B 64 27.52 65.66 -38.33
CA ILE B 64 27.72 64.65 -39.36
C ILE B 64 28.60 65.27 -40.44
N HIS B 65 29.87 64.88 -40.48
CA HIS B 65 30.81 65.48 -41.39
C HIS B 65 30.73 64.81 -42.77
N ALA B 66 31.31 65.49 -43.76
CA ALA B 66 31.28 65.00 -45.13
C ALA B 66 32.35 63.95 -45.41
N ASP B 67 33.34 63.80 -44.53
CA ASP B 67 34.43 62.84 -44.72
C ASP B 67 34.17 61.51 -44.03
N ASN B 68 32.90 61.12 -43.87
CA ASN B 68 32.51 59.86 -43.24
C ASN B 68 33.02 59.79 -41.80
N SER B 69 32.79 60.87 -41.05
CA SER B 69 33.18 60.93 -39.65
C SER B 69 32.16 61.76 -38.89
N VAL B 70 32.11 61.55 -37.58
CA VAL B 70 31.19 62.25 -36.70
C VAL B 70 31.96 62.76 -35.49
N SER B 71 31.76 64.03 -35.14
CA SER B 71 32.37 64.64 -33.97
C SER B 71 31.27 65.09 -33.02
N VAL B 72 31.39 64.72 -31.75
CA VAL B 72 30.41 65.04 -30.74
C VAL B 72 31.09 65.78 -29.60
N GLN B 73 30.52 66.92 -29.22
CA GLN B 73 31.06 67.75 -28.16
C GLN B 73 29.97 68.06 -27.14
N ASP B 74 30.33 67.97 -25.86
CA ASP B 74 29.40 68.23 -24.76
C ASP B 74 29.82 69.50 -24.03
N ASP B 75 29.10 69.80 -22.95
CA ASP B 75 29.41 70.97 -22.13
C ASP B 75 29.43 70.65 -20.64
N GLY B 76 29.61 69.40 -20.27
CA GLY B 76 29.74 69.02 -18.88
C GLY B 76 31.17 69.14 -18.40
N ARG B 77 31.42 68.58 -17.22
CA ARG B 77 32.78 68.56 -16.69
C ARG B 77 33.66 67.70 -17.59
N GLY B 78 34.84 68.22 -17.92
CA GLY B 78 35.74 67.52 -18.80
C GLY B 78 36.35 66.29 -18.15
N ILE B 79 36.77 65.36 -18.99
CA ILE B 79 37.43 64.14 -18.51
C ILE B 79 38.78 64.52 -17.90
N PRO B 80 39.08 64.08 -16.67
CA PRO B 80 40.34 64.48 -16.05
C PRO B 80 41.56 63.98 -16.81
N THR B 81 42.62 64.77 -16.78
CA THR B 81 43.88 64.45 -17.45
C THR B 81 44.95 64.04 -16.44
N GLY B 82 44.55 63.33 -15.39
CA GLY B 82 45.46 62.96 -14.33
C GLY B 82 46.35 61.78 -14.70
N ILE B 83 47.14 61.37 -13.72
CA ILE B 83 48.08 60.26 -13.87
C ILE B 83 47.55 59.06 -13.12
N HIS B 84 47.76 57.86 -13.67
CA HIS B 84 47.28 56.64 -13.03
C HIS B 84 48.35 56.10 -12.10
N PRO B 85 48.09 56.00 -10.80
CA PRO B 85 49.10 55.44 -9.88
C PRO B 85 49.51 54.01 -10.21
N GLU B 86 48.57 53.18 -10.69
CA GLU B 86 48.89 51.78 -10.93
C GLU B 86 49.71 51.61 -12.22
N GLU B 87 49.13 52.00 -13.36
CA GLU B 87 49.79 51.78 -14.64
C GLU B 87 50.86 52.81 -14.95
N GLY B 88 50.91 53.92 -14.22
CA GLY B 88 51.92 54.94 -14.48
C GLY B 88 51.72 55.75 -15.73
N VAL B 89 50.52 55.71 -16.32
CA VAL B 89 50.24 56.45 -17.54
C VAL B 89 49.08 57.41 -17.30
N SER B 90 48.69 58.15 -18.33
CA SER B 90 47.65 59.17 -18.18
C SER B 90 46.31 58.53 -17.82
N ALA B 91 45.55 59.22 -16.97
CA ALA B 91 44.24 58.71 -16.57
C ALA B 91 43.27 58.71 -17.75
N ALA B 92 43.39 59.67 -18.66
CA ALA B 92 42.52 59.69 -19.83
C ALA B 92 42.73 58.45 -20.70
N GLU B 93 43.99 58.04 -20.89
CA GLU B 93 44.28 56.86 -21.69
C GLU B 93 43.71 55.60 -21.03
N VAL B 94 43.81 55.51 -19.70
CA VAL B 94 43.22 54.39 -18.99
C VAL B 94 41.71 54.39 -19.15
N ILE B 95 41.09 55.59 -19.13
CA ILE B 95 39.66 55.69 -19.33
C ILE B 95 39.26 55.21 -20.71
N MET B 96 40.07 55.55 -21.72
CA MET B 96 39.70 55.23 -23.10
C MET B 96 39.91 53.75 -23.41
N THR B 97 41.16 53.30 -23.40
CA THR B 97 41.51 51.94 -23.82
C THR B 97 42.05 51.17 -22.62
N VAL B 98 41.22 50.35 -22.00
CA VAL B 98 41.65 49.44 -20.94
C VAL B 98 40.56 48.40 -20.75
N LEU B 99 40.95 47.22 -20.28
CA LEU B 99 39.98 46.13 -20.07
C LEU B 99 39.04 46.45 -18.91
N GLY B 120 32.17 51.49 -23.28
CA GLY B 120 32.39 50.67 -24.46
C GLY B 120 33.15 51.39 -25.54
N VAL B 121 33.88 52.46 -25.16
CA VAL B 121 34.64 53.22 -26.12
C VAL B 121 35.83 52.43 -26.66
N SER B 122 36.25 51.37 -25.96
CA SER B 122 37.34 50.54 -26.46
C SER B 122 36.98 49.88 -27.77
N VAL B 123 35.74 49.39 -27.88
CA VAL B 123 35.29 48.77 -29.13
C VAL B 123 35.30 49.78 -30.26
N VAL B 124 34.82 50.99 -29.99
CA VAL B 124 34.79 52.02 -31.03
C VAL B 124 36.19 52.37 -31.48
N ASN B 125 37.12 52.53 -30.51
CA ASN B 125 38.49 52.89 -30.87
C ASN B 125 39.16 51.76 -31.65
N ALA B 126 38.90 50.51 -31.28
CA ALA B 126 39.46 49.39 -32.02
C ALA B 126 38.87 49.29 -33.42
N LEU B 127 37.62 49.73 -33.60
CA LEU B 127 36.97 49.71 -34.89
C LEU B 127 37.12 51.02 -35.67
N SER B 128 37.90 51.97 -35.15
CA SER B 128 38.13 53.25 -35.81
C SER B 128 39.62 53.40 -36.09
N GLN B 129 39.95 53.82 -37.31
CA GLN B 129 41.35 53.97 -37.69
C GLN B 129 42.04 55.09 -36.91
N LYS B 130 41.33 56.19 -36.66
CA LYS B 130 41.90 57.34 -35.98
C LYS B 130 40.86 57.91 -35.03
N LEU B 131 41.30 58.31 -33.85
CA LEU B 131 40.41 58.86 -32.83
C LEU B 131 41.06 60.10 -32.23
N GLU B 132 40.37 61.23 -32.32
CA GLU B 132 40.87 62.49 -31.80
C GLU B 132 40.34 62.71 -30.38
N LEU B 133 41.25 62.85 -29.43
CA LEU B 133 40.91 63.11 -28.04
C LEU B 133 41.29 64.54 -27.68
N VAL B 134 40.32 65.32 -27.25
CA VAL B 134 40.53 66.71 -26.85
C VAL B 134 39.93 66.92 -25.46
N ILE B 135 40.71 67.47 -24.55
CA ILE B 135 40.26 67.77 -23.20
C ILE B 135 40.49 69.26 -22.95
N GLN B 136 39.43 69.97 -22.57
CA GLN B 136 39.51 71.40 -22.28
C GLN B 136 39.06 71.60 -20.83
N ARG B 137 40.03 71.80 -19.94
CA ARG B 137 39.74 72.03 -18.54
C ARG B 137 40.85 72.87 -17.93
N GLU B 138 40.54 73.48 -16.78
CA GLU B 138 41.49 74.29 -16.02
C GLU B 138 42.07 75.43 -16.86
N GLY B 139 41.30 75.90 -17.84
CA GLY B 139 41.75 76.99 -18.66
C GLY B 139 42.78 76.64 -19.71
N LYS B 140 43.06 75.36 -19.92
CA LYS B 140 44.09 74.92 -20.85
C LYS B 140 43.50 73.96 -21.86
N ILE B 141 44.12 73.91 -23.04
CA ILE B 141 43.68 73.06 -24.15
C ILE B 141 44.69 71.94 -24.34
N HIS B 142 44.21 70.70 -24.39
CA HIS B 142 45.02 69.53 -24.64
C HIS B 142 44.60 68.90 -25.96
N ARG B 143 45.40 67.94 -26.42
CA ARG B 143 45.12 67.26 -27.67
C ARG B 143 45.95 65.99 -27.75
N GLN B 144 45.32 64.92 -28.23
CA GLN B 144 46.00 63.64 -28.40
C GLN B 144 45.33 62.87 -29.52
N ILE B 145 46.08 61.95 -30.13
CA ILE B 145 45.62 61.18 -31.27
C ILE B 145 45.81 59.70 -30.98
N TYR B 146 44.80 58.89 -31.28
CA TYR B 146 44.85 57.45 -31.14
C TYR B 146 44.80 56.80 -32.51
N GLU B 147 45.69 55.84 -32.75
CA GLU B 147 45.80 55.16 -34.04
C GLU B 147 45.51 53.68 -33.84
N HIS B 148 44.33 53.25 -34.29
CA HIS B 148 43.90 51.85 -34.16
C HIS B 148 44.00 51.38 -32.71
N GLY B 149 43.66 52.26 -31.78
CA GLY B 149 43.75 51.96 -30.37
C GLY B 149 45.14 52.06 -29.79
N VAL B 150 46.14 52.44 -30.58
CA VAL B 150 47.51 52.57 -30.13
C VAL B 150 47.83 54.05 -29.99
N PRO B 151 48.05 54.56 -28.78
CA PRO B 151 48.42 55.97 -28.64
C PRO B 151 49.75 56.28 -29.32
N GLN B 152 49.86 57.49 -29.85
CA GLN B 152 51.07 57.94 -30.52
C GLN B 152 51.97 58.79 -29.63
N ALA B 153 51.37 59.64 -28.78
CA ALA B 153 52.12 60.48 -27.86
C ALA B 153 51.27 60.69 -26.62
N PRO B 154 51.89 60.89 -25.46
CA PRO B 154 51.11 61.23 -24.26
C PRO B 154 50.45 62.59 -24.40
N LEU B 155 49.35 62.76 -23.67
CA LEU B 155 48.60 64.01 -23.73
C LEU B 155 49.47 65.19 -23.27
N ALA B 156 49.44 66.27 -24.06
CA ALA B 156 50.23 67.45 -23.78
C ALA B 156 49.40 68.70 -24.03
N VAL B 157 49.75 69.77 -23.34
CA VAL B 157 49.02 71.03 -23.47
C VAL B 157 49.37 71.67 -24.82
N THR B 158 48.34 72.07 -25.56
CA THR B 158 48.52 72.71 -26.85
C THR B 158 47.88 74.10 -26.94
N GLY B 159 47.30 74.59 -25.85
CA GLY B 159 46.67 75.90 -25.89
C GLY B 159 46.01 76.22 -24.57
N GLU B 160 45.39 77.39 -24.53
CA GLU B 160 44.70 77.88 -23.35
C GLU B 160 43.25 78.21 -23.71
N THR B 161 42.37 78.12 -22.72
CA THR B 161 40.95 78.37 -22.93
C THR B 161 40.33 78.84 -21.63
N GLU B 162 39.00 78.85 -21.58
CA GLU B 162 38.27 79.15 -20.35
C GLU B 162 37.09 78.24 -20.09
N LYS B 163 36.68 77.40 -21.04
CA LYS B 163 35.49 76.57 -20.91
C LYS B 163 35.87 75.15 -20.54
N THR B 164 34.86 74.39 -20.11
CA THR B 164 35.03 73.02 -19.65
C THR B 164 34.18 72.08 -20.48
N GLY B 165 34.76 70.97 -20.90
CA GLY B 165 34.06 70.01 -21.71
C GLY B 165 35.02 69.06 -22.39
N THR B 166 34.47 68.25 -23.29
CA THR B 166 35.25 67.26 -24.02
C THR B 166 34.73 67.18 -25.46
N MET B 167 35.61 66.77 -26.37
CA MET B 167 35.26 66.60 -27.77
C MET B 167 35.93 65.33 -28.29
N VAL B 168 35.17 64.56 -29.07
CA VAL B 168 35.67 63.33 -29.66
C VAL B 168 35.22 63.26 -31.11
N ARG B 169 36.16 63.01 -32.01
CA ARG B 169 35.86 62.75 -33.41
C ARG B 169 36.52 61.44 -33.81
N PHE B 170 35.78 60.61 -34.54
CA PHE B 170 36.24 59.27 -34.88
C PHE B 170 36.11 59.01 -36.37
N TRP B 171 37.07 58.28 -36.91
CA TRP B 171 37.05 57.83 -38.30
C TRP B 171 36.94 56.32 -38.32
N PRO B 172 35.76 55.77 -38.63
CA PRO B 172 35.59 54.31 -38.54
C PRO B 172 36.42 53.57 -39.58
N SER B 173 36.81 52.35 -39.21
CA SER B 173 37.53 51.48 -40.13
C SER B 173 36.65 51.15 -41.33
N LEU B 174 37.24 51.24 -42.53
CA LEU B 174 36.52 50.97 -43.76
C LEU B 174 36.68 49.53 -44.24
N GLU B 175 37.50 48.72 -43.59
CA GLU B 175 37.67 47.32 -43.95
C GLU B 175 36.81 46.38 -43.11
N THR B 176 36.73 46.62 -41.80
CA THR B 176 35.84 45.82 -40.96
C THR B 176 34.38 46.16 -41.26
N PHE B 177 34.06 47.45 -41.33
CA PHE B 177 32.71 47.89 -41.67
C PHE B 177 32.53 47.89 -43.18
N THR B 178 31.48 47.22 -43.64
CA THR B 178 31.25 47.02 -45.06
C THR B 178 29.78 47.31 -45.41
N ASN B 179 29.57 47.62 -46.69
CA ASN B 179 28.25 47.67 -47.32
C ASN B 179 27.42 48.87 -46.90
N VAL B 180 27.90 49.66 -45.93
CA VAL B 180 27.15 50.84 -45.51
C VAL B 180 28.02 52.08 -45.67
N THR B 181 29.09 52.16 -44.89
CA THR B 181 30.05 53.27 -44.93
C THR B 181 29.37 54.63 -45.02
N GLU B 182 28.26 54.83 -44.30
CA GLU B 182 27.49 56.05 -44.42
C GLU B 182 26.67 56.24 -43.14
N PHE B 183 26.15 57.45 -42.98
CA PHE B 183 25.28 57.81 -41.87
C PHE B 183 23.98 58.39 -42.41
N GLU B 184 22.87 58.00 -41.78
CA GLU B 184 21.54 58.48 -42.17
C GLU B 184 21.03 59.44 -41.12
N TYR B 185 20.50 60.58 -41.56
CA TYR B 185 20.09 61.64 -40.65
C TYR B 185 18.92 61.21 -39.78
N GLU B 186 17.92 60.54 -40.37
CA GLU B 186 16.70 60.23 -39.64
C GLU B 186 16.95 59.24 -38.51
N ILE B 187 17.85 58.28 -38.72
CA ILE B 187 18.12 57.26 -37.71
C ILE B 187 18.56 57.90 -36.41
N LEU B 188 19.49 58.85 -36.49
CA LEU B 188 19.93 59.55 -35.29
C LEU B 188 18.91 60.59 -34.84
N ALA B 189 18.20 61.22 -35.77
CA ALA B 189 17.27 62.28 -35.42
C ALA B 189 16.12 61.76 -34.56
N LYS B 190 15.56 60.62 -34.93
CA LYS B 190 14.45 60.06 -34.16
C LYS B 190 14.89 59.72 -32.73
N ARG B 191 16.05 59.09 -32.60
CA ARG B 191 16.54 58.73 -31.26
C ARG B 191 16.85 59.97 -30.44
N LEU B 192 17.44 61.00 -31.07
CA LEU B 192 17.72 62.23 -30.35
C LEU B 192 16.44 62.92 -29.89
N ARG B 193 15.42 62.94 -30.76
CA ARG B 193 14.15 63.53 -30.36
C ARG B 193 13.53 62.77 -29.19
N GLU B 194 13.57 61.44 -29.24
CA GLU B 194 13.03 60.65 -28.15
C GLU B 194 13.79 60.91 -26.85
N LEU B 195 15.12 60.98 -26.93
CA LEU B 195 15.92 61.26 -25.74
C LEU B 195 15.60 62.64 -25.18
N SER B 196 15.45 63.65 -26.05
CA SER B 196 15.11 64.98 -25.59
C SER B 196 13.74 65.01 -24.93
N PHE B 197 12.78 64.28 -25.49
CA PHE B 197 11.47 64.17 -24.84
C PHE B 197 11.58 63.52 -23.47
N LEU B 198 12.35 62.44 -23.36
CA LEU B 198 12.51 61.77 -22.08
C LEU B 198 13.37 62.58 -21.12
N ASN B 199 14.49 63.10 -21.61
CA ASN B 199 15.40 63.90 -20.77
C ASN B 199 14.91 65.35 -20.79
N SER B 200 14.09 65.70 -19.80
CA SER B 200 13.55 67.04 -19.72
C SER B 200 14.65 68.05 -19.40
N GLY B 201 14.62 69.18 -20.09
CA GLY B 201 15.58 70.25 -19.87
C GLY B 201 16.89 70.09 -20.60
N VAL B 202 17.06 69.05 -21.41
CA VAL B 202 18.30 68.79 -22.13
C VAL B 202 18.07 69.13 -23.60
N SER B 203 19.01 69.88 -24.19
CA SER B 203 18.91 70.32 -25.57
C SER B 203 19.99 69.65 -26.40
N ILE B 204 19.61 69.21 -27.61
CA ILE B 204 20.51 68.52 -28.52
C ILE B 204 20.46 69.21 -29.87
N ARG B 205 21.63 69.43 -30.47
CA ARG B 205 21.73 70.03 -31.80
C ARG B 205 22.33 69.00 -32.75
N LEU B 206 21.61 68.71 -33.83
CA LEU B 206 22.04 67.74 -34.83
C LEU B 206 22.23 68.44 -36.17
N ARG B 207 23.39 68.22 -36.78
CA ARG B 207 23.74 68.89 -38.03
C ARG B 207 24.46 67.91 -38.96
N ASP B 208 24.33 68.17 -40.26
CA ASP B 208 25.04 67.42 -41.29
C ASP B 208 25.79 68.40 -42.18
N LYS B 209 27.03 68.07 -42.51
CA LYS B 209 27.87 68.95 -43.31
C LYS B 209 27.85 68.61 -44.79
N ARG B 210 27.35 67.43 -45.17
CA ARG B 210 27.33 67.06 -46.58
C ARG B 210 26.37 67.94 -47.37
N ASP B 211 25.14 68.09 -46.89
CA ASP B 211 24.14 68.92 -47.54
C ASP B 211 23.84 70.21 -46.80
N GLY B 212 23.95 70.22 -45.47
CA GLY B 212 23.71 71.41 -44.69
C GLY B 212 22.36 71.41 -44.02
N LYS B 213 22.32 71.06 -42.74
CA LYS B 213 21.09 71.03 -41.97
C LYS B 213 21.41 71.40 -40.53
N GLU B 214 20.38 71.87 -39.82
CA GLU B 214 20.51 72.20 -38.42
C GLU B 214 19.18 71.97 -37.73
N ASP B 215 19.15 71.07 -36.75
CA ASP B 215 17.94 70.76 -36.01
C ASP B 215 18.21 70.88 -34.53
N HIS B 216 17.34 71.58 -33.82
CA HIS B 216 17.48 71.82 -32.38
C HIS B 216 16.24 71.28 -31.68
N PHE B 217 16.47 70.47 -30.64
CA PHE B 217 15.39 69.89 -29.85
C PHE B 217 15.52 70.37 -28.41
N HIS B 218 14.44 70.94 -27.88
CA HIS B 218 14.42 71.40 -26.50
C HIS B 218 12.98 71.53 -26.05
N TYR B 219 12.59 70.76 -25.03
CA TYR B 219 11.25 70.82 -24.48
C TYR B 219 11.33 70.70 -22.96
N GLU B 220 10.43 71.39 -22.27
CA GLU B 220 10.36 71.30 -20.82
C GLU B 220 9.43 70.17 -20.38
N GLY B 221 8.18 70.21 -20.82
CA GLY B 221 7.26 69.10 -20.60
C GLY B 221 7.38 68.09 -21.73
N GLY B 222 8.49 67.35 -21.74
CA GLY B 222 8.77 66.46 -22.86
C GLY B 222 7.69 65.41 -23.09
N ILE B 223 7.23 64.78 -22.00
CA ILE B 223 6.20 63.76 -22.13
C ILE B 223 4.91 64.36 -22.68
N LYS B 224 4.51 65.51 -22.14
CA LYS B 224 3.34 66.20 -22.66
C LYS B 224 3.59 66.66 -24.10
N ALA B 225 4.78 67.19 -24.37
CA ALA B 225 5.12 67.57 -25.73
C ALA B 225 5.21 66.36 -26.65
N PHE B 226 5.61 65.20 -26.10
CA PHE B 226 5.61 63.97 -26.90
C PHE B 226 4.19 63.62 -27.34
N VAL B 227 3.23 63.72 -26.41
CA VAL B 227 1.84 63.44 -26.75
C VAL B 227 1.33 64.44 -27.79
N GLU B 228 1.67 65.72 -27.62
CA GLU B 228 1.24 66.73 -28.58
C GLU B 228 1.82 66.46 -29.96
N TYR B 229 3.10 66.09 -30.02
CA TYR B 229 3.74 65.80 -31.31
C TYR B 229 3.13 64.58 -31.97
N LEU B 230 2.86 63.53 -31.19
CA LEU B 230 2.23 62.34 -31.76
C LEU B 230 0.80 62.62 -32.18
N ASN B 231 0.03 63.32 -31.34
CA ASN B 231 -1.35 63.68 -31.65
C ASN B 231 -1.38 64.97 -32.48
N LYS B 232 -0.75 64.91 -33.65
CA LYS B 232 -0.63 66.06 -34.53
C LYS B 232 -1.38 65.86 -35.84
N ASN B 233 -1.10 64.79 -36.58
CA ASN B 233 -1.75 64.59 -37.87
C ASN B 233 -3.23 64.21 -37.73
N LYS B 234 -3.63 63.68 -36.59
CA LYS B 234 -5.02 63.34 -36.35
C LYS B 234 -5.74 64.52 -35.69
N THR B 235 -7.02 64.33 -35.39
CA THR B 235 -7.84 65.41 -34.85
C THR B 235 -8.20 65.14 -33.40
N PRO B 236 -7.54 65.78 -32.43
CA PRO B 236 -7.94 65.61 -31.03
C PRO B 236 -9.33 66.17 -30.80
N ILE B 237 -10.06 65.53 -29.89
CA ILE B 237 -11.44 65.94 -29.60
C ILE B 237 -11.53 66.81 -28.36
N HIS B 238 -10.46 66.95 -27.59
CA HIS B 238 -10.47 67.78 -26.40
C HIS B 238 -9.08 68.38 -26.21
N PRO B 239 -8.99 69.63 -25.77
CA PRO B 239 -7.67 70.28 -25.65
C PRO B 239 -6.91 69.86 -24.41
N ASN B 240 -7.60 69.62 -23.30
CA ASN B 240 -6.94 69.28 -22.05
C ASN B 240 -6.30 67.90 -22.14
N ILE B 241 -5.08 67.78 -21.63
CA ILE B 241 -4.33 66.54 -21.67
C ILE B 241 -4.00 66.13 -20.25
N PHE B 242 -4.43 64.93 -19.86
CA PHE B 242 -4.12 64.41 -18.53
C PHE B 242 -2.64 64.10 -18.42
N TYR B 243 -2.06 64.45 -17.28
CA TYR B 243 -0.63 64.27 -17.06
C TYR B 243 -0.32 64.41 -15.58
N PHE B 244 0.64 63.61 -15.11
CA PHE B 244 1.13 63.71 -13.74
C PHE B 244 2.48 63.01 -13.67
N SER B 245 3.17 63.20 -12.55
CA SER B 245 4.46 62.56 -12.33
C SER B 245 4.71 62.47 -10.84
N THR B 246 4.82 61.25 -10.32
CA THR B 246 5.10 61.04 -8.90
C THR B 246 6.26 60.07 -8.73
N GLU B 247 6.54 59.68 -7.48
CA GLU B 247 7.61 58.74 -7.20
C GLU B 247 7.38 58.16 -5.82
N LYS B 248 7.24 56.84 -5.72
CA LYS B 248 6.95 56.17 -4.47
C LYS B 248 7.74 54.88 -4.40
N ASP B 249 8.36 54.61 -3.24
CA ASP B 249 9.13 53.40 -3.00
C ASP B 249 10.23 53.20 -4.03
N GLY B 250 10.82 54.30 -4.51
CA GLY B 250 11.88 54.20 -5.49
C GLY B 250 11.43 53.92 -6.90
N ILE B 251 10.14 54.06 -7.19
CA ILE B 251 9.60 53.83 -8.53
C ILE B 251 9.05 55.16 -9.04
N GLY B 252 9.54 55.58 -10.20
CA GLY B 252 9.10 56.83 -10.82
C GLY B 252 8.11 56.55 -11.92
N VAL B 253 6.96 57.22 -11.86
CA VAL B 253 5.85 57.01 -12.77
C VAL B 253 5.52 58.31 -13.46
N GLU B 254 5.36 58.27 -14.78
CA GLU B 254 5.00 59.43 -15.59
C GLU B 254 4.03 58.98 -16.67
N VAL B 255 2.83 59.56 -16.69
CA VAL B 255 1.76 59.16 -17.60
C VAL B 255 1.19 60.39 -18.30
N ALA B 256 0.85 60.25 -19.58
CA ALA B 256 0.19 61.30 -20.34
C ALA B 256 -0.57 60.66 -21.49
N LEU B 257 -1.77 61.17 -21.75
CA LEU B 257 -2.64 60.55 -22.75
C LEU B 257 -3.63 61.58 -23.28
N GLN B 258 -4.22 61.26 -24.44
CA GLN B 258 -5.24 62.09 -25.05
C GLN B 258 -6.03 61.25 -26.05
N TRP B 259 -7.28 61.62 -26.27
CA TRP B 259 -8.18 60.90 -27.16
C TRP B 259 -8.31 61.63 -28.48
N ASN B 260 -7.97 60.95 -29.57
CA ASN B 260 -8.18 61.48 -30.91
C ASN B 260 -9.53 61.01 -31.44
N ASP B 261 -9.78 61.19 -32.74
CA ASP B 261 -11.00 60.73 -33.37
C ASP B 261 -10.82 59.46 -34.17
N GLY B 262 -9.66 58.82 -34.07
CA GLY B 262 -9.36 57.63 -34.84
C GLY B 262 -10.02 56.39 -34.26
N PHE B 263 -9.60 55.24 -34.81
CA PHE B 263 -10.16 53.96 -34.40
C PHE B 263 -9.07 52.97 -33.98
N GLN B 264 -7.86 53.45 -33.72
CA GLN B 264 -6.75 52.59 -33.33
C GLN B 264 -6.08 53.17 -32.09
N GLU B 265 -5.45 52.29 -31.31
CA GLU B 265 -4.75 52.66 -30.10
C GLU B 265 -3.26 52.37 -30.25
N ASN B 266 -2.44 53.25 -29.67
CA ASN B 266 -0.99 53.10 -29.71
C ASN B 266 -0.44 53.53 -28.36
N ILE B 267 0.09 52.57 -27.60
CA ILE B 267 0.65 52.82 -26.29
C ILE B 267 2.15 52.59 -26.36
N TYR B 268 2.92 53.56 -25.88
CA TYR B 268 4.38 53.50 -25.92
C TYR B 268 4.92 53.43 -24.50
N CYS B 269 5.72 52.40 -24.22
CA CYS B 269 6.22 52.13 -22.88
C CYS B 269 7.74 52.29 -22.86
N PHE B 270 8.27 52.76 -21.74
CA PHE B 270 9.71 52.90 -21.55
C PHE B 270 10.07 52.58 -20.11
N THR B 271 11.28 52.07 -19.92
CA THR B 271 11.83 51.82 -18.59
C THR B 271 13.31 52.16 -18.60
N ASN B 272 13.69 53.18 -17.82
CA ASN B 272 15.05 53.72 -17.83
C ASN B 272 15.49 54.08 -19.24
N ASN B 273 14.59 54.77 -19.96
CA ASN B 273 14.85 55.25 -21.31
C ASN B 273 15.14 54.10 -22.28
N ILE B 274 14.48 52.97 -22.07
CA ILE B 274 14.61 51.83 -22.97
C ILE B 274 13.22 51.40 -23.40
N PRO B 275 12.96 51.31 -24.71
CA PRO B 275 11.60 50.94 -25.16
C PRO B 275 11.34 49.45 -25.08
N GLN B 276 10.09 49.12 -24.78
CA GLN B 276 9.60 47.74 -24.79
C GLN B 276 8.42 47.66 -25.75
N ARG B 277 8.58 46.91 -26.83
CA ARG B 277 7.50 46.79 -27.81
C ARG B 277 6.39 45.88 -27.34
N ASP B 278 6.68 44.90 -26.50
CA ASP B 278 5.71 43.92 -26.05
C ASP B 278 5.11 44.23 -24.69
N GLY B 279 5.43 45.39 -24.11
CA GLY B 279 4.83 45.76 -22.86
C GLY B 279 5.31 44.91 -21.70
N GLY B 280 4.51 44.94 -20.63
CA GLY B 280 4.84 44.19 -19.43
C GLY B 280 3.85 44.46 -18.32
N THR B 281 4.34 44.43 -17.09
CA THR B 281 3.47 44.61 -15.94
C THR B 281 2.91 46.01 -15.85
N HIS B 282 3.70 47.02 -16.22
CA HIS B 282 3.22 48.40 -16.18
C HIS B 282 2.04 48.60 -17.15
N LEU B 283 2.13 48.00 -18.34
CA LEU B 283 1.03 48.11 -19.29
C LEU B 283 -0.23 47.45 -18.74
N ALA B 284 -0.09 46.28 -18.12
CA ALA B 284 -1.25 45.60 -17.56
C ALA B 284 -1.91 46.43 -16.46
N GLY B 285 -1.08 46.99 -15.57
CA GLY B 285 -1.63 47.86 -14.54
C GLY B 285 -2.34 49.08 -15.12
N PHE B 286 -1.75 49.69 -16.14
CA PHE B 286 -2.36 50.84 -16.80
C PHE B 286 -3.73 50.48 -17.36
N ARG B 287 -3.80 49.36 -18.09
CA ARG B 287 -5.06 48.95 -18.70
C ARG B 287 -6.12 48.67 -17.65
N ALA B 288 -5.75 47.94 -16.59
CA ALA B 288 -6.72 47.62 -15.55
C ALA B 288 -7.23 48.87 -14.86
N ALA B 289 -6.33 49.80 -14.52
CA ALA B 289 -6.74 51.02 -13.84
C ALA B 289 -7.66 51.85 -14.72
N MET B 290 -7.32 52.00 -16.00
CA MET B 290 -8.16 52.78 -16.89
C MET B 290 -9.55 52.16 -17.01
N THR B 291 -9.60 50.84 -17.20
CA THR B 291 -10.89 50.17 -17.33
C THR B 291 -11.74 50.37 -16.09
N ARG B 292 -11.18 50.12 -14.91
CA ARG B 292 -11.96 50.24 -13.68
C ARG B 292 -12.43 51.66 -13.46
N THR B 293 -11.54 52.64 -13.66
CA THR B 293 -11.92 54.03 -13.43
C THR B 293 -13.03 54.47 -14.36
N LEU B 294 -12.88 54.19 -15.66
CA LEU B 294 -13.89 54.62 -16.61
C LEU B 294 -15.23 53.94 -16.35
N ASN B 295 -15.22 52.64 -16.06
CA ASN B 295 -16.47 51.94 -15.79
C ASN B 295 -17.15 52.50 -14.55
N ALA B 296 -16.39 52.73 -13.48
CA ALA B 296 -16.99 53.27 -12.26
C ALA B 296 -17.58 54.65 -12.49
N TYR B 297 -16.84 55.52 -13.18
CA TYR B 297 -17.35 56.87 -13.44
C TYR B 297 -18.60 56.83 -14.28
N MET B 298 -18.60 56.03 -15.35
CA MET B 298 -19.77 55.97 -16.21
C MET B 298 -20.96 55.36 -15.49
N ASP B 299 -20.72 54.46 -14.55
CA ASP B 299 -21.83 53.89 -13.78
C ASP B 299 -22.41 54.90 -12.81
N LYS B 300 -21.55 55.63 -12.09
CA LYS B 300 -22.05 56.56 -11.08
C LYS B 300 -22.85 57.69 -11.71
N GLU B 301 -22.38 58.25 -12.83
CA GLU B 301 -23.01 59.41 -13.42
C GLU B 301 -24.37 59.12 -14.04
N GLY B 302 -24.72 57.85 -14.21
CA GLY B 302 -26.00 57.49 -14.78
C GLY B 302 -26.08 57.48 -16.28
N TYR B 303 -24.96 57.71 -16.98
CA TYR B 303 -24.97 57.67 -18.44
C TYR B 303 -25.33 56.28 -18.94
N SER B 304 -24.79 55.23 -18.31
CA SER B 304 -25.01 53.88 -18.79
C SER B 304 -26.45 53.42 -18.59
N LYS B 305 -27.23 54.10 -17.75
CA LYS B 305 -28.64 53.75 -17.58
C LYS B 305 -29.53 54.46 -18.59
N LYS B 306 -29.15 55.64 -19.04
CA LYS B 306 -29.97 56.37 -20.01
C LYS B 306 -30.07 55.61 -21.32
N ALA B 307 -28.97 55.04 -21.79
CA ALA B 307 -28.94 54.20 -22.99
C ALA B 307 -28.70 52.76 -22.56
N LYS B 308 -29.54 51.85 -23.05
CA LYS B 308 -29.52 50.46 -22.60
C LYS B 308 -28.34 49.72 -23.24
N VAL B 309 -27.13 50.12 -22.80
CA VAL B 309 -25.88 49.53 -23.28
C VAL B 309 -24.90 49.45 -22.12
N SER B 310 -23.77 48.80 -22.37
CA SER B 310 -22.68 48.73 -21.41
C SER B 310 -21.37 48.62 -22.18
N ALA B 311 -20.33 49.27 -21.67
CA ALA B 311 -19.05 49.36 -22.35
C ALA B 311 -18.04 48.42 -21.73
N THR B 312 -17.20 47.82 -22.58
CA THR B 312 -16.14 46.94 -22.15
C THR B 312 -14.80 47.68 -22.22
N GLY B 313 -13.72 46.95 -21.93
CA GLY B 313 -12.40 47.56 -21.97
C GLY B 313 -11.99 47.99 -23.36
N ASP B 314 -12.33 47.19 -24.37
CA ASP B 314 -11.93 47.51 -25.74
C ASP B 314 -12.59 48.78 -26.25
N ASP B 315 -13.83 49.04 -25.83
CA ASP B 315 -14.53 50.24 -26.28
C ASP B 315 -13.80 51.50 -25.84
N ALA B 316 -13.31 51.52 -24.59
CA ALA B 316 -12.62 52.70 -24.08
C ALA B 316 -11.36 53.00 -24.87
N ARG B 317 -10.59 51.97 -25.22
CA ARG B 317 -9.34 52.15 -25.94
C ARG B 317 -9.54 52.08 -27.44
N GLU B 318 -10.46 52.87 -27.98
CA GLU B 318 -10.69 52.86 -29.42
C GLU B 318 -9.67 53.72 -30.15
N GLY B 319 -9.70 55.03 -29.90
CA GLY B 319 -8.66 55.91 -30.40
C GLY B 319 -7.93 56.57 -29.25
N LEU B 320 -6.67 56.20 -29.04
CA LEU B 320 -5.94 56.66 -27.87
C LEU B 320 -4.45 56.73 -28.16
N ILE B 321 -3.81 57.76 -27.63
CA ILE B 321 -2.36 57.91 -27.69
C ILE B 321 -1.87 58.15 -26.27
N ALA B 322 -0.91 57.36 -25.83
CA ALA B 322 -0.41 57.45 -24.47
C ALA B 322 1.07 57.08 -24.43
N VAL B 323 1.75 57.58 -23.40
CA VAL B 323 3.17 57.32 -23.19
C VAL B 323 3.39 57.00 -21.72
N VAL B 324 4.10 55.91 -21.44
CA VAL B 324 4.40 55.48 -20.08
C VAL B 324 5.90 55.31 -19.94
N SER B 325 6.49 55.94 -18.94
CA SER B 325 7.91 55.82 -18.64
C SER B 325 8.09 55.56 -17.16
N VAL B 326 8.90 54.57 -16.82
CA VAL B 326 9.08 54.11 -15.44
C VAL B 326 10.55 54.19 -15.08
N LYS B 327 10.83 54.62 -13.85
CA LYS B 327 12.19 54.68 -13.30
C LYS B 327 12.33 53.60 -12.24
N VAL B 328 13.19 52.62 -12.51
CA VAL B 328 13.42 51.50 -11.59
C VAL B 328 14.91 51.30 -11.43
N PRO B 329 15.42 51.04 -10.22
CA PRO B 329 16.86 50.83 -10.03
C PRO B 329 17.43 49.68 -10.85
N ASP B 330 16.91 48.48 -10.66
CA ASP B 330 17.43 47.27 -11.30
C ASP B 330 16.30 46.50 -11.95
N PRO B 331 15.93 46.83 -13.18
CA PRO B 331 14.87 46.10 -13.87
C PRO B 331 15.31 44.69 -14.23
N LYS B 332 14.33 43.80 -14.32
CA LYS B 332 14.55 42.41 -14.73
C LYS B 332 13.70 42.12 -15.95
N PHE B 333 14.30 41.50 -16.96
CA PHE B 333 13.66 41.28 -18.24
C PHE B 333 13.60 39.78 -18.54
N SER B 334 12.75 39.43 -19.51
CA SER B 334 12.55 38.05 -19.89
C SER B 334 13.61 37.53 -20.86
N SER B 335 14.41 38.41 -21.45
CA SER B 335 15.45 38.01 -22.38
C SER B 335 16.47 39.13 -22.49
N GLN B 336 17.63 38.79 -23.08
CA GLN B 336 18.69 39.78 -23.24
C GLN B 336 18.30 40.89 -24.21
N THR B 337 17.35 40.66 -25.09
CA THR B 337 16.91 41.66 -26.04
C THR B 337 15.83 42.58 -25.47
N LYS B 338 15.62 42.55 -24.16
CA LYS B 338 14.65 43.41 -23.46
C LYS B 338 13.26 43.13 -24.05
N ASP B 339 12.49 44.16 -24.41
CA ASP B 339 11.17 44.09 -25.02
C ASP B 339 10.08 43.59 -24.07
N LYS B 340 10.41 43.26 -22.82
CA LYS B 340 9.40 42.76 -21.89
C LYS B 340 9.93 42.88 -20.47
N LEU B 341 9.21 43.61 -19.63
CA LEU B 341 9.55 43.77 -18.23
C LEU B 341 8.73 42.80 -17.37
N VAL B 342 9.41 42.13 -16.44
CA VAL B 342 8.76 41.11 -15.63
C VAL B 342 8.86 41.41 -14.13
N SER B 343 9.19 42.65 -13.76
CA SER B 343 9.23 43.03 -12.35
C SER B 343 7.82 43.08 -11.77
N SER B 344 7.69 42.68 -10.51
CA SER B 344 6.37 42.45 -9.93
C SER B 344 5.71 43.73 -9.42
N GLU B 345 6.39 44.44 -8.51
CA GLU B 345 5.77 45.57 -7.83
C GLU B 345 5.46 46.74 -8.76
N VAL B 346 6.06 46.77 -9.96
CA VAL B 346 5.80 47.85 -10.89
C VAL B 346 4.33 47.92 -11.25
N LYS B 347 3.70 46.76 -11.44
CA LYS B 347 2.29 46.73 -11.79
C LYS B 347 1.44 47.37 -10.70
N SER B 348 1.68 46.99 -9.44
CA SER B 348 0.90 47.55 -8.34
C SER B 348 1.12 49.04 -8.21
N ALA B 349 2.36 49.49 -8.33
CA ALA B 349 2.66 50.92 -8.21
C ALA B 349 1.94 51.71 -9.30
N VAL B 350 2.08 51.28 -10.56
CA VAL B 350 1.47 52.00 -11.67
C VAL B 350 -0.05 51.98 -11.55
N GLU B 351 -0.63 50.84 -11.16
CA GLU B 351 -2.08 50.76 -11.03
C GLU B 351 -2.58 51.70 -9.95
N GLN B 352 -1.92 51.74 -8.79
CA GLN B 352 -2.35 52.62 -7.72
C GLN B 352 -2.24 54.09 -8.14
N GLN B 353 -1.12 54.46 -8.75
CA GLN B 353 -0.94 55.85 -9.16
C GLN B 353 -1.96 56.27 -10.21
N MET B 354 -2.23 55.40 -11.19
CA MET B 354 -3.21 55.71 -12.21
C MET B 354 -4.62 55.82 -11.62
N ASN B 355 -4.98 54.90 -10.73
CA ASN B 355 -6.34 54.87 -10.21
C ASN B 355 -6.60 56.03 -9.25
N GLU B 356 -5.56 56.46 -8.52
CA GLU B 356 -5.76 57.53 -7.54
C GLU B 356 -6.14 58.85 -8.20
N LEU B 357 -5.47 59.22 -9.28
CA LEU B 357 -5.54 60.58 -9.80
C LEU B 357 -6.48 60.74 -10.99
N LEU B 358 -6.72 59.69 -11.76
CA LEU B 358 -7.57 59.83 -12.95
C LEU B 358 -9.00 60.19 -12.59
N ALA B 359 -9.46 59.77 -11.41
CA ALA B 359 -10.82 60.09 -10.99
C ALA B 359 -11.03 61.58 -10.83
N GLU B 360 -10.03 62.28 -10.28
CA GLU B 360 -10.16 63.72 -10.05
C GLU B 360 -10.22 64.49 -11.37
N TYR B 361 -9.51 64.02 -12.40
CA TYR B 361 -9.50 64.73 -13.68
C TYR B 361 -10.89 64.79 -14.29
N LEU B 362 -11.67 63.72 -14.13
CA LEU B 362 -13.03 63.70 -14.68
C LEU B 362 -13.94 64.73 -14.03
N LEU B 363 -13.61 65.19 -12.83
CA LEU B 363 -14.39 66.22 -12.17
C LEU B 363 -13.87 67.63 -12.46
N GLU B 364 -12.55 67.78 -12.58
CA GLU B 364 -11.98 69.10 -12.84
C GLU B 364 -12.30 69.58 -14.24
N ASN B 365 -12.55 68.66 -15.18
CA ASN B 365 -12.84 69.01 -16.56
C ASN B 365 -14.10 68.28 -17.01
N PRO B 366 -15.26 68.67 -16.49
CA PRO B 366 -16.51 68.00 -16.89
C PRO B 366 -16.87 68.20 -18.35
N THR B 367 -16.37 69.26 -18.99
CA THR B 367 -16.72 69.50 -20.39
C THR B 367 -16.07 68.47 -21.31
N ASP B 368 -14.78 68.21 -21.10
CA ASP B 368 -14.09 67.22 -21.94
C ASP B 368 -14.51 65.81 -21.59
N ALA B 369 -14.98 65.58 -20.35
CA ALA B 369 -15.39 64.24 -19.95
C ALA B 369 -16.56 63.74 -20.78
N LYS B 370 -17.50 64.64 -21.12
CA LYS B 370 -18.70 64.23 -21.83
C LYS B 370 -18.38 63.71 -23.23
N ILE B 371 -17.43 64.33 -23.92
CA ILE B 371 -17.13 63.94 -25.29
C ILE B 371 -16.62 62.51 -25.34
N VAL B 372 -15.71 62.16 -24.42
CA VAL B 372 -15.14 60.82 -24.39
C VAL B 372 -16.24 59.80 -24.11
N VAL B 373 -17.13 60.11 -23.17
CA VAL B 373 -18.25 59.22 -22.88
C VAL B 373 -19.12 59.05 -24.10
N GLY B 374 -19.35 60.13 -24.85
CA GLY B 374 -20.16 60.02 -26.05
C GLY B 374 -19.53 59.10 -27.09
N LYS B 375 -18.22 59.25 -27.31
CA LYS B 375 -17.54 58.39 -28.27
C LYS B 375 -17.58 56.94 -27.82
N ILE B 376 -17.38 56.70 -26.53
CA ILE B 376 -17.42 55.33 -26.00
C ILE B 376 -18.80 54.72 -26.19
N ILE B 377 -19.85 55.50 -25.91
CA ILE B 377 -21.21 55.00 -26.08
C ILE B 377 -21.50 54.72 -27.54
N ASP B 378 -21.01 55.56 -28.46
CA ASP B 378 -21.19 55.30 -29.87
C ASP B 378 -20.51 54.00 -30.29
N ALA B 379 -19.28 53.77 -29.81
CA ALA B 379 -18.59 52.53 -30.14
C ALA B 379 -19.35 51.32 -29.58
N ALA B 380 -19.82 51.41 -28.34
CA ALA B 380 -20.56 50.30 -27.74
C ALA B 380 -21.84 50.01 -28.51
N ARG B 381 -22.56 51.05 -28.91
CA ARG B 381 -23.77 50.86 -29.70
C ARG B 381 -23.45 50.24 -31.06
N ALA B 382 -22.33 50.64 -31.66
CA ALA B 382 -21.93 50.05 -32.92
C ALA B 382 -21.62 48.56 -32.77
N ARG B 383 -21.03 48.18 -31.63
CA ARG B 383 -20.75 46.76 -31.39
C ARG B 383 -22.04 45.95 -31.28
N GLU B 384 -23.06 46.50 -30.62
CA GLU B 384 -24.28 45.75 -30.36
C GLU B 384 -25.01 45.40 -31.66
N ALA B 385 -25.03 46.31 -32.62
CA ALA B 385 -25.83 46.11 -33.82
C ALA B 385 -25.35 44.94 -34.68
N ALA B 386 -24.13 44.46 -34.44
CA ALA B 386 -23.55 43.41 -35.26
C ALA B 386 -23.79 42.01 -34.70
N ARG B 387 -24.61 41.86 -33.66
CA ARG B 387 -24.86 40.57 -33.06
C ARG B 387 -26.02 39.86 -33.74
N ARG B 388 -26.26 38.62 -33.32
CA ARG B 388 -27.35 37.81 -33.85
C ARG B 388 -28.66 38.18 -33.14
N ALA B 389 -29.69 37.36 -33.33
CA ALA B 389 -30.97 37.54 -32.66
C ALA B 389 -31.12 36.48 -31.57
N ARG B 390 -31.64 36.90 -30.42
CA ARG B 390 -31.72 36.03 -29.25
C ARG B 390 -33.07 36.20 -28.56
N GLU B 391 -33.35 35.27 -27.64
CA GLU B 391 -34.49 35.36 -26.75
C GLU B 391 -34.01 35.11 -25.33
N MET B 392 -34.55 35.88 -24.39
CA MET B 392 -34.12 35.76 -23.00
C MET B 392 -34.42 34.36 -22.46
N THR B 393 -33.46 33.81 -21.72
CA THR B 393 -33.59 32.49 -21.13
C THR B 393 -33.83 32.60 -19.63
N ARG B 394 -34.33 31.52 -19.05
CA ARG B 394 -34.67 31.47 -17.63
C ARG B 394 -33.55 30.73 -16.90
N ARG B 395 -32.84 31.46 -16.04
CA ARG B 395 -31.75 30.86 -15.28
C ARG B 395 -32.29 30.11 -14.05
N LYS B 396 -31.41 29.34 -13.43
CA LYS B 396 -31.73 28.54 -12.26
C LYS B 396 -31.27 29.29 -11.02
N GLY B 397 -32.19 29.54 -10.10
CA GLY B 397 -31.90 30.35 -8.93
C GLY B 397 -32.24 29.69 -7.61
N ALA B 398 -32.20 30.47 -6.54
CA ALA B 398 -32.49 29.95 -5.21
C ALA B 398 -33.98 29.71 -4.99
N LEU B 399 -34.84 30.38 -5.74
CA LEU B 399 -36.29 30.25 -5.59
C LEU B 399 -36.95 29.45 -6.71
N ASP B 400 -36.15 28.83 -7.59
CA ASP B 400 -36.70 28.05 -8.69
C ASP B 400 -35.61 27.16 -9.27
N LEU B 401 -36.00 25.96 -9.70
CA LEU B 401 -35.04 25.02 -10.28
C LEU B 401 -35.10 24.97 -11.79
N ALA B 402 -36.24 25.28 -12.40
CA ALA B 402 -36.41 25.36 -13.85
C ALA B 402 -36.16 24.04 -14.56
N GLY B 403 -36.21 22.92 -13.83
CA GLY B 403 -36.02 21.61 -14.44
C GLY B 403 -34.64 21.38 -15.03
N LEU B 404 -33.60 21.84 -14.36
CA LEU B 404 -32.23 21.73 -14.83
C LEU B 404 -31.45 20.75 -13.95
N PRO B 405 -30.34 20.20 -14.45
CA PRO B 405 -29.61 19.20 -13.66
C PRO B 405 -29.12 19.76 -12.33
N GLY B 406 -29.05 18.87 -11.33
CA GLY B 406 -28.69 19.29 -9.99
C GLY B 406 -27.23 19.65 -9.80
N LYS B 407 -26.36 19.15 -10.67
CA LYS B 407 -24.93 19.42 -10.55
C LYS B 407 -24.51 20.68 -11.29
N LEU B 408 -25.43 21.36 -11.96
CA LEU B 408 -25.12 22.61 -12.65
C LEU B 408 -25.11 23.78 -11.68
N ALA B 409 -24.15 24.68 -11.86
CA ALA B 409 -24.04 25.90 -11.08
C ALA B 409 -24.23 27.07 -12.05
N ASP B 410 -25.42 27.64 -12.08
CA ASP B 410 -25.79 28.59 -13.12
C ASP B 410 -25.31 30.00 -12.75
N CYS B 411 -25.68 30.96 -13.59
CA CYS B 411 -25.31 32.36 -13.43
C CYS B 411 -26.56 33.22 -13.28
N GLN B 412 -26.37 34.53 -13.30
CA GLN B 412 -27.48 35.47 -13.12
C GLN B 412 -27.87 36.21 -14.39
N GLU B 413 -26.99 36.32 -15.36
CA GLU B 413 -27.32 37.00 -16.61
C GLU B 413 -28.35 36.20 -17.41
N ARG B 414 -29.29 36.90 -18.02
CA ARG B 414 -30.36 36.27 -18.78
C ARG B 414 -30.18 36.37 -20.29
N ASP B 415 -29.27 37.21 -20.76
CA ASP B 415 -29.01 37.32 -22.19
C ASP B 415 -27.99 36.28 -22.62
N PRO B 416 -28.33 35.33 -23.49
CA PRO B 416 -27.37 34.28 -23.83
C PRO B 416 -26.13 34.77 -24.56
N ALA B 417 -26.16 35.96 -25.13
CA ALA B 417 -25.00 36.47 -25.87
C ALA B 417 -23.93 37.07 -24.95
N LEU B 418 -24.14 37.03 -23.63
CA LEU B 418 -23.19 37.60 -22.67
C LEU B 418 -22.85 36.60 -21.59
N SER B 419 -22.93 35.30 -21.88
CA SER B 419 -22.73 34.26 -20.89
C SER B 419 -21.71 33.24 -21.40
N GLU B 420 -21.12 32.51 -20.45
CA GLU B 420 -20.11 31.50 -20.74
C GLU B 420 -20.43 30.24 -19.96
N LEU B 421 -20.05 29.08 -20.53
CA LEU B 421 -20.22 27.79 -19.89
C LEU B 421 -18.88 27.06 -19.90
N TYR B 422 -18.49 26.53 -18.75
CA TYR B 422 -17.25 25.79 -18.59
C TYR B 422 -17.53 24.31 -18.38
N LEU B 423 -16.75 23.47 -19.05
CA LEU B 423 -16.81 22.02 -18.88
C LEU B 423 -15.50 21.58 -18.26
N VAL B 424 -15.55 21.10 -17.02
CA VAL B 424 -14.35 20.80 -16.24
C VAL B 424 -14.21 19.29 -16.07
N GLU B 425 -12.97 18.85 -15.87
CA GLU B 425 -12.65 17.43 -15.99
C GLU B 425 -13.09 16.60 -14.77
N GLY B 426 -12.96 17.14 -13.56
CA GLY B 426 -13.18 16.34 -12.37
C GLY B 426 -13.99 17.07 -11.31
N ASP B 427 -14.18 16.39 -10.18
CA ASP B 427 -14.91 16.97 -9.06
C ASP B 427 -14.07 18.01 -8.32
N SER B 428 -12.78 17.72 -8.11
CA SER B 428 -11.93 18.66 -7.40
C SER B 428 -11.75 19.95 -8.18
N ALA B 429 -11.43 19.84 -9.47
CA ALA B 429 -11.34 21.02 -10.31
C ALA B 429 -12.68 21.72 -10.46
N GLY B 430 -13.78 20.95 -10.46
CA GLY B 430 -15.09 21.58 -10.51
C GLY B 430 -15.36 22.44 -9.29
N GLY B 431 -15.02 21.93 -8.10
CA GLY B 431 -15.16 22.73 -6.90
C GLY B 431 -14.26 23.94 -6.89
N SER B 432 -13.01 23.78 -7.32
CA SER B 432 -12.10 24.91 -7.39
C SER B 432 -12.62 25.98 -8.34
N ALA B 433 -13.21 25.58 -9.46
CA ALA B 433 -13.76 26.54 -10.40
C ALA B 433 -15.01 27.21 -9.85
N LYS B 434 -15.84 26.47 -9.13
CA LYS B 434 -17.02 27.07 -8.52
C LYS B 434 -16.64 28.12 -7.50
N GLN B 435 -15.59 27.88 -6.72
CA GLN B 435 -15.22 28.81 -5.66
C GLN B 435 -14.68 30.12 -6.23
N GLY B 436 -13.89 30.06 -7.28
CA GLY B 436 -13.20 31.25 -7.75
C GLY B 436 -13.63 31.80 -9.10
N ARG B 437 -14.93 31.84 -9.36
CA ARG B 437 -15.48 32.34 -10.61
C ARG B 437 -16.11 33.71 -10.38
N ASN B 438 -16.60 34.29 -11.47
CA ASN B 438 -17.40 35.51 -11.43
C ASN B 438 -18.86 35.08 -11.61
N ARG B 439 -19.58 34.96 -10.49
CA ARG B 439 -20.92 34.37 -10.53
C ARG B 439 -21.94 35.25 -11.26
N LYS B 440 -21.54 36.40 -11.79
CA LYS B 440 -22.47 37.23 -12.53
C LYS B 440 -22.82 36.61 -13.88
N ASN B 441 -21.81 36.15 -14.63
CA ASN B 441 -22.05 35.68 -15.99
C ASN B 441 -21.21 34.45 -16.35
N GLN B 442 -20.91 33.58 -15.39
CA GLN B 442 -20.16 32.36 -15.67
C GLN B 442 -20.81 31.17 -14.99
N ALA B 443 -20.92 30.06 -15.72
CA ALA B 443 -21.52 28.84 -15.23
C ALA B 443 -20.51 27.70 -15.28
N ILE B 444 -20.72 26.70 -14.43
CA ILE B 444 -19.80 25.57 -14.27
C ILE B 444 -20.60 24.27 -14.39
N LEU B 445 -20.07 23.32 -15.17
CA LEU B 445 -20.67 22.00 -15.26
C LEU B 445 -19.58 20.94 -15.19
N PRO B 446 -19.50 20.17 -14.10
CA PRO B 446 -18.44 19.18 -13.95
C PRO B 446 -18.75 17.86 -14.64
N LEU B 447 -17.69 17.23 -15.12
CA LEU B 447 -17.76 15.89 -15.72
C LEU B 447 -17.08 14.90 -14.79
N LYS B 448 -17.65 13.70 -14.69
CA LYS B 448 -17.15 12.68 -13.78
C LYS B 448 -16.84 11.42 -14.57
N GLY B 449 -15.59 10.99 -14.54
CA GLY B 449 -15.17 9.83 -15.30
C GLY B 449 -14.98 10.15 -16.77
N LYS B 450 -14.74 9.11 -17.55
CA LYS B 450 -14.64 9.24 -18.99
C LYS B 450 -16.02 9.12 -19.61
N ILE B 451 -16.21 9.81 -20.74
CA ILE B 451 -17.52 9.94 -21.34
C ILE B 451 -17.67 8.92 -22.47
N LEU B 452 -18.91 8.69 -22.88
CA LEU B 452 -19.21 7.70 -23.90
C LEU B 452 -18.63 8.10 -25.24
N ASN B 453 -18.23 7.09 -26.02
CA ASN B 453 -17.79 7.28 -27.40
C ASN B 453 -19.00 7.12 -28.31
N VAL B 454 -19.46 8.22 -28.90
CA VAL B 454 -20.71 8.23 -29.64
C VAL B 454 -20.46 7.85 -31.09
N GLU B 455 -19.24 7.45 -31.41
CA GLU B 455 -18.92 6.93 -32.73
C GLU B 455 -19.06 5.41 -32.81
N LYS B 456 -18.91 4.72 -31.68
CA LYS B 456 -19.02 3.27 -31.63
C LYS B 456 -20.34 2.79 -31.07
N ALA B 457 -21.19 3.68 -30.56
CA ALA B 457 -22.43 3.30 -29.91
C ALA B 457 -23.63 3.58 -30.80
N ARG B 458 -24.78 3.07 -30.37
CA ARG B 458 -26.04 3.27 -31.07
C ARG B 458 -26.81 4.45 -30.46
N PHE B 459 -27.88 4.84 -31.15
CA PHE B 459 -28.59 6.07 -30.78
C PHE B 459 -29.31 5.92 -29.45
N ASP B 460 -30.01 4.81 -29.24
CA ASP B 460 -30.75 4.62 -28.00
C ASP B 460 -29.81 4.48 -26.81
N LYS B 461 -28.67 3.81 -27.02
CA LYS B 461 -27.66 3.73 -25.96
C LYS B 461 -27.15 5.11 -25.58
N MET B 462 -26.93 5.97 -26.59
CA MET B 462 -26.53 7.34 -26.30
C MET B 462 -27.61 8.11 -25.56
N LEU B 463 -28.88 7.83 -25.86
CA LEU B 463 -29.96 8.53 -25.18
C LEU B 463 -30.13 8.06 -23.73
N SER B 464 -29.79 6.80 -23.44
CA SER B 464 -29.99 6.25 -22.11
C SER B 464 -28.82 6.49 -21.16
N SER B 465 -27.76 7.17 -21.61
CA SER B 465 -26.62 7.46 -20.76
C SER B 465 -26.83 8.79 -20.04
N GLN B 466 -26.55 8.81 -18.75
CA GLN B 466 -26.92 9.95 -17.92
C GLN B 466 -26.01 11.16 -18.12
N GLU B 467 -24.71 10.94 -18.33
CA GLU B 467 -23.81 12.07 -18.54
C GLU B 467 -24.17 12.83 -19.81
N VAL B 468 -24.38 12.10 -20.91
CA VAL B 468 -24.77 12.73 -22.17
C VAL B 468 -26.13 13.40 -22.02
N ALA B 469 -27.04 12.76 -21.30
CA ALA B 469 -28.37 13.33 -21.11
C ALA B 469 -28.31 14.66 -20.37
N THR B 470 -27.52 14.72 -19.30
CA THR B 470 -27.38 15.97 -18.57
C THR B 470 -26.71 17.04 -19.40
N LEU B 471 -25.70 16.67 -20.20
CA LEU B 471 -25.06 17.65 -21.08
C LEU B 471 -26.06 18.21 -22.09
N ILE B 472 -26.86 17.33 -22.69
CA ILE B 472 -27.86 17.77 -23.67
C ILE B 472 -28.89 18.68 -23.02
N THR B 473 -29.34 18.33 -21.81
CA THR B 473 -30.30 19.18 -21.12
C THR B 473 -29.71 20.55 -20.79
N ALA B 474 -28.44 20.59 -20.38
CA ALA B 474 -27.82 21.86 -20.04
C ALA B 474 -27.60 22.74 -21.27
N LEU B 475 -27.30 22.13 -22.42
CA LEU B 475 -27.12 22.93 -23.64
C LEU B 475 -28.44 23.55 -24.09
N GLY B 476 -29.52 22.78 -24.08
CA GLY B 476 -30.84 23.30 -24.35
C GLY B 476 -31.27 23.37 -25.79
N CYS B 477 -30.49 22.84 -26.73
CA CYS B 477 -30.88 22.89 -28.13
C CYS B 477 -31.81 21.74 -28.52
N GLY B 478 -31.69 20.60 -27.87
CA GLY B 478 -32.39 19.40 -28.29
C GLY B 478 -31.60 18.60 -29.30
N ILE B 479 -31.92 17.31 -29.37
CA ILE B 479 -31.18 16.37 -30.21
C ILE B 479 -32.16 15.47 -30.94
N GLY B 480 -31.66 14.84 -32.00
CA GLY B 480 -32.43 13.85 -32.75
C GLY B 480 -32.71 14.22 -34.20
N ARG B 481 -32.24 15.37 -34.68
CA ARG B 481 -32.46 15.81 -36.06
C ARG B 481 -33.94 16.03 -36.36
N ASP B 482 -34.80 15.90 -35.34
CA ASP B 482 -36.23 16.15 -35.47
C ASP B 482 -36.69 17.33 -34.64
N GLU B 483 -36.04 17.59 -33.51
CA GLU B 483 -36.29 18.78 -32.71
C GLU B 483 -35.02 19.58 -32.46
N TYR B 484 -33.95 19.28 -33.20
CA TYR B 484 -32.67 19.96 -33.03
C TYR B 484 -32.76 21.35 -33.64
N ASN B 485 -32.87 22.37 -32.81
CA ASN B 485 -32.96 23.76 -33.25
C ASN B 485 -31.78 24.54 -32.68
N PRO B 486 -30.77 24.84 -33.48
CA PRO B 486 -29.56 25.49 -32.94
C PRO B 486 -29.76 26.97 -32.60
N ASP B 487 -30.98 27.46 -32.69
CA ASP B 487 -31.27 28.85 -32.36
C ASP B 487 -31.67 29.06 -30.90
N LYS B 488 -31.77 27.98 -30.12
CA LYS B 488 -32.16 28.07 -28.72
C LYS B 488 -31.01 27.75 -27.78
N LEU B 489 -29.77 27.89 -28.24
CA LEU B 489 -28.61 27.66 -27.41
C LEU B 489 -28.60 28.64 -26.23
N ARG B 490 -28.36 28.11 -25.03
CA ARG B 490 -28.48 28.93 -23.82
C ARG B 490 -27.21 29.72 -23.50
N TYR B 491 -26.08 29.36 -24.08
CA TYR B 491 -24.84 30.12 -23.92
C TYR B 491 -24.17 30.22 -25.28
N HIS B 492 -23.52 31.35 -25.53
CA HIS B 492 -22.86 31.57 -26.81
C HIS B 492 -21.35 31.32 -26.75
N SER B 493 -20.85 30.74 -25.66
CA SER B 493 -19.45 30.38 -25.55
C SER B 493 -19.33 29.11 -24.73
N ILE B 494 -18.78 28.05 -25.33
CA ILE B 494 -18.55 26.78 -24.65
C ILE B 494 -17.04 26.57 -24.57
N ILE B 495 -16.53 26.39 -23.36
CA ILE B 495 -15.10 26.36 -23.10
C ILE B 495 -14.74 25.03 -22.45
N ILE B 496 -13.71 24.37 -22.98
CA ILE B 496 -13.27 23.07 -22.52
C ILE B 496 -12.00 23.25 -21.70
N MET B 497 -12.00 22.75 -20.46
CA MET B 497 -10.87 22.90 -19.55
C MET B 497 -10.53 21.55 -18.95
N THR B 498 -9.36 21.02 -19.27
CA THR B 498 -8.89 19.73 -18.80
C THR B 498 -7.47 19.86 -18.28
N ASP B 499 -6.95 18.75 -17.74
CA ASP B 499 -5.58 18.74 -17.23
C ASP B 499 -4.58 18.77 -18.37
N ALA B 500 -3.35 19.14 -18.04
CA ALA B 500 -2.25 19.17 -19.01
C ALA B 500 -1.42 17.89 -18.94
N ASP B 501 -2.08 16.76 -19.15
CA ASP B 501 -1.43 15.46 -19.20
C ASP B 501 -2.03 14.67 -20.36
N VAL B 502 -1.69 13.38 -20.44
CA VAL B 502 -2.15 12.58 -21.56
C VAL B 502 -3.57 12.07 -21.37
N ASP B 503 -4.11 12.11 -20.15
CA ASP B 503 -5.49 11.71 -19.92
C ASP B 503 -6.48 12.83 -20.19
N GLY B 504 -6.01 14.08 -20.36
CA GLY B 504 -6.89 15.14 -20.77
C GLY B 504 -7.06 15.24 -22.26
N SER B 505 -6.05 14.82 -23.02
CA SER B 505 -6.16 14.80 -24.47
C SER B 505 -7.23 13.83 -24.93
N HIS B 506 -7.34 12.68 -24.26
CA HIS B 506 -8.36 11.70 -24.62
C HIS B 506 -9.76 12.28 -24.44
N ILE B 507 -9.99 12.96 -23.31
CA ILE B 507 -11.30 13.55 -23.05
C ILE B 507 -11.59 14.68 -24.04
N ARG B 508 -10.56 15.45 -24.38
CA ARG B 508 -10.74 16.49 -25.39
C ARG B 508 -11.18 15.89 -26.72
N THR B 509 -10.56 14.79 -27.13
CA THR B 509 -10.93 14.14 -28.38
C THR B 509 -12.35 13.60 -28.33
N LEU B 510 -12.74 13.01 -27.20
CA LEU B 510 -14.11 12.49 -27.08
C LEU B 510 -15.15 13.60 -27.18
N LEU B 511 -14.90 14.73 -26.50
CA LEU B 511 -15.84 15.84 -26.57
C LEU B 511 -15.90 16.44 -27.97
N LEU B 512 -14.75 16.57 -28.63
CA LEU B 512 -14.76 17.09 -30.00
C LEU B 512 -15.53 16.15 -30.93
N THR B 513 -15.38 14.84 -30.74
CA THR B 513 -16.13 13.89 -31.55
C THR B 513 -17.63 14.07 -31.36
N PHE B 514 -18.06 14.20 -30.09
CA PHE B 514 -19.48 14.41 -29.83
C PHE B 514 -19.98 15.67 -30.53
N PHE B 515 -19.27 16.79 -30.34
CA PHE B 515 -19.74 18.06 -30.90
C PHE B 515 -19.77 18.03 -32.42
N TYR B 516 -18.78 17.40 -33.05
CA TYR B 516 -18.73 17.41 -34.51
C TYR B 516 -19.77 16.47 -35.10
N ARG B 517 -19.99 15.30 -34.50
CA ARG B 517 -20.94 14.36 -35.07
C ARG B 517 -22.39 14.75 -34.81
N GLN B 518 -22.68 15.38 -33.67
CA GLN B 518 -24.07 15.60 -33.31
C GLN B 518 -24.56 17.04 -33.50
N MET B 519 -23.68 18.03 -33.41
CA MET B 519 -24.08 19.44 -33.50
C MET B 519 -23.13 20.19 -34.42
N PRO B 520 -23.20 19.94 -35.73
CA PRO B 520 -22.27 20.60 -36.66
C PRO B 520 -22.40 22.11 -36.70
N GLU B 521 -23.62 22.65 -36.57
CA GLU B 521 -23.81 24.09 -36.70
C GLU B 521 -23.13 24.86 -35.58
N ILE B 522 -23.07 24.29 -34.38
CA ILE B 522 -22.40 24.96 -33.27
C ILE B 522 -20.92 25.17 -33.59
N VAL B 523 -20.28 24.15 -34.18
CA VAL B 523 -18.89 24.30 -34.58
C VAL B 523 -18.76 25.25 -35.75
N GLU B 524 -19.70 25.20 -36.71
CA GLU B 524 -19.60 26.06 -37.88
C GLU B 524 -19.69 27.53 -37.52
N ARG B 525 -20.55 27.88 -36.55
CA ARG B 525 -20.73 29.27 -36.18
C ARG B 525 -19.66 29.78 -35.23
N GLY B 526 -18.80 28.91 -34.71
CA GLY B 526 -17.69 29.33 -33.87
C GLY B 526 -18.06 29.61 -32.43
N HIS B 527 -18.60 28.60 -31.74
CA HIS B 527 -19.01 28.74 -30.35
C HIS B 527 -18.18 27.90 -29.39
N VAL B 528 -17.11 27.27 -29.87
CA VAL B 528 -16.33 26.30 -29.09
C VAL B 528 -14.93 26.84 -28.90
N TYR B 529 -14.43 26.77 -27.66
CA TYR B 529 -13.11 27.28 -27.29
C TYR B 529 -12.36 26.24 -26.48
N ILE B 530 -11.05 26.44 -26.35
CA ILE B 530 -10.17 25.58 -25.57
C ILE B 530 -9.29 26.45 -24.69
N ALA B 531 -9.19 26.09 -23.42
CA ALA B 531 -8.46 26.88 -22.43
C ALA B 531 -7.00 26.45 -22.35
N GLN B 532 -6.15 27.35 -21.84
CA GLN B 532 -4.71 27.16 -21.77
C GLN B 532 -4.19 27.48 -20.38
N PRO B 533 -4.21 26.51 -19.46
CA PRO B 533 -3.64 26.74 -18.13
C PRO B 533 -2.13 26.61 -18.16
N PRO B 534 -1.43 27.27 -17.25
CA PRO B 534 0.04 27.17 -17.20
C PRO B 534 0.49 25.87 -16.53
N LEU B 535 1.80 25.63 -16.60
CA LEU B 535 2.38 24.39 -16.13
C LEU B 535 3.40 24.57 -15.02
N TYR B 536 4.16 25.67 -15.01
CA TYR B 536 5.21 25.87 -14.02
C TYR B 536 4.97 27.15 -13.22
N LYS B 537 5.75 27.29 -12.16
CA LYS B 537 5.77 28.51 -11.36
C LYS B 537 7.14 28.61 -10.69
N VAL B 538 7.82 29.74 -10.89
CA VAL B 538 9.16 29.96 -10.37
C VAL B 538 9.13 31.14 -9.42
N LYS B 539 10.02 31.10 -8.43
CA LYS B 539 10.05 32.14 -7.40
C LYS B 539 11.45 32.19 -6.81
N LYS B 540 12.02 33.39 -6.74
CA LYS B 540 13.32 33.63 -6.11
C LYS B 540 13.19 34.86 -5.22
N GLY B 541 12.77 34.66 -3.97
CA GLY B 541 12.64 35.76 -3.05
C GLY B 541 11.33 36.51 -3.22
N LYS B 542 11.41 37.68 -3.85
CA LYS B 542 10.22 38.49 -4.11
C LYS B 542 9.72 38.37 -5.55
N GLN B 543 10.59 37.98 -6.47
CA GLN B 543 10.20 37.87 -7.88
C GLN B 543 9.56 36.52 -8.14
N GLU B 544 8.42 36.52 -8.84
CA GLU B 544 7.74 35.29 -9.19
C GLU B 544 7.10 35.45 -10.56
N GLN B 545 6.83 34.31 -11.21
CA GLN B 545 6.40 34.32 -12.60
C GLN B 545 5.79 32.96 -12.92
N TYR B 546 4.91 32.97 -13.93
CA TYR B 546 4.29 31.75 -14.44
C TYR B 546 4.89 31.40 -15.80
N ILE B 547 5.02 30.10 -16.06
CA ILE B 547 5.66 29.59 -17.26
C ILE B 547 4.66 28.70 -17.99
N LYS B 548 4.57 28.88 -19.31
CA LYS B 548 3.56 28.17 -20.10
C LYS B 548 3.91 26.69 -20.27
N ASP B 549 5.04 26.40 -20.91
CA ASP B 549 5.38 25.01 -21.22
C ASP B 549 6.90 24.87 -21.20
N ASP B 550 7.41 23.78 -21.77
CA ASP B 550 8.82 23.42 -21.60
C ASP B 550 9.74 24.33 -22.41
N GLU B 551 9.31 24.76 -23.59
CA GLU B 551 10.13 25.68 -24.37
C GLU B 551 10.35 26.99 -23.62
N ALA B 552 9.28 27.52 -23.02
CA ALA B 552 9.42 28.71 -22.19
C ALA B 552 10.34 28.46 -21.01
N MET B 553 10.28 27.25 -20.44
CA MET B 553 11.16 26.92 -19.33
C MET B 553 12.62 26.92 -19.76
N ASP B 554 12.92 26.36 -20.92
CA ASP B 554 14.30 26.37 -21.43
C ASP B 554 14.77 27.79 -21.69
N GLN B 555 13.91 28.61 -22.29
CA GLN B 555 14.29 30.01 -22.55
C GLN B 555 14.55 30.75 -21.25
N TYR B 556 13.70 30.54 -20.24
CA TYR B 556 13.89 31.20 -18.96
C TYR B 556 15.17 30.74 -18.28
N GLN B 557 15.47 29.43 -18.36
CA GLN B 557 16.71 28.93 -17.77
C GLN B 557 17.92 29.52 -18.46
N ILE B 558 17.89 29.61 -19.79
CA ILE B 558 19.01 30.19 -20.52
C ILE B 558 19.19 31.66 -20.16
N SER B 559 18.09 32.41 -20.13
CA SER B 559 18.19 33.85 -19.86
C SER B 559 18.65 34.13 -18.43
N ILE B 560 18.14 33.37 -17.46
CA ILE B 560 18.45 33.64 -16.06
C ILE B 560 19.90 33.34 -15.71
N ALA B 561 20.60 32.56 -16.54
CA ALA B 561 21.98 32.20 -16.27
C ALA B 561 22.98 33.17 -16.87
N LEU B 562 22.54 34.13 -17.68
CA LEU B 562 23.44 35.04 -18.38
C LEU B 562 23.39 36.45 -17.82
N ASP B 563 22.83 36.65 -16.63
CA ASP B 563 22.75 37.96 -16.00
C ASP B 563 23.86 38.11 -14.98
N GLY B 564 24.48 39.29 -14.97
CA GLY B 564 25.56 39.56 -14.03
C GLY B 564 26.74 38.62 -14.18
N ALA B 565 27.08 38.26 -15.41
CA ALA B 565 28.19 37.35 -15.67
C ALA B 565 28.90 37.79 -16.95
N THR B 566 30.21 37.62 -16.97
CA THR B 566 31.04 38.01 -18.10
C THR B 566 31.92 36.84 -18.52
N LEU B 567 32.01 36.60 -19.82
CA LEU B 567 32.84 35.55 -20.38
C LEU B 567 33.87 36.17 -21.31
N HIS B 568 35.15 35.98 -21.00
CA HIS B 568 36.25 36.54 -21.78
C HIS B 568 37.07 35.42 -22.37
N THR B 569 37.43 35.57 -23.65
CA THR B 569 38.24 34.55 -24.32
C THR B 569 39.61 34.41 -23.66
N ASN B 570 40.24 35.54 -23.33
CA ASN B 570 41.53 35.51 -22.63
C ASN B 570 41.46 36.41 -21.40
N ALA B 571 42.60 36.64 -20.75
CA ALA B 571 42.64 37.38 -19.51
C ALA B 571 42.71 38.89 -19.72
N SER B 572 42.76 39.36 -20.96
CA SER B 572 42.87 40.79 -21.25
C SER B 572 41.93 41.18 -22.38
N ALA B 573 40.71 40.66 -22.37
CA ALA B 573 39.74 40.98 -23.40
C ALA B 573 38.40 41.36 -22.78
N PRO B 574 37.68 42.31 -23.38
CA PRO B 574 36.38 42.70 -22.84
C PRO B 574 35.34 41.61 -23.03
N ALA B 575 34.27 41.70 -22.25
CA ALA B 575 33.22 40.70 -22.28
C ALA B 575 32.43 40.76 -23.60
N LEU B 576 31.81 39.63 -23.93
CA LEU B 576 31.02 39.52 -25.14
C LEU B 576 29.65 40.17 -24.94
N ALA B 577 28.85 40.18 -26.00
CA ALA B 577 27.50 40.71 -25.95
C ALA B 577 26.50 39.63 -25.54
N GLY B 578 25.45 40.05 -24.84
CA GLY B 578 24.46 39.09 -24.37
C GLY B 578 23.69 38.43 -25.49
N GLU B 579 23.35 39.18 -26.53
CA GLU B 579 22.56 38.63 -27.63
C GLU B 579 23.32 37.52 -28.36
N ALA B 580 24.62 37.72 -28.59
CA ALA B 580 25.41 36.70 -29.26
C ALA B 580 25.49 35.43 -28.42
N LEU B 581 25.69 35.57 -27.10
CA LEU B 581 25.70 34.41 -26.23
C LEU B 581 24.37 33.68 -26.26
N GLU B 582 23.27 34.43 -26.22
CA GLU B 582 21.94 33.80 -26.26
C GLU B 582 21.73 33.05 -27.57
N LYS B 583 22.14 33.65 -28.69
CA LYS B 583 22.02 32.96 -29.98
C LYS B 583 22.85 31.69 -30.01
N LEU B 584 24.08 31.76 -29.52
CA LEU B 584 24.95 30.58 -29.50
C LEU B 584 24.35 29.47 -28.66
N VAL B 585 23.82 29.81 -27.48
CA VAL B 585 23.27 28.79 -26.60
C VAL B 585 22.00 28.19 -27.22
N SER B 586 21.16 29.02 -27.84
CA SER B 586 19.96 28.50 -28.49
C SER B 586 20.30 27.56 -29.62
N GLU B 587 21.28 27.92 -30.45
CA GLU B 587 21.68 27.04 -31.55
C GLU B 587 22.27 25.74 -31.03
N TYR B 588 23.08 25.82 -29.97
CA TYR B 588 23.61 24.61 -29.35
C TYR B 588 22.48 23.71 -28.86
N ASN B 589 21.47 24.30 -28.22
CA ASN B 589 20.35 23.52 -27.72
C ASN B 589 19.59 22.83 -28.86
N ALA B 590 19.35 23.56 -29.96
CA ALA B 590 18.65 22.96 -31.09
C ALA B 590 19.46 21.82 -31.69
N THR B 591 20.77 22.02 -31.85
CA THR B 591 21.62 20.96 -32.39
C THR B 591 21.65 19.75 -31.46
N GLN B 592 21.67 20.00 -30.15
CA GLN B 592 21.64 18.91 -29.19
C GLN B 592 20.34 18.12 -29.28
N LYS B 593 19.22 18.82 -29.45
CA LYS B 593 17.95 18.13 -29.66
C LYS B 593 17.99 17.25 -30.90
N MET B 594 18.52 17.79 -32.00
CA MET B 594 18.64 17.00 -33.23
C MET B 594 19.52 15.78 -33.02
N ILE B 595 20.64 15.95 -32.31
CA ILE B 595 21.53 14.82 -32.04
C ILE B 595 20.82 13.77 -31.21
N ASN B 596 20.09 14.19 -30.17
CA ASN B 596 19.37 13.25 -29.33
C ASN B 596 18.31 12.50 -30.12
N ARG B 597 17.71 13.13 -31.13
CA ARG B 597 16.68 12.45 -31.89
C ARG B 597 17.21 11.24 -32.62
N MET B 598 18.43 11.33 -33.17
CA MET B 598 18.98 10.29 -34.03
C MET B 598 19.84 9.28 -33.28
N GLU B 599 19.68 9.18 -31.96
CA GLU B 599 20.55 8.32 -31.16
C GLU B 599 20.43 6.85 -31.53
N ARG B 600 19.33 6.44 -32.16
CA ARG B 600 19.13 5.03 -32.45
C ARG B 600 20.06 4.49 -33.52
N ARG B 601 20.69 5.38 -34.31
CA ARG B 601 21.54 4.96 -35.41
C ARG B 601 23.02 5.22 -35.20
N TYR B 602 23.38 6.21 -34.38
CA TYR B 602 24.77 6.54 -34.14
C TYR B 602 25.01 6.69 -32.64
N PRO B 603 26.22 6.36 -32.18
CA PRO B 603 26.56 6.64 -30.78
C PRO B 603 26.56 8.14 -30.51
N LYS B 604 26.12 8.50 -29.31
CA LYS B 604 25.95 9.91 -28.98
C LYS B 604 27.29 10.62 -28.78
N ALA B 605 28.30 9.91 -28.27
CA ALA B 605 29.60 10.52 -28.05
C ALA B 605 30.30 10.82 -29.37
N MET B 606 30.13 9.94 -30.37
CA MET B 606 30.76 10.17 -31.67
C MET B 606 30.24 11.43 -32.33
N LEU B 607 28.92 11.65 -32.26
CA LEU B 607 28.34 12.83 -32.89
C LEU B 607 28.78 14.12 -32.22
N LYS B 608 28.96 14.09 -30.89
CA LYS B 608 29.39 15.29 -30.19
C LYS B 608 30.83 15.68 -30.55
N GLU B 609 31.66 14.69 -30.92
CA GLU B 609 33.05 14.98 -31.25
C GLU B 609 33.19 15.64 -32.60
N LEU B 610 32.28 15.37 -33.53
CA LEU B 610 32.38 15.93 -34.87
C LEU B 610 32.25 17.45 -34.88
N ILE B 611 31.72 18.04 -33.81
CA ILE B 611 31.61 19.50 -33.74
C ILE B 611 32.99 20.13 -33.73
N TYR B 612 33.93 19.55 -32.98
CA TYR B 612 35.27 20.10 -32.82
C TYR B 612 36.27 19.47 -33.77
N GLN B 613 35.84 19.11 -34.97
CA GLN B 613 36.68 18.49 -35.97
C GLN B 613 36.59 19.25 -37.28
N PRO B 614 37.67 19.27 -38.08
CA PRO B 614 37.60 19.93 -39.38
C PRO B 614 36.60 19.25 -40.30
N THR B 615 35.99 20.03 -41.17
CA THR B 615 34.95 19.53 -42.05
C THR B 615 35.54 18.58 -43.08
N LEU B 616 34.91 17.41 -43.23
CA LEU B 616 35.31 16.43 -44.24
C LEU B 616 34.51 16.71 -45.50
N THR B 617 35.10 17.51 -46.39
CA THR B 617 34.43 17.88 -47.62
C THR B 617 34.31 16.68 -48.56
N GLU B 618 33.37 16.78 -49.51
CA GLU B 618 33.19 15.72 -50.49
C GLU B 618 34.40 15.55 -51.39
N ALA B 619 35.22 16.60 -51.54
CA ALA B 619 36.41 16.51 -52.38
C ALA B 619 37.45 15.55 -51.81
N ASP B 620 37.38 15.26 -50.52
CA ASP B 620 38.35 14.36 -49.88
C ASP B 620 37.99 12.89 -50.05
N LEU B 621 36.86 12.58 -50.66
CA LEU B 621 36.38 11.20 -50.79
C LEU B 621 37.09 10.42 -51.89
N SER B 622 38.20 10.94 -52.41
CA SER B 622 38.98 10.22 -53.41
C SER B 622 40.48 10.22 -53.16
N ASP B 623 40.98 11.00 -52.19
CA ASP B 623 42.42 11.07 -51.96
C ASP B 623 42.95 9.78 -51.33
N GLU B 624 42.16 9.16 -50.47
CA GLU B 624 42.53 7.93 -49.75
C GLU B 624 43.76 8.11 -48.86
N GLN B 625 44.19 9.35 -48.64
CA GLN B 625 45.33 9.62 -47.77
C GLN B 625 45.00 10.57 -46.64
N THR B 626 44.18 11.59 -46.89
CA THR B 626 43.70 12.45 -45.82
C THR B 626 42.58 11.77 -45.03
N VAL B 627 41.85 10.85 -45.66
CA VAL B 627 40.77 10.16 -44.98
C VAL B 627 41.30 9.36 -43.79
N THR B 628 42.40 8.63 -44.01
CA THR B 628 42.98 7.82 -42.95
C THR B 628 43.48 8.69 -41.80
N ARG B 629 44.13 9.81 -42.12
CA ARG B 629 44.59 10.72 -41.07
C ARG B 629 43.42 11.29 -40.29
N TRP B 630 42.36 11.68 -40.98
CA TRP B 630 41.19 12.26 -40.31
C TRP B 630 40.55 11.26 -39.37
N VAL B 631 40.32 10.03 -39.85
CA VAL B 631 39.67 9.03 -39.01
C VAL B 631 40.57 8.63 -37.85
N ASN B 632 41.89 8.57 -38.09
CA ASN B 632 42.81 8.25 -37.01
C ASN B 632 42.79 9.31 -35.93
N ALA B 633 42.78 10.59 -36.34
CA ALA B 633 42.71 11.67 -35.35
C ALA B 633 41.42 11.61 -34.57
N LEU B 634 40.29 11.36 -35.26
CA LEU B 634 39.01 11.27 -34.57
C LEU B 634 39.00 10.14 -33.54
N VAL B 635 39.49 8.96 -33.94
CA VAL B 635 39.49 7.82 -33.05
C VAL B 635 40.44 8.05 -31.88
N SER B 636 41.60 8.64 -32.14
CA SER B 636 42.53 8.92 -31.05
C SER B 636 41.94 9.90 -30.05
N GLU B 637 41.30 10.96 -30.54
CA GLU B 637 40.67 11.91 -29.63
C GLU B 637 39.56 11.26 -28.81
N LEU B 638 38.75 10.40 -29.45
CA LEU B 638 37.69 9.72 -28.72
C LEU B 638 38.25 8.79 -27.66
N ASN B 639 39.34 8.07 -27.99
CA ASN B 639 39.93 7.14 -27.02
C ASN B 639 40.63 7.87 -25.88
N ASP B 640 41.11 9.09 -26.14
CA ASP B 640 41.83 9.83 -25.10
C ASP B 640 40.90 10.17 -23.93
N LYS B 641 39.73 10.74 -24.22
CA LYS B 641 38.77 11.12 -23.19
C LYS B 641 37.72 10.03 -23.10
N GLU B 642 37.76 9.26 -22.02
CA GLU B 642 36.85 8.13 -21.86
C GLU B 642 36.84 7.71 -20.40
N GLN B 643 35.65 7.70 -19.79
CA GLN B 643 35.50 7.27 -18.40
C GLN B 643 34.92 5.89 -18.26
N HIS B 644 33.97 5.51 -19.12
CA HIS B 644 33.41 4.16 -19.09
C HIS B 644 34.36 3.18 -19.76
N GLY B 645 34.01 1.89 -19.70
CA GLY B 645 34.82 0.87 -20.34
C GLY B 645 34.42 0.64 -21.79
N SER B 646 35.16 1.24 -22.72
CA SER B 646 34.89 1.08 -24.14
C SER B 646 36.17 1.34 -24.91
N GLN B 647 36.17 0.92 -26.18
CA GLN B 647 37.33 1.04 -27.05
C GLN B 647 36.89 1.47 -28.43
N TRP B 648 37.80 2.15 -29.15
CA TRP B 648 37.50 2.69 -30.47
C TRP B 648 38.53 2.20 -31.48
N LYS B 649 38.10 2.12 -32.74
CA LYS B 649 38.93 1.68 -33.85
C LYS B 649 38.46 2.36 -35.13
N PHE B 650 39.31 2.33 -36.15
CA PHE B 650 38.98 2.90 -37.45
C PHE B 650 39.38 1.95 -38.57
N ASP B 651 38.69 2.07 -39.69
CA ASP B 651 38.94 1.26 -40.87
C ASP B 651 38.48 2.05 -42.10
N VAL B 652 39.04 1.70 -43.25
CA VAL B 652 38.74 2.37 -44.51
C VAL B 652 38.28 1.34 -45.52
N HIS B 653 37.16 1.62 -46.18
CA HIS B 653 36.60 0.73 -47.20
C HIS B 653 36.66 1.41 -48.56
N THR B 654 37.06 0.64 -49.57
CA THR B 654 37.20 1.13 -50.94
C THR B 654 36.03 0.62 -51.77
N ASN B 655 35.36 1.53 -52.47
CA ASN B 655 34.21 1.21 -53.30
C ASN B 655 34.57 1.38 -54.77
N ALA B 656 34.00 0.51 -55.61
CA ALA B 656 34.29 0.55 -57.04
C ALA B 656 33.73 1.80 -57.69
N GLU B 657 32.56 2.26 -57.24
CA GLU B 657 31.92 3.44 -57.82
C GLU B 657 32.78 4.68 -57.63
N GLN B 658 33.31 5.22 -58.73
CA GLN B 658 34.16 6.42 -58.76
C GLN B 658 35.27 6.37 -57.72
N ASN B 659 35.66 5.15 -57.32
CA ASN B 659 36.77 4.92 -56.40
C ASN B 659 36.60 5.71 -55.10
N LEU B 660 35.44 5.54 -54.47
CA LEU B 660 35.17 6.20 -53.20
C LEU B 660 35.85 5.45 -52.05
N PHE B 661 36.08 6.18 -50.97
CA PHE B 661 36.69 5.62 -49.77
C PHE B 661 35.92 6.15 -48.56
N GLU B 662 35.15 5.27 -47.91
CA GLU B 662 34.26 5.67 -46.83
C GLU B 662 34.82 5.23 -45.49
N PRO B 663 34.87 6.10 -44.50
CA PRO B 663 35.35 5.71 -43.18
C PRO B 663 34.45 4.68 -42.51
N ILE B 664 35.07 3.82 -41.70
CA ILE B 664 34.38 2.84 -40.89
C ILE B 664 34.82 3.02 -39.44
N VAL B 665 33.86 3.11 -38.53
CA VAL B 665 34.13 3.29 -37.11
C VAL B 665 33.52 2.12 -36.34
N ARG B 666 34.33 1.47 -35.51
CA ARG B 666 33.89 0.32 -34.73
C ARG B 666 34.14 0.58 -33.25
N VAL B 667 33.15 0.24 -32.42
CA VAL B 667 33.22 0.46 -30.99
C VAL B 667 33.02 -0.88 -30.28
N ARG B 668 33.34 -0.88 -28.99
CA ARG B 668 33.12 -2.05 -28.14
C ARG B 668 32.59 -1.57 -26.80
N THR B 669 31.30 -1.79 -26.57
CA THR B 669 30.64 -1.33 -25.34
C THR B 669 29.92 -2.51 -24.70
N HIS B 670 30.24 -2.76 -23.42
CA HIS B 670 29.61 -3.83 -22.65
C HIS B 670 29.76 -5.19 -23.32
N GLY B 671 30.91 -5.42 -23.93
CA GLY B 671 31.20 -6.69 -24.55
C GLY B 671 30.59 -6.93 -25.91
N VAL B 672 30.06 -5.90 -26.56
CA VAL B 672 29.44 -6.03 -27.88
C VAL B 672 30.16 -5.09 -28.83
N ASP B 673 30.45 -5.58 -30.05
CA ASP B 673 31.13 -4.83 -31.08
C ASP B 673 30.16 -4.45 -32.18
N THR B 674 30.18 -3.18 -32.57
CA THR B 674 29.29 -2.66 -33.61
C THR B 674 30.10 -1.79 -34.55
N ASP B 675 29.63 -1.67 -35.80
CA ASP B 675 30.30 -0.89 -36.82
C ASP B 675 29.32 0.11 -37.42
N TYR B 676 29.79 1.33 -37.63
CA TYR B 676 28.96 2.41 -38.19
C TYR B 676 29.62 2.93 -39.47
N PRO B 677 29.22 2.44 -40.64
CA PRO B 677 29.83 2.94 -41.87
C PRO B 677 29.33 4.34 -42.22
N LEU B 678 30.27 5.26 -42.42
CA LEU B 678 29.96 6.63 -42.84
C LEU B 678 30.03 6.68 -44.35
N ASP B 679 28.89 6.51 -45.01
CA ASP B 679 28.85 6.41 -46.46
C ASP B 679 28.77 7.81 -47.08
N HIS B 680 28.52 7.87 -48.39
CA HIS B 680 28.46 9.14 -49.10
C HIS B 680 27.21 9.93 -48.73
N GLU B 681 26.11 9.24 -48.41
CA GLU B 681 24.86 9.92 -48.09
C GLU B 681 25.00 10.78 -46.85
N PHE B 682 25.69 10.27 -45.83
CA PHE B 682 25.84 11.03 -44.58
C PHE B 682 26.68 12.28 -44.79
N ILE B 683 27.64 12.25 -45.70
CA ILE B 683 28.51 13.40 -45.92
C ILE B 683 27.70 14.60 -46.41
N THR B 684 26.77 14.35 -47.34
CA THR B 684 25.90 15.38 -47.88
C THR B 684 24.51 15.19 -47.25
N GLY B 685 24.30 15.84 -46.12
CA GLY B 685 23.03 15.71 -45.41
C GLY B 685 22.81 16.88 -44.47
N GLY B 686 21.55 17.02 -44.05
CA GLY B 686 21.21 18.13 -43.18
C GLY B 686 21.88 18.04 -41.82
N GLU B 687 21.99 16.83 -41.29
CA GLU B 687 22.60 16.65 -39.97
C GLU B 687 24.04 17.13 -39.96
N TYR B 688 24.84 16.63 -40.90
CA TYR B 688 26.26 16.97 -40.92
C TYR B 688 26.45 18.46 -41.21
N ARG B 689 25.65 19.03 -42.11
CA ARG B 689 25.82 20.45 -42.41
C ARG B 689 25.44 21.32 -41.21
N ARG B 690 24.39 20.95 -40.47
CA ARG B 690 24.06 21.69 -39.26
C ARG B 690 25.16 21.58 -38.22
N ILE B 691 25.72 20.37 -38.06
CA ILE B 691 26.82 20.19 -37.11
C ILE B 691 28.01 21.05 -37.50
N CYS B 692 28.35 21.07 -38.79
CA CYS B 692 29.47 21.89 -39.25
C CYS B 692 29.20 23.37 -39.03
N THR B 693 27.98 23.84 -39.32
CA THR B 693 27.67 25.25 -39.13
C THR B 693 27.77 25.64 -37.66
N LEU B 694 27.33 24.76 -36.76
CA LEU B 694 27.51 25.02 -35.34
C LEU B 694 28.99 25.04 -34.97
N GLY B 695 29.77 24.11 -35.52
CA GLY B 695 31.18 24.02 -35.16
C GLY B 695 31.99 25.22 -35.60
N GLU B 696 31.64 25.84 -36.72
CA GLU B 696 32.43 26.94 -37.25
C GLU B 696 32.48 28.12 -36.28
N LYS B 697 31.47 28.27 -35.43
CA LYS B 697 31.44 29.37 -34.48
C LYS B 697 32.06 29.01 -33.14
N LEU B 698 32.43 27.75 -32.92
CA LEU B 698 32.99 27.31 -31.65
C LEU B 698 34.45 26.89 -31.72
N ARG B 699 34.98 26.62 -32.90
CA ARG B 699 36.36 26.18 -33.03
C ARG B 699 37.31 27.35 -32.78
N GLY B 700 38.14 27.22 -31.75
CA GLY B 700 39.09 28.27 -31.41
C GLY B 700 38.45 29.56 -30.95
N LEU B 701 37.44 29.46 -30.09
CA LEU B 701 36.77 30.63 -29.55
C LEU B 701 37.38 31.08 -28.23
N LEU B 702 37.67 30.15 -27.34
CA LEU B 702 38.19 30.47 -26.01
C LEU B 702 39.69 30.16 -25.97
N GLU B 703 40.47 31.12 -25.49
CA GLU B 703 41.92 30.96 -25.41
C GLU B 703 42.28 30.17 -24.16
N GLU B 704 43.57 30.12 -23.83
CA GLU B 704 44.02 29.34 -22.69
C GLU B 704 43.57 29.94 -21.36
N ASP B 705 43.54 31.27 -21.25
CA ASP B 705 43.18 31.93 -20.01
C ASP B 705 41.77 31.56 -19.58
N ALA B 706 40.77 31.96 -20.37
CA ALA B 706 39.38 31.53 -20.21
C ALA B 706 38.90 31.72 -18.76
N PHE B 707 38.81 32.98 -18.36
CA PHE B 707 38.34 33.32 -17.03
C PHE B 707 36.95 33.94 -17.11
N ILE B 708 36.10 33.58 -16.16
CA ILE B 708 34.75 34.13 -16.04
C ILE B 708 34.65 34.82 -14.68
N GLU B 709 34.15 36.05 -14.68
CA GLU B 709 34.08 36.85 -13.47
C GLU B 709 32.64 37.26 -13.20
N ARG B 710 32.17 36.98 -11.99
CA ARG B 710 30.88 37.45 -11.50
C ARG B 710 31.09 38.79 -10.80
N GLY B 711 30.09 39.23 -10.02
CA GLY B 711 30.21 40.53 -9.37
C GLY B 711 31.43 40.66 -8.49
N GLU B 712 31.80 39.60 -7.77
CA GLU B 712 32.97 39.66 -6.91
C GLU B 712 33.90 38.45 -6.98
N ARG B 713 33.53 37.36 -7.64
CA ARG B 713 34.35 36.16 -7.67
C ARG B 713 35.02 35.98 -9.02
N ARG B 714 35.89 34.97 -9.10
CA ARG B 714 36.62 34.65 -10.31
C ARG B 714 36.56 33.14 -10.52
N GLN B 715 36.75 32.73 -11.78
CA GLN B 715 36.73 31.31 -12.11
C GLN B 715 37.38 31.04 -13.46
N PRO B 716 38.32 30.12 -13.53
CA PRO B 716 38.85 29.69 -14.83
C PRO B 716 37.86 28.78 -15.54
N VAL B 717 38.01 28.71 -16.87
CA VAL B 717 37.15 27.92 -17.73
C VAL B 717 37.99 26.89 -18.47
N ALA B 718 37.56 25.64 -18.42
CA ALA B 718 38.22 24.57 -19.19
C ALA B 718 37.58 24.39 -20.55
N SER B 719 36.27 24.57 -20.65
CA SER B 719 35.56 24.43 -21.92
C SER B 719 34.23 25.18 -21.82
N PHE B 720 33.63 25.41 -22.99
CA PHE B 720 32.35 26.13 -23.05
C PHE B 720 31.29 25.42 -22.22
N GLU B 721 31.21 24.10 -22.35
CA GLU B 721 30.20 23.34 -21.61
C GLU B 721 30.39 23.46 -20.10
N GLN B 722 31.65 23.40 -19.65
CA GLN B 722 31.91 23.50 -18.21
C GLN B 722 31.54 24.86 -17.67
N ALA B 723 31.85 25.93 -18.42
CA ALA B 723 31.45 27.27 -17.99
C ALA B 723 29.93 27.40 -17.94
N LEU B 724 29.24 26.84 -18.93
CA LEU B 724 27.78 26.90 -18.92
C LEU B 724 27.21 26.14 -17.73
N ASP B 725 27.77 24.97 -17.43
CA ASP B 725 27.28 24.20 -16.29
C ASP B 725 27.54 24.94 -14.98
N TRP B 726 28.71 25.57 -14.84
CA TRP B 726 29.00 26.34 -13.64
C TRP B 726 28.03 27.50 -13.48
N LEU B 727 27.74 28.21 -14.58
CA LEU B 727 26.78 29.30 -14.52
C LEU B 727 25.39 28.79 -14.14
N VAL B 728 24.96 27.68 -14.71
CA VAL B 728 23.65 27.12 -14.40
C VAL B 728 23.57 26.76 -12.92
N LYS B 729 24.60 26.09 -12.41
CA LYS B 729 24.61 25.71 -11.00
C LYS B 729 24.61 26.95 -10.10
N GLU B 730 25.35 27.98 -10.48
CA GLU B 730 25.35 29.22 -9.69
C GLU B 730 23.98 29.87 -9.67
N SER B 731 23.30 29.91 -10.81
CA SER B 731 22.03 30.63 -10.89
C SER B 731 20.93 29.94 -10.10
N ARG B 732 21.00 28.62 -9.91
CA ARG B 732 19.92 27.88 -9.28
C ARG B 732 19.90 28.00 -7.77
N ARG B 733 20.88 28.67 -7.17
CA ARG B 733 20.90 28.81 -5.71
C ARG B 733 19.75 29.71 -5.25
N GLY B 734 19.00 29.25 -4.26
CA GLY B 734 17.90 30.02 -3.75
C GLY B 734 16.69 30.09 -4.65
N LEU B 735 16.52 29.12 -5.54
CA LEU B 735 15.44 29.12 -6.51
C LEU B 735 14.44 28.02 -6.17
N SER B 736 13.15 28.35 -6.31
CA SER B 736 12.07 27.42 -6.03
C SER B 736 11.23 27.22 -7.29
N ILE B 737 11.04 25.96 -7.67
CA ILE B 737 10.28 25.61 -8.87
C ILE B 737 9.19 24.64 -8.47
N GLN B 738 7.97 24.90 -8.92
CA GLN B 738 6.82 24.06 -8.59
C GLN B 738 6.10 23.68 -9.87
N ARG B 739 5.82 22.38 -10.01
CA ARG B 739 5.15 21.84 -11.18
C ARG B 739 3.75 21.37 -10.79
N TYR B 740 2.76 21.72 -11.61
CA TYR B 740 1.36 21.44 -11.29
C TYR B 740 0.97 20.09 -11.90
N LYS B 741 0.65 19.12 -11.04
CA LYS B 741 0.23 17.81 -11.51
C LYS B 741 -1.13 17.89 -12.22
N GLY B 742 -2.07 18.63 -11.65
CA GLY B 742 -3.39 18.77 -12.24
C GLY B 742 -4.01 20.08 -11.80
N LEU B 743 -5.28 20.26 -12.19
CA LEU B 743 -5.99 21.48 -11.81
C LEU B 743 -6.41 21.48 -10.36
N GLY B 744 -6.42 20.32 -9.71
CA GLY B 744 -6.81 20.23 -8.32
C GLY B 744 -5.73 20.59 -7.32
N GLU B 745 -4.52 20.90 -7.80
CA GLU B 745 -3.41 21.28 -6.94
C GLU B 745 -3.21 22.79 -6.86
N MET B 746 -4.04 23.57 -7.56
CA MET B 746 -3.94 25.01 -7.56
C MET B 746 -4.98 25.62 -6.63
N ASN B 747 -4.59 26.69 -5.95
CA ASN B 747 -5.55 27.46 -5.17
C ASN B 747 -6.54 28.14 -6.10
N PRO B 748 -7.78 28.33 -5.66
CA PRO B 748 -8.79 28.96 -6.54
C PRO B 748 -8.40 30.34 -7.04
N GLU B 749 -7.71 31.14 -6.23
CA GLU B 749 -7.29 32.47 -6.68
C GLU B 749 -6.31 32.36 -7.84
N GLN B 750 -5.34 31.45 -7.73
CA GLN B 750 -4.39 31.26 -8.83
C GLN B 750 -5.09 30.80 -10.09
N LEU B 751 -6.03 29.86 -9.96
CA LEU B 751 -6.76 29.37 -11.12
C LEU B 751 -7.53 30.51 -11.79
N TRP B 752 -8.23 31.32 -11.00
CA TRP B 752 -8.96 32.46 -11.57
C TRP B 752 -8.01 33.40 -12.31
N GLU B 753 -6.95 33.85 -11.62
CA GLU B 753 -6.11 34.90 -12.19
C GLU B 753 -5.25 34.41 -13.33
N THR B 754 -5.08 33.09 -13.50
CA THR B 754 -4.30 32.59 -14.62
C THR B 754 -5.15 32.11 -15.79
N THR B 755 -6.37 31.63 -15.56
CA THR B 755 -7.13 31.00 -16.63
C THR B 755 -8.50 31.61 -16.87
N MET B 756 -9.14 32.19 -15.86
CA MET B 756 -10.54 32.58 -16.00
C MET B 756 -10.75 34.09 -16.05
N ASP B 757 -9.72 34.88 -15.83
CA ASP B 757 -9.88 36.34 -15.89
C ASP B 757 -9.90 36.80 -17.34
N PRO B 758 -10.95 37.47 -17.79
CA PRO B 758 -10.98 37.93 -19.20
C PRO B 758 -9.87 38.91 -19.55
N GLU B 759 -9.26 39.56 -18.56
CA GLU B 759 -8.24 40.56 -18.86
C GLU B 759 -6.92 39.92 -19.28
N SER B 760 -6.62 38.71 -18.79
CA SER B 760 -5.30 38.15 -19.00
C SER B 760 -5.33 36.66 -19.34
N ARG B 761 -6.36 36.20 -20.04
CA ARG B 761 -6.45 34.81 -20.44
C ARG B 761 -6.19 34.67 -21.93
N ARG B 762 -5.80 33.45 -22.33
CA ARG B 762 -5.58 33.11 -23.73
C ARG B 762 -6.31 31.82 -24.06
N MET B 763 -6.94 31.78 -25.24
CA MET B 763 -7.76 30.64 -25.64
C MET B 763 -7.54 30.35 -27.12
N LEU B 764 -8.17 29.28 -27.59
CA LEU B 764 -8.15 28.88 -29.00
C LEU B 764 -9.58 28.72 -29.49
N ARG B 765 -9.80 29.03 -30.77
CA ARG B 765 -11.11 28.88 -31.38
C ARG B 765 -11.04 27.78 -32.44
N VAL B 766 -12.02 26.88 -32.43
CA VAL B 766 -12.02 25.70 -33.28
C VAL B 766 -12.77 26.00 -34.56
N THR B 767 -12.15 25.70 -35.70
CA THR B 767 -12.76 25.89 -37.01
C THR B 767 -12.56 24.63 -37.84
N VAL B 768 -13.32 24.53 -38.93
CA VAL B 768 -13.24 23.42 -39.87
C VAL B 768 -12.71 23.95 -41.20
N LYS B 769 -11.71 23.27 -41.75
CA LYS B 769 -11.04 23.72 -42.96
C LYS B 769 -11.55 23.05 -44.22
N ASP B 770 -11.56 21.72 -44.26
CA ASP B 770 -11.87 20.99 -45.48
C ASP B 770 -13.24 20.33 -45.48
N ALA B 771 -13.65 19.73 -44.36
CA ALA B 771 -14.95 19.09 -44.16
C ALA B 771 -15.13 17.83 -44.99
N ILE B 772 -14.17 17.46 -45.83
CA ILE B 772 -14.21 16.21 -46.55
C ILE B 772 -13.13 15.24 -46.07
N ALA B 773 -12.01 15.75 -45.54
CA ALA B 773 -11.01 14.91 -44.90
C ALA B 773 -11.27 14.73 -43.42
N ALA B 774 -12.05 15.63 -42.80
CA ALA B 774 -12.39 15.48 -41.40
C ALA B 774 -13.22 14.21 -41.17
N ASP B 775 -14.16 13.93 -42.07
CA ASP B 775 -14.94 12.70 -41.94
C ASP B 775 -14.05 11.47 -42.01
N GLN B 776 -13.10 11.46 -42.96
CA GLN B 776 -12.18 10.34 -43.07
C GLN B 776 -11.34 10.17 -41.81
N LEU B 777 -10.82 11.27 -41.27
CA LEU B 777 -9.98 11.18 -40.09
C LEU B 777 -10.79 10.69 -38.89
N PHE B 778 -12.00 11.21 -38.70
CA PHE B 778 -12.83 10.76 -37.59
C PHE B 778 -13.20 9.29 -37.72
N THR B 779 -13.56 8.86 -38.93
CA THR B 779 -13.90 7.46 -39.13
C THR B 779 -12.70 6.55 -38.86
N THR B 780 -11.52 6.95 -39.32
CA THR B 780 -10.33 6.13 -39.11
C THR B 780 -9.96 6.04 -37.63
N LEU B 781 -9.98 7.17 -36.92
CA LEU B 781 -9.43 7.17 -35.57
C LEU B 781 -10.44 6.72 -34.52
N MET B 782 -11.74 6.92 -34.75
CA MET B 782 -12.73 6.61 -33.72
C MET B 782 -13.70 5.51 -34.12
N GLY B 783 -13.45 4.82 -35.23
CA GLY B 783 -14.36 3.80 -35.71
C GLY B 783 -14.12 2.44 -35.04
N ASP B 784 -14.97 1.49 -35.43
CA ASP B 784 -14.90 0.15 -34.83
C ASP B 784 -13.75 -0.68 -35.39
N ALA B 785 -13.46 -0.55 -36.67
CA ALA B 785 -12.41 -1.34 -37.29
C ALA B 785 -11.05 -0.98 -36.68
N VAL B 786 -10.26 -2.00 -36.39
CA VAL B 786 -8.99 -1.81 -35.68
C VAL B 786 -7.82 -1.68 -36.66
N GLU B 787 -7.84 -2.42 -37.76
CA GLU B 787 -6.67 -2.45 -38.64
C GLU B 787 -6.30 -1.09 -39.22
N PRO B 788 -7.22 -0.28 -39.75
CA PRO B 788 -6.81 1.07 -40.18
C PRO B 788 -6.18 1.90 -39.08
N ARG B 789 -6.69 1.80 -37.86
CA ARG B 789 -6.13 2.54 -36.74
C ARG B 789 -4.71 2.09 -36.44
N ARG B 790 -4.47 0.77 -36.42
CA ARG B 790 -3.13 0.26 -36.17
C ARG B 790 -2.17 0.69 -37.27
N ALA B 791 -2.60 0.61 -38.53
CA ALA B 791 -1.73 1.01 -39.63
C ALA B 791 -1.40 2.49 -39.55
N PHE B 792 -2.40 3.33 -39.23
CA PHE B 792 -2.16 4.77 -39.10
C PHE B 792 -1.15 5.05 -38.00
N ILE B 793 -1.32 4.43 -36.84
CA ILE B 793 -0.40 4.67 -35.72
C ILE B 793 1.01 4.24 -36.10
N GLU B 794 1.13 3.03 -36.68
CA GLU B 794 2.44 2.51 -37.03
C GLU B 794 3.14 3.38 -38.07
N GLU B 795 2.39 3.86 -39.07
CA GLU B 795 2.99 4.68 -40.11
C GLU B 795 3.41 6.04 -39.56
N ASN B 796 2.55 6.69 -38.79
CA ASN B 796 2.84 8.05 -38.36
C ASN B 796 3.84 8.08 -37.21
N ALA B 797 3.48 7.48 -36.07
CA ALA B 797 4.27 7.70 -34.86
C ALA B 797 5.59 6.93 -34.88
N LEU B 798 5.58 5.71 -35.41
CA LEU B 798 6.76 4.85 -35.28
C LEU B 798 7.81 5.17 -36.34
N LYS B 799 7.48 4.98 -37.61
CA LYS B 799 8.51 5.03 -38.66
C LYS B 799 8.89 6.46 -39.02
N ALA B 800 7.91 7.36 -39.11
CA ALA B 800 8.22 8.72 -39.54
C ALA B 800 9.11 9.45 -38.55
N ALA B 801 9.05 9.05 -37.27
CA ALA B 801 9.89 9.69 -36.26
C ALA B 801 11.34 9.23 -36.36
N ASN B 802 11.57 7.97 -36.72
CA ASN B 802 12.94 7.46 -36.81
C ASN B 802 13.72 8.13 -37.93
N ILE B 803 13.04 8.60 -38.97
CA ILE B 803 13.69 9.27 -40.10
C ILE B 803 12.93 10.56 -40.35
N ASP B 804 13.43 11.68 -39.83
CA ASP B 804 12.84 12.99 -40.04
C ASP B 804 13.58 13.81 -41.09
N ILE B 805 14.10 13.14 -42.11
CA ILE B 805 14.85 13.82 -43.16
C ILE B 805 13.91 14.64 -44.03
N GLU C 7 -14.11 -26.29 29.52
CA GLU C 7 -14.33 -25.69 28.21
C GLU C 7 -15.37 -24.57 28.28
N ILE C 8 -16.56 -24.90 28.77
CA ILE C 8 -17.65 -23.95 28.90
C ILE C 8 -17.68 -23.41 30.32
N THR C 9 -17.69 -22.09 30.46
CA THR C 9 -17.66 -21.44 31.76
C THR C 9 -18.85 -20.49 31.88
N PRO C 10 -19.66 -20.62 32.93
CA PRO C 10 -20.77 -19.69 33.12
C PRO C 10 -20.29 -18.32 33.61
N VAL C 11 -21.12 -17.31 33.36
CA VAL C 11 -20.81 -15.94 33.75
C VAL C 11 -22.13 -15.19 33.94
N ASN C 12 -22.14 -14.29 34.91
CA ASN C 12 -23.32 -13.47 35.18
C ASN C 12 -23.33 -12.25 34.27
N ILE C 13 -24.53 -11.82 33.89
CA ILE C 13 -24.66 -10.75 32.91
C ILE C 13 -24.27 -9.40 33.52
N GLU C 14 -24.53 -9.19 34.81
CA GLU C 14 -24.26 -7.90 35.43
C GLU C 14 -22.77 -7.58 35.45
N GLU C 15 -21.95 -8.56 35.84
CA GLU C 15 -20.51 -8.34 35.89
C GLU C 15 -19.93 -8.06 34.52
N GLU C 16 -20.36 -8.83 33.51
CA GLU C 16 -19.87 -8.62 32.15
C GLU C 16 -20.24 -7.22 31.66
N LEU C 17 -21.50 -6.83 31.83
CA LEU C 17 -21.94 -5.52 31.40
C LEU C 17 -21.14 -4.42 32.09
N LYS C 18 -20.98 -4.53 33.41
CA LYS C 18 -20.29 -3.50 34.16
C LYS C 18 -18.84 -3.36 33.72
N SER C 19 -18.12 -4.48 33.62
CA SER C 19 -16.71 -4.41 33.25
C SER C 19 -16.53 -3.85 31.85
N SER C 20 -17.32 -4.33 30.88
CA SER C 20 -17.16 -3.88 29.51
C SER C 20 -17.46 -2.38 29.39
N TYR C 21 -18.55 -1.93 30.01
CA TYR C 21 -18.92 -0.53 29.85
C TYR C 21 -17.92 0.38 30.55
N LEU C 22 -17.43 -0.02 31.73
CA LEU C 22 -16.42 0.81 32.40
C LEU C 22 -15.15 0.89 31.57
N ASP C 23 -14.72 -0.22 30.98
CA ASP C 23 -13.54 -0.20 30.13
C ASP C 23 -13.71 0.80 28.99
N TYR C 24 -14.82 0.70 28.26
CA TYR C 24 -15.04 1.60 27.12
C TYR C 24 -15.11 3.05 27.57
N ALA C 25 -15.85 3.33 28.66
CA ALA C 25 -16.04 4.71 29.09
C ALA C 25 -14.73 5.35 29.53
N MET C 26 -13.94 4.63 30.33
CA MET C 26 -12.67 5.19 30.77
C MET C 26 -11.73 5.43 29.60
N SER C 27 -11.69 4.48 28.64
CA SER C 27 -10.84 4.69 27.49
C SER C 27 -11.24 5.94 26.71
N VAL C 28 -12.53 6.13 26.49
CA VAL C 28 -12.98 7.28 25.71
C VAL C 28 -12.74 8.58 26.47
N ILE C 29 -12.93 8.58 27.79
CA ILE C 29 -12.74 9.81 28.56
C ILE C 29 -11.26 10.21 28.55
N VAL C 30 -10.36 9.27 28.82
CA VAL C 30 -8.97 9.63 29.02
C VAL C 30 -8.15 9.66 27.73
N GLY C 31 -8.63 9.07 26.65
CA GLY C 31 -7.78 9.00 25.48
C GLY C 31 -8.36 9.34 24.13
N ARG C 32 -9.56 9.91 24.07
CA ARG C 32 -10.04 10.23 22.73
C ARG C 32 -10.57 11.65 22.57
N ALA C 33 -11.27 12.20 23.56
CA ALA C 33 -12.13 13.35 23.31
C ALA C 33 -11.85 14.57 24.17
N LEU C 34 -11.01 14.48 25.19
CA LEU C 34 -10.81 15.69 25.96
C LEU C 34 -9.39 16.21 25.81
N PRO C 35 -9.19 17.52 25.87
CA PRO C 35 -7.84 18.09 25.74
C PRO C 35 -7.09 18.14 27.06
N ASP C 36 -5.78 18.26 26.94
CA ASP C 36 -4.90 18.41 28.10
C ASP C 36 -4.72 19.89 28.41
N VAL C 37 -4.77 20.23 29.70
CA VAL C 37 -4.75 21.63 30.10
C VAL C 37 -3.41 22.30 29.81
N ARG C 38 -2.34 21.53 29.65
CA ARG C 38 -1.02 22.12 29.49
C ARG C 38 -0.71 22.53 28.06
N ASP C 39 -1.05 21.70 27.07
CA ASP C 39 -0.81 22.06 25.67
C ASP C 39 -2.07 22.23 24.85
N GLY C 40 -3.22 21.75 25.32
CA GLY C 40 -4.47 21.96 24.61
C GLY C 40 -4.69 21.08 23.41
N LEU C 41 -4.11 19.89 23.39
CA LEU C 41 -4.21 19.00 22.24
C LEU C 41 -4.83 17.66 22.64
N LYS C 42 -5.51 17.04 21.69
CA LYS C 42 -5.96 15.66 21.78
C LYS C 42 -4.88 14.74 21.26
N PRO C 43 -4.95 13.44 21.57
CA PRO C 43 -3.88 12.52 21.14
C PRO C 43 -3.63 12.51 19.64
N VAL C 44 -4.68 12.61 18.83
CA VAL C 44 -4.50 12.52 17.38
C VAL C 44 -3.74 13.74 16.85
N HIS C 45 -4.04 14.93 17.38
CA HIS C 45 -3.30 16.13 16.97
C HIS C 45 -1.82 16.00 17.30
N ARG C 46 -1.52 15.53 18.51
CA ARG C 46 -0.14 15.37 18.94
C ARG C 46 0.60 14.38 18.05
N ARG C 47 -0.04 13.25 17.73
CA ARG C 47 0.59 12.25 16.88
C ARG C 47 0.83 12.78 15.47
N VAL C 48 -0.13 13.52 14.92
CA VAL C 48 0.05 14.07 13.57
C VAL C 48 1.22 15.05 13.55
N LEU C 49 1.27 15.96 14.53
CA LEU C 49 2.35 16.93 14.56
C LEU C 49 3.71 16.26 14.75
N TYR C 50 3.78 15.24 15.62
CA TYR C 50 5.04 14.54 15.83
C TYR C 50 5.50 13.82 14.57
N ALA C 51 4.57 13.19 13.84
CA ALA C 51 4.94 12.53 12.61
C ALA C 51 5.47 13.51 11.58
N MET C 52 4.79 14.66 11.43
CA MET C 52 5.27 15.66 10.48
C MET C 52 6.62 16.21 10.89
N ASN C 53 6.88 16.31 12.18
CA ASN C 53 8.20 16.76 12.64
C ASN C 53 9.28 15.73 12.34
N VAL C 54 8.97 14.45 12.53
CA VAL C 54 9.96 13.40 12.26
C VAL C 54 10.27 13.33 10.76
N LEU C 55 9.26 13.52 9.91
CA LEU C 55 9.49 13.45 8.47
C LEU C 55 10.39 14.56 7.95
N GLY C 56 10.62 15.62 8.74
CA GLY C 56 11.38 16.75 8.25
C GLY C 56 10.57 17.68 7.38
N ASN C 57 9.29 17.86 7.68
CA ASN C 57 8.38 18.65 6.85
C ASN C 57 8.29 20.07 7.37
N ASP C 58 9.39 20.80 7.23
CA ASP C 58 9.54 22.11 7.84
C ASP C 58 8.76 23.18 7.05
N TRP C 59 8.75 24.40 7.59
CA TRP C 59 7.93 25.47 7.06
C TRP C 59 8.58 26.23 5.91
N ASN C 60 9.87 26.02 5.65
CA ASN C 60 10.55 26.70 4.56
C ASN C 60 11.14 25.71 3.56
N LYS C 61 10.52 24.55 3.43
CA LYS C 61 10.90 23.55 2.45
C LYS C 61 9.73 23.27 1.53
N ALA C 62 9.91 22.29 0.64
CA ALA C 62 8.87 21.96 -0.33
C ALA C 62 7.70 21.24 0.35
N TYR C 63 6.56 21.25 -0.33
CA TYR C 63 5.39 20.55 0.14
C TYR C 63 5.54 19.04 -0.04
N LYS C 64 4.68 18.29 0.66
CA LYS C 64 4.63 16.85 0.56
C LYS C 64 3.21 16.39 0.35
N LYS C 65 3.04 15.25 -0.32
CA LYS C 65 1.71 14.71 -0.57
C LYS C 65 1.04 14.31 0.73
N SER C 66 -0.28 14.54 0.80
CA SER C 66 -1.02 14.22 2.01
C SER C 66 -1.05 12.73 2.29
N ALA C 67 -1.10 11.92 1.23
CA ALA C 67 -1.17 10.47 1.39
C ALA C 67 0.06 9.92 2.12
N ARG C 68 1.24 10.49 1.86
CA ARG C 68 2.44 10.04 2.54
C ARG C 68 2.37 10.27 4.04
N VAL C 69 1.93 11.46 4.45
CA VAL C 69 1.82 11.79 5.87
C VAL C 69 0.76 10.91 6.53
N VAL C 70 -0.39 10.75 5.87
CA VAL C 70 -1.44 9.92 6.45
C VAL C 70 -0.97 8.47 6.59
N GLY C 71 -0.25 7.97 5.59
CA GLY C 71 0.26 6.62 5.67
C GLY C 71 1.24 6.42 6.81
N ASP C 72 2.15 7.38 6.99
CA ASP C 72 3.08 7.28 8.10
C ASP C 72 2.36 7.29 9.45
N VAL C 73 1.39 8.21 9.61
CA VAL C 73 0.68 8.32 10.88
C VAL C 73 -0.07 7.02 11.18
N ILE C 74 -0.78 6.48 10.18
CA ILE C 74 -1.57 5.28 10.40
C ILE C 74 -0.67 4.07 10.62
N GLY C 75 0.47 4.01 9.91
CA GLY C 75 1.32 2.85 9.99
C GLY C 75 2.29 2.82 11.14
N LYS C 76 2.48 3.92 11.87
CA LYS C 76 3.40 3.88 12.99
C LYS C 76 2.81 4.27 14.34
N TYR C 77 1.81 5.15 14.40
CA TYR C 77 1.39 5.69 15.68
C TYR C 77 -0.09 5.52 16.00
N HIS C 78 -0.97 5.68 15.02
CA HIS C 78 -2.41 5.73 15.29
C HIS C 78 -3.10 4.49 14.72
N PRO C 79 -3.58 3.57 15.56
CA PRO C 79 -4.14 2.30 15.06
C PRO C 79 -5.64 2.37 14.76
N HIS C 80 -6.03 3.22 13.82
CA HIS C 80 -7.44 3.40 13.47
C HIS C 80 -7.55 3.57 11.96
N GLY C 81 -8.71 4.04 11.51
CA GLY C 81 -8.94 4.27 10.10
C GLY C 81 -8.25 5.52 9.60
N ASP C 82 -8.18 5.65 8.27
CA ASP C 82 -7.40 6.70 7.65
C ASP C 82 -8.22 7.87 7.13
N SER C 83 -9.54 7.70 6.97
CA SER C 83 -10.35 8.80 6.47
C SER C 83 -10.60 9.87 7.54
N ALA C 84 -10.82 9.44 8.78
CA ALA C 84 -11.00 10.39 9.87
C ALA C 84 -9.72 11.15 10.18
N VAL C 85 -8.56 10.52 9.97
CA VAL C 85 -7.30 11.22 10.15
C VAL C 85 -7.16 12.34 9.12
N TYR C 86 -7.53 12.07 7.87
CA TYR C 86 -7.49 13.13 6.86
C TYR C 86 -8.48 14.24 7.18
N ASP C 87 -9.67 13.87 7.66
CA ASP C 87 -10.63 14.89 8.08
C ASP C 87 -10.09 15.75 9.21
N THR C 88 -9.37 15.14 10.15
CA THR C 88 -8.74 15.91 11.22
C THR C 88 -7.66 16.85 10.68
N ILE C 89 -6.84 16.37 9.74
CA ILE C 89 -5.78 17.21 9.19
C ILE C 89 -6.37 18.38 8.43
N VAL C 90 -7.48 18.17 7.73
CA VAL C 90 -8.08 19.23 6.92
C VAL C 90 -8.52 20.41 7.78
N ARG C 91 -9.09 20.12 8.95
CA ARG C 91 -9.64 21.18 9.79
C ARG C 91 -8.55 22.08 10.36
N MET C 92 -7.35 21.57 10.53
CA MET C 92 -6.24 22.34 11.09
C MET C 92 -5.64 23.32 10.09
N ALA C 93 -6.15 23.38 8.86
CA ALA C 93 -5.61 24.24 7.83
C ALA C 93 -6.62 25.26 7.30
N GLN C 94 -7.84 25.27 7.81
CA GLN C 94 -8.87 26.17 7.31
C GLN C 94 -8.84 27.49 8.08
N PRO C 95 -8.71 28.64 7.41
CA PRO C 95 -8.64 29.91 8.13
C PRO C 95 -9.92 30.28 8.88
N PHE C 96 -11.05 29.70 8.51
CA PHE C 96 -12.32 30.02 9.15
C PHE C 96 -12.69 29.04 10.27
N SER C 97 -11.78 28.13 10.62
CA SER C 97 -11.97 27.21 11.73
C SER C 97 -11.05 27.47 12.90
N LEU C 98 -9.78 27.81 12.65
CA LEU C 98 -8.81 28.07 13.68
C LEU C 98 -8.37 29.52 13.66
N ARG C 99 -8.20 30.09 14.86
CA ARG C 99 -7.73 31.47 14.97
C ARG C 99 -6.28 31.60 14.56
N TYR C 100 -5.46 30.58 14.81
CA TYR C 100 -4.06 30.53 14.38
C TYR C 100 -3.82 29.16 13.78
N MET C 101 -3.76 29.09 12.45
CA MET C 101 -3.66 27.80 11.76
C MET C 101 -2.33 27.13 12.06
N LEU C 102 -2.36 25.80 12.19
CA LEU C 102 -1.19 25.01 12.50
C LEU C 102 -0.62 24.25 11.30
N VAL C 103 -1.34 24.18 10.19
CA VAL C 103 -0.91 23.46 9.00
C VAL C 103 -1.04 24.40 7.80
N ASP C 104 -0.07 24.33 6.90
CA ASP C 104 -0.05 25.13 5.69
C ASP C 104 -0.41 24.23 4.51
N GLY C 105 -1.42 24.64 3.75
CA GLY C 105 -1.95 23.79 2.70
C GLY C 105 -1.86 24.34 1.30
N GLN C 106 -1.96 23.46 0.30
CA GLN C 106 -1.84 23.83 -1.11
C GLN C 106 -2.86 23.02 -1.89
N GLY C 107 -3.90 23.68 -2.38
CA GLY C 107 -4.94 23.02 -3.14
C GLY C 107 -6.30 23.46 -2.67
N ASN C 108 -7.29 22.60 -2.91
CA ASN C 108 -8.68 22.86 -2.56
C ASN C 108 -8.97 22.26 -1.18
N PHE C 109 -9.24 23.12 -0.20
CA PHE C 109 -9.45 22.69 1.18
C PHE C 109 -10.83 23.08 1.71
N GLY C 110 -11.77 23.41 0.83
CA GLY C 110 -13.11 23.78 1.24
C GLY C 110 -13.28 25.28 1.39
N SER C 111 -14.52 25.69 1.62
CA SER C 111 -14.88 27.09 1.71
C SER C 111 -15.91 27.29 2.80
N ILE C 112 -16.12 28.56 3.17
CA ILE C 112 -17.14 28.90 4.15
C ILE C 112 -18.53 28.69 3.60
N ASP C 113 -18.68 28.57 2.27
CA ASP C 113 -19.98 28.38 1.65
C ASP C 113 -20.52 26.97 1.86
N GLY C 114 -19.72 26.05 2.41
CA GLY C 114 -20.16 24.69 2.67
C GLY C 114 -19.54 23.63 1.79
N ASP C 115 -18.60 24.00 0.92
CA ASP C 115 -17.97 23.02 0.05
C ASP C 115 -17.02 22.13 0.84
N SER C 116 -16.80 20.93 0.30
CA SER C 116 -15.88 19.97 0.89
C SER C 116 -14.52 20.06 0.22
N ALA C 117 -13.51 19.50 0.89
CA ALA C 117 -12.17 19.48 0.34
C ALA C 117 -12.03 18.36 -0.69
N ALA C 118 -10.96 18.43 -1.47
CA ALA C 118 -10.63 17.39 -2.42
C ALA C 118 -10.05 16.17 -1.69
N ALA C 119 -10.09 15.03 -2.38
CA ALA C 119 -9.57 13.80 -1.81
C ALA C 119 -8.06 13.91 -1.59
N MET C 120 -7.52 12.98 -0.80
CA MET C 120 -6.12 13.08 -0.38
C MET C 120 -5.14 12.82 -1.51
N ARG C 121 -5.61 12.36 -2.67
CA ARG C 121 -4.72 12.11 -3.79
C ARG C 121 -4.44 13.39 -4.59
N PTR C 122 -5.00 14.50 -4.14
CA PTR C 122 -4.88 15.76 -4.89
C PTR C 122 -4.12 16.88 -4.19
O PTR C 122 -3.70 17.82 -4.86
CB PTR C 122 -6.28 16.29 -5.25
CG PTR C 122 -7.13 15.38 -6.11
CD1 PTR C 122 -8.21 14.70 -5.58
CD2 PTR C 122 -6.87 15.22 -7.46
CE1 PTR C 122 -8.99 13.86 -6.36
CE2 PTR C 122 -7.65 14.39 -8.25
CZ PTR C 122 -8.72 13.73 -7.70
OH PTR C 122 -9.45 12.94 -8.44
P PTR C 122 -10.99 13.19 -8.80
O1P PTR C 122 -11.06 13.55 -10.24
O2P PTR C 122 -11.59 14.33 -7.97
O3P PTR C 122 -11.83 11.91 -8.59
N THR C 123 -3.92 16.80 -2.88
CA THR C 123 -3.42 17.95 -2.12
C THR C 123 -2.01 17.78 -1.53
N GLU C 124 -1.49 18.85 -0.93
CA GLU C 124 -0.17 18.87 -0.31
C GLU C 124 -0.19 19.73 0.94
N ILE C 125 0.73 19.44 1.87
CA ILE C 125 0.76 20.11 3.17
C ILE C 125 2.19 20.30 3.63
N ARG C 126 2.36 21.20 4.60
CA ARG C 126 3.61 21.33 5.36
C ARG C 126 3.28 22.07 6.65
N LEU C 127 4.27 22.13 7.55
CA LEU C 127 4.06 22.76 8.85
C LEU C 127 4.00 24.27 8.74
N ALA C 128 3.23 24.88 9.63
CA ALA C 128 3.16 26.33 9.74
C ALA C 128 4.27 26.85 10.64
N LYS C 129 4.55 28.15 10.51
CA LYS C 129 5.66 28.74 11.25
C LYS C 129 5.43 28.73 12.75
N ILE C 130 4.19 28.99 13.18
CA ILE C 130 3.91 29.01 14.61
C ILE C 130 3.92 27.61 15.22
N ALA C 131 3.76 26.57 14.40
CA ALA C 131 3.78 25.21 14.92
C ALA C 131 5.17 24.76 15.35
N HIS C 132 6.22 25.48 14.97
CA HIS C 132 7.56 25.17 15.44
C HIS C 132 7.80 25.65 16.86
N GLU C 133 6.95 26.53 17.38
CA GLU C 133 7.05 26.97 18.77
C GLU C 133 6.37 26.01 19.74
N LEU C 134 5.53 25.10 19.25
CA LEU C 134 4.94 24.09 20.12
C LEU C 134 5.87 22.92 20.37
N MET C 135 6.94 22.77 19.59
CA MET C 135 7.85 21.65 19.69
C MET C 135 9.28 22.12 19.86
N ALA C 136 9.47 23.22 20.59
CA ALA C 136 10.80 23.76 20.82
C ALA C 136 11.50 22.99 21.94
N ASP C 137 12.80 22.76 21.76
CA ASP C 137 13.63 22.06 22.75
C ASP C 137 13.14 20.64 23.01
N LEU C 138 12.53 20.01 22.00
CA LEU C 138 12.01 18.66 22.16
C LEU C 138 13.11 17.63 22.34
N GLU C 139 14.32 17.91 21.86
CA GLU C 139 15.41 16.95 21.88
C GLU C 139 16.37 17.15 23.05
N LYS C 140 15.93 17.84 24.09
CA LYS C 140 16.77 18.11 25.25
C LYS C 140 16.19 17.51 26.53
N GLU C 141 15.41 16.43 26.38
CA GLU C 141 14.84 15.69 27.50
C GLU C 141 14.04 16.59 28.43
N THR C 142 13.02 17.24 27.86
CA THR C 142 12.15 18.12 28.61
C THR C 142 10.78 17.50 28.90
N VAL C 143 10.44 16.39 28.25
CA VAL C 143 9.17 15.70 28.46
C VAL C 143 9.42 14.19 28.50
N ASP C 144 8.38 13.46 28.88
CA ASP C 144 8.44 12.00 28.95
C ASP C 144 7.95 11.37 27.66
N PHE C 145 8.41 10.16 27.40
CA PHE C 145 8.05 9.39 26.22
C PHE C 145 7.37 8.09 26.64
N VAL C 146 6.44 7.62 25.79
CA VAL C 146 5.69 6.40 26.06
C VAL C 146 5.71 5.53 24.82
N ASP C 147 5.37 4.25 25.02
CA ASP C 147 5.32 3.29 23.93
C ASP C 147 4.03 3.44 23.13
N ASN C 148 4.06 2.93 21.90
CA ASN C 148 2.87 2.90 21.05
C ASN C 148 2.12 1.60 21.31
N TYR C 149 1.12 1.31 20.47
CA TYR C 149 0.28 0.14 20.68
C TYR C 149 1.04 -1.17 20.56
N ASP C 150 2.14 -1.18 19.82
CA ASP C 150 2.87 -2.41 19.52
C ASP C 150 4.15 -2.57 20.33
N GLY C 151 4.77 -1.47 20.77
CA GLY C 151 5.98 -1.54 21.54
C GLY C 151 7.27 -1.37 20.75
N THR C 152 7.20 -0.79 19.55
CA THR C 152 8.39 -0.60 18.72
C THR C 152 8.74 0.86 18.49
N GLU C 153 7.91 1.80 18.97
CA GLU C 153 8.17 3.22 18.78
C GLU C 153 7.96 3.95 20.09
N LYS C 154 8.42 5.21 20.12
CA LYS C 154 8.26 6.08 21.28
C LYS C 154 7.52 7.34 20.87
N ILE C 155 6.59 7.79 21.70
CA ILE C 155 5.77 8.96 21.40
C ILE C 155 5.84 9.92 22.59
N PRO C 156 5.93 11.23 22.35
CA PRO C 156 5.95 12.17 23.48
C PRO C 156 4.65 12.13 24.28
N ASP C 157 4.77 12.41 25.56
CA ASP C 157 3.61 12.44 26.45
C ASP C 157 2.91 13.79 26.44
N VAL C 158 3.66 14.88 26.23
CA VAL C 158 3.08 16.22 26.17
C VAL C 158 4.06 17.09 25.41
N MET C 159 3.59 18.20 24.88
CA MET C 159 4.52 19.02 24.12
C MET C 159 5.09 20.15 24.97
N PRO C 160 6.36 20.49 24.78
CA PRO C 160 6.98 21.62 25.53
C PRO C 160 6.71 22.96 24.88
N THR C 161 5.43 23.36 24.90
CA THR C 161 4.98 24.50 24.11
C THR C 161 5.36 25.82 24.75
N LYS C 162 5.60 26.81 23.90
CA LYS C 162 5.77 28.21 24.32
C LYS C 162 4.49 29.02 24.19
N ILE C 163 3.43 28.45 23.63
CA ILE C 163 2.21 29.18 23.30
C ILE C 163 1.10 28.66 24.19
N PRO C 164 0.30 29.52 24.83
CA PRO C 164 -0.89 29.05 25.54
C PRO C 164 -1.98 28.63 24.56
N ASN C 165 -1.87 27.42 24.02
CA ASN C 165 -2.68 27.01 22.88
C ASN C 165 -4.15 26.82 23.24
N LEU C 166 -4.45 26.35 24.46
CA LEU C 166 -5.82 26.03 24.82
C LEU C 166 -6.71 27.26 24.78
N LEU C 167 -6.22 28.38 25.30
CA LEU C 167 -7.03 29.59 25.31
C LEU C 167 -7.12 30.25 23.93
N VAL C 168 -6.03 30.21 23.16
CA VAL C 168 -6.02 30.93 21.90
C VAL C 168 -6.70 30.17 20.77
N ASN C 169 -6.86 28.86 20.88
CA ASN C 169 -7.53 28.10 19.82
C ASN C 169 -8.85 27.46 20.23
N GLY C 170 -9.09 27.22 21.52
CA GLY C 170 -10.32 26.62 21.95
C GLY C 170 -10.36 25.13 21.72
N SER C 171 -11.51 24.53 22.03
CA SER C 171 -11.69 23.09 21.87
C SER C 171 -13.16 22.76 21.94
N SER C 172 -13.50 21.55 21.48
CA SER C 172 -14.88 21.07 21.46
C SER C 172 -14.87 19.56 21.32
N GLY C 173 -15.49 18.85 22.27
CA GLY C 173 -15.50 17.40 22.23
C GLY C 173 -16.66 16.85 23.03
N ILE C 174 -17.07 15.63 22.67
CA ILE C 174 -18.18 14.94 23.31
C ILE C 174 -17.66 13.62 23.88
N ALA C 175 -17.94 13.36 25.15
CA ALA C 175 -17.49 12.14 25.81
C ALA C 175 -18.66 11.41 26.45
N VAL C 176 -18.38 10.40 27.26
CA VAL C 176 -19.40 9.63 27.95
C VAL C 176 -19.58 10.25 29.33
N GLY C 177 -20.68 10.98 29.53
CA GLY C 177 -20.99 11.62 30.79
C GLY C 177 -20.61 13.08 30.88
N MET C 178 -19.84 13.61 29.93
CA MET C 178 -19.37 14.98 30.01
C MET C 178 -18.96 15.47 28.63
N ALA C 179 -18.83 16.79 28.51
CA ALA C 179 -18.46 17.42 27.25
C ALA C 179 -17.75 18.75 27.55
N THR C 180 -17.14 19.32 26.52
CA THR C 180 -16.38 20.56 26.66
C THR C 180 -16.70 21.50 25.50
N ASN C 181 -16.57 22.81 25.77
CA ASN C 181 -16.81 23.83 24.74
C ASN C 181 -16.09 25.11 25.17
N ILE C 182 -15.01 25.44 24.48
CA ILE C 182 -14.18 26.59 24.84
C ILE C 182 -13.96 27.49 23.63
N PRO C 183 -14.11 28.81 23.76
CA PRO C 183 -13.98 29.69 22.60
C PRO C 183 -12.56 30.20 22.43
N PRO C 184 -12.20 30.68 21.24
CA PRO C 184 -10.85 31.21 21.02
C PRO C 184 -10.70 32.64 21.54
N HIS C 185 -9.44 33.07 21.64
CA HIS C 185 -9.09 34.37 22.21
C HIS C 185 -8.01 35.02 21.36
N ASN C 186 -7.48 36.13 21.85
CA ASN C 186 -6.45 36.91 21.17
C ASN C 186 -5.12 36.75 21.89
N LEU C 187 -4.04 36.61 21.12
CA LEU C 187 -2.76 36.19 21.69
C LEU C 187 -2.13 37.28 22.54
N THR C 188 -2.19 38.54 22.10
CA THR C 188 -1.54 39.63 22.82
C THR C 188 -2.15 39.81 24.22
N GLU C 189 -3.48 39.74 24.31
CA GLU C 189 -4.15 39.93 25.58
C GLU C 189 -3.83 38.79 26.55
N VAL C 190 -3.76 37.55 26.04
CA VAL C 190 -3.40 36.42 26.88
C VAL C 190 -1.97 36.55 27.39
N ILE C 191 -1.06 37.01 26.54
CA ILE C 191 0.32 37.21 26.98
C ILE C 191 0.39 38.27 28.07
N ASN C 192 -0.35 39.37 27.89
CA ASN C 192 -0.37 40.41 28.92
C ASN C 192 -0.94 39.90 30.23
N GLY C 193 -1.99 39.08 30.17
CA GLY C 193 -2.54 38.48 31.38
C GLY C 193 -1.56 37.56 32.08
N CYS C 194 -0.81 36.78 31.31
CA CYS C 194 0.21 35.92 31.91
C CYS C 194 1.29 36.74 32.58
N LEU C 195 1.71 37.84 31.95
CA LEU C 195 2.71 38.70 32.58
C LEU C 195 2.18 39.30 33.87
N ALA C 196 0.92 39.74 33.88
CA ALA C 196 0.35 40.30 35.09
C ALA C 196 0.29 39.27 36.20
N TYR C 197 -0.09 38.04 35.88
CA TYR C 197 -0.10 36.99 36.89
C TYR C 197 1.29 36.71 37.43
N ILE C 198 2.30 36.70 36.54
CA ILE C 198 3.67 36.49 37.00
C ILE C 198 4.08 37.61 37.96
N ASP C 199 3.67 38.84 37.67
CA ASP C 199 4.05 39.96 38.53
C ASP C 199 3.36 39.90 39.89
N ASP C 200 2.07 39.56 39.92
CA ASP C 200 1.31 39.63 41.17
C ASP C 200 1.16 38.28 41.86
N GLU C 201 0.60 37.28 41.16
CA GLU C 201 0.36 35.93 41.68
C GLU C 201 -0.76 35.90 42.70
N ASP C 202 -1.30 37.05 43.07
CA ASP C 202 -2.49 37.14 43.90
C ASP C 202 -3.58 37.99 43.24
N ILE C 203 -3.48 38.19 41.94
CA ILE C 203 -4.46 38.99 41.22
C ILE C 203 -5.81 38.29 41.23
N SER C 204 -6.88 39.06 41.11
CA SER C 204 -8.23 38.54 41.14
C SER C 204 -8.78 38.46 39.72
N ILE C 205 -10.03 37.98 39.62
CA ILE C 205 -10.67 37.86 38.31
C ILE C 205 -10.89 39.24 37.69
N GLU C 206 -11.28 40.22 38.51
CA GLU C 206 -11.50 41.56 38.00
C GLU C 206 -10.20 42.16 37.46
N GLY C 207 -9.09 41.91 38.13
CA GLY C 207 -7.81 42.41 37.64
C GLY C 207 -7.38 41.76 36.34
N LEU C 208 -7.66 40.46 36.18
CA LEU C 208 -7.33 39.78 34.93
C LEU C 208 -8.18 40.27 33.77
N MET C 209 -9.45 40.61 34.02
CA MET C 209 -10.34 41.02 32.94
C MET C 209 -10.03 42.41 32.40
N GLU C 210 -9.12 43.15 33.03
CA GLU C 210 -8.66 44.40 32.44
C GLU C 210 -7.76 44.15 31.24
N HIS C 211 -7.14 42.98 31.15
CA HIS C 211 -6.30 42.61 30.02
C HIS C 211 -7.02 41.72 29.02
N ILE C 212 -7.90 40.85 29.48
CA ILE C 212 -8.63 39.92 28.63
C ILE C 212 -10.11 40.27 28.72
N PRO C 213 -10.64 41.03 27.78
CA PRO C 213 -12.04 41.45 27.86
C PRO C 213 -13.04 40.40 27.39
N GLY C 214 -12.64 39.53 26.47
CA GLY C 214 -13.54 38.52 25.97
C GLY C 214 -12.97 37.70 24.83
N PRO C 215 -13.80 36.84 24.24
CA PRO C 215 -13.34 35.99 23.13
C PRO C 215 -13.13 36.80 21.86
N ASP C 216 -12.46 36.15 20.90
CA ASP C 216 -12.16 36.76 19.61
C ASP C 216 -12.30 35.70 18.53
N PHE C 217 -13.38 35.76 17.74
CA PHE C 217 -13.65 34.70 16.79
C PHE C 217 -12.97 34.97 15.45
N PRO C 218 -12.62 33.91 14.71
CA PRO C 218 -11.96 34.10 13.41
C PRO C 218 -12.84 34.79 12.39
N THR C 219 -14.16 34.81 12.57
CA THR C 219 -15.08 35.34 11.58
C THR C 219 -15.70 36.67 12.01
N ALA C 220 -15.08 37.36 12.98
CA ALA C 220 -15.50 38.68 13.41
C ALA C 220 -16.89 38.69 14.02
N ALA C 221 -17.78 39.55 13.51
CA ALA C 221 -19.15 39.75 13.97
C ALA C 221 -19.20 40.50 15.30
N ILE C 222 -20.29 40.35 16.06
CA ILE C 222 -20.56 41.17 17.24
C ILE C 222 -21.01 40.27 18.38
N ILE C 223 -20.57 40.58 19.60
CA ILE C 223 -21.04 39.95 20.82
C ILE C 223 -22.01 40.90 21.51
N ASN C 224 -23.16 40.38 21.93
CA ASN C 224 -24.26 41.18 22.43
C ASN C 224 -24.49 40.85 23.91
N GLY C 225 -23.94 41.68 24.79
CA GLY C 225 -24.06 41.49 26.22
C GLY C 225 -22.73 41.13 26.87
N ARG C 226 -22.67 41.31 28.19
CA ARG C 226 -21.45 41.09 28.95
C ARG C 226 -21.60 40.20 30.17
N ARG C 227 -22.82 39.92 30.63
CA ARG C 227 -23.00 39.17 31.86
C ARG C 227 -22.49 37.74 31.74
N GLY C 228 -22.76 37.09 30.60
CA GLY C 228 -22.33 35.73 30.42
C GLY C 228 -20.83 35.56 30.44
N ILE C 229 -20.09 36.53 29.92
CA ILE C 229 -18.63 36.44 29.92
C ILE C 229 -18.09 36.42 31.34
N GLU C 230 -18.57 37.34 32.18
CA GLU C 230 -18.10 37.40 33.56
C GLU C 230 -18.52 36.14 34.32
N GLU C 231 -19.75 35.67 34.10
CA GLU C 231 -20.19 34.46 34.78
C GLU C 231 -19.36 33.25 34.39
N ALA C 232 -19.02 33.13 33.10
CA ALA C 232 -18.22 32.00 32.65
C ALA C 232 -16.79 32.08 33.17
N TYR C 233 -16.20 33.28 33.20
CA TYR C 233 -14.84 33.41 33.68
C TYR C 233 -14.76 33.16 35.19
N ARG C 234 -15.81 33.50 35.94
CA ARG C 234 -15.73 33.40 37.39
C ARG C 234 -16.01 31.99 37.88
N THR C 235 -16.93 31.26 37.25
CA THR C 235 -17.28 29.91 37.66
C THR C 235 -16.86 28.85 36.66
N GLY C 236 -17.23 28.99 35.40
CA GLY C 236 -16.86 28.02 34.39
C GLY C 236 -17.93 27.74 33.37
N ARG C 237 -19.16 28.22 33.62
CA ARG C 237 -20.27 28.01 32.71
C ARG C 237 -21.00 29.33 32.48
N GLY C 238 -21.42 29.56 31.26
CA GLY C 238 -22.11 30.79 30.90
C GLY C 238 -22.78 30.65 29.55
N LYS C 239 -23.24 31.78 29.03
CA LYS C 239 -23.93 31.77 27.74
C LYS C 239 -23.88 33.16 27.12
N VAL C 240 -23.35 33.26 25.90
CA VAL C 240 -23.22 34.53 25.20
C VAL C 240 -23.98 34.44 23.88
N TYR C 241 -24.23 35.61 23.29
CA TYR C 241 -24.97 35.73 22.05
C TYR C 241 -24.09 36.35 20.97
N ILE C 242 -24.08 35.74 19.79
CA ILE C 242 -23.31 36.23 18.66
C ILE C 242 -24.28 36.72 17.60
N ARG C 243 -24.06 37.96 17.13
CA ARG C 243 -24.97 38.61 16.20
C ARG C 243 -24.22 39.03 14.94
N ALA C 244 -24.86 38.86 13.79
CA ALA C 244 -24.26 39.23 12.52
C ALA C 244 -24.24 40.75 12.36
N ARG C 245 -23.42 41.22 11.43
CA ARG C 245 -23.30 42.64 11.13
C ARG C 245 -24.06 42.93 9.84
N ALA C 246 -25.15 43.68 9.96
CA ALA C 246 -26.01 44.01 8.84
C ALA C 246 -26.33 45.49 8.87
N GLU C 247 -26.87 45.99 7.76
CA GLU C 247 -27.11 47.42 7.62
C GLU C 247 -28.25 47.65 6.64
N VAL C 248 -28.82 48.85 6.70
CA VAL C 248 -29.92 49.26 5.83
C VAL C 248 -29.50 50.49 5.05
N GLU C 249 -29.60 50.42 3.73
CA GLU C 249 -29.27 51.52 2.84
C GLU C 249 -30.50 51.86 2.01
N VAL C 250 -30.76 53.15 1.84
CA VAL C 250 -31.96 53.62 1.16
C VAL C 250 -31.55 54.45 -0.06
N ASP C 251 -32.22 54.19 -1.18
CA ASP C 251 -31.92 54.92 -2.41
C ASP C 251 -32.34 56.38 -2.28
N ALA C 252 -31.55 57.26 -2.88
CA ALA C 252 -31.81 58.69 -2.81
C ALA C 252 -32.76 59.19 -3.89
N LYS C 253 -33.10 58.35 -4.88
CA LYS C 253 -33.99 58.76 -5.97
C LYS C 253 -35.42 58.27 -5.74
N THR C 254 -35.61 56.96 -5.62
CA THR C 254 -36.93 56.38 -5.48
C THR C 254 -37.33 56.10 -4.04
N GLY C 255 -36.41 56.26 -3.09
CA GLY C 255 -36.71 55.96 -1.71
C GLY C 255 -36.73 54.49 -1.36
N ARG C 256 -36.36 53.62 -2.29
CA ARG C 256 -36.28 52.19 -2.00
C ARG C 256 -35.05 51.89 -1.14
N GLU C 257 -35.13 50.80 -0.39
CA GLU C 257 -34.07 50.44 0.54
C GLU C 257 -33.78 48.95 0.45
N THR C 258 -32.55 48.58 0.82
CA THR C 258 -32.11 47.20 0.80
C THR C 258 -31.36 46.90 2.09
N ILE C 259 -31.08 45.61 2.30
CA ILE C 259 -30.35 45.12 3.46
C ILE C 259 -29.07 44.46 2.98
N ILE C 260 -27.94 44.86 3.56
CA ILE C 260 -26.63 44.33 3.19
C ILE C 260 -26.02 43.65 4.41
N VAL C 261 -25.56 42.42 4.22
CA VAL C 261 -24.96 41.61 5.28
C VAL C 261 -23.48 41.47 4.99
N HIS C 262 -22.63 41.83 5.97
CA HIS C 262 -21.19 41.79 5.79
C HIS C 262 -20.52 40.62 6.49
N GLU C 263 -21.06 40.16 7.62
CA GLU C 263 -20.44 39.10 8.41
C GLU C 263 -21.52 38.21 8.99
N ILE C 264 -21.14 36.98 9.31
CA ILE C 264 -22.07 36.01 9.88
C ILE C 264 -21.43 35.39 11.11
N PRO C 265 -22.24 34.82 12.00
CA PRO C 265 -21.70 34.26 13.25
C PRO C 265 -20.79 33.07 13.00
N TYR C 266 -20.17 32.63 14.09
CA TYR C 266 -19.19 31.55 14.05
C TYR C 266 -19.87 30.19 13.85
N GLN C 267 -19.29 29.37 12.96
CA GLN C 267 -19.77 28.01 12.68
C GLN C 267 -21.16 28.01 12.05
N VAL C 268 -21.36 28.86 11.05
CA VAL C 268 -22.63 28.96 10.34
C VAL C 268 -22.36 28.81 8.85
N ASN C 269 -23.18 28.01 8.17
CA ASN C 269 -23.04 27.75 6.74
C ASN C 269 -23.85 28.77 5.96
N LYS C 270 -23.21 29.41 4.99
CA LYS C 270 -23.86 30.50 4.25
C LYS C 270 -24.90 30.00 3.27
N ALA C 271 -24.58 28.94 2.52
CA ALA C 271 -25.52 28.42 1.55
C ALA C 271 -26.78 27.89 2.23
N ARG C 272 -26.61 27.17 3.35
CA ARG C 272 -27.76 26.68 4.10
C ARG C 272 -28.58 27.84 4.66
N LEU C 273 -27.91 28.92 5.09
CA LEU C 273 -28.63 30.09 5.59
C LEU C 273 -29.49 30.71 4.50
N ILE C 274 -28.93 30.86 3.30
CA ILE C 274 -29.70 31.44 2.19
C ILE C 274 -30.86 30.53 1.82
N GLU C 275 -30.62 29.22 1.77
CA GLU C 275 -31.68 28.29 1.45
C GLU C 275 -32.80 28.34 2.48
N LYS C 276 -32.44 28.42 3.77
CA LYS C 276 -33.45 28.51 4.81
C LYS C 276 -34.26 29.79 4.71
N ILE C 277 -33.59 30.92 4.41
CA ILE C 277 -34.33 32.17 4.25
C ILE C 277 -35.31 32.07 3.08
N ALA C 278 -34.86 31.49 1.97
CA ALA C 278 -35.75 31.33 0.82
C ALA C 278 -36.94 30.45 1.15
N GLU C 279 -36.70 29.33 1.83
CA GLU C 279 -37.79 28.43 2.20
C GLU C 279 -38.77 29.11 3.15
N LEU C 280 -38.25 29.87 4.10
CA LEU C 280 -39.11 30.57 5.05
C LEU C 280 -39.98 31.61 4.35
N VAL C 281 -39.40 32.36 3.41
CA VAL C 281 -40.18 33.36 2.68
C VAL C 281 -41.10 32.74 1.65
N LYS C 282 -40.90 31.47 1.30
CA LYS C 282 -41.83 30.79 0.40
C LYS C 282 -43.24 30.74 0.96
N GLU C 283 -43.37 30.42 2.25
CA GLU C 283 -44.66 30.18 2.88
C GLU C 283 -45.17 31.39 3.65
N LYS C 284 -44.76 32.59 3.25
CA LYS C 284 -45.27 33.84 3.82
C LYS C 284 -45.05 33.91 5.33
N ARG C 285 -43.98 33.30 5.82
CA ARG C 285 -43.67 33.40 7.25
C ARG C 285 -43.24 34.82 7.62
N VAL C 286 -42.57 35.52 6.71
CA VAL C 286 -42.15 36.89 6.92
C VAL C 286 -42.65 37.71 5.74
N GLU C 287 -42.81 39.02 5.95
CA GLU C 287 -43.37 39.91 4.96
C GLU C 287 -42.38 41.02 4.65
N GLY C 288 -42.28 41.37 3.36
CA GLY C 288 -41.40 42.42 2.91
C GLY C 288 -40.23 41.99 2.05
N ILE C 289 -40.15 40.72 1.68
CA ILE C 289 -39.04 40.20 0.90
C ILE C 289 -39.52 39.98 -0.53
N SER C 290 -38.86 40.63 -1.48
CA SER C 290 -39.17 40.47 -2.89
C SER C 290 -38.13 39.67 -3.66
N ALA C 291 -36.85 39.92 -3.44
CA ALA C 291 -35.78 39.20 -4.13
C ALA C 291 -34.64 38.91 -3.16
N LEU C 292 -33.86 37.90 -3.50
CA LEU C 292 -32.76 37.44 -2.64
C LEU C 292 -31.68 36.83 -3.52
N ARG C 293 -30.45 37.34 -3.40
CA ARG C 293 -29.34 36.83 -4.18
C ARG C 293 -28.03 37.10 -3.47
N ASP C 294 -27.00 36.37 -3.88
CA ASP C 294 -25.66 36.48 -3.31
C ASP C 294 -24.75 37.18 -4.31
N GLU C 295 -24.02 38.20 -3.84
CA GLU C 295 -23.13 38.97 -4.68
C GLU C 295 -21.72 39.04 -4.10
N SER C 296 -21.30 37.99 -3.40
CA SER C 296 -19.97 37.95 -2.82
C SER C 296 -18.92 37.84 -3.92
N ASP C 297 -17.78 38.48 -3.70
CA ASP C 297 -16.70 38.48 -4.67
C ASP C 297 -15.38 38.56 -3.91
N LYS C 298 -14.30 38.89 -4.62
CA LYS C 298 -12.97 38.90 -4.01
C LYS C 298 -12.84 39.96 -2.94
N ASP C 299 -13.60 41.07 -3.05
CA ASP C 299 -13.53 42.12 -2.04
C ASP C 299 -14.02 41.64 -0.68
N GLY C 300 -15.11 40.88 -0.66
CA GLY C 300 -15.61 40.36 0.60
C GLY C 300 -17.01 39.82 0.43
N MET C 301 -17.57 39.37 1.56
CA MET C 301 -18.92 38.84 1.58
C MET C 301 -19.94 39.96 1.37
N ARG C 302 -21.01 39.64 0.66
CA ARG C 302 -22.06 40.62 0.39
C ARG C 302 -23.34 39.86 0.02
N ILE C 303 -24.36 39.97 0.85
CA ILE C 303 -25.66 39.35 0.60
C ILE C 303 -26.70 40.47 0.54
N VAL C 304 -27.51 40.47 -0.51
CA VAL C 304 -28.46 41.53 -0.78
C VAL C 304 -29.88 40.99 -0.60
N ILE C 305 -30.66 41.68 0.22
CA ILE C 305 -32.06 41.34 0.45
C ILE C 305 -32.90 42.56 0.11
N GLU C 306 -33.93 42.35 -0.71
CA GLU C 306 -34.73 43.44 -1.27
C GLU C 306 -35.96 43.67 -0.42
N VAL C 307 -36.19 44.94 -0.05
CA VAL C 307 -37.31 45.32 0.79
C VAL C 307 -38.50 45.69 -0.08
N LYS C 308 -39.68 45.19 0.27
CA LYS C 308 -40.88 45.50 -0.47
C LYS C 308 -41.24 46.98 -0.29
N ARG C 309 -42.13 47.46 -1.15
CA ARG C 309 -42.49 48.88 -1.17
C ARG C 309 -43.41 49.28 -0.02
N ASP C 310 -44.12 48.32 0.58
CA ASP C 310 -45.13 48.62 1.59
C ASP C 310 -44.69 48.22 2.99
N ALA C 311 -43.41 48.36 3.31
CA ALA C 311 -42.90 47.93 4.60
C ALA C 311 -41.65 48.71 4.96
N VAL C 312 -41.31 48.68 6.25
CA VAL C 312 -40.09 49.29 6.77
C VAL C 312 -39.08 48.18 7.00
N GLY C 313 -37.80 48.52 6.80
CA GLY C 313 -36.76 47.52 6.88
C GLY C 313 -36.54 46.98 8.29
N GLU C 314 -36.77 47.82 9.30
CA GLU C 314 -36.42 47.44 10.66
C GLU C 314 -37.20 46.23 11.15
N VAL C 315 -38.51 46.18 10.85
CA VAL C 315 -39.33 45.06 11.28
C VAL C 315 -38.84 43.76 10.64
N VAL C 316 -38.52 43.82 9.34
CA VAL C 316 -38.02 42.64 8.64
C VAL C 316 -36.69 42.19 9.22
N LEU C 317 -35.80 43.15 9.50
CA LEU C 317 -34.50 42.80 10.05
C LEU C 317 -34.63 42.15 11.42
N ASN C 318 -35.52 42.68 12.26
CA ASN C 318 -35.71 42.09 13.58
C ASN C 318 -36.35 40.70 13.48
N ASN C 319 -37.28 40.51 12.55
CA ASN C 319 -37.84 39.18 12.35
C ASN C 319 -36.78 38.19 11.89
N LEU C 320 -35.88 38.64 11.00
CA LEU C 320 -34.79 37.78 10.56
C LEU C 320 -33.85 37.45 11.71
N TYR C 321 -33.56 38.42 12.58
CA TYR C 321 -32.77 38.13 13.77
C TYR C 321 -33.43 37.08 14.64
N SER C 322 -34.75 37.19 14.81
CA SER C 322 -35.45 36.29 15.72
C SER C 322 -35.66 34.90 15.14
N GLN C 323 -35.75 34.77 13.81
CA GLN C 323 -36.17 33.50 13.23
C GLN C 323 -35.07 32.73 12.49
N THR C 324 -34.02 33.40 12.02
CA THR C 324 -32.97 32.74 11.26
C THR C 324 -31.68 32.68 12.08
N GLN C 325 -30.64 32.12 11.48
CA GLN C 325 -29.34 32.04 12.13
C GLN C 325 -28.51 33.29 11.87
N LEU C 326 -29.10 34.45 12.09
CA LEU C 326 -28.35 35.70 12.17
C LEU C 326 -28.02 36.06 13.61
N GLN C 327 -28.45 35.23 14.56
CA GLN C 327 -28.09 35.37 15.96
C GLN C 327 -28.16 33.99 16.59
N VAL C 328 -27.08 33.55 17.22
CA VAL C 328 -26.99 32.21 17.78
C VAL C 328 -26.51 32.32 19.22
N SER C 329 -26.62 31.21 19.94
CA SER C 329 -26.15 31.09 21.31
C SER C 329 -24.90 30.21 21.36
N PHE C 330 -24.02 30.52 22.30
CA PHE C 330 -22.80 29.76 22.52
C PHE C 330 -22.72 29.40 23.99
N GLY C 331 -22.92 28.12 24.30
CA GLY C 331 -22.81 27.67 25.67
C GLY C 331 -21.38 27.34 26.05
N ILE C 332 -20.86 28.01 27.07
CA ILE C 332 -19.48 27.84 27.48
C ILE C 332 -19.43 26.78 28.58
N ASN C 333 -18.53 25.81 28.43
CA ASN C 333 -18.39 24.73 29.40
C ASN C 333 -16.93 24.28 29.36
N MET C 334 -16.13 24.76 30.30
CA MET C 334 -14.68 24.58 30.27
C MET C 334 -14.30 23.36 31.10
N VAL C 335 -14.07 22.24 30.43
CA VAL C 335 -13.68 20.99 31.06
C VAL C 335 -12.40 20.50 30.38
N ALA C 336 -11.40 20.14 31.20
CA ALA C 336 -10.12 19.68 30.67
C ALA C 336 -9.53 18.67 31.64
N LEU C 337 -8.42 18.07 31.22
CA LEU C 337 -7.74 17.04 31.99
C LEU C 337 -6.63 17.66 32.84
N HIS C 338 -6.64 17.37 34.13
CA HIS C 338 -5.63 17.86 35.07
C HIS C 338 -5.15 16.69 35.90
N HIS C 339 -3.87 16.33 35.75
CA HIS C 339 -3.28 15.18 36.42
C HIS C 339 -4.02 13.88 36.08
N GLY C 340 -4.50 13.77 34.84
CA GLY C 340 -5.22 12.58 34.44
C GLY C 340 -6.67 12.51 34.89
N GLN C 341 -7.24 13.61 35.35
CA GLN C 341 -8.61 13.66 35.81
C GLN C 341 -9.35 14.81 35.13
N PRO C 342 -10.64 14.63 34.84
CA PRO C 342 -11.42 15.76 34.31
C PRO C 342 -11.83 16.72 35.41
N LYS C 343 -11.89 18.00 35.05
CA LYS C 343 -12.17 19.06 36.01
C LYS C 343 -12.85 20.22 35.32
N ILE C 344 -13.50 21.06 36.12
CA ILE C 344 -14.08 22.32 35.66
C ILE C 344 -13.22 23.44 36.20
N MET C 345 -12.73 24.30 35.32
CA MET C 345 -11.73 25.30 35.67
C MET C 345 -12.17 26.68 35.22
N ASN C 346 -11.67 27.70 35.92
CA ASN C 346 -11.82 29.09 35.52
C ASN C 346 -10.49 29.59 34.93
N LEU C 347 -10.42 30.89 34.67
CA LEU C 347 -9.29 31.47 33.95
C LEU C 347 -7.98 31.34 34.74
N LYS C 348 -8.04 31.61 36.04
CA LYS C 348 -6.82 31.65 36.84
C LYS C 348 -6.16 30.28 36.91
N ASP C 349 -6.95 29.21 36.97
CA ASP C 349 -6.39 27.87 37.00
C ASP C 349 -5.60 27.58 35.73
N ILE C 350 -6.14 27.95 34.58
CA ILE C 350 -5.45 27.71 33.32
C ILE C 350 -4.14 28.49 33.26
N ILE C 351 -4.17 29.76 33.67
CA ILE C 351 -2.95 30.56 33.63
C ILE C 351 -1.89 29.98 34.56
N ALA C 352 -2.28 29.58 35.76
CA ALA C 352 -1.32 29.02 36.71
C ALA C 352 -0.72 27.73 36.19
N ALA C 353 -1.55 26.87 35.57
CA ALA C 353 -1.04 25.63 35.01
C ALA C 353 0.01 25.90 33.93
N PHE C 354 -0.27 26.86 33.05
CA PHE C 354 0.70 27.21 32.01
C PHE C 354 2.02 27.68 32.61
N VAL C 355 1.95 28.52 33.65
CA VAL C 355 3.19 29.04 34.24
C VAL C 355 4.00 27.91 34.88
N ARG C 356 3.34 26.99 35.57
CA ARG C 356 4.08 25.88 36.18
C ARG C 356 4.73 25.00 35.11
N HIS C 357 4.01 24.77 34.01
CA HIS C 357 4.58 23.99 32.91
C HIS C 357 5.86 24.64 32.40
N ARG C 358 5.84 25.96 32.21
CA ARG C 358 7.03 26.66 31.73
C ARG C 358 8.18 26.52 32.72
N ARG C 359 7.90 26.66 34.01
CA ARG C 359 8.96 26.50 35.03
C ARG C 359 9.64 25.15 34.90
N GLU C 360 8.84 24.08 34.85
CA GLU C 360 9.43 22.74 34.79
C GLU C 360 10.26 22.54 33.52
N VAL C 361 9.74 23.00 32.39
CA VAL C 361 10.47 22.80 31.13
C VAL C 361 11.82 23.49 31.17
N VAL C 362 11.84 24.74 31.66
CA VAL C 362 13.11 25.49 31.68
C VAL C 362 14.11 24.80 32.61
N THR C 363 13.66 24.34 33.77
CA THR C 363 14.58 23.68 34.70
C THR C 363 15.20 22.43 34.07
N ARG C 364 14.38 21.59 33.45
CA ARG C 364 14.91 20.36 32.86
C ARG C 364 15.88 20.66 31.73
N ARG C 365 15.59 21.67 30.92
CA ARG C 365 16.50 22.04 29.84
C ARG C 365 17.86 22.48 30.39
N THR C 366 17.85 23.30 31.44
CA THR C 366 19.12 23.76 32.01
C THR C 366 19.95 22.60 32.56
N ILE C 367 19.29 21.66 33.23
CA ILE C 367 20.01 20.50 33.75
C ILE C 367 20.67 19.72 32.61
N PHE C 368 19.93 19.50 31.53
CA PHE C 368 20.50 18.78 30.39
C PHE C 368 21.72 19.51 29.83
N GLU C 369 21.64 20.83 29.69
CA GLU C 369 22.77 21.58 29.14
C GLU C 369 24.01 21.45 30.01
N LEU C 370 23.84 21.58 31.33
CA LEU C 370 25.00 21.50 32.22
C LEU C 370 25.67 20.13 32.15
N ARG C 371 24.85 19.08 32.18
CA ARG C 371 25.39 17.72 32.09
C ARG C 371 26.10 17.50 30.76
N LYS C 372 25.60 18.09 29.68
CA LYS C 372 26.27 17.95 28.39
C LYS C 372 27.62 18.65 28.39
N ALA C 373 27.73 19.83 29.03
CA ALA C 373 28.96 20.59 28.95
C ALA C 373 30.09 19.97 29.78
N ARG C 374 29.76 19.38 30.92
CA ARG C 374 30.82 18.90 31.82
C ARG C 374 31.66 17.80 31.17
N ASP C 375 31.02 16.87 30.46
CA ASP C 375 31.77 15.77 29.85
C ASP C 375 32.72 16.26 28.77
N ARG C 376 32.27 17.24 27.97
CA ARG C 376 33.16 17.82 26.97
C ARG C 376 34.36 18.48 27.63
N ALA C 377 34.14 19.15 28.76
CA ALA C 377 35.27 19.72 29.49
C ALA C 377 36.25 18.62 29.93
N HIS C 378 35.72 17.51 30.41
CA HIS C 378 36.56 16.38 30.81
C HIS C 378 37.45 15.90 29.67
N ILE C 379 36.83 15.63 28.51
CA ILE C 379 37.58 15.12 27.37
C ILE C 379 38.62 16.13 26.90
N LEU C 380 38.26 17.42 26.91
CA LEU C 380 39.22 18.44 26.51
C LEU C 380 40.44 18.46 27.44
N GLU C 381 40.21 18.31 28.74
CA GLU C 381 41.34 18.23 29.67
C GLU C 381 42.23 17.05 29.32
N ALA C 382 41.63 15.89 29.04
CA ALA C 382 42.44 14.72 28.69
C ALA C 382 43.30 14.97 27.46
N LEU C 383 42.69 15.55 26.41
CA LEU C 383 43.44 15.81 25.18
C LEU C 383 44.55 16.82 25.41
N ALA C 384 44.27 17.88 26.17
CA ALA C 384 45.29 18.90 26.42
C ALA C 384 46.47 18.33 27.20
N VAL C 385 46.20 17.43 28.14
CA VAL C 385 47.31 16.77 28.84
C VAL C 385 48.07 15.86 27.88
N ALA C 386 47.36 15.14 27.01
CA ALA C 386 48.03 14.22 26.09
C ALA C 386 48.97 14.94 25.14
N LEU C 387 48.56 16.11 24.64
CA LEU C 387 49.36 16.80 23.62
C LEU C 387 50.67 17.36 24.15
N ALA C 388 50.89 17.35 25.46
CA ALA C 388 52.12 17.90 26.04
C ALA C 388 53.20 16.87 26.28
N ASN C 389 52.91 15.58 26.11
CA ASN C 389 53.85 14.49 26.34
C ASN C 389 53.94 13.59 25.11
N ILE C 390 54.15 14.21 23.95
CA ILE C 390 54.00 13.48 22.68
C ILE C 390 54.97 12.32 22.61
N ASP C 391 56.26 12.58 22.86
CA ASP C 391 57.28 11.54 22.63
C ASP C 391 57.12 10.32 23.51
N PRO C 392 56.97 10.44 24.84
CA PRO C 392 56.75 9.22 25.63
C PRO C 392 55.49 8.45 25.24
N ILE C 393 54.42 9.18 24.90
CA ILE C 393 53.19 8.52 24.46
C ILE C 393 53.45 7.72 23.18
N ILE C 394 54.15 8.33 22.23
CA ILE C 394 54.42 7.67 20.96
C ILE C 394 55.26 6.42 21.18
N GLU C 395 56.31 6.54 22.00
CA GLU C 395 57.17 5.38 22.26
C GLU C 395 56.40 4.27 22.97
N LEU C 396 55.60 4.63 23.96
CA LEU C 396 54.83 3.63 24.69
C LEU C 396 53.84 2.91 23.78
N ILE C 397 53.21 3.65 22.86
CA ILE C 397 52.28 3.02 21.93
C ILE C 397 53.01 2.12 20.94
N ARG C 398 54.15 2.60 20.42
CA ARG C 398 54.89 1.80 19.45
C ARG C 398 55.39 0.49 20.05
N HIS C 399 55.90 0.53 21.28
CA HIS C 399 56.39 -0.70 21.89
C HIS C 399 55.29 -1.66 22.28
N ALA C 400 54.03 -1.22 22.28
CA ALA C 400 52.93 -2.10 22.65
C ALA C 400 52.57 -3.04 21.51
N PRO C 401 52.21 -4.29 21.80
CA PRO C 401 51.82 -5.22 20.74
C PRO C 401 50.44 -4.97 20.17
N THR C 402 49.46 -4.71 21.03
CA THR C 402 48.07 -4.58 20.65
C THR C 402 47.49 -3.30 21.27
N PRO C 403 46.42 -2.77 20.69
CA PRO C 403 45.81 -1.56 21.28
C PRO C 403 45.34 -1.75 22.72
N ALA C 404 44.89 -2.94 23.10
CA ALA C 404 44.45 -3.17 24.47
C ALA C 404 45.60 -3.01 25.45
N GLU C 405 46.77 -3.55 25.11
CA GLU C 405 47.95 -3.37 25.96
C GLU C 405 48.35 -1.90 26.04
N ALA C 406 48.26 -1.19 24.92
CA ALA C 406 48.59 0.24 24.92
C ALA C 406 47.64 1.01 25.83
N LYS C 407 46.35 0.66 25.80
CA LYS C 407 45.39 1.32 26.69
C LYS C 407 45.70 0.99 28.15
N THR C 408 46.02 -0.27 28.43
CA THR C 408 46.31 -0.66 29.82
C THR C 408 47.55 0.04 30.36
N ALA C 409 48.59 0.16 29.53
CA ALA C 409 49.82 0.81 29.98
C ALA C 409 49.65 2.31 30.19
N LEU C 410 48.64 2.92 29.57
CA LEU C 410 48.42 4.35 29.73
C LEU C 410 47.76 4.69 31.06
N VAL C 411 46.91 3.80 31.58
CA VAL C 411 46.09 4.10 32.75
C VAL C 411 46.77 3.64 34.04
N ALA C 412 48.03 3.24 33.98
CA ALA C 412 48.73 2.69 35.14
C ALA C 412 49.94 3.52 35.53
N ASN C 413 49.92 4.82 35.23
CA ASN C 413 51.02 5.69 35.62
C ASN C 413 50.62 7.16 35.55
N PRO C 414 51.03 7.98 36.50
CA PRO C 414 50.71 9.41 36.44
C PRO C 414 51.52 10.12 35.36
N TRP C 415 51.00 11.29 34.97
CA TRP C 415 51.64 12.13 33.96
C TRP C 415 51.81 13.54 34.49
N GLN C 416 52.91 14.18 34.10
CA GLN C 416 53.17 15.54 34.53
C GLN C 416 52.33 16.53 33.71
N LEU C 417 52.26 17.77 34.19
CA LEU C 417 51.37 18.77 33.59
C LEU C 417 52.06 19.56 32.49
N GLY C 418 53.12 20.28 32.83
CA GLY C 418 53.83 21.09 31.85
C GLY C 418 53.25 22.50 31.77
N ASN C 419 52.81 22.88 30.57
CA ASN C 419 52.28 24.22 30.33
C ASN C 419 50.80 24.35 30.66
N VAL C 420 50.13 23.25 31.02
CA VAL C 420 48.70 23.28 31.24
C VAL C 420 48.40 23.52 32.71
N ALA C 421 49.43 23.88 33.48
CA ALA C 421 49.22 24.17 34.90
C ALA C 421 48.31 25.36 35.09
N ALA C 422 48.54 26.43 34.33
CA ALA C 422 47.71 27.63 34.47
C ALA C 422 46.27 27.36 34.05
N MET C 423 46.09 26.59 32.96
CA MET C 423 44.74 26.32 32.48
C MET C 423 43.91 25.58 33.52
N LEU C 424 44.51 24.60 34.19
CA LEU C 424 43.79 23.87 35.23
C LEU C 424 43.64 24.70 36.49
N GLU C 425 44.61 25.58 36.78
CA GLU C 425 44.50 26.44 37.96
C GLU C 425 43.34 27.41 37.82
N ARG C 426 43.12 27.95 36.61
CA ARG C 426 42.06 28.92 36.41
C ARG C 426 40.69 28.34 36.71
N ALA C 427 40.53 27.02 36.58
CA ALA C 427 39.27 26.39 36.91
C ALA C 427 39.04 26.42 38.42
N GLY C 428 37.77 26.39 38.82
CA GLY C 428 37.40 26.40 40.22
C GLY C 428 37.68 25.11 40.96
N ASP C 429 38.16 24.08 40.26
CA ASP C 429 38.55 22.77 40.80
C ASP C 429 37.37 21.93 41.25
N ASP C 430 36.16 22.47 41.26
CA ASP C 430 34.97 21.68 41.59
C ASP C 430 33.79 21.98 40.69
N ALA C 431 33.90 22.93 39.76
CA ALA C 431 32.77 23.31 38.92
C ALA C 431 32.69 22.47 37.65
N ALA C 432 33.80 22.36 36.92
CA ALA C 432 33.83 21.61 35.66
C ALA C 432 34.26 20.15 35.88
N ARG C 433 33.55 19.46 36.77
CA ARG C 433 33.87 18.09 37.11
C ARG C 433 32.59 17.26 37.09
N PRO C 434 32.56 16.14 36.37
CA PRO C 434 31.35 15.31 36.35
C PRO C 434 31.02 14.78 37.73
N GLU C 435 29.74 14.53 37.95
CA GLU C 435 29.26 14.11 39.27
C GLU C 435 29.39 12.61 39.49
N TRP C 436 29.84 11.84 38.51
CA TRP C 436 30.04 10.41 38.66
C TRP C 436 31.53 10.05 38.73
N LEU C 437 32.39 11.01 39.06
CA LEU C 437 33.83 10.79 39.05
C LEU C 437 34.33 10.55 40.46
N GLU C 438 35.18 9.54 40.61
CA GLU C 438 35.71 9.17 41.91
C GLU C 438 36.75 10.17 42.38
N PRO C 439 37.01 10.25 43.69
CA PRO C 439 37.95 11.25 44.20
C PRO C 439 39.39 11.05 43.78
N GLU C 440 39.78 9.85 43.34
CA GLU C 440 41.18 9.56 43.05
C GLU C 440 41.57 9.86 41.61
N PHE C 441 40.66 10.35 40.80
CA PHE C 441 40.97 10.72 39.42
C PHE C 441 41.16 12.22 39.29
N GLY C 442 41.82 12.62 38.20
CA GLY C 442 42.15 14.02 38.01
C GLY C 442 43.42 14.41 38.73
N VAL C 443 43.72 15.72 38.67
CA VAL C 443 44.93 16.23 39.30
C VAL C 443 44.82 16.10 40.81
N ARG C 444 45.83 15.49 41.42
CA ARG C 444 45.88 15.33 42.87
C ARG C 444 47.10 15.99 43.50
N ASP C 445 48.29 15.74 42.95
CA ASP C 445 49.53 16.33 43.47
C ASP C 445 50.41 16.81 42.33
N GLY C 446 49.80 17.44 41.32
CA GLY C 446 50.54 17.82 40.14
C GLY C 446 50.74 16.72 39.12
N LEU C 447 50.11 15.57 39.32
CA LEU C 447 50.22 14.43 38.41
C LEU C 447 48.82 13.99 38.01
N TYR C 448 48.52 14.04 36.71
CA TYR C 448 47.20 13.69 36.24
C TYR C 448 47.01 12.18 36.20
N TYR C 449 45.82 11.75 36.56
CA TYR C 449 45.44 10.33 36.51
C TYR C 449 44.30 10.17 35.51
N LEU C 450 44.48 9.28 34.54
CA LEU C 450 43.51 9.09 33.48
C LEU C 450 42.55 7.96 33.80
N THR C 451 41.44 7.93 33.07
CA THR C 451 40.45 6.86 33.14
C THR C 451 40.52 6.04 31.85
N GLU C 452 39.60 5.09 31.71
CA GLU C 452 39.60 4.24 30.52
C GLU C 452 39.11 5.00 29.30
N GLN C 453 38.03 5.77 29.44
CA GLN C 453 37.49 6.47 28.28
C GLN C 453 38.42 7.59 27.82
N GLN C 454 39.13 8.24 28.75
CA GLN C 454 40.11 9.23 28.34
C GLN C 454 41.25 8.59 27.55
N ALA C 455 41.70 7.42 27.97
CA ALA C 455 42.71 6.69 27.20
C ALA C 455 42.19 6.31 25.82
N GLN C 456 40.92 5.88 25.75
CA GLN C 456 40.34 5.55 24.45
C GLN C 456 40.27 6.77 23.54
N ALA C 457 39.93 7.92 24.12
CA ALA C 457 39.91 9.15 23.34
C ALA C 457 41.31 9.52 22.86
N ILE C 458 42.32 9.28 23.69
CA ILE C 458 43.71 9.54 23.29
C ILE C 458 44.10 8.65 22.13
N LEU C 459 43.74 7.37 22.19
CA LEU C 459 44.12 6.44 21.12
C LEU C 459 43.47 6.76 19.79
N ASP C 460 42.43 7.59 19.78
CA ASP C 460 41.70 7.94 18.55
C ASP C 460 42.04 9.34 18.07
N LEU C 461 43.30 9.75 18.21
CA LEU C 461 43.74 11.09 17.86
C LEU C 461 44.42 11.05 16.50
N ARG C 462 43.94 11.88 15.57
CA ARG C 462 44.48 11.91 14.23
C ARG C 462 45.80 12.68 14.20
N LEU C 463 46.58 12.42 13.15
CA LEU C 463 47.89 13.06 13.02
C LEU C 463 47.77 14.54 12.68
N GLN C 464 46.66 14.95 12.06
CA GLN C 464 46.51 16.35 11.68
C GLN C 464 46.26 17.26 12.85
N LYS C 465 46.06 16.72 14.06
CA LYS C 465 45.82 17.52 15.26
C LYS C 465 47.10 18.01 15.91
N LEU C 466 48.27 17.70 15.34
CA LEU C 466 49.55 18.06 15.92
C LEU C 466 50.11 19.35 15.35
N THR C 467 49.35 20.07 14.53
CA THR C 467 49.80 21.34 13.99
C THR C 467 49.61 22.44 15.04
N GLY C 468 49.94 23.68 14.64
CA GLY C 468 49.96 24.77 15.60
C GLY C 468 48.59 25.18 16.10
N LEU C 469 47.64 25.37 15.17
CA LEU C 469 46.34 25.93 15.53
C LEU C 469 45.54 24.98 16.41
N GLU C 470 45.66 23.67 16.18
CA GLU C 470 44.91 22.69 16.95
C GLU C 470 45.31 22.67 18.41
N HIS C 471 46.42 23.29 18.78
CA HIS C 471 46.81 23.37 20.18
C HIS C 471 46.22 24.58 20.89
N GLU C 472 45.64 25.54 20.15
CA GLU C 472 44.96 26.67 20.77
C GLU C 472 43.45 26.62 20.60
N LYS C 473 42.95 25.88 19.61
CA LYS C 473 41.52 25.62 19.54
C LYS C 473 41.00 25.05 20.85
N LEU C 474 41.75 24.12 21.44
CA LEU C 474 41.35 23.51 22.70
C LEU C 474 41.28 24.53 23.82
N LEU C 475 42.28 25.43 23.90
CA LEU C 475 42.29 26.44 24.94
C LEU C 475 41.06 27.36 24.82
N ASP C 476 40.77 27.81 23.60
CA ASP C 476 39.62 28.68 23.40
C ASP C 476 38.33 27.98 23.79
N GLU C 477 38.16 26.73 23.34
CA GLU C 477 36.94 26.01 23.65
C GLU C 477 36.80 25.77 25.15
N TYR C 478 37.92 25.50 25.83
CA TYR C 478 37.88 25.28 27.27
C TYR C 478 37.43 26.54 28.01
N LYS C 479 37.96 27.70 27.61
CA LYS C 479 37.54 28.94 28.27
C LYS C 479 36.05 29.20 28.04
N GLU C 480 35.58 29.00 26.80
CA GLU C 480 34.15 29.20 26.54
C GLU C 480 33.30 28.26 27.36
N LEU C 481 33.74 27.00 27.50
CA LEU C 481 32.99 26.03 28.30
C LEU C 481 32.92 26.47 29.76
N LEU C 482 34.02 26.99 30.31
CA LEU C 482 33.99 27.45 31.69
C LEU C 482 32.99 28.60 31.87
N ASP C 483 32.98 29.54 30.93
CA ASP C 483 32.03 30.64 31.03
C ASP C 483 30.60 30.14 30.97
N GLN C 484 30.32 29.22 30.04
CA GLN C 484 28.96 28.69 29.91
C GLN C 484 28.55 27.93 31.17
N ILE C 485 29.47 27.18 31.77
CA ILE C 485 29.16 26.44 32.99
C ILE C 485 28.80 27.39 34.12
N ALA C 486 29.56 28.48 34.26
CA ALA C 486 29.23 29.46 35.30
C ALA C 486 27.84 30.05 35.08
N GLU C 487 27.54 30.43 33.83
CA GLU C 487 26.24 31.01 33.55
C GLU C 487 25.10 30.03 33.81
N LEU C 488 25.29 28.76 33.44
CA LEU C 488 24.25 27.76 33.69
C LEU C 488 24.05 27.54 35.19
N LEU C 489 25.15 27.49 35.96
CA LEU C 489 25.03 27.27 37.38
C LEU C 489 24.33 28.43 38.08
N ARG C 490 24.45 29.65 37.53
CA ARG C 490 23.80 30.79 38.17
C ARG C 490 22.27 30.66 38.15
N ILE C 491 21.70 30.02 37.12
CA ILE C 491 20.25 29.96 37.00
C ILE C 491 19.63 29.06 38.06
N LEU C 492 20.23 27.88 38.28
CA LEU C 492 19.61 26.88 39.15
C LEU C 492 19.62 27.27 40.62
N GLY C 493 20.32 28.34 41.00
CA GLY C 493 20.42 28.70 42.40
C GLY C 493 19.45 29.79 42.85
N SER C 494 18.75 30.42 41.91
CA SER C 494 17.86 31.52 42.24
C SER C 494 16.54 31.36 41.49
N ALA C 495 15.49 31.98 42.04
CA ALA C 495 14.17 31.96 41.42
C ALA C 495 13.88 33.17 40.57
N ASP C 496 14.36 34.36 40.97
CA ASP C 496 14.16 35.55 40.14
C ASP C 496 14.88 35.40 38.80
N ARG C 497 16.08 34.83 38.83
CA ARG C 497 16.79 34.55 37.58
C ARG C 497 16.00 33.57 36.72
N LEU C 498 15.30 32.63 37.34
CA LEU C 498 14.45 31.72 36.58
C LEU C 498 13.28 32.45 35.95
N MET C 499 12.67 33.39 36.66
CA MET C 499 11.50 34.08 36.13
C MET C 499 11.85 35.09 35.05
N GLU C 500 13.06 35.65 35.10
CA GLU C 500 13.46 36.62 34.08
C GLU C 500 13.50 35.98 32.70
N VAL C 501 14.01 34.75 32.61
CA VAL C 501 14.09 34.05 31.33
C VAL C 501 12.69 33.86 30.75
N ILE C 502 11.74 33.45 31.59
CA ILE C 502 10.37 33.23 31.13
C ILE C 502 9.75 34.53 30.67
N ARG C 503 9.99 35.63 31.40
CA ARG C 503 9.47 36.92 30.96
C ARG C 503 10.02 37.31 29.59
N GLU C 504 11.33 37.12 29.39
CA GLU C 504 11.93 37.46 28.10
C GLU C 504 11.32 36.63 26.98
N GLU C 505 11.16 35.33 27.20
CA GLU C 505 10.59 34.47 26.15
C GLU C 505 9.17 34.87 25.82
N LEU C 506 8.35 35.16 26.83
CA LEU C 506 6.97 35.56 26.57
C LEU C 506 6.92 36.87 25.80
N GLU C 507 7.76 37.84 26.17
CA GLU C 507 7.76 39.11 25.45
C GLU C 507 8.19 38.92 24.00
N LEU C 508 9.18 38.06 23.76
CA LEU C 508 9.60 37.79 22.38
C LEU C 508 8.48 37.16 21.57
N VAL C 509 7.76 36.20 22.16
CA VAL C 509 6.64 35.57 21.46
C VAL C 509 5.57 36.61 21.13
N ARG C 510 5.24 37.47 22.08
CA ARG C 510 4.22 38.49 21.83
C ARG C 510 4.65 39.44 20.73
N GLU C 511 5.93 39.83 20.72
CA GLU C 511 6.41 40.71 19.66
C GLU C 511 6.34 40.03 18.30
N GLN C 512 6.62 38.73 18.25
CA GLN C 512 6.77 38.06 16.96
C GLN C 512 5.45 37.57 16.35
N PHE C 513 4.44 37.25 17.16
CA PHE C 513 3.24 36.63 16.61
C PHE C 513 1.93 37.39 16.91
N GLY C 514 1.99 38.59 17.48
CA GLY C 514 0.78 39.29 17.83
C GLY C 514 0.12 40.00 16.66
N ASP C 515 -1.19 40.22 16.78
CA ASP C 515 -1.96 40.91 15.74
C ASP C 515 -3.12 41.64 16.39
N LYS C 516 -4.11 42.04 15.58
CA LYS C 516 -5.22 42.88 16.00
C LYS C 516 -6.45 42.05 16.35
N ARG C 517 -7.42 42.73 16.96
CA ARG C 517 -8.68 42.12 17.36
C ARG C 517 -9.72 42.26 16.26
N ARG C 518 -10.55 41.23 16.09
CA ARG C 518 -11.56 41.19 15.04
C ARG C 518 -12.98 41.33 15.55
N THR C 519 -13.34 40.67 16.65
CA THR C 519 -14.69 40.70 17.18
C THR C 519 -14.90 41.91 18.09
N GLU C 520 -16.10 42.48 18.04
CA GLU C 520 -16.45 43.66 18.83
C GLU C 520 -17.42 43.27 19.94
N ILE C 521 -17.16 43.79 21.14
CA ILE C 521 -17.97 43.49 22.32
C ILE C 521 -18.71 44.77 22.70
N THR C 522 -20.04 44.69 22.77
CA THR C 522 -20.88 45.84 23.09
C THR C 522 -21.82 45.48 24.24
N ALA C 523 -22.32 46.52 24.91
CA ALA C 523 -23.33 46.32 25.93
C ALA C 523 -24.66 45.94 25.29
N ASN C 524 -25.57 45.44 26.11
CA ASN C 524 -26.85 44.94 25.64
C ASN C 524 -27.67 46.05 24.99
N SER D 10 40.43 -26.36 51.04
CA SER D 10 39.08 -26.88 51.12
C SER D 10 38.22 -26.03 52.06
N ILE D 11 38.66 -24.79 52.29
CA ILE D 11 37.89 -23.88 53.13
C ILE D 11 36.57 -23.52 52.47
N LYS D 12 36.56 -23.40 51.14
CA LYS D 12 35.36 -23.02 50.41
C LYS D 12 34.23 -24.03 50.57
N VAL D 13 34.56 -25.29 50.87
CA VAL D 13 33.54 -26.32 51.03
C VAL D 13 32.64 -25.99 52.22
N LEU D 14 33.24 -25.60 53.34
CA LEU D 14 32.44 -25.20 54.49
C LEU D 14 31.66 -23.93 54.22
N LYS D 15 32.21 -23.03 53.40
CA LYS D 15 31.45 -21.85 52.98
C LYS D 15 30.20 -22.26 52.21
N GLY D 16 30.33 -23.20 51.29
CA GLY D 16 29.16 -23.68 50.56
C GLY D 16 28.16 -24.36 51.46
N LEU D 17 28.64 -25.16 52.41
CA LEU D 17 27.74 -25.82 53.36
C LEU D 17 26.97 -24.79 54.17
N ASP D 18 27.66 -23.75 54.67
CA ASP D 18 26.99 -22.71 55.44
C ASP D 18 25.99 -21.96 54.58
N ALA D 19 26.36 -21.67 53.32
CA ALA D 19 25.44 -20.98 52.43
C ALA D 19 24.17 -21.79 52.19
N VAL D 20 24.31 -23.10 52.01
CA VAL D 20 23.15 -23.96 51.85
C VAL D 20 22.31 -23.95 53.14
N ARG D 21 22.96 -24.05 54.28
CA ARG D 21 22.24 -24.13 55.55
C ARG D 21 21.66 -22.80 56.00
N LYS D 22 22.00 -21.69 55.33
CA LYS D 22 21.39 -20.41 55.67
C LYS D 22 19.89 -20.43 55.41
N ARG D 23 19.51 -20.82 54.19
CA ARG D 23 18.10 -20.85 53.76
C ARG D 23 17.83 -22.22 53.15
N PRO D 24 17.54 -23.22 53.98
CA PRO D 24 17.39 -24.58 53.45
C PRO D 24 16.19 -24.77 52.54
N GLY D 25 15.14 -23.95 52.70
CA GLY D 25 13.93 -24.15 51.92
C GLY D 25 14.15 -23.98 50.43
N MET D 26 15.00 -23.02 50.05
CA MET D 26 15.21 -22.67 48.66
C MET D 26 16.11 -23.66 47.92
N TYR D 27 16.42 -24.81 48.52
CA TYR D 27 17.24 -25.83 47.86
C TYR D 27 16.59 -27.20 47.81
N ILE D 28 15.67 -27.51 48.72
CA ILE D 28 14.98 -28.80 48.69
C ILE D 28 13.46 -28.67 48.75
N GLY D 29 12.91 -27.53 49.15
CA GLY D 29 11.48 -27.39 49.30
C GLY D 29 11.09 -27.12 50.73
N ASP D 30 9.83 -27.39 51.08
CA ASP D 30 9.39 -27.19 52.45
C ASP D 30 9.98 -28.27 53.36
N THR D 31 10.15 -27.92 54.63
CA THR D 31 10.85 -28.77 55.59
C THR D 31 10.01 -29.03 56.83
N ASP D 32 8.68 -29.01 56.70
CA ASP D 32 7.82 -29.32 57.83
C ASP D 32 6.80 -30.38 57.45
N ASP D 33 6.44 -30.44 56.18
CA ASP D 33 5.43 -31.36 55.67
C ASP D 33 6.01 -32.67 55.19
N GLY D 34 7.32 -32.86 55.29
CA GLY D 34 7.95 -34.07 54.80
C GLY D 34 8.14 -34.13 53.31
N THR D 35 7.86 -33.05 52.59
CA THR D 35 8.00 -33.04 51.14
C THR D 35 9.47 -33.20 50.73
N GLY D 36 10.33 -32.33 51.27
CA GLY D 36 11.75 -32.45 50.98
C GLY D 36 12.37 -33.69 51.58
N LEU D 37 11.84 -34.16 52.71
CA LEU D 37 12.33 -35.38 53.33
C LEU D 37 12.23 -36.56 52.39
N HIS D 38 11.06 -36.73 51.76
CA HIS D 38 10.91 -37.77 50.75
C HIS D 38 11.57 -37.40 49.44
N HIS D 39 11.73 -36.10 49.17
CA HIS D 39 12.37 -35.66 47.94
C HIS D 39 13.84 -36.10 47.89
N MET D 40 14.54 -36.02 49.02
CA MET D 40 15.92 -36.47 49.07
C MET D 40 16.01 -37.97 48.77
N VAL D 41 15.10 -38.75 49.36
CA VAL D 41 15.07 -40.19 49.11
C VAL D 41 14.81 -40.46 47.64
N PHE D 42 13.86 -39.74 47.04
CA PHE D 42 13.54 -39.93 45.64
C PHE D 42 14.72 -39.56 44.75
N GLU D 43 15.44 -38.50 45.09
CA GLU D 43 16.61 -38.12 44.32
C GLU D 43 17.69 -39.20 44.37
N VAL D 44 17.94 -39.74 45.57
CA VAL D 44 18.91 -40.82 45.69
C VAL D 44 18.46 -42.03 44.89
N VAL D 45 17.17 -42.36 44.95
CA VAL D 45 16.64 -43.50 44.22
C VAL D 45 16.81 -43.30 42.72
N ASP D 46 16.52 -42.09 42.24
CA ASP D 46 16.67 -41.81 40.81
C ASP D 46 18.13 -41.94 40.38
N ASN D 47 19.05 -41.42 41.17
CA ASN D 47 20.46 -41.55 40.83
C ASN D 47 20.89 -43.02 40.79
N ALA D 48 20.44 -43.80 41.78
CA ALA D 48 20.80 -45.22 41.82
C ALA D 48 20.20 -45.98 40.63
N ILE D 49 18.93 -45.70 40.31
CA ILE D 49 18.28 -46.43 39.22
C ILE D 49 18.88 -46.06 37.88
N ASP D 50 19.32 -44.81 37.72
CA ASP D 50 20.06 -44.45 36.51
C ASP D 50 21.40 -45.16 36.46
N GLU D 51 22.09 -45.24 37.59
CA GLU D 51 23.41 -45.88 37.62
C GLU D 51 23.30 -47.37 37.31
N ALA D 52 22.32 -48.05 37.92
CA ALA D 52 22.16 -49.49 37.75
C ALA D 52 21.35 -49.86 36.51
N LEU D 53 21.21 -48.93 35.56
CA LEU D 53 20.45 -49.21 34.35
C LEU D 53 21.11 -50.31 33.52
N ALA D 54 22.43 -50.40 33.54
CA ALA D 54 23.18 -51.37 32.75
C ALA D 54 23.57 -52.61 33.53
N GLY D 55 23.01 -52.81 34.71
CA GLY D 55 23.34 -53.97 35.51
C GLY D 55 22.86 -55.27 34.88
N HIS D 56 23.41 -56.37 35.39
CA HIS D 56 23.05 -57.69 34.88
C HIS D 56 21.59 -58.01 35.19
N CYS D 57 21.16 -57.80 36.43
CA CYS D 57 19.78 -57.98 36.83
C CYS D 57 19.09 -56.66 37.17
N LYS D 58 19.85 -55.58 37.38
CA LYS D 58 19.30 -54.26 37.65
C LYS D 58 18.39 -54.26 38.88
N GLU D 59 18.70 -55.12 39.84
CA GLU D 59 17.87 -55.28 41.03
C GLU D 59 18.28 -54.27 42.09
N ILE D 60 17.29 -53.63 42.69
CA ILE D 60 17.50 -52.57 43.67
C ILE D 60 16.81 -52.96 44.97
N ILE D 61 17.53 -52.83 46.08
CA ILE D 61 17.01 -53.16 47.40
C ILE D 61 16.89 -51.87 48.19
N VAL D 62 15.66 -51.55 48.61
CA VAL D 62 15.37 -50.38 49.43
C VAL D 62 14.70 -50.87 50.71
N THR D 63 15.27 -50.49 51.85
CA THR D 63 14.79 -50.96 53.14
C THR D 63 14.62 -49.78 54.08
N ILE D 64 13.64 -49.90 54.97
CA ILE D 64 13.35 -48.88 55.98
C ILE D 64 13.76 -49.46 57.33
N HIS D 65 14.93 -49.06 57.81
CA HIS D 65 15.48 -49.62 59.04
C HIS D 65 14.73 -49.09 60.26
N ALA D 66 15.00 -49.72 61.40
CA ALA D 66 14.31 -49.36 62.64
C ALA D 66 14.75 -48.01 63.17
N ASP D 67 15.98 -47.58 62.85
CA ASP D 67 16.52 -46.34 63.37
C ASP D 67 16.15 -45.13 62.52
N ASN D 68 15.06 -45.21 61.77
CA ASN D 68 14.59 -44.12 60.91
C ASN D 68 15.64 -43.75 59.86
N SER D 69 15.95 -44.73 59.01
CA SER D 69 16.94 -44.55 57.95
C SER D 69 16.62 -45.50 56.82
N VAL D 70 17.16 -45.19 55.64
CA VAL D 70 16.92 -45.96 54.43
C VAL D 70 18.26 -46.28 53.77
N SER D 71 18.41 -47.53 53.33
CA SER D 71 19.62 -47.98 52.65
C SER D 71 19.29 -48.29 51.20
N VAL D 72 20.12 -47.79 50.29
CA VAL D 72 19.94 -48.00 48.86
C VAL D 72 21.11 -48.83 48.34
N GLN D 73 20.80 -49.95 47.69
CA GLN D 73 21.79 -50.87 47.17
C GLN D 73 21.43 -51.27 45.75
N ASP D 74 22.45 -51.37 44.89
CA ASP D 74 22.23 -51.78 43.51
C ASP D 74 23.12 -52.95 43.13
N ASP D 75 23.13 -53.31 41.84
CA ASP D 75 23.94 -54.41 41.36
C ASP D 75 24.73 -54.08 40.10
N GLY D 76 24.67 -52.84 39.62
CA GLY D 76 25.39 -52.44 38.44
C GLY D 76 26.83 -52.11 38.75
N ARG D 77 27.47 -51.39 37.82
CA ARG D 77 28.85 -50.99 38.00
C ARG D 77 28.98 -50.04 39.19
N GLY D 78 30.00 -50.26 40.00
CA GLY D 78 30.21 -49.47 41.19
C GLY D 78 30.77 -48.09 40.90
N ILE D 79 30.94 -47.32 41.97
CA ILE D 79 31.48 -45.96 41.84
C ILE D 79 32.98 -46.05 41.63
N PRO D 80 33.52 -45.44 40.56
CA PRO D 80 34.97 -45.47 40.34
C PRO D 80 35.72 -44.81 41.48
N THR D 81 36.89 -45.36 41.79
CA THR D 81 37.72 -44.88 42.89
C THR D 81 39.05 -44.30 42.39
N GLY D 82 39.06 -43.76 41.18
CA GLY D 82 40.27 -43.16 40.65
C GLY D 82 40.62 -41.85 41.34
N ILE D 83 41.87 -41.44 41.15
CA ILE D 83 42.40 -40.22 41.77
C ILE D 83 42.61 -39.19 40.66
N HIS D 84 41.96 -38.04 40.80
CA HIS D 84 42.13 -36.96 39.84
C HIS D 84 43.42 -36.21 40.12
N PRO D 85 44.31 -36.04 39.13
CA PRO D 85 45.58 -35.35 39.40
C PRO D 85 45.42 -33.94 39.93
N GLU D 86 44.42 -33.20 39.46
CA GLU D 86 44.22 -31.83 39.91
C GLU D 86 43.50 -31.74 41.24
N GLU D 87 42.90 -32.83 41.72
CA GLU D 87 42.12 -32.82 42.97
C GLU D 87 42.94 -33.32 44.15
N GLY D 88 43.65 -34.42 44.00
CA GLY D 88 44.35 -35.04 45.12
C GLY D 88 43.50 -35.95 45.97
N VAL D 89 42.25 -36.20 45.56
CA VAL D 89 41.33 -37.09 46.27
C VAL D 89 40.66 -38.00 45.26
N SER D 90 39.93 -38.98 45.78
CA SER D 90 39.26 -39.96 44.93
C SER D 90 38.08 -39.31 44.19
N ALA D 91 37.71 -39.96 43.08
CA ALA D 91 36.59 -39.45 42.27
C ALA D 91 35.29 -39.48 43.06
N ALA D 92 35.07 -40.55 43.84
CA ALA D 92 33.86 -40.65 44.63
C ALA D 92 33.78 -39.53 45.67
N GLU D 93 34.90 -39.19 46.30
CA GLU D 93 34.93 -38.09 47.25
C GLU D 93 34.63 -36.77 46.54
N VAL D 94 35.15 -36.59 45.33
CA VAL D 94 34.85 -35.39 44.55
C VAL D 94 33.36 -35.29 44.27
N ILE D 95 32.74 -36.41 43.87
CA ILE D 95 31.31 -36.41 43.56
C ILE D 95 30.50 -36.10 44.81
N MET D 96 30.87 -36.70 45.94
CA MET D 96 30.10 -36.53 47.18
C MET D 96 30.39 -35.22 47.89
N THR D 97 31.44 -34.50 47.51
CA THR D 97 31.79 -33.25 48.18
C THR D 97 31.71 -32.03 47.27
N VAL D 98 32.36 -32.08 46.11
CA VAL D 98 32.45 -30.90 45.25
C VAL D 98 31.08 -30.59 44.67
N LEU D 99 30.68 -29.32 44.78
CA LEU D 99 29.40 -28.87 44.26
C LEU D 99 29.31 -29.05 42.74
N GLY D 120 23.51 -33.87 42.36
CA GLY D 120 22.30 -34.54 42.77
C GLY D 120 22.39 -35.17 44.14
N VAL D 121 23.59 -35.13 44.73
CA VAL D 121 23.83 -35.71 46.04
C VAL D 121 24.51 -34.75 47.01
N SER D 122 25.13 -33.67 46.54
CA SER D 122 25.84 -32.76 47.43
C SER D 122 24.91 -32.11 48.44
N VAL D 123 23.72 -31.69 48.00
CA VAL D 123 22.76 -31.07 48.91
C VAL D 123 22.32 -32.06 49.97
N VAL D 124 21.99 -33.28 49.55
CA VAL D 124 21.60 -34.31 50.51
C VAL D 124 22.77 -34.64 51.43
N ASN D 125 23.99 -34.66 50.89
CA ASN D 125 25.17 -34.91 51.72
C ASN D 125 25.35 -33.81 52.76
N ALA D 126 25.09 -32.56 52.39
CA ALA D 126 25.16 -31.46 53.34
C ALA D 126 24.03 -31.53 54.36
N LEU D 127 22.90 -32.11 53.99
CA LEU D 127 21.76 -32.23 54.89
C LEU D 127 21.74 -33.54 55.67
N SER D 128 22.73 -34.41 55.46
CA SER D 128 22.80 -35.68 56.15
C SER D 128 23.81 -35.58 57.30
N GLN D 129 23.34 -35.87 58.52
CA GLN D 129 24.22 -35.77 59.68
C GLN D 129 25.37 -36.77 59.61
N LYS D 130 25.09 -38.01 59.20
CA LYS D 130 26.12 -39.03 59.06
C LYS D 130 25.81 -39.87 57.84
N LEU D 131 26.81 -40.04 56.97
CA LEU D 131 26.66 -40.77 55.72
C LEU D 131 27.59 -41.97 55.72
N GLU D 132 27.05 -43.14 55.41
CA GLU D 132 27.81 -44.36 55.25
C GLU D 132 27.92 -44.68 53.77
N LEU D 133 29.15 -44.79 53.26
CA LEU D 133 29.41 -45.10 51.87
C LEU D 133 30.17 -46.42 51.78
N VAL D 134 29.65 -47.36 51.02
CA VAL D 134 30.29 -48.65 50.77
C VAL D 134 30.44 -48.80 49.27
N ILE D 135 31.68 -48.99 48.81
CA ILE D 135 31.99 -49.19 47.40
C ILE D 135 32.66 -50.55 47.26
N GLN D 136 32.14 -51.36 46.33
CA GLN D 136 32.64 -52.72 46.13
C GLN D 136 32.83 -52.93 44.63
N ARG D 137 34.08 -52.85 44.18
CA ARG D 137 34.41 -53.14 42.79
C ARG D 137 35.90 -53.45 42.70
N GLU D 138 36.29 -54.09 41.60
CA GLU D 138 37.66 -54.53 41.38
C GLU D 138 38.16 -55.42 42.52
N GLY D 139 37.26 -56.26 43.04
CA GLY D 139 37.62 -57.17 44.11
C GLY D 139 38.06 -56.50 45.38
N LYS D 140 37.59 -55.29 45.66
CA LYS D 140 37.97 -54.56 46.85
C LYS D 140 36.73 -53.94 47.50
N ILE D 141 36.75 -53.87 48.82
CA ILE D 141 35.68 -53.27 49.60
C ILE D 141 36.15 -51.93 50.13
N HIS D 142 35.51 -50.85 49.69
CA HIS D 142 35.87 -49.51 50.09
C HIS D 142 34.84 -48.98 51.09
N ARG D 143 35.26 -48.05 51.93
CA ARG D 143 34.37 -47.49 52.94
C ARG D 143 34.82 -46.09 53.31
N GLN D 144 33.87 -45.27 53.73
CA GLN D 144 34.14 -43.90 54.14
C GLN D 144 32.96 -43.40 54.97
N ILE D 145 33.20 -42.36 55.77
CA ILE D 145 32.18 -41.76 56.62
C ILE D 145 32.22 -40.24 56.43
N TYR D 146 31.05 -39.65 56.26
CA TYR D 146 30.89 -38.20 56.20
C TYR D 146 29.97 -37.77 57.35
N GLU D 147 30.43 -36.81 58.14
CA GLU D 147 29.67 -36.30 59.28
C GLU D 147 29.24 -34.88 58.95
N HIS D 148 27.94 -34.70 58.72
CA HIS D 148 27.37 -33.41 58.31
C HIS D 148 28.06 -32.88 57.05
N GLY D 149 28.41 -33.80 56.16
CA GLY D 149 29.13 -33.48 54.94
C GLY D 149 30.63 -33.43 55.09
N VAL D 150 31.15 -33.41 56.31
CA VAL D 150 32.59 -33.34 56.56
C VAL D 150 33.18 -34.74 56.62
N PRO D 151 34.18 -35.06 55.81
CA PRO D 151 34.80 -36.38 55.88
C PRO D 151 35.51 -36.60 57.20
N GLN D 152 35.55 -37.86 57.62
CA GLN D 152 36.20 -38.25 58.87
C GLN D 152 37.33 -39.24 58.69
N ALA D 153 37.29 -40.07 57.64
CA ALA D 153 38.33 -41.05 57.38
C ALA D 153 38.38 -41.28 55.88
N PRO D 154 39.55 -41.18 55.26
CA PRO D 154 39.64 -41.34 53.80
C PRO D 154 39.28 -42.76 53.36
N LEU D 155 38.86 -42.86 52.11
CA LEU D 155 38.47 -44.14 51.55
C LEU D 155 39.67 -45.08 51.47
N ALA D 156 39.43 -46.35 51.81
CA ALA D 156 40.48 -47.35 51.79
C ALA D 156 39.86 -48.72 51.61
N VAL D 157 40.69 -49.69 51.24
CA VAL D 157 40.25 -51.06 51.04
C VAL D 157 40.03 -51.72 52.39
N THR D 158 38.77 -51.80 52.82
CA THR D 158 38.43 -52.39 54.11
C THR D 158 38.08 -53.87 54.01
N GLY D 159 38.12 -54.45 52.82
CA GLY D 159 37.82 -55.86 52.66
C GLY D 159 37.98 -56.27 51.22
N GLU D 160 37.81 -57.57 50.99
CA GLU D 160 37.91 -58.16 49.66
C GLU D 160 36.53 -58.67 49.24
N THR D 161 36.13 -58.32 48.02
CA THR D 161 34.87 -58.80 47.46
C THR D 161 35.09 -59.42 46.09
N GLU D 162 34.01 -59.77 45.40
CA GLU D 162 34.12 -60.35 44.07
C GLU D 162 33.05 -59.83 43.11
N LYS D 163 32.25 -58.86 43.51
CA LYS D 163 31.16 -58.33 42.70
C LYS D 163 31.31 -56.82 42.55
N THR D 164 30.39 -56.22 41.80
CA THR D 164 30.33 -54.78 41.60
C THR D 164 28.98 -54.25 42.02
N GLY D 165 28.98 -53.05 42.59
CA GLY D 165 27.75 -52.45 43.05
C GLY D 165 28.05 -51.29 43.99
N THR D 166 26.99 -50.85 44.67
CA THR D 166 27.09 -49.70 45.56
C THR D 166 25.97 -49.78 46.59
N MET D 167 26.30 -49.52 47.86
CA MET D 167 25.32 -49.41 48.92
C MET D 167 25.50 -48.06 49.60
N VAL D 168 24.40 -47.34 49.82
CA VAL D 168 24.43 -46.02 50.41
C VAL D 168 23.45 -45.99 51.57
N ARG D 169 23.83 -45.29 52.64
CA ARG D 169 22.99 -45.13 53.83
C ARG D 169 23.06 -43.68 54.28
N PHE D 170 22.00 -43.22 54.94
CA PHE D 170 21.95 -41.85 55.42
C PHE D 170 21.11 -41.78 56.68
N TRP D 171 21.33 -40.72 57.46
CA TRP D 171 20.54 -40.43 58.64
C TRP D 171 20.05 -39.00 58.56
N PRO D 172 18.74 -38.76 58.75
CA PRO D 172 18.21 -37.41 58.59
C PRO D 172 18.73 -36.45 59.66
N SER D 173 18.81 -35.18 59.30
CA SER D 173 19.18 -34.13 60.23
C SER D 173 17.91 -33.57 60.87
N LEU D 174 17.79 -33.74 62.19
CA LEU D 174 16.59 -33.34 62.91
C LEU D 174 16.53 -31.84 63.17
N GLU D 175 17.62 -31.11 62.93
CA GLU D 175 17.61 -29.67 63.09
C GLU D 175 17.08 -28.94 61.86
N THR D 176 16.83 -29.66 60.76
CA THR D 176 16.33 -29.08 59.53
C THR D 176 14.84 -29.30 59.33
N PHE D 177 14.38 -30.55 59.46
CA PHE D 177 12.99 -30.89 59.22
C PHE D 177 12.20 -30.81 60.52
N THR D 178 11.26 -29.88 60.59
CA THR D 178 10.42 -29.71 61.76
C THR D 178 9.15 -30.55 61.62
N ASN D 179 8.32 -30.52 62.67
CA ASN D 179 7.05 -31.22 62.68
C ASN D 179 7.24 -32.71 62.43
N VAL D 180 6.78 -33.19 61.27
CA VAL D 180 6.88 -34.62 60.97
C VAL D 180 8.32 -34.96 60.60
N THR D 181 8.89 -35.94 61.31
CA THR D 181 10.23 -36.44 61.02
C THR D 181 10.21 -37.94 60.74
N GLU D 182 9.08 -38.47 60.28
CA GLU D 182 8.91 -39.90 60.05
C GLU D 182 8.62 -40.14 58.57
N PHE D 183 8.57 -41.42 58.22
CA PHE D 183 8.29 -41.85 56.86
C PHE D 183 7.07 -42.76 56.85
N GLU D 184 6.17 -42.52 55.89
CA GLU D 184 5.05 -43.41 55.67
C GLU D 184 5.50 -44.57 54.80
N TYR D 185 4.56 -45.38 54.34
CA TYR D 185 4.87 -46.49 53.44
C TYR D 185 4.13 -46.42 52.12
N GLU D 186 2.94 -45.82 52.08
CA GLU D 186 2.18 -45.75 50.84
C GLU D 186 2.74 -44.70 49.89
N ILE D 187 3.21 -43.57 50.43
CA ILE D 187 3.73 -42.50 49.59
C ILE D 187 4.91 -42.99 48.77
N LEU D 188 5.85 -43.70 49.41
CA LEU D 188 6.96 -44.28 48.67
C LEU D 188 6.47 -45.39 47.74
N ALA D 189 5.48 -46.16 48.19
CA ALA D 189 5.03 -47.32 47.42
C ALA D 189 4.44 -46.89 46.08
N LYS D 190 3.65 -45.81 46.07
CA LYS D 190 3.05 -45.35 44.83
C LYS D 190 4.12 -44.98 43.80
N ARG D 191 5.09 -44.17 44.21
CA ARG D 191 6.14 -43.75 43.28
C ARG D 191 6.99 -44.93 42.83
N LEU D 192 7.31 -45.85 43.74
CA LEU D 192 8.11 -47.01 43.36
C LEU D 192 7.35 -47.89 42.37
N ARG D 193 6.05 -48.09 42.60
CA ARG D 193 5.25 -48.87 41.67
C ARG D 193 5.17 -48.20 40.30
N GLU D 194 5.02 -46.87 40.28
CA GLU D 194 4.98 -46.16 39.01
C GLU D 194 6.31 -46.30 38.27
N LEU D 195 7.43 -46.19 38.99
CA LEU D 195 8.73 -46.35 38.35
C LEU D 195 8.91 -47.77 37.82
N SER D 196 8.47 -48.76 38.58
CA SER D 196 8.58 -50.15 38.13
C SER D 196 7.74 -50.38 36.87
N PHE D 197 6.54 -49.81 36.83
CA PHE D 197 5.71 -49.91 35.63
C PHE D 197 6.37 -49.23 34.45
N LEU D 198 6.95 -48.04 34.65
CA LEU D 198 7.59 -47.33 33.56
C LEU D 198 8.87 -48.02 33.13
N ASN D 199 9.71 -48.41 34.09
CA ASN D 199 10.97 -49.08 33.78
C ASN D 199 10.68 -50.55 33.52
N SER D 200 10.55 -50.90 32.24
CA SER D 200 10.25 -52.27 31.87
C SER D 200 11.48 -53.17 32.05
N GLY D 201 11.24 -54.38 32.53
CA GLY D 201 12.32 -55.34 32.70
C GLY D 201 13.21 -55.11 33.89
N VAL D 202 12.74 -54.34 34.88
CA VAL D 202 13.52 -54.05 36.09
C VAL D 202 12.70 -54.50 37.29
N SER D 203 13.33 -55.26 38.18
CA SER D 203 12.70 -55.73 39.40
C SER D 203 13.18 -54.89 40.57
N ILE D 204 12.23 -54.33 41.31
CA ILE D 204 12.52 -53.44 42.43
C ILE D 204 11.81 -53.98 43.66
N ARG D 205 12.52 -54.04 44.79
CA ARG D 205 12.02 -54.59 46.03
C ARG D 205 12.10 -53.54 47.13
N LEU D 206 11.01 -53.37 47.87
CA LEU D 206 10.95 -52.47 49.01
C LEU D 206 10.55 -53.24 50.26
N ARG D 207 11.25 -53.00 51.36
CA ARG D 207 10.97 -53.70 52.61
C ARG D 207 11.04 -52.70 53.77
N ASP D 208 10.36 -53.06 54.85
CA ASP D 208 10.36 -52.28 56.08
C ASP D 208 10.80 -53.16 57.25
N LYS D 209 11.45 -52.54 58.22
CA LYS D 209 11.97 -53.25 59.39
C LYS D 209 11.30 -52.85 60.70
N ARG D 210 10.84 -51.60 60.82
CA ARG D 210 10.23 -51.14 62.06
C ARG D 210 8.98 -51.95 62.39
N ASP D 211 8.10 -52.13 61.41
CA ASP D 211 6.90 -52.94 61.57
C ASP D 211 6.99 -54.28 60.87
N GLY D 212 7.72 -54.36 59.76
CA GLY D 212 7.87 -55.59 59.02
C GLY D 212 6.99 -55.61 57.79
N LYS D 213 7.58 -55.29 56.63
CA LYS D 213 6.86 -55.27 55.37
C LYS D 213 7.83 -55.68 54.26
N GLU D 214 7.29 -56.30 53.22
CA GLU D 214 8.07 -56.67 52.04
C GLU D 214 7.21 -56.51 50.80
N ASP D 215 7.75 -55.82 49.79
CA ASP D 215 7.08 -55.65 48.52
C ASP D 215 8.09 -55.81 47.39
N HIS D 216 7.71 -56.61 46.38
CA HIS D 216 8.54 -56.81 45.20
C HIS D 216 7.73 -56.48 43.97
N PHE D 217 8.31 -55.67 43.08
CA PHE D 217 7.66 -55.28 41.83
C PHE D 217 8.50 -55.76 40.67
N HIS D 218 7.87 -56.49 39.74
CA HIS D 218 8.55 -56.96 38.55
C HIS D 218 7.53 -57.16 37.44
N TYR D 219 7.63 -56.36 36.39
CA TYR D 219 6.72 -56.44 35.26
C TYR D 219 7.51 -56.37 33.97
N GLU D 220 7.13 -57.22 33.01
CA GLU D 220 7.75 -57.21 31.69
C GLU D 220 6.87 -56.61 30.61
N GLY D 221 5.54 -56.70 30.75
CA GLY D 221 4.66 -55.99 29.83
C GLY D 221 4.77 -54.49 29.98
N GLY D 222 4.86 -54.00 31.21
CA GLY D 222 5.05 -52.58 31.47
C GLY D 222 3.77 -51.79 31.44
N ILE D 223 3.53 -51.07 30.35
CA ILE D 223 2.32 -50.24 30.23
C ILE D 223 1.08 -51.13 30.21
N LYS D 224 1.17 -52.30 29.57
CA LYS D 224 0.04 -53.22 29.52
C LYS D 224 -0.34 -53.66 30.93
N ALA D 225 0.64 -54.02 31.74
CA ALA D 225 0.38 -54.38 33.13
C ALA D 225 -0.15 -53.18 33.91
N PHE D 226 0.30 -51.98 33.56
CA PHE D 226 -0.22 -50.78 34.21
C PHE D 226 -1.71 -50.61 33.94
N VAL D 227 -2.12 -50.82 32.68
CA VAL D 227 -3.54 -50.73 32.34
C VAL D 227 -4.32 -51.82 33.04
N GLU D 228 -3.78 -53.05 33.09
CA GLU D 228 -4.48 -54.14 33.76
C GLU D 228 -4.66 -53.84 35.24
N TYR D 229 -3.64 -53.27 35.88
CA TYR D 229 -3.72 -52.95 37.30
C TYR D 229 -4.79 -51.90 37.57
N LEU D 230 -4.85 -50.85 36.74
CA LEU D 230 -5.78 -49.76 36.99
C LEU D 230 -7.22 -50.22 36.81
N ASN D 231 -7.51 -50.91 35.72
CA ASN D 231 -8.86 -51.39 35.43
C ASN D 231 -9.10 -52.75 36.09
N LYS D 232 -9.05 -52.74 37.43
CA LYS D 232 -9.16 -53.96 38.23
C LYS D 232 -10.44 -53.98 39.06
N ASN D 233 -10.67 -52.96 39.87
CA ASN D 233 -11.91 -52.92 40.65
C ASN D 233 -13.13 -52.75 39.76
N LYS D 234 -12.98 -52.05 38.64
CA LYS D 234 -14.05 -51.93 37.66
C LYS D 234 -14.18 -53.24 36.89
N THR D 235 -15.20 -53.30 36.03
CA THR D 235 -15.47 -54.51 35.26
C THR D 235 -15.18 -54.25 33.78
N PRO D 236 -14.05 -54.74 33.26
CA PRO D 236 -13.79 -54.60 31.82
C PRO D 236 -14.81 -55.41 31.02
N ILE D 237 -15.05 -54.95 29.80
CA ILE D 237 -16.07 -55.55 28.94
C ILE D 237 -15.50 -56.34 27.78
N HIS D 238 -14.20 -56.26 27.53
CA HIS D 238 -13.57 -57.03 26.46
C HIS D 238 -12.25 -57.60 26.94
N PRO D 239 -11.87 -58.79 26.47
CA PRO D 239 -10.65 -59.44 26.97
C PRO D 239 -9.37 -58.80 26.45
N ASN D 240 -9.34 -58.45 25.17
CA ASN D 240 -8.12 -57.95 24.56
C ASN D 240 -7.80 -56.54 25.05
N ILE D 241 -6.55 -56.13 24.85
CA ILE D 241 -6.08 -54.79 25.18
C ILE D 241 -5.27 -54.27 24.00
N PHE D 242 -5.65 -53.12 23.47
CA PHE D 242 -4.88 -52.49 22.40
C PHE D 242 -3.59 -51.92 22.96
N TYR D 243 -2.50 -52.06 22.21
CA TYR D 243 -1.20 -51.59 22.64
C TYR D 243 -0.25 -51.56 21.45
N PHE D 244 0.69 -50.62 21.48
CA PHE D 244 1.78 -50.59 20.52
C PHE D 244 2.92 -49.77 21.10
N SER D 245 4.10 -49.94 20.51
CA SER D 245 5.28 -49.21 20.94
C SER D 245 6.23 -49.11 19.75
N THR D 246 6.30 -47.93 19.14
CA THR D 246 7.14 -47.72 17.98
C THR D 246 8.09 -46.56 18.20
N GLU D 247 8.81 -46.16 17.14
CA GLU D 247 9.74 -45.04 17.22
C GLU D 247 9.92 -44.50 15.82
N LYS D 248 9.57 -43.22 15.61
CA LYS D 248 9.69 -42.62 14.29
C LYS D 248 11.02 -41.88 14.12
N ASP D 249 11.23 -40.83 14.92
CA ASP D 249 12.49 -40.09 14.87
C ASP D 249 12.72 -39.45 16.24
N GLY D 250 13.53 -40.10 17.07
CA GLY D 250 13.87 -39.56 18.38
C GLY D 250 12.70 -39.45 19.33
N ILE D 251 11.57 -40.05 18.97
CA ILE D 251 10.34 -39.96 19.75
C ILE D 251 9.81 -41.37 19.96
N GLY D 252 9.62 -41.75 21.22
CA GLY D 252 9.09 -43.07 21.53
C GLY D 252 7.69 -43.02 22.08
N VAL D 253 6.71 -43.46 21.29
CA VAL D 253 5.31 -43.41 21.68
C VAL D 253 4.86 -44.81 22.10
N GLU D 254 4.31 -44.90 23.30
CA GLU D 254 3.81 -46.17 23.85
C GLU D 254 2.44 -45.94 24.44
N VAL D 255 1.43 -46.60 23.88
CA VAL D 255 0.03 -46.38 24.23
C VAL D 255 -0.63 -47.71 24.54
N ALA D 256 -1.52 -47.71 25.54
CA ALA D 256 -2.30 -48.88 25.88
C ALA D 256 -3.58 -48.43 26.57
N LEU D 257 -4.70 -49.05 26.19
CA LEU D 257 -6.00 -48.59 26.68
C LEU D 257 -6.95 -49.78 26.78
N GLN D 258 -8.00 -49.60 27.59
CA GLN D 258 -9.02 -50.61 27.76
C GLN D 258 -10.29 -49.93 28.25
N TRP D 259 -11.44 -50.39 27.77
CA TRP D 259 -12.73 -49.85 28.16
C TRP D 259 -13.30 -50.64 29.33
N ASN D 260 -14.31 -50.05 29.97
CA ASN D 260 -15.04 -50.71 31.05
C ASN D 260 -16.51 -50.32 30.92
N ASP D 261 -17.29 -50.59 31.96
CA ASP D 261 -18.73 -50.36 31.94
C ASP D 261 -19.13 -49.08 32.65
N GLY D 262 -18.18 -48.31 33.18
CA GLY D 262 -18.50 -47.12 33.93
C GLY D 262 -18.78 -45.91 33.05
N PHE D 263 -18.82 -44.75 33.69
CA PHE D 263 -19.07 -43.48 33.00
C PHE D 263 -18.02 -42.44 33.36
N GLN D 264 -16.78 -42.87 33.59
CA GLN D 264 -15.70 -41.98 33.99
C GLN D 264 -14.59 -42.01 32.95
N GLU D 265 -13.82 -40.94 32.92
CA GLU D 265 -12.71 -40.80 31.99
C GLU D 265 -11.42 -40.57 32.78
N ASN D 266 -10.41 -41.39 32.50
CA ASN D 266 -9.12 -41.29 33.19
C ASN D 266 -8.02 -41.55 32.18
N ILE D 267 -7.23 -40.52 31.88
CA ILE D 267 -6.11 -40.62 30.96
C ILE D 267 -4.87 -40.08 31.66
N TYR D 268 -3.77 -40.82 31.58
CA TYR D 268 -2.53 -40.47 32.26
C TYR D 268 -1.42 -40.25 31.25
N CYS D 269 -0.67 -39.16 31.43
CA CYS D 269 0.37 -38.74 30.50
C CYS D 269 1.71 -38.69 31.23
N PHE D 270 2.77 -39.12 30.56
CA PHE D 270 4.12 -39.06 31.11
C PHE D 270 5.11 -38.68 30.01
N THR D 271 6.09 -37.86 30.36
CA THR D 271 7.17 -37.48 29.45
C THR D 271 8.49 -37.73 30.17
N ASN D 272 9.25 -38.70 29.66
CA ASN D 272 10.52 -39.12 30.29
C ASN D 272 10.31 -39.41 31.77
N ASN D 273 9.33 -40.27 32.06
CA ASN D 273 9.02 -40.71 33.42
C ASN D 273 8.71 -39.53 34.34
N ILE D 274 8.01 -38.53 33.81
CA ILE D 274 7.56 -37.39 34.59
C ILE D 274 6.06 -37.21 34.38
N PRO D 275 5.25 -37.17 35.42
CA PRO D 275 3.80 -37.04 35.24
C PRO D 275 3.40 -35.66 34.76
N GLN D 276 2.29 -35.61 34.02
CA GLN D 276 1.66 -34.37 33.60
C GLN D 276 0.21 -34.40 34.04
N ARG D 277 -0.20 -33.38 34.80
CA ARG D 277 -1.57 -33.32 35.30
C ARG D 277 -2.52 -32.62 34.35
N ASP D 278 -2.05 -31.59 33.65
CA ASP D 278 -2.90 -30.81 32.76
C ASP D 278 -2.72 -31.18 31.30
N GLY D 279 -2.06 -32.30 31.02
CA GLY D 279 -1.90 -32.73 29.64
C GLY D 279 -0.96 -31.83 28.87
N GLY D 280 -1.19 -31.74 27.57
CA GLY D 280 -0.33 -30.97 26.69
C GLY D 280 -0.55 -31.38 25.24
N THR D 281 0.52 -31.23 24.45
CA THR D 281 0.41 -31.49 23.01
C THR D 281 0.25 -32.97 22.70
N HIS D 282 0.61 -33.87 23.62
CA HIS D 282 0.51 -35.29 23.35
C HIS D 282 -0.85 -35.88 23.68
N LEU D 283 -1.75 -35.09 24.29
CA LEU D 283 -3.10 -35.52 24.59
C LEU D 283 -4.10 -35.13 23.50
N ALA D 284 -3.94 -33.94 22.92
CA ALA D 284 -4.85 -33.49 21.88
C ALA D 284 -4.77 -34.39 20.65
N GLY D 285 -3.55 -34.78 20.27
CA GLY D 285 -3.40 -35.70 19.14
C GLY D 285 -4.04 -37.04 19.40
N PHE D 286 -3.89 -37.56 20.62
CA PHE D 286 -4.53 -38.82 20.99
C PHE D 286 -6.05 -38.72 20.86
N ARG D 287 -6.63 -37.65 21.41
CA ARG D 287 -8.07 -37.49 21.36
C ARG D 287 -8.56 -37.35 19.92
N ALA D 288 -7.87 -36.53 19.12
CA ALA D 288 -8.29 -36.34 17.73
C ALA D 288 -8.21 -37.63 16.93
N ALA D 289 -7.12 -38.39 17.12
CA ALA D 289 -6.97 -39.65 16.39
C ALA D 289 -8.05 -40.64 16.79
N MET D 290 -8.34 -40.76 18.09
CA MET D 290 -9.39 -41.67 18.53
C MET D 290 -10.73 -41.28 17.92
N THR D 291 -11.07 -39.99 17.97
CA THR D 291 -12.34 -39.53 17.43
C THR D 291 -12.45 -39.85 15.94
N ARG D 292 -11.42 -39.49 15.17
CA ARG D 292 -11.48 -39.71 13.72
C ARG D 292 -11.59 -41.19 13.39
N THR D 293 -10.78 -42.03 14.05
CA THR D 293 -10.78 -43.44 13.73
C THR D 293 -12.13 -44.08 14.05
N LEU D 294 -12.65 -43.82 15.26
CA LEU D 294 -13.93 -44.43 15.63
C LEU D 294 -15.06 -43.94 14.73
N ASN D 295 -15.08 -42.64 14.41
CA ASN D 295 -16.13 -42.12 13.55
C ASN D 295 -16.08 -42.74 12.17
N ALA D 296 -14.88 -42.85 11.60
CA ALA D 296 -14.75 -43.45 10.27
C ALA D 296 -15.18 -44.91 10.28
N TYR D 297 -14.76 -45.67 11.30
CA TYR D 297 -15.13 -47.08 11.37
C TYR D 297 -16.64 -47.24 11.47
N MET D 298 -17.27 -46.50 12.39
CA MET D 298 -18.72 -46.62 12.55
C MET D 298 -19.45 -46.19 11.30
N ASP D 299 -18.98 -45.15 10.62
CA ASP D 299 -19.61 -44.72 9.39
C ASP D 299 -19.52 -45.80 8.31
N LYS D 300 -18.34 -46.40 8.14
CA LYS D 300 -18.18 -47.40 7.11
C LYS D 300 -18.99 -48.65 7.39
N GLU D 301 -19.04 -49.08 8.66
CA GLU D 301 -19.78 -50.29 8.99
C GLU D 301 -21.27 -50.15 8.77
N GLY D 302 -21.80 -48.93 8.75
CA GLY D 302 -23.22 -48.72 8.59
C GLY D 302 -24.04 -48.83 9.86
N TYR D 303 -23.40 -49.00 11.01
CA TYR D 303 -24.14 -49.10 12.26
C TYR D 303 -24.90 -47.82 12.55
N SER D 304 -24.28 -46.66 12.26
CA SER D 304 -24.97 -45.39 12.41
C SER D 304 -26.17 -45.31 11.47
N LYS D 305 -26.03 -45.83 10.25
CA LYS D 305 -27.15 -45.87 9.31
C LYS D 305 -28.27 -46.73 9.85
N LYS D 306 -27.93 -47.87 10.45
CA LYS D 306 -28.96 -48.74 11.04
C LYS D 306 -29.70 -48.01 12.16
N ALA D 307 -28.97 -47.30 13.01
CA ALA D 307 -29.58 -46.47 14.04
C ALA D 307 -29.99 -45.14 13.43
N LYS D 308 -30.38 -44.18 14.28
CA LYS D 308 -30.79 -42.86 13.83
C LYS D 308 -30.02 -41.76 14.55
N VAL D 309 -28.78 -42.05 14.96
CA VAL D 309 -27.98 -41.11 15.73
C VAL D 309 -26.56 -41.07 15.16
N SER D 310 -25.86 -39.99 15.48
CA SER D 310 -24.45 -39.83 15.14
C SER D 310 -23.69 -39.54 16.42
N ALA D 311 -22.59 -40.26 16.64
CA ALA D 311 -21.84 -40.14 17.87
C ALA D 311 -21.02 -38.85 17.88
N THR D 312 -20.42 -38.56 19.03
CA THR D 312 -19.57 -37.40 19.20
C THR D 312 -18.32 -37.82 19.97
N GLY D 313 -17.35 -36.89 20.03
CA GLY D 313 -16.07 -37.21 20.65
C GLY D 313 -16.18 -37.53 22.13
N ASP D 314 -17.09 -36.87 22.84
CA ASP D 314 -17.22 -37.09 24.27
C ASP D 314 -17.88 -38.43 24.60
N ASP D 315 -18.68 -38.98 23.68
CA ASP D 315 -19.28 -40.28 23.92
C ASP D 315 -18.23 -41.38 23.97
N ALA D 316 -17.23 -41.33 23.08
CA ALA D 316 -16.20 -42.37 23.05
C ALA D 316 -15.39 -42.40 24.34
N ARG D 317 -15.22 -41.26 24.98
CA ARG D 317 -14.41 -41.18 26.21
C ARG D 317 -15.26 -41.37 27.46
N GLU D 318 -16.04 -42.44 27.49
CA GLU D 318 -16.81 -42.83 28.67
C GLU D 318 -16.44 -44.25 29.05
N GLY D 319 -16.06 -44.43 30.31
CA GLY D 319 -15.58 -45.72 30.76
C GLY D 319 -14.32 -46.15 30.05
N LEU D 320 -13.36 -45.24 29.94
CA LEU D 320 -12.12 -45.48 29.23
C LEU D 320 -10.94 -45.18 30.15
N ILE D 321 -9.92 -46.05 30.09
CA ILE D 321 -8.68 -45.89 30.83
C ILE D 321 -7.53 -46.05 29.85
N ALA D 322 -6.58 -45.12 29.86
CA ALA D 322 -5.47 -45.17 28.92
C ALA D 322 -4.23 -44.55 29.56
N VAL D 323 -3.07 -44.95 29.04
CA VAL D 323 -1.79 -44.42 29.46
C VAL D 323 -0.98 -44.06 28.22
N VAL D 324 -0.42 -42.84 28.21
CA VAL D 324 0.38 -42.35 27.10
C VAL D 324 1.73 -41.90 27.65
N SER D 325 2.81 -42.35 27.04
CA SER D 325 4.16 -41.97 27.45
C SER D 325 5.01 -41.71 26.21
N VAL D 326 5.79 -40.64 26.26
CA VAL D 326 6.65 -40.24 25.14
C VAL D 326 8.06 -40.01 25.64
N LYS D 327 9.02 -40.17 24.73
CA LYS D 327 10.43 -39.91 25.01
C LYS D 327 10.92 -38.83 24.05
N VAL D 328 11.43 -37.74 24.60
CA VAL D 328 11.87 -36.60 23.79
C VAL D 328 13.21 -36.10 24.33
N PRO D 329 14.16 -35.75 23.47
CA PRO D 329 15.47 -35.28 23.94
C PRO D 329 15.40 -34.01 24.78
N ASP D 330 14.80 -32.95 24.24
CA ASP D 330 14.78 -31.64 24.90
C ASP D 330 13.35 -31.14 24.95
N PRO D 331 12.61 -31.48 26.01
CA PRO D 331 11.22 -31.03 26.13
C PRO D 331 11.14 -29.56 26.56
N LYS D 332 9.95 -29.00 26.37
CA LYS D 332 9.65 -27.63 26.77
C LYS D 332 8.34 -27.60 27.53
N PHE D 333 8.32 -26.86 28.64
CA PHE D 333 7.17 -26.82 29.52
C PHE D 333 6.74 -25.37 29.72
N SER D 334 5.48 -25.21 30.15
CA SER D 334 4.93 -23.88 30.36
C SER D 334 5.49 -23.22 31.61
N SER D 335 5.92 -24.00 32.59
CA SER D 335 6.44 -23.46 33.83
C SER D 335 7.49 -24.41 34.38
N GLN D 336 8.12 -24.00 35.49
CA GLN D 336 9.14 -24.84 36.11
C GLN D 336 8.54 -26.11 36.70
N THR D 337 7.30 -26.05 37.17
CA THR D 337 6.63 -27.19 37.81
C THR D 337 6.09 -28.19 36.79
N LYS D 338 6.52 -28.11 35.53
CA LYS D 338 6.08 -29.01 34.46
C LYS D 338 4.57 -28.89 34.34
N ASP D 339 3.81 -29.98 34.47
CA ASP D 339 2.35 -29.99 34.49
C ASP D 339 1.74 -29.71 33.12
N LYS D 340 2.57 -29.37 32.13
CA LYS D 340 2.07 -29.09 30.79
C LYS D 340 3.19 -29.08 29.77
N LEU D 341 3.04 -29.87 28.70
CA LEU D 341 4.01 -29.93 27.62
C LEU D 341 3.56 -29.04 26.47
N VAL D 342 4.50 -28.29 25.91
CA VAL D 342 4.18 -27.34 24.85
C VAL D 342 5.06 -27.57 23.62
N SER D 343 5.72 -28.72 23.55
CA SER D 343 6.51 -29.04 22.38
C SER D 343 5.60 -29.28 21.19
N SER D 344 5.91 -28.65 20.06
CA SER D 344 4.99 -28.58 18.93
C SER D 344 5.20 -29.68 17.89
N GLU D 345 6.13 -30.61 18.12
CA GLU D 345 6.36 -31.71 17.19
C GLU D 345 5.83 -33.04 17.68
N VAL D 346 5.26 -33.09 18.88
CA VAL D 346 4.78 -34.36 19.44
C VAL D 346 3.38 -34.69 18.94
N LYS D 347 2.55 -33.67 18.70
CA LYS D 347 1.14 -33.90 18.42
C LYS D 347 0.95 -34.71 17.14
N SER D 348 1.56 -34.26 16.04
CA SER D 348 1.42 -34.99 14.78
C SER D 348 2.08 -36.35 14.85
N ALA D 349 3.20 -36.47 15.56
CA ALA D 349 3.87 -37.76 15.70
C ALA D 349 2.95 -38.78 16.37
N VAL D 350 2.27 -38.38 17.44
CA VAL D 350 1.35 -39.29 18.11
C VAL D 350 0.14 -39.59 17.22
N GLU D 351 -0.42 -38.54 16.59
CA GLU D 351 -1.64 -38.71 15.83
C GLU D 351 -1.44 -39.64 14.64
N GLN D 352 -0.33 -39.50 13.92
CA GLN D 352 -0.08 -40.34 12.75
C GLN D 352 -0.04 -41.82 13.12
N GLN D 353 0.75 -42.16 14.15
CA GLN D 353 0.87 -43.55 14.56
C GLN D 353 -0.47 -44.09 15.06
N MET D 354 -1.19 -43.30 15.85
CA MET D 354 -2.48 -43.77 16.37
C MET D 354 -3.46 -44.03 15.23
N ASN D 355 -3.53 -43.12 14.26
CA ASN D 355 -4.41 -43.35 13.11
C ASN D 355 -3.98 -44.58 12.32
N GLU D 356 -2.68 -44.78 12.16
CA GLU D 356 -2.20 -45.93 11.40
C GLU D 356 -2.56 -47.25 12.06
N LEU D 357 -2.46 -47.32 13.38
CA LEU D 357 -2.54 -48.61 14.06
C LEU D 357 -3.91 -48.94 14.64
N LEU D 358 -4.67 -47.94 15.10
CA LEU D 358 -5.94 -48.24 15.76
C LEU D 358 -6.93 -48.90 14.81
N ALA D 359 -7.02 -48.41 13.57
CA ALA D 359 -7.95 -48.99 12.61
C ALA D 359 -7.58 -50.43 12.30
N GLU D 360 -6.29 -50.71 12.12
CA GLU D 360 -5.86 -52.08 11.84
C GLU D 360 -6.16 -53.00 13.02
N TYR D 361 -5.95 -52.52 14.25
CA TYR D 361 -6.31 -53.33 15.41
C TYR D 361 -7.80 -53.61 15.44
N LEU D 362 -8.62 -52.59 15.19
CA LEU D 362 -10.07 -52.78 15.21
C LEU D 362 -10.53 -53.75 14.14
N LEU D 363 -9.86 -53.76 12.98
CA LEU D 363 -10.26 -54.63 11.89
C LEU D 363 -10.00 -56.10 12.18
N GLU D 364 -9.26 -56.43 13.23
CA GLU D 364 -8.92 -57.81 13.51
C GLU D 364 -9.91 -58.48 14.47
N ASN D 365 -10.10 -57.90 15.65
CA ASN D 365 -11.00 -58.49 16.64
C ASN D 365 -12.38 -57.88 16.51
N PRO D 366 -13.36 -58.62 15.99
CA PRO D 366 -14.68 -58.04 15.74
C PRO D 366 -15.56 -58.01 16.98
N THR D 367 -15.35 -58.93 17.91
CA THR D 367 -16.22 -59.03 19.08
C THR D 367 -16.07 -57.81 19.98
N ASP D 368 -14.83 -57.45 20.32
CA ASP D 368 -14.60 -56.27 21.14
C ASP D 368 -15.08 -55.01 20.44
N ALA D 369 -14.85 -54.92 19.13
CA ALA D 369 -15.32 -53.76 18.38
C ALA D 369 -16.83 -53.64 18.45
N LYS D 370 -17.54 -54.76 18.29
CA LYS D 370 -19.01 -54.72 18.36
C LYS D 370 -19.49 -54.33 19.75
N ILE D 371 -18.84 -54.85 20.80
CA ILE D 371 -19.23 -54.47 22.16
C ILE D 371 -19.04 -52.98 22.37
N VAL D 372 -17.88 -52.46 21.94
CA VAL D 372 -17.58 -51.04 22.15
C VAL D 372 -18.55 -50.16 21.37
N VAL D 373 -18.84 -50.50 20.11
CA VAL D 373 -19.75 -49.67 19.34
C VAL D 373 -21.17 -49.77 19.90
N GLY D 374 -21.54 -50.92 20.46
CA GLY D 374 -22.82 -51.01 21.12
C GLY D 374 -22.93 -50.08 22.32
N LYS D 375 -21.88 -50.04 23.14
CA LYS D 375 -21.88 -49.12 24.28
C LYS D 375 -21.94 -47.67 23.80
N ILE D 376 -21.18 -47.34 22.76
CA ILE D 376 -21.18 -45.98 22.24
C ILE D 376 -22.56 -45.59 21.71
N ILE D 377 -23.21 -46.51 20.99
CA ILE D 377 -24.54 -46.24 20.45
C ILE D 377 -25.54 -46.06 21.59
N ASP D 378 -25.42 -46.85 22.64
CA ASP D 378 -26.31 -46.69 23.79
C ASP D 378 -26.14 -45.30 24.41
N ALA D 379 -24.90 -44.87 24.59
CA ALA D 379 -24.66 -43.55 25.16
C ALA D 379 -25.21 -42.44 24.26
N ALA D 380 -24.99 -42.56 22.94
CA ALA D 380 -25.47 -41.55 22.02
C ALA D 380 -26.99 -41.47 22.02
N ARG D 381 -27.67 -42.62 22.04
CA ARG D 381 -29.12 -42.63 22.12
C ARG D 381 -29.60 -42.04 23.44
N ALA D 382 -28.85 -42.29 24.52
CA ALA D 382 -29.22 -41.68 25.80
C ALA D 382 -29.14 -40.16 25.74
N ARG D 383 -28.14 -39.62 25.03
CA ARG D 383 -28.01 -38.17 24.93
C ARG D 383 -29.19 -37.55 24.19
N GLU D 384 -29.71 -38.25 23.18
CA GLU D 384 -30.74 -37.66 22.32
C GLU D 384 -32.03 -37.36 23.07
N ALA D 385 -32.36 -38.17 24.08
CA ALA D 385 -33.67 -38.11 24.72
C ALA D 385 -33.80 -36.97 25.73
N ALA D 386 -32.94 -35.96 25.67
CA ALA D 386 -32.96 -34.83 26.60
C ALA D 386 -33.01 -33.52 25.83
N ARG D 387 -33.91 -33.43 24.86
CA ARG D 387 -34.03 -32.23 24.04
C ARG D 387 -35.52 -31.87 23.92
N ARG D 388 -35.85 -30.98 23.00
CA ARG D 388 -37.17 -30.37 22.90
C ARG D 388 -37.84 -30.73 21.57
N ALA D 389 -38.97 -30.08 21.30
CA ALA D 389 -39.80 -30.43 20.16
C ALA D 389 -39.09 -30.17 18.84
N ARG D 390 -38.63 -28.93 18.63
CA ARG D 390 -37.70 -28.53 17.56
C ARG D 390 -38.14 -29.05 16.19
N GLU D 391 -39.26 -28.51 15.71
CA GLU D 391 -39.67 -28.77 14.33
C GLU D 391 -38.54 -28.38 13.36
N MET D 392 -38.55 -29.02 12.19
CA MET D 392 -37.50 -28.81 11.22
C MET D 392 -37.66 -27.46 10.52
N THR D 393 -36.55 -26.90 10.06
CA THR D 393 -36.53 -25.59 9.45
C THR D 393 -36.03 -25.67 8.00
N ARG D 394 -36.38 -24.66 7.22
CA ARG D 394 -36.01 -24.58 5.81
C ARG D 394 -34.82 -23.66 5.66
N ARG D 395 -33.72 -24.18 5.11
CA ARG D 395 -32.51 -23.41 4.94
C ARG D 395 -32.51 -22.67 3.61
N LYS D 396 -31.45 -21.92 3.35
CA LYS D 396 -31.29 -21.12 2.14
C LYS D 396 -30.21 -21.76 1.27
N GLY D 397 -30.54 -21.99 0.00
CA GLY D 397 -29.63 -22.69 -0.89
C GLY D 397 -29.45 -22.06 -2.24
N ALA D 398 -28.78 -22.77 -3.16
CA ALA D 398 -28.54 -22.23 -4.48
C ALA D 398 -29.80 -22.17 -5.32
N LEU D 399 -30.71 -23.13 -5.13
CA LEU D 399 -31.94 -23.21 -5.91
C LEU D 399 -33.14 -22.62 -5.17
N ASP D 400 -32.92 -21.98 -4.02
CA ASP D 400 -34.04 -21.46 -3.23
C ASP D 400 -33.53 -20.35 -2.32
N LEU D 401 -34.23 -19.22 -2.32
CA LEU D 401 -33.87 -18.09 -1.48
C LEU D 401 -34.60 -18.09 -0.14
N ALA D 402 -35.82 -18.63 -0.10
CA ALA D 402 -36.61 -18.80 1.13
C ALA D 402 -36.89 -17.49 1.84
N GLY D 403 -36.79 -16.36 1.14
CA GLY D 403 -37.13 -15.08 1.75
C GLY D 403 -36.25 -14.67 2.91
N LEU D 404 -34.96 -14.89 2.81
CA LEU D 404 -34.00 -14.56 3.84
C LEU D 404 -33.07 -13.45 3.37
N PRO D 405 -32.47 -12.69 4.29
CA PRO D 405 -31.62 -11.57 3.88
C PRO D 405 -30.42 -12.03 3.06
N GLY D 406 -29.98 -11.15 2.15
CA GLY D 406 -28.91 -11.50 1.24
C GLY D 406 -27.52 -11.50 1.84
N LYS D 407 -27.35 -10.90 3.01
CA LYS D 407 -26.05 -10.90 3.68
C LYS D 407 -25.79 -12.18 4.47
N LEU D 408 -26.77 -13.07 4.57
CA LEU D 408 -26.64 -14.29 5.35
C LEU D 408 -25.99 -15.39 4.53
N ALA D 409 -25.12 -16.17 5.18
CA ALA D 409 -24.50 -17.35 4.60
C ALA D 409 -24.93 -18.54 5.44
N ASP D 410 -25.88 -19.32 4.93
CA ASP D 410 -26.55 -20.34 5.72
C ASP D 410 -25.82 -21.68 5.67
N CYS D 411 -26.29 -22.61 6.49
CA CYS D 411 -25.73 -23.94 6.60
C CYS D 411 -26.60 -24.94 5.83
N GLN D 412 -26.30 -26.24 6.00
CA GLN D 412 -27.06 -27.29 5.35
C GLN D 412 -27.86 -28.17 6.29
N GLU D 413 -27.53 -28.20 7.58
CA GLU D 413 -28.30 -28.97 8.54
C GLU D 413 -29.69 -28.37 8.72
N ARG D 414 -30.70 -29.24 8.80
CA ARG D 414 -32.08 -28.81 8.94
C ARG D 414 -32.61 -28.97 10.36
N ASP D 415 -31.82 -29.51 11.28
CA ASP D 415 -32.25 -29.68 12.66
C ASP D 415 -31.73 -28.52 13.48
N PRO D 416 -32.60 -27.68 14.04
CA PRO D 416 -32.13 -26.48 14.75
C PRO D 416 -31.29 -26.78 15.98
N ALA D 417 -31.37 -27.98 16.54
CA ALA D 417 -30.58 -28.34 17.71
C ALA D 417 -29.17 -28.80 17.37
N LEU D 418 -28.78 -28.71 16.10
CA LEU D 418 -27.43 -29.10 15.69
C LEU D 418 -26.75 -28.01 14.88
N SER D 419 -27.26 -26.78 14.94
CA SER D 419 -26.75 -25.67 14.15
C SER D 419 -26.21 -24.58 15.05
N GLU D 420 -25.49 -23.63 14.45
CA GLU D 420 -24.89 -22.51 15.16
C GLU D 420 -24.96 -21.26 14.29
N LEU D 421 -24.98 -20.10 14.94
CA LEU D 421 -24.99 -18.82 14.25
C LEU D 421 -23.93 -17.91 14.85
N TYR D 422 -23.14 -17.27 14.00
CA TYR D 422 -22.07 -16.38 14.42
C TYR D 422 -22.41 -14.95 14.04
N LEU D 423 -22.25 -14.03 14.99
CA LEU D 423 -22.44 -12.60 14.77
C LEU D 423 -21.07 -11.93 14.80
N VAL D 424 -20.63 -11.42 13.66
CA VAL D 424 -19.27 -10.91 13.51
C VAL D 424 -19.30 -9.39 13.38
N GLU D 425 -18.20 -8.77 13.77
CA GLU D 425 -18.18 -7.33 13.98
C GLU D 425 -18.16 -6.53 12.68
N GLY D 426 -17.39 -6.96 11.68
CA GLY D 426 -17.17 -6.14 10.50
C GLY D 426 -17.23 -6.95 9.21
N ASP D 427 -17.02 -6.24 8.10
CA ASP D 427 -17.04 -6.87 6.79
C ASP D 427 -15.80 -7.73 6.57
N SER D 428 -14.62 -7.23 6.95
CA SER D 428 -13.40 -7.99 6.74
C SER D 428 -13.39 -9.26 7.58
N ALA D 429 -13.76 -9.14 8.87
CA ALA D 429 -13.81 -10.31 9.73
C ALA D 429 -14.88 -11.29 9.27
N GLY D 430 -16.03 -10.78 8.82
CA GLY D 430 -17.07 -11.66 8.30
C GLY D 430 -16.62 -12.42 7.07
N GLY D 431 -15.95 -11.73 6.14
CA GLY D 431 -15.43 -12.41 4.97
C GLY D 431 -14.37 -13.43 5.30
N SER D 432 -13.52 -13.12 6.29
CA SER D 432 -12.52 -14.09 6.72
C SER D 432 -13.14 -15.30 7.40
N ALA D 433 -14.25 -15.09 8.12
CA ALA D 433 -14.93 -16.22 8.78
C ALA D 433 -15.72 -17.06 7.80
N LYS D 434 -16.24 -16.48 6.72
CA LYS D 434 -16.98 -17.25 5.74
C LYS D 434 -16.10 -18.26 5.01
N GLN D 435 -14.78 -18.10 5.06
CA GLN D 435 -13.87 -18.98 4.35
C GLN D 435 -13.33 -20.12 5.20
N GLY D 436 -13.24 -19.94 6.52
CA GLY D 436 -12.66 -20.95 7.37
C GLY D 436 -13.65 -21.69 8.24
N ARG D 437 -14.94 -21.63 7.88
CA ARG D 437 -15.98 -22.29 8.66
C ARG D 437 -16.18 -23.72 8.19
N ASN D 438 -16.97 -24.47 8.95
CA ASN D 438 -17.46 -25.79 8.56
C ASN D 438 -18.86 -25.58 8.01
N ARG D 439 -18.98 -25.54 6.69
CA ARG D 439 -20.22 -25.13 6.04
C ARG D 439 -21.33 -26.13 6.18
N LYS D 440 -21.20 -27.20 6.96
CA LYS D 440 -22.31 -28.13 7.12
C LYS D 440 -23.25 -27.74 8.27
N ASN D 441 -22.72 -27.14 9.34
CA ASN D 441 -23.57 -26.81 10.48
C ASN D 441 -23.21 -25.46 11.11
N GLN D 442 -22.68 -24.52 10.33
CA GLN D 442 -22.31 -23.21 10.86
C GLN D 442 -22.70 -22.12 9.87
N ALA D 443 -23.30 -21.05 10.39
CA ALA D 443 -23.75 -19.93 9.58
C ALA D 443 -23.11 -18.63 10.08
N ILE D 444 -23.07 -17.64 9.20
CA ILE D 444 -22.39 -16.37 9.47
C ILE D 444 -23.34 -15.21 9.15
N LEU D 445 -23.37 -14.21 10.03
CA LEU D 445 -24.14 -13.00 9.79
C LEU D 445 -23.33 -11.77 10.18
N PRO D 446 -22.83 -11.00 9.21
CA PRO D 446 -22.00 -9.84 9.54
C PRO D 446 -22.82 -8.63 9.96
N LEU D 447 -22.22 -7.82 10.82
CA LEU D 447 -22.79 -6.54 11.24
C LEU D 447 -21.90 -5.41 10.73
N LYS D 448 -22.51 -4.30 10.34
CA LYS D 448 -21.80 -3.18 9.73
C LYS D 448 -22.00 -1.94 10.58
N GLY D 449 -20.92 -1.37 11.06
CA GLY D 449 -20.98 -0.18 11.89
C GLY D 449 -21.52 -0.49 13.27
N LYS D 450 -21.76 0.58 14.02
CA LYS D 450 -22.38 0.46 15.32
C LYS D 450 -23.89 0.30 15.17
N ILE D 451 -24.51 -0.31 16.17
CA ILE D 451 -25.90 -0.72 16.09
C ILE D 451 -26.73 0.17 17.01
N LEU D 452 -28.05 0.16 16.78
CA LEU D 452 -28.96 1.03 17.51
C LEU D 452 -29.03 0.66 18.98
N ASN D 453 -29.18 1.68 19.82
CA ASN D 453 -29.42 1.50 21.25
C ASN D 453 -30.94 1.47 21.46
N VAL D 454 -31.47 0.28 21.78
CA VAL D 454 -32.91 0.10 21.91
C VAL D 454 -33.45 0.59 23.26
N GLU D 455 -32.58 0.94 24.19
CA GLU D 455 -33.03 1.49 25.46
C GLU D 455 -33.45 2.95 25.35
N LYS D 456 -32.78 3.72 24.49
CA LYS D 456 -33.10 5.13 24.31
C LYS D 456 -34.07 5.39 23.17
N ALA D 457 -34.40 4.38 22.36
CA ALA D 457 -35.20 4.57 21.17
C ALA D 457 -36.64 4.14 21.42
N ARG D 458 -37.49 4.36 20.41
CA ARG D 458 -38.88 3.98 20.45
C ARG D 458 -39.12 2.71 19.64
N PHE D 459 -40.32 2.16 19.78
CA PHE D 459 -40.63 0.91 19.11
C PHE D 459 -40.63 1.06 17.59
N ASP D 460 -41.21 2.15 17.08
CA ASP D 460 -41.23 2.37 15.64
C ASP D 460 -39.83 2.55 15.07
N LYS D 461 -38.98 3.29 15.78
CA LYS D 461 -37.61 3.48 15.33
C LYS D 461 -36.88 2.15 15.26
N MET D 462 -37.09 1.30 16.26
CA MET D 462 -36.48 -0.03 16.23
C MET D 462 -36.99 -0.85 15.07
N LEU D 463 -38.29 -0.76 14.77
CA LEU D 463 -38.86 -1.55 13.69
C LEU D 463 -38.45 -1.04 12.32
N SER D 464 -38.07 0.22 12.18
CA SER D 464 -37.73 0.79 10.88
C SER D 464 -36.23 0.83 10.61
N SER D 465 -35.43 0.13 11.39
CA SER D 465 -33.97 0.12 11.23
C SER D 465 -33.56 -1.20 10.59
N GLN D 466 -32.76 -1.12 9.52
CA GLN D 466 -32.52 -2.29 8.68
C GLN D 466 -31.63 -3.33 9.36
N GLU D 467 -30.67 -2.91 10.18
CA GLU D 467 -29.82 -3.86 10.88
C GLU D 467 -30.64 -4.73 11.83
N VAL D 468 -31.45 -4.08 12.68
CA VAL D 468 -32.30 -4.81 13.61
C VAL D 468 -33.30 -5.67 12.85
N ALA D 469 -33.84 -5.14 11.75
CA ALA D 469 -34.83 -5.89 10.98
C ALA D 469 -34.24 -7.16 10.41
N THR D 470 -33.03 -7.08 9.85
CA THR D 470 -32.39 -8.27 9.31
C THR D 470 -32.03 -9.26 10.41
N LEU D 471 -31.59 -8.76 11.57
CA LEU D 471 -31.32 -9.67 12.68
C LEU D 471 -32.58 -10.41 13.12
N ILE D 472 -33.70 -9.70 13.22
CA ILE D 472 -34.96 -10.33 13.62
C ILE D 472 -35.40 -11.35 12.57
N THR D 473 -35.26 -11.02 11.30
CA THR D 473 -35.64 -11.95 10.25
C THR D 473 -34.78 -13.21 10.29
N ALA D 474 -33.48 -13.06 10.54
CA ALA D 474 -32.60 -14.23 10.61
C ALA D 474 -32.88 -15.09 11.82
N LEU D 475 -33.22 -14.48 12.96
CA LEU D 475 -33.51 -15.28 14.16
C LEU D 475 -34.80 -16.08 13.99
N GLY D 476 -35.80 -15.50 13.34
CA GLY D 476 -37.03 -16.21 13.01
C GLY D 476 -37.95 -16.53 14.17
N CYS D 477 -38.10 -15.60 15.12
CA CYS D 477 -39.00 -15.78 16.24
C CYS D 477 -40.14 -14.77 16.28
N GLY D 478 -40.13 -13.75 15.44
CA GLY D 478 -41.07 -12.65 15.58
C GLY D 478 -40.67 -11.72 16.69
N ILE D 479 -41.44 -10.65 16.85
CA ILE D 479 -41.17 -9.65 17.88
C ILE D 479 -42.46 -8.92 18.18
N GLY D 480 -42.51 -8.27 19.36
CA GLY D 480 -43.64 -7.46 19.74
C GLY D 480 -44.42 -7.98 20.93
N ARG D 481 -44.11 -9.16 21.46
CA ARG D 481 -44.80 -9.76 22.60
C ARG D 481 -46.26 -10.04 22.28
N ASP D 482 -46.68 -9.76 21.04
CA ASP D 482 -47.99 -10.12 20.53
C ASP D 482 -47.94 -11.18 19.46
N GLU D 483 -46.77 -11.39 18.85
CA GLU D 483 -46.54 -12.48 17.90
C GLU D 483 -45.22 -13.16 18.18
N TYR D 484 -44.66 -12.96 19.36
CA TYR D 484 -43.32 -13.45 19.72
C TYR D 484 -43.47 -14.85 20.31
N ASN D 485 -42.97 -15.84 19.60
CA ASN D 485 -42.99 -17.24 20.06
C ASN D 485 -41.57 -17.78 20.11
N PRO D 486 -41.01 -18.01 21.29
CA PRO D 486 -39.62 -18.46 21.39
C PRO D 486 -39.39 -19.92 21.03
N ASP D 487 -40.39 -20.61 20.48
CA ASP D 487 -40.24 -22.00 20.05
C ASP D 487 -39.99 -22.13 18.55
N LYS D 488 -39.82 -21.01 17.85
CA LYS D 488 -39.52 -21.02 16.43
C LYS D 488 -38.06 -20.68 16.14
N LEU D 489 -37.20 -20.72 17.15
CA LEU D 489 -35.81 -20.37 16.98
C LEU D 489 -35.12 -21.31 15.98
N ARG D 490 -34.42 -20.74 15.01
CA ARG D 490 -33.83 -21.53 13.93
C ARG D 490 -32.44 -22.07 14.28
N TYR D 491 -31.78 -21.51 15.29
CA TYR D 491 -30.51 -22.03 15.77
C TYR D 491 -30.55 -22.07 17.27
N HIS D 492 -29.98 -23.12 17.87
CA HIS D 492 -29.97 -23.25 19.33
C HIS D 492 -28.65 -22.82 19.95
N SER D 493 -27.76 -22.21 19.16
CA SER D 493 -26.53 -21.64 19.70
C SER D 493 -26.27 -20.32 18.98
N ILE D 494 -26.14 -19.25 19.75
CA ILE D 494 -25.88 -17.91 19.22
C ILE D 494 -24.58 -17.42 19.86
N ILE D 495 -23.60 -17.11 19.03
CA ILE D 495 -22.24 -16.82 19.47
C ILE D 495 -21.87 -15.42 19.03
N ILE D 496 -21.35 -14.63 19.96
CA ILE D 496 -20.95 -13.24 19.70
C ILE D 496 -19.43 -13.21 19.59
N MET D 497 -18.93 -12.68 18.47
CA MET D 497 -17.50 -12.64 18.20
C MET D 497 -17.12 -11.23 17.75
N THR D 498 -16.23 -10.59 18.52
CA THR D 498 -15.80 -9.22 18.26
C THR D 498 -14.29 -9.13 18.44
N ASP D 499 -13.76 -7.91 18.29
CA ASP D 499 -12.34 -7.66 18.49
C ASP D 499 -12.00 -7.58 19.97
N ALA D 500 -10.71 -7.64 20.26
CA ALA D 500 -10.21 -7.51 21.62
C ALA D 500 -9.74 -6.09 21.90
N ASP D 501 -10.68 -5.16 21.85
CA ASP D 501 -10.42 -3.75 22.15
C ASP D 501 -11.68 -3.15 22.77
N VAL D 502 -11.75 -1.81 22.82
CA VAL D 502 -12.83 -1.16 23.54
C VAL D 502 -14.11 -1.08 22.70
N ASP D 503 -13.99 -0.90 21.39
CA ASP D 503 -15.16 -0.85 20.54
C ASP D 503 -15.89 -2.18 20.49
N GLY D 504 -15.15 -3.29 20.52
CA GLY D 504 -15.78 -4.58 20.66
C GLY D 504 -16.57 -4.70 21.95
N SER D 505 -16.05 -4.15 23.04
CA SER D 505 -16.78 -4.15 24.30
C SER D 505 -18.07 -3.35 24.20
N HIS D 506 -18.01 -2.19 23.53
CA HIS D 506 -19.21 -1.37 23.36
C HIS D 506 -20.28 -2.13 22.57
N ILE D 507 -19.85 -2.79 21.48
CA ILE D 507 -20.81 -3.52 20.65
C ILE D 507 -21.39 -4.71 21.41
N ARG D 508 -20.56 -5.38 22.22
CA ARG D 508 -21.05 -6.48 23.04
C ARG D 508 -22.11 -6.00 24.02
N THR D 509 -21.89 -4.84 24.65
CA THR D 509 -22.89 -4.30 25.58
C THR D 509 -24.19 -3.98 24.85
N LEU D 510 -24.10 -3.40 23.66
CA LEU D 510 -25.32 -3.08 22.91
C LEU D 510 -26.11 -4.33 22.56
N LEU D 511 -25.41 -5.38 22.10
CA LEU D 511 -26.10 -6.63 21.76
C LEU D 511 -26.73 -7.28 22.99
N LEU D 512 -26.02 -7.26 24.12
CA LEU D 512 -26.60 -7.83 25.34
C LEU D 512 -27.82 -7.04 25.78
N THR D 513 -27.80 -5.72 25.64
CA THR D 513 -28.96 -4.91 25.96
C THR D 513 -30.16 -5.31 25.10
N PHE D 514 -29.94 -5.45 23.80
CA PHE D 514 -31.03 -5.86 22.91
C PHE D 514 -31.60 -7.21 23.34
N PHE D 515 -30.73 -8.20 23.54
CA PHE D 515 -31.21 -9.54 23.85
C PHE D 515 -31.95 -9.58 25.18
N TYR D 516 -31.45 -8.87 26.19
CA TYR D 516 -32.10 -8.93 27.50
C TYR D 516 -33.43 -8.17 27.50
N ARG D 517 -33.50 -7.03 26.80
CA ARG D 517 -34.74 -6.26 26.84
C ARG D 517 -35.82 -6.84 25.94
N GLN D 518 -35.46 -7.45 24.81
CA GLN D 518 -36.48 -7.85 23.85
C GLN D 518 -36.79 -9.35 23.84
N MET D 519 -35.85 -10.19 24.27
CA MET D 519 -36.03 -11.64 24.24
C MET D 519 -35.48 -12.26 25.52
N PRO D 520 -36.22 -12.17 26.63
CA PRO D 520 -35.70 -12.71 27.88
C PRO D 520 -35.63 -14.22 27.94
N GLU D 521 -36.59 -14.92 27.32
CA GLU D 521 -36.61 -16.38 27.39
C GLU D 521 -35.42 -17.00 26.70
N ILE D 522 -34.90 -16.36 25.65
CA ILE D 522 -33.71 -16.87 24.98
C ILE D 522 -32.52 -16.88 25.92
N VAL D 523 -32.38 -15.81 26.72
CA VAL D 523 -31.28 -15.76 27.69
C VAL D 523 -31.53 -16.75 28.82
N GLU D 524 -32.77 -16.86 29.29
CA GLU D 524 -33.05 -17.73 30.42
C GLU D 524 -32.85 -19.22 30.10
N ARG D 525 -32.88 -19.59 28.83
CA ARG D 525 -32.69 -20.99 28.44
C ARG D 525 -31.26 -21.31 28.04
N GLY D 526 -30.33 -20.36 28.19
CA GLY D 526 -28.93 -20.62 27.93
C GLY D 526 -28.56 -20.85 26.48
N HIS D 527 -29.06 -20.00 25.58
CA HIS D 527 -28.76 -20.11 24.16
C HIS D 527 -27.69 -19.14 23.69
N VAL D 528 -27.12 -18.32 24.57
CA VAL D 528 -26.23 -17.23 24.17
C VAL D 528 -24.82 -17.51 24.71
N TYR D 529 -23.82 -17.39 23.85
CA TYR D 529 -22.42 -17.65 24.19
C TYR D 529 -21.57 -16.47 23.76
N ILE D 530 -20.32 -16.46 24.24
CA ILE D 530 -19.34 -15.42 23.89
C ILE D 530 -18.03 -16.10 23.54
N ALA D 531 -17.50 -15.79 22.35
CA ALA D 531 -16.25 -16.37 21.89
C ALA D 531 -15.05 -15.66 22.52
N GLN D 532 -13.90 -16.33 22.46
CA GLN D 532 -12.68 -15.82 23.08
C GLN D 532 -11.47 -16.13 22.21
N PRO D 533 -11.07 -15.19 21.34
CA PRO D 533 -9.90 -15.41 20.49
C PRO D 533 -8.63 -15.03 21.21
N PRO D 534 -7.47 -15.50 20.74
CA PRO D 534 -6.20 -15.15 21.38
C PRO D 534 -5.73 -13.76 20.97
N LEU D 535 -4.63 -13.34 21.60
CA LEU D 535 -4.09 -12.00 21.39
C LEU D 535 -2.65 -11.97 20.88
N TYR D 536 -1.83 -12.98 21.20
CA TYR D 536 -0.43 -13.00 20.83
C TYR D 536 -0.09 -14.30 20.11
N LYS D 537 1.03 -14.26 19.38
CA LYS D 537 1.63 -15.44 18.79
C LYS D 537 3.14 -15.30 18.87
N VAL D 538 3.82 -16.27 19.47
CA VAL D 538 5.25 -16.22 19.66
C VAL D 538 5.89 -17.38 18.89
N LYS D 539 7.15 -17.18 18.50
CA LYS D 539 7.84 -18.18 17.70
C LYS D 539 9.35 -18.01 17.86
N LYS D 540 10.06 -19.14 17.91
CA LYS D 540 11.52 -19.13 17.92
C LYS D 540 11.98 -20.40 17.21
N GLY D 541 12.28 -20.27 15.92
CA GLY D 541 12.68 -21.42 15.12
C GLY D 541 11.49 -22.24 14.66
N LYS D 542 11.36 -23.46 15.18
CA LYS D 542 10.23 -24.33 14.84
C LYS D 542 9.25 -24.49 15.99
N GLN D 543 9.41 -23.71 17.06
CA GLN D 543 8.54 -23.75 18.22
C GLN D 543 7.64 -22.52 18.21
N GLU D 544 6.33 -22.74 18.21
CA GLU D 544 5.37 -21.65 18.18
C GLU D 544 4.23 -21.94 19.13
N GLN D 545 3.55 -20.88 19.56
CA GLN D 545 2.56 -20.98 20.62
C GLN D 545 1.62 -19.79 20.52
N TYR D 546 0.45 -19.93 21.15
CA TYR D 546 -0.57 -18.89 21.21
C TYR D 546 -0.76 -18.46 22.66
N ILE D 547 -0.82 -17.14 22.88
CA ILE D 547 -0.97 -16.58 24.21
C ILE D 547 -2.31 -15.84 24.28
N LYS D 548 -3.00 -15.99 25.41
CA LYS D 548 -4.37 -15.48 25.52
C LYS D 548 -4.39 -13.98 25.82
N ASP D 549 -3.78 -13.57 26.92
CA ASP D 549 -3.87 -12.18 27.37
C ASP D 549 -2.51 -11.75 27.92
N ASP D 550 -2.49 -10.61 28.61
CA ASP D 550 -1.23 -10.04 29.09
C ASP D 550 -0.65 -10.80 30.28
N GLU D 551 -1.51 -11.31 31.16
CA GLU D 551 -1.02 -12.08 32.30
C GLU D 551 -0.28 -13.32 31.85
N ALA D 552 -0.83 -14.04 30.88
CA ALA D 552 -0.14 -15.19 30.33
C ALA D 552 1.15 -14.80 29.64
N MET D 553 1.18 -13.61 29.02
CA MET D 553 2.41 -13.14 28.39
C MET D 553 3.49 -12.91 29.44
N ASP D 554 3.14 -12.28 30.56
CA ASP D 554 4.12 -12.09 31.63
C ASP D 554 4.60 -13.41 32.20
N GLN D 555 3.68 -14.35 32.43
CA GLN D 555 4.07 -15.64 32.97
C GLN D 555 4.99 -16.38 32.01
N TYR D 556 4.69 -16.32 30.70
CA TYR D 556 5.53 -16.99 29.70
C TYR D 556 6.90 -16.35 29.63
N GLN D 557 6.98 -15.02 29.68
CA GLN D 557 8.28 -14.36 29.66
C GLN D 557 9.10 -14.76 30.88
N ILE D 558 8.49 -14.79 32.05
CA ILE D 558 9.20 -15.21 33.26
C ILE D 558 9.67 -16.64 33.12
N SER D 559 8.82 -17.53 32.59
CA SER D 559 9.19 -18.93 32.46
C SER D 559 10.36 -19.13 31.52
N ILE D 560 10.35 -18.44 30.36
CA ILE D 560 11.44 -18.62 29.41
C ILE D 560 12.68 -17.85 29.81
N ALA D 561 12.58 -16.90 30.72
CA ALA D 561 13.77 -16.19 31.18
C ALA D 561 14.67 -17.04 32.06
N LEU D 562 14.21 -18.21 32.50
CA LEU D 562 14.95 -19.06 33.42
C LEU D 562 15.16 -20.45 32.84
N ASP D 563 15.39 -20.54 31.52
CA ASP D 563 15.60 -21.85 30.90
C ASP D 563 16.93 -22.44 31.35
N GLY D 564 18.00 -21.65 31.33
CA GLY D 564 19.29 -22.09 31.83
C GLY D 564 19.41 -21.87 33.32
N ALA D 565 19.10 -20.66 33.77
CA ALA D 565 19.05 -20.29 35.19
C ALA D 565 20.42 -20.55 35.81
N THR D 566 20.54 -21.44 36.79
CA THR D 566 21.81 -21.74 37.47
C THR D 566 22.44 -20.46 38.03
N LEU D 567 21.73 -19.86 38.99
CA LEU D 567 22.19 -18.68 39.70
C LEU D 567 22.74 -19.09 41.05
N HIS D 568 23.97 -18.67 41.34
CA HIS D 568 24.68 -19.06 42.54
C HIS D 568 24.90 -17.85 43.44
N THR D 569 24.59 -18.00 44.73
CA THR D 569 24.82 -16.92 45.67
C THR D 569 26.31 -16.71 45.91
N ASN D 570 27.05 -17.79 46.14
CA ASN D 570 28.48 -17.76 46.39
C ASN D 570 29.24 -18.45 45.27
N ALA D 571 30.55 -18.21 45.24
CA ALA D 571 31.41 -18.84 44.25
C ALA D 571 31.60 -20.33 44.48
N SER D 572 31.24 -20.82 45.67
CA SER D 572 31.32 -22.24 46.01
C SER D 572 29.98 -22.74 46.52
N ALA D 573 28.89 -22.20 45.98
CA ALA D 573 27.54 -22.56 46.39
C ALA D 573 26.75 -23.10 45.21
N PRO D 574 25.83 -24.03 45.45
CA PRO D 574 25.05 -24.59 44.34
C PRO D 574 24.01 -23.61 43.84
N ALA D 575 23.48 -23.92 42.65
CA ALA D 575 22.46 -23.09 42.04
C ALA D 575 21.13 -23.24 42.77
N LEU D 576 20.40 -22.14 42.88
CA LEU D 576 19.10 -22.16 43.54
C LEU D 576 18.09 -22.97 42.73
N ALA D 577 17.11 -23.53 43.43
CA ALA D 577 16.05 -24.28 42.78
C ALA D 577 15.20 -23.36 41.92
N GLY D 578 14.76 -23.88 40.77
CA GLY D 578 14.04 -23.05 39.81
C GLY D 578 12.68 -22.59 40.32
N GLU D 579 11.93 -23.49 40.95
CA GLU D 579 10.55 -23.16 41.34
C GLU D 579 10.52 -22.08 42.42
N ALA D 580 11.44 -22.14 43.39
CA ALA D 580 11.48 -21.12 44.43
C ALA D 580 11.82 -19.76 43.85
N LEU D 581 12.78 -19.72 42.93
CA LEU D 581 13.14 -18.47 42.28
C LEU D 581 11.96 -17.93 41.46
N GLU D 582 11.23 -18.82 40.79
CA GLU D 582 10.05 -18.40 40.03
C GLU D 582 9.00 -17.80 40.95
N LYS D 583 8.76 -18.42 42.10
CA LYS D 583 7.81 -17.87 43.06
C LYS D 583 8.26 -16.51 43.56
N LEU D 584 9.56 -16.36 43.83
CA LEU D 584 10.08 -15.07 44.26
C LEU D 584 9.85 -14.00 43.19
N VAL D 585 10.10 -14.34 41.92
CA VAL D 585 9.91 -13.38 40.84
C VAL D 585 8.44 -13.01 40.70
N SER D 586 7.54 -13.99 40.85
CA SER D 586 6.12 -13.70 40.77
C SER D 586 5.68 -12.77 41.90
N GLU D 587 6.16 -13.03 43.12
CA GLU D 587 5.84 -12.15 44.24
C GLU D 587 6.37 -10.74 44.01
N TYR D 588 7.60 -10.64 43.48
CA TYR D 588 8.17 -9.34 43.17
C TYR D 588 7.32 -8.61 42.13
N ASN D 589 6.86 -9.32 41.10
CA ASN D 589 6.03 -8.69 40.09
C ASN D 589 4.72 -8.19 40.68
N ALA D 590 4.08 -9.00 41.53
CA ALA D 590 2.83 -8.56 42.14
C ALA D 590 3.03 -7.33 43.01
N THR D 591 4.09 -7.33 43.83
CA THR D 591 4.37 -6.19 44.68
C THR D 591 4.70 -4.95 43.86
N GLN D 592 5.43 -5.12 42.75
CA GLN D 592 5.74 -4.00 41.88
C GLN D 592 4.48 -3.40 41.28
N LYS D 593 3.55 -4.24 40.83
CA LYS D 593 2.28 -3.74 40.32
C LYS D 593 1.52 -2.97 41.40
N MET D 594 1.47 -3.53 42.61
CA MET D 594 0.75 -2.86 43.70
C MET D 594 1.38 -1.51 44.02
N ILE D 595 2.71 -1.44 44.02
CA ILE D 595 3.40 -0.17 44.25
C ILE D 595 3.08 0.80 43.13
N ASN D 596 3.09 0.33 41.88
CA ASN D 596 2.85 1.20 40.75
C ASN D 596 1.46 1.82 40.80
N ARG D 597 0.47 1.04 41.23
CA ARG D 597 -0.87 1.59 41.38
C ARG D 597 -0.94 2.70 42.43
N MET D 598 0.00 2.72 43.37
CA MET D 598 -0.01 3.67 44.48
C MET D 598 0.81 4.92 44.22
N GLU D 599 1.35 5.09 43.01
CA GLU D 599 2.34 6.13 42.74
C GLU D 599 1.79 7.55 42.87
N ARG D 600 0.47 7.72 42.91
CA ARG D 600 -0.08 9.07 42.94
C ARG D 600 0.13 9.74 44.31
N ARG D 601 0.23 8.96 45.37
CA ARG D 601 0.38 9.52 46.70
C ARG D 601 1.82 9.54 47.20
N TYR D 602 2.62 8.54 46.83
CA TYR D 602 4.00 8.46 47.28
C TYR D 602 4.92 8.24 46.09
N PRO D 603 6.09 8.88 46.08
CA PRO D 603 7.02 8.69 44.96
C PRO D 603 7.47 7.25 44.83
N LYS D 604 7.61 6.81 43.58
CA LYS D 604 8.03 5.44 43.31
C LYS D 604 9.46 5.19 43.80
N ALA D 605 10.36 6.16 43.60
CA ALA D 605 11.74 5.98 43.99
C ALA D 605 11.88 5.78 45.50
N MET D 606 11.12 6.54 46.28
CA MET D 606 11.15 6.37 47.73
C MET D 606 10.61 5.01 48.15
N LEU D 607 9.59 4.52 47.46
CA LEU D 607 8.98 3.25 47.84
C LEU D 607 9.80 2.05 47.44
N LYS D 608 10.61 2.16 46.38
CA LYS D 608 11.30 0.98 45.86
C LYS D 608 12.33 0.45 46.86
N GLU D 609 13.20 1.31 47.36
CA GLU D 609 14.27 0.85 48.24
C GLU D 609 13.79 0.57 49.65
N LEU D 610 12.56 0.94 49.99
CA LEU D 610 12.04 0.71 51.34
C LEU D 610 12.03 -0.77 51.70
N ILE D 611 12.02 -1.66 50.71
CA ILE D 611 12.07 -3.09 51.00
C ILE D 611 13.43 -3.47 51.58
N TYR D 612 14.50 -2.83 51.10
CA TYR D 612 15.84 -3.16 51.57
C TYR D 612 16.11 -2.61 52.97
N GLN D 613 15.48 -1.50 53.33
CA GLN D 613 15.69 -0.92 54.64
C GLN D 613 15.11 -1.83 55.73
N PRO D 614 15.72 -1.84 56.91
CA PRO D 614 15.17 -2.64 58.01
C PRO D 614 13.77 -2.17 58.39
N THR D 615 12.94 -3.14 58.80
CA THR D 615 11.55 -2.85 59.10
C THR D 615 11.42 -1.92 60.30
N LEU D 616 10.33 -1.16 60.31
CA LEU D 616 9.99 -0.27 61.42
C LEU D 616 8.76 -0.82 62.13
N THR D 617 8.86 -0.94 63.44
CA THR D 617 7.79 -1.50 64.26
C THR D 617 7.11 -0.41 65.05
N GLU D 618 5.82 -0.62 65.35
CA GLU D 618 5.06 0.37 66.11
C GLU D 618 5.62 0.60 67.50
N ALA D 619 6.37 -0.36 68.04
CA ALA D 619 7.04 -0.15 69.32
C ALA D 619 8.08 0.96 69.21
N ASP D 620 8.79 1.04 68.08
CA ASP D 620 9.80 2.08 67.89
C ASP D 620 9.19 3.47 67.83
N LEU D 621 7.89 3.59 67.56
CA LEU D 621 7.24 4.89 67.48
C LEU D 621 7.17 5.60 68.83
N SER D 622 7.43 4.91 69.94
CA SER D 622 7.46 5.52 71.25
C SER D 622 8.84 6.05 71.63
N ASP D 623 9.86 5.78 70.84
CA ASP D 623 11.22 6.23 71.11
C ASP D 623 11.63 7.29 70.09
N GLU D 624 12.36 8.30 70.57
CA GLU D 624 12.77 9.42 69.74
C GLU D 624 14.19 9.27 69.20
N GLN D 625 14.87 8.18 69.50
CA GLN D 625 16.23 7.96 69.02
C GLN D 625 16.31 6.96 67.87
N THR D 626 15.48 5.92 67.89
CA THR D 626 15.52 4.93 66.83
C THR D 626 14.92 5.47 65.53
N VAL D 627 13.95 6.37 65.63
CA VAL D 627 13.30 6.90 64.43
C VAL D 627 14.25 7.80 63.66
N THR D 628 14.97 8.69 64.35
CA THR D 628 15.82 9.66 63.68
C THR D 628 16.96 8.98 62.95
N ARG D 629 17.60 7.99 63.58
CA ARG D 629 18.69 7.28 62.92
C ARG D 629 18.20 6.52 61.70
N TRP D 630 17.02 5.90 61.83
CA TRP D 630 16.44 5.15 60.71
C TRP D 630 16.15 6.07 59.52
N VAL D 631 15.53 7.23 59.79
CA VAL D 631 15.21 8.13 58.69
C VAL D 631 16.48 8.74 58.11
N ASN D 632 17.50 8.99 58.93
CA ASN D 632 18.77 9.48 58.40
C ASN D 632 19.40 8.45 57.47
N ALA D 633 19.39 7.18 57.87
CA ALA D 633 19.92 6.13 57.00
C ALA D 633 19.13 6.06 55.70
N LEU D 634 17.80 6.15 55.79
CA LEU D 634 16.96 6.11 54.60
C LEU D 634 17.31 7.26 53.64
N VAL D 635 17.37 8.48 54.15
CA VAL D 635 17.62 9.64 53.31
C VAL D 635 19.03 9.58 52.71
N SER D 636 20.02 9.18 53.51
CA SER D 636 21.38 9.07 53.00
C SER D 636 21.47 8.03 51.89
N GLU D 637 20.82 6.88 52.08
CA GLU D 637 20.85 5.84 51.05
C GLU D 637 20.15 6.32 49.78
N LEU D 638 19.05 7.07 49.92
CA LEU D 638 18.38 7.61 48.75
C LEU D 638 19.26 8.61 48.02
N ASN D 639 19.93 9.49 48.76
CA ASN D 639 20.78 10.50 48.13
C ASN D 639 21.97 9.86 47.43
N ASP D 640 22.59 8.86 48.05
CA ASP D 640 23.84 8.33 47.50
C ASP D 640 23.59 7.59 46.19
N LYS D 641 22.61 6.69 46.17
CA LYS D 641 22.29 5.92 44.96
C LYS D 641 21.22 6.67 44.18
N GLU D 642 21.64 7.46 43.20
CA GLU D 642 20.71 8.26 42.42
C GLU D 642 21.37 8.80 41.16
N GLN D 643 20.72 8.60 40.00
CA GLN D 643 21.26 9.15 38.75
C GLN D 643 21.22 10.67 38.76
N HIS D 644 20.07 11.25 39.10
CA HIS D 644 19.92 12.70 39.22
C HIS D 644 19.55 13.01 40.66
N GLY D 645 20.50 13.59 41.40
CA GLY D 645 20.27 13.95 42.78
C GLY D 645 19.10 14.89 42.97
N SER D 646 18.19 14.54 43.87
CA SER D 646 16.98 15.32 44.10
C SER D 646 16.93 15.96 45.48
N GLN D 647 18.02 15.87 46.24
CA GLN D 647 18.15 16.55 47.53
C GLN D 647 17.06 16.12 48.52
N TRP D 648 17.08 14.82 48.85
CA TRP D 648 16.19 14.32 49.88
C TRP D 648 16.58 14.89 51.25
N LYS D 649 15.58 14.99 52.13
CA LYS D 649 15.80 15.49 53.48
C LYS D 649 14.93 14.67 54.42
N PHE D 650 14.89 15.10 55.70
CA PHE D 650 14.10 14.39 56.70
C PHE D 650 13.68 15.37 57.78
N ASP D 651 12.70 14.95 58.57
CA ASP D 651 12.21 15.74 59.70
C ASP D 651 11.46 14.81 60.64
N VAL D 652 11.31 15.25 61.89
CA VAL D 652 10.57 14.52 62.91
C VAL D 652 9.56 15.46 63.54
N HIS D 653 8.29 15.05 63.56
CA HIS D 653 7.21 15.80 64.17
C HIS D 653 6.53 14.95 65.22
N THR D 654 6.05 15.60 66.28
CA THR D 654 5.38 14.89 67.37
C THR D 654 4.24 15.72 67.92
N ASN D 655 3.06 15.10 67.99
CA ASN D 655 1.95 15.62 68.78
C ASN D 655 2.03 15.00 70.17
N ALA D 656 0.99 15.13 70.97
CA ALA D 656 1.04 14.52 72.30
C ALA D 656 0.97 13.01 72.18
N GLU D 657 -0.19 12.50 71.74
CA GLU D 657 -0.38 11.12 71.28
C GLU D 657 0.47 10.11 72.07
N GLN D 658 0.45 10.26 73.40
CA GLN D 658 1.24 9.41 74.29
C GLN D 658 2.72 9.41 73.89
N ASN D 659 3.23 10.61 73.57
CA ASN D 659 4.62 10.80 73.17
C ASN D 659 4.98 9.94 71.96
N LEU D 660 4.29 10.22 70.84
CA LEU D 660 4.49 9.51 69.59
C LEU D 660 5.20 10.42 68.59
N PHE D 661 6.11 9.83 67.82
CA PHE D 661 6.92 10.55 66.85
C PHE D 661 6.69 9.97 65.47
N GLU D 662 6.43 10.84 64.49
CA GLU D 662 6.13 10.43 63.13
C GLU D 662 7.12 11.09 62.16
N PRO D 663 7.87 10.31 61.39
CA PRO D 663 8.85 10.89 60.47
C PRO D 663 8.19 11.63 59.32
N ILE D 664 8.94 12.57 58.74
CA ILE D 664 8.52 13.33 57.57
C ILE D 664 9.68 13.37 56.58
N VAL D 665 9.40 13.08 55.31
CA VAL D 665 10.43 13.08 54.27
C VAL D 665 10.20 14.26 53.35
N ARG D 666 11.28 14.71 52.72
CA ARG D 666 11.27 15.87 51.85
C ARG D 666 11.98 15.54 50.54
N VAL D 667 11.38 15.94 49.42
CA VAL D 667 11.96 15.73 48.10
C VAL D 667 11.90 17.05 47.33
N ARG D 668 12.74 17.14 46.30
CA ARG D 668 12.76 18.30 45.42
C ARG D 668 13.17 17.84 44.04
N THR D 669 12.21 17.78 43.12
CA THR D 669 12.45 17.38 41.74
C THR D 669 11.82 18.40 40.81
N HIS D 670 12.55 18.75 39.75
CA HIS D 670 12.09 19.71 38.76
C HIS D 670 11.72 21.06 39.38
N GLY D 671 12.44 21.46 40.42
CA GLY D 671 12.25 22.76 41.02
C GLY D 671 11.00 22.90 41.88
N VAL D 672 10.44 21.80 42.37
CA VAL D 672 9.28 21.86 43.25
C VAL D 672 9.49 20.86 44.39
N ASP D 673 9.01 21.21 45.58
CA ASP D 673 9.20 20.41 46.77
C ASP D 673 7.86 19.86 47.26
N THR D 674 7.90 18.64 47.79
CA THR D 674 6.72 17.98 48.33
C THR D 674 7.08 17.30 49.64
N ASP D 675 6.11 17.20 50.54
CA ASP D 675 6.27 16.56 51.84
C ASP D 675 5.32 15.40 51.96
N TYR D 676 5.82 14.27 52.47
CA TYR D 676 5.05 13.03 52.59
C TYR D 676 5.13 12.53 54.02
N PRO D 677 4.21 12.96 54.89
CA PRO D 677 4.21 12.45 56.27
C PRO D 677 3.90 10.97 56.31
N LEU D 678 4.49 10.28 57.28
CA LEU D 678 4.31 8.85 57.48
C LEU D 678 3.57 8.66 58.81
N ASP D 679 2.25 8.68 58.75
CA ASP D 679 1.42 8.64 59.94
C ASP D 679 1.31 7.21 60.48
N HIS D 680 0.51 7.04 61.52
CA HIS D 680 0.32 5.72 62.13
C HIS D 680 -0.39 4.76 61.19
N GLU D 681 -1.32 5.27 60.39
CA GLU D 681 -2.05 4.41 59.45
C GLU D 681 -1.11 3.75 58.45
N PHE D 682 -0.16 4.51 57.92
CA PHE D 682 0.81 3.93 57.01
C PHE D 682 1.67 2.88 57.71
N ILE D 683 2.03 3.15 58.98
CA ILE D 683 2.85 2.20 59.73
C ILE D 683 2.11 0.87 59.91
N THR D 684 0.81 0.94 60.23
CA THR D 684 0.02 -0.28 60.32
C THR D 684 -0.33 -0.77 58.92
N GLY D 685 -1.10 0.04 58.18
CA GLY D 685 -1.35 -0.17 56.76
C GLY D 685 -1.85 -1.53 56.33
N GLY D 686 -1.83 -1.75 55.02
CA GLY D 686 -2.12 -3.06 54.46
C GLY D 686 -1.15 -3.40 53.36
N GLU D 687 -0.39 -2.41 52.91
CA GLU D 687 0.61 -2.57 51.86
C GLU D 687 2.03 -2.66 52.41
N TYR D 688 2.33 -1.91 53.47
CA TYR D 688 3.66 -1.99 54.08
C TYR D 688 3.94 -3.39 54.61
N ARG D 689 2.89 -4.12 55.00
CA ARG D 689 3.06 -5.50 55.43
C ARG D 689 3.60 -6.36 54.30
N ARG D 690 3.01 -6.25 53.11
CA ARG D 690 3.49 -7.01 51.96
C ARG D 690 4.89 -6.57 51.56
N ILE D 691 5.16 -5.27 51.65
CA ILE D 691 6.50 -4.76 51.35
C ILE D 691 7.53 -5.40 52.26
N CYS D 692 7.26 -5.43 53.56
CA CYS D 692 8.19 -6.04 54.50
C CYS D 692 8.29 -7.55 54.28
N THR D 693 7.19 -8.20 53.91
CA THR D 693 7.22 -9.63 53.65
C THR D 693 8.15 -9.95 52.48
N LEU D 694 8.07 -9.16 51.41
CA LEU D 694 9.00 -9.33 50.31
C LEU D 694 10.43 -9.00 50.72
N GLY D 695 10.60 -7.93 51.49
CA GLY D 695 11.93 -7.50 51.88
C GLY D 695 12.66 -8.54 52.73
N GLU D 696 11.91 -9.25 53.58
CA GLU D 696 12.54 -10.25 54.44
C GLU D 696 13.27 -11.31 53.62
N LYS D 697 12.66 -11.74 52.52
CA LYS D 697 13.34 -12.69 51.63
C LYS D 697 14.40 -11.99 50.79
N LEU D 698 14.14 -10.75 50.36
CA LEU D 698 15.07 -10.08 49.47
C LEU D 698 16.32 -9.57 50.18
N ARG D 699 16.21 -9.22 51.46
CA ARG D 699 17.32 -8.60 52.18
C ARG D 699 18.45 -9.59 52.38
N GLY D 700 19.58 -9.35 51.73
CA GLY D 700 20.79 -10.11 51.98
C GLY D 700 20.78 -11.54 51.49
N LEU D 701 19.95 -11.86 50.49
CA LEU D 701 19.93 -13.23 50.00
C LEU D 701 21.12 -13.53 49.09
N LEU D 702 21.60 -12.55 48.34
CA LEU D 702 22.69 -12.74 47.39
C LEU D 702 23.99 -12.22 47.98
N GLU D 703 25.05 -13.03 47.88
CA GLU D 703 26.37 -12.63 48.34
C GLU D 703 27.04 -11.79 47.26
N GLU D 704 28.31 -11.46 47.46
CA GLU D 704 29.03 -10.60 46.54
C GLU D 704 29.69 -11.35 45.38
N ASP D 705 29.73 -12.69 45.44
CA ASP D 705 30.24 -13.46 44.30
C ASP D 705 29.32 -13.26 43.10
N ALA D 706 28.08 -13.74 43.21
CA ALA D 706 26.98 -13.37 42.31
C ALA D 706 27.37 -13.51 40.84
N PHE D 707 27.57 -14.75 40.43
CA PHE D 707 27.86 -15.06 39.03
C PHE D 707 26.75 -15.92 38.45
N ILE D 708 26.41 -15.67 37.19
CA ILE D 708 25.37 -16.40 36.47
C ILE D 708 26.03 -17.42 35.57
N GLU D 709 25.54 -18.66 35.61
CA GLU D 709 26.12 -19.76 34.85
C GLU D 709 25.17 -20.10 33.70
N ARG D 710 25.43 -19.50 32.54
CA ARG D 710 24.70 -19.83 31.32
C ARG D 710 25.28 -21.09 30.70
N GLY D 711 24.90 -21.36 29.45
CA GLY D 711 25.40 -22.56 28.78
C GLY D 711 26.91 -22.60 28.69
N GLU D 712 27.53 -21.48 28.32
CA GLU D 712 28.98 -21.44 28.19
C GLU D 712 29.62 -20.15 28.69
N ARG D 713 28.88 -19.27 29.36
CA ARG D 713 29.42 -17.98 29.78
C ARG D 713 29.04 -17.69 31.23
N ARG D 714 29.88 -16.87 31.87
CA ARG D 714 29.65 -16.42 33.24
C ARG D 714 29.53 -14.90 33.26
N GLN D 715 28.92 -14.39 34.33
CA GLN D 715 28.69 -12.95 34.43
C GLN D 715 28.58 -12.51 35.88
N PRO D 716 29.43 -11.59 36.33
CA PRO D 716 29.25 -11.02 37.67
C PRO D 716 27.95 -10.24 37.77
N VAL D 717 27.36 -10.24 38.97
CA VAL D 717 26.05 -9.65 39.19
C VAL D 717 26.15 -8.65 40.33
N ALA D 718 25.59 -7.46 40.12
CA ALA D 718 25.53 -6.45 41.17
C ALA D 718 24.46 -6.78 42.19
N SER D 719 23.20 -6.89 41.76
CA SER D 719 22.10 -7.20 42.66
C SER D 719 21.03 -7.97 41.88
N PHE D 720 19.90 -8.20 42.54
CA PHE D 720 18.85 -9.05 41.96
C PHE D 720 18.31 -8.49 40.66
N GLU D 721 18.07 -7.17 40.61
CA GLU D 721 17.46 -6.57 39.43
C GLU D 721 18.36 -6.70 38.20
N GLN D 722 19.66 -6.49 38.37
CA GLN D 722 20.58 -6.62 37.25
C GLN D 722 20.58 -8.05 36.70
N ALA D 723 20.58 -9.04 37.59
CA ALA D 723 20.52 -10.43 37.15
C ALA D 723 19.23 -10.71 36.40
N LEU D 724 18.10 -10.22 36.91
CA LEU D 724 16.84 -10.42 36.21
C LEU D 724 16.87 -9.81 34.83
N ASP D 725 17.36 -8.57 34.71
CA ASP D 725 17.38 -7.89 33.42
C ASP D 725 18.29 -8.59 32.43
N TRP D 726 19.48 -9.01 32.88
CA TRP D 726 20.39 -9.71 32.00
C TRP D 726 19.81 -11.04 31.55
N LEU D 727 19.15 -11.76 32.47
CA LEU D 727 18.49 -13.02 32.10
C LEU D 727 17.39 -12.78 31.08
N VAL D 728 16.63 -11.69 31.24
CA VAL D 728 15.55 -11.40 30.30
C VAL D 728 16.11 -11.08 28.92
N LYS D 729 17.17 -10.26 28.85
CA LYS D 729 17.61 -9.72 27.58
C LYS D 729 18.19 -10.80 26.66
N GLU D 730 18.90 -11.78 27.20
CA GLU D 730 19.46 -12.83 26.37
C GLU D 730 18.38 -13.72 25.79
N SER D 731 17.32 -13.98 26.56
CA SER D 731 16.24 -14.84 26.09
C SER D 731 15.49 -14.24 24.91
N ARG D 732 15.53 -12.91 24.76
CA ARG D 732 14.84 -12.24 23.68
C ARG D 732 15.60 -12.29 22.36
N ARG D 733 16.78 -12.89 22.32
CA ARG D 733 17.55 -12.98 21.09
C ARG D 733 16.96 -14.04 20.18
N GLY D 734 16.70 -13.67 18.92
CA GLY D 734 16.09 -14.59 17.97
C GLY D 734 14.68 -15.00 18.33
N LEU D 735 13.86 -14.06 18.78
CA LEU D 735 12.48 -14.31 19.16
C LEU D 735 11.55 -13.39 18.38
N SER D 736 10.43 -13.93 17.92
CA SER D 736 9.45 -13.17 17.16
C SER D 736 8.14 -13.11 17.95
N ILE D 737 7.60 -11.91 18.08
CA ILE D 737 6.33 -11.68 18.78
C ILE D 737 5.41 -10.92 17.85
N GLN D 738 4.17 -11.39 17.72
CA GLN D 738 3.18 -10.76 16.86
C GLN D 738 1.91 -10.52 17.66
N ARG D 739 1.36 -9.31 17.53
CA ARG D 739 0.15 -8.91 18.23
C ARG D 739 -0.94 -8.62 17.22
N TYR D 740 -2.12 -9.19 17.42
CA TYR D 740 -3.21 -9.06 16.47
C TYR D 740 -4.04 -7.82 16.81
N LYS D 741 -4.08 -6.88 15.86
CA LYS D 741 -4.82 -5.64 16.08
C LYS D 741 -6.33 -5.86 15.98
N GLY D 742 -6.75 -6.85 15.19
CA GLY D 742 -8.16 -7.16 15.05
C GLY D 742 -8.33 -8.51 14.41
N LEU D 743 -9.59 -8.91 14.26
CA LEU D 743 -9.89 -10.21 13.63
C LEU D 743 -9.55 -10.23 12.16
N GLY D 744 -9.47 -9.06 11.51
CA GLY D 744 -9.18 -9.00 10.09
C GLY D 744 -7.72 -9.15 9.73
N GLU D 745 -6.84 -9.25 10.72
CA GLU D 745 -5.41 -9.41 10.50
C GLU D 745 -4.97 -10.86 10.61
N MET D 746 -5.88 -11.79 10.82
CA MET D 746 -5.56 -13.21 10.96
C MET D 746 -5.91 -13.94 9.68
N ASN D 747 -5.06 -14.91 9.32
CA ASN D 747 -5.38 -15.78 8.20
C ASN D 747 -6.58 -16.66 8.56
N PRO D 748 -7.43 -16.99 7.58
CA PRO D 748 -8.63 -17.77 7.90
C PRO D 748 -8.35 -19.11 8.57
N GLU D 749 -7.28 -19.80 8.18
CA GLU D 749 -6.96 -21.08 8.81
C GLU D 749 -6.61 -20.90 10.28
N GLN D 750 -5.84 -19.85 10.61
CA GLN D 750 -5.53 -19.56 12.00
C GLN D 750 -6.80 -19.27 12.79
N LEU D 751 -7.70 -18.48 12.22
CA LEU D 751 -8.95 -18.16 12.89
C LEU D 751 -9.76 -19.41 13.18
N TRP D 752 -9.89 -20.29 12.19
CA TRP D 752 -10.61 -21.54 12.40
C TRP D 752 -9.97 -22.35 13.52
N GLU D 753 -8.67 -22.62 13.38
CA GLU D 753 -8.00 -23.56 14.28
C GLU D 753 -7.86 -23.01 15.69
N THR D 754 -7.98 -21.70 15.88
CA THR D 754 -7.87 -21.15 17.23
C THR D 754 -9.22 -20.80 17.86
N THR D 755 -10.26 -20.56 17.07
CA THR D 755 -11.48 -20.04 17.67
C THR D 755 -12.72 -20.85 17.29
N MET D 756 -12.77 -21.42 16.09
CA MET D 756 -14.01 -22.00 15.59
C MET D 756 -14.04 -23.52 15.62
N ASP D 757 -12.93 -24.18 15.88
CA ASP D 757 -12.91 -25.64 15.92
C ASP D 757 -13.58 -26.11 17.21
N PRO D 758 -14.59 -26.97 17.15
CA PRO D 758 -15.26 -27.41 18.38
C PRO D 758 -14.36 -28.18 19.33
N GLU D 759 -13.23 -28.69 18.87
CA GLU D 759 -12.33 -29.48 19.70
C GLU D 759 -11.23 -28.64 20.35
N SER D 760 -11.20 -27.34 20.10
CA SER D 760 -10.20 -26.47 20.72
C SER D 760 -10.77 -25.16 21.25
N ARG D 761 -12.03 -24.84 20.97
CA ARG D 761 -12.60 -23.55 21.34
C ARG D 761 -12.86 -23.47 22.85
N ARG D 762 -12.80 -22.25 23.38
CA ARG D 762 -13.26 -21.94 24.72
C ARG D 762 -14.27 -20.82 24.66
N MET D 763 -15.36 -20.95 25.41
CA MET D 763 -16.46 -20.01 25.35
C MET D 763 -17.03 -19.78 26.74
N LEU D 764 -17.89 -18.77 26.85
CA LEU D 764 -18.62 -18.45 28.07
C LEU D 764 -20.11 -18.52 27.80
N ARG D 765 -20.87 -18.89 28.83
CA ARG D 765 -22.32 -18.98 28.75
C ARG D 765 -22.95 -17.97 29.69
N VAL D 766 -23.92 -17.21 29.18
CA VAL D 766 -24.51 -16.10 29.91
C VAL D 766 -25.69 -16.59 30.73
N THR D 767 -25.72 -16.21 32.01
CA THR D 767 -26.80 -16.55 32.92
C THR D 767 -27.24 -15.29 33.67
N VAL D 768 -28.42 -15.37 34.27
CA VAL D 768 -28.98 -14.29 35.09
C VAL D 768 -29.02 -14.78 36.53
N LYS D 769 -28.53 -13.94 37.45
CA LYS D 769 -28.40 -14.33 38.85
C LYS D 769 -29.53 -13.80 39.72
N ASP D 770 -29.73 -12.48 39.74
CA ASP D 770 -30.68 -11.84 40.65
C ASP D 770 -31.97 -11.40 39.98
N ALA D 771 -31.89 -10.83 38.78
CA ALA D 771 -33.02 -10.38 37.96
C ALA D 771 -33.72 -9.15 38.53
N ILE D 772 -33.30 -8.63 39.68
CA ILE D 772 -33.88 -7.41 40.21
C ILE D 772 -32.81 -6.33 40.23
N ALA D 773 -31.55 -6.74 40.35
CA ALA D 773 -30.44 -5.81 40.21
C ALA D 773 -30.12 -5.55 38.74
N ALA D 774 -30.36 -6.53 37.87
CA ALA D 774 -30.06 -6.37 36.46
C ALA D 774 -30.88 -5.24 35.84
N ASP D 775 -32.16 -5.13 36.20
CA ASP D 775 -33.00 -4.07 35.66
C ASP D 775 -32.46 -2.70 36.04
N GLN D 776 -32.10 -2.53 37.32
CA GLN D 776 -31.58 -1.24 37.76
C GLN D 776 -30.24 -0.92 37.09
N LEU D 777 -29.37 -1.91 36.95
CA LEU D 777 -28.08 -1.67 36.30
C LEU D 777 -28.26 -1.27 34.85
N PHE D 778 -29.14 -1.98 34.12
CA PHE D 778 -29.41 -1.63 32.73
C PHE D 778 -30.01 -0.24 32.61
N THR D 779 -30.95 0.10 33.49
CA THR D 779 -31.58 1.42 33.43
C THR D 779 -30.55 2.51 33.70
N THR D 780 -29.65 2.30 34.66
CA THR D 780 -28.66 3.31 34.98
C THR D 780 -27.66 3.49 33.85
N LEU D 781 -27.10 2.39 33.34
CA LEU D 781 -26.02 2.52 32.37
C LEU D 781 -26.52 2.87 30.96
N MET D 782 -27.69 2.38 30.56
CA MET D 782 -28.15 2.55 29.19
C MET D 782 -29.32 3.52 29.05
N GLY D 783 -29.75 4.17 30.13
CA GLY D 783 -30.92 5.01 30.10
C GLY D 783 -30.65 6.38 29.51
N ASP D 784 -31.66 7.25 29.62
CA ASP D 784 -31.60 8.59 29.05
C ASP D 784 -30.96 9.61 29.98
N ALA D 785 -31.22 9.52 31.28
CA ALA D 785 -30.66 10.49 32.22
C ALA D 785 -29.15 10.32 32.33
N VAL D 786 -28.45 11.46 32.41
CA VAL D 786 -26.99 11.46 32.35
C VAL D 786 -26.38 11.51 33.75
N GLU D 787 -27.06 12.18 34.68
CA GLU D 787 -26.49 12.37 36.01
C GLU D 787 -26.21 11.07 36.75
N PRO D 788 -27.13 10.09 36.83
CA PRO D 788 -26.77 8.82 37.48
C PRO D 788 -25.59 8.13 36.83
N ARG D 789 -25.50 8.18 35.50
CA ARG D 789 -24.39 7.56 34.80
C ARG D 789 -23.06 8.21 35.17
N ARG D 790 -23.03 9.55 35.22
CA ARG D 790 -21.81 10.26 35.59
C ARG D 790 -21.43 9.94 37.03
N ALA D 791 -22.41 9.91 37.95
CA ALA D 791 -22.10 9.59 39.34
C ALA D 791 -21.55 8.17 39.47
N PHE D 792 -22.15 7.21 38.77
CA PHE D 792 -21.68 5.83 38.83
C PHE D 792 -20.25 5.73 38.30
N ILE D 793 -19.98 6.37 37.16
CA ILE D 793 -18.64 6.32 36.58
C ILE D 793 -17.63 6.91 37.55
N GLU D 794 -17.94 8.07 38.13
CA GLU D 794 -17.01 8.70 39.06
C GLU D 794 -16.74 7.79 40.26
N GLU D 795 -17.80 7.29 40.89
CA GLU D 795 -17.63 6.47 42.09
C GLU D 795 -16.82 5.22 41.80
N ASN D 796 -17.13 4.53 40.69
CA ASN D 796 -16.46 3.26 40.43
C ASN D 796 -15.11 3.41 39.76
N ALA D 797 -14.75 4.59 39.27
CA ALA D 797 -13.51 4.75 38.53
C ALA D 797 -12.49 5.69 39.15
N LEU D 798 -12.87 6.50 40.13
CA LEU D 798 -11.91 7.42 40.73
C LEU D 798 -11.66 7.10 42.20
N LYS D 799 -12.71 7.07 43.02
CA LYS D 799 -12.51 6.90 44.46
C LYS D 799 -12.11 5.46 44.80
N ALA D 800 -12.69 4.49 44.11
CA ALA D 800 -12.40 3.08 44.37
C ALA D 800 -11.09 2.63 43.74
N ALA D 801 -10.41 3.49 42.97
CA ALA D 801 -9.14 3.17 42.36
C ALA D 801 -7.98 3.96 42.95
N ASN D 802 -8.11 5.27 43.04
CA ASN D 802 -7.03 6.09 43.60
C ASN D 802 -6.88 5.91 45.09
N ILE D 803 -7.91 5.44 45.79
CA ILE D 803 -7.87 5.24 47.23
C ILE D 803 -8.17 3.77 47.52
N ASP D 804 -7.27 3.12 48.24
CA ASP D 804 -7.42 1.72 48.61
C ASP D 804 -6.43 1.42 49.72
N ILE D 805 -6.65 0.28 50.39
CA ILE D 805 -5.75 -0.16 51.45
C ILE D 805 -5.94 -1.64 51.71
MG MG I . -12.00 2.03 -8.71
MG MG J . -4.81 13.48 -14.10
MG MG K . -16.44 8.24 7.06
MG MG L . -10.91 -2.28 15.64
F MFX M . -22.42 5.51 6.32
O01 MFX M . -20.25 1.42 7.24
O02 MFX M . -17.70 6.88 6.96
O03 MFX M . -15.22 6.87 7.31
O MFX M . -14.20 4.97 7.83
N01 MFX M . -22.62 2.82 6.79
N02 MFX M . -25.72 1.83 5.40
N MFX M . -17.77 2.89 7.74
C01 MFX M . -24.67 1.99 7.59
C02 MFX M . -24.87 2.68 6.24
C03 MFX M . -23.16 1.96 7.84
C04 MFX M . -23.49 2.85 5.63
C05 MFX M . -25.37 0.63 7.68
C06 MFX M . -17.70 1.52 8.22
C07 MFX M . -25.01 -0.26 6.50
C08 MFX M . -16.67 1.16 9.24
C09 MFX M . -18.10 1.22 9.63
C10 MFX M . -25.17 0.49 5.20
C11 MFX M . -21.38 3.47 6.87
C12 MFX M . -18.98 3.51 7.36
C13 MFX M . -20.19 2.80 7.20
C14 MFX M . -18.96 4.90 7.11
C15 MFX M . -21.30 4.85 6.65
C16 MFX M . -16.63 3.61 7.77
C17 MFX M . -20.14 5.55 6.78
C18 MFX M . -16.55 4.94 7.52
C19 MFX M . -17.72 5.68 7.17
C20 MFX M . -15.22 5.59 7.56
C MFX M . -20.30 0.77 5.98
F MFX N . -18.12 3.75 -10.68
O01 MFX N . -16.47 8.18 -10.67
O02 MFX N . -13.51 3.21 -9.00
O03 MFX N . -11.17 3.64 -8.21
O MFX N . -10.33 5.69 -8.33
N01 MFX N . -18.56 6.39 -11.35
N02 MFX N . -21.13 8.06 -10.86
N MFX N . -13.84 7.14 -9.97
C01 MFX N . -20.11 7.15 -12.93
C02 MFX N . -20.84 6.85 -11.64
C03 MFX N . -18.67 7.33 -12.47
C04 MFX N . -19.87 5.96 -10.87
C05 MFX N . -20.72 8.30 -13.72
C06 MFX N . -13.76 8.51 -10.48
C07 MFX N . -21.02 9.50 -12.83
C08 MFX N . -12.45 9.01 -10.98
C09 MFX N . -13.54 8.71 -11.95
C10 MFX N . -21.83 9.08 -11.64
C11 MFX N . -17.32 5.96 -10.79
C12 MFX N . -14.98 6.33 -10.12
C13 MFX N . -16.23 6.82 -10.56
C14 MFX N . -14.85 4.96 -9.82
C15 MFX N . -17.11 4.62 -10.48
C16 MFX N . -12.71 6.62 -9.44
C17 MFX N . -15.93 4.11 -10.02
C18 MFX N . -12.54 5.32 -9.10
C19 MFX N . -13.60 4.40 -9.27
C20 MFX N . -11.25 4.90 -8.52
C MFX N . -17.14 8.76 -9.56
#